data_8DEQ
#
_entry.id   8DEQ
#
loop_
_entity.id
_entity.type
_entity.pdbx_description
1 polymer 'Spike glycoprotein E1'
2 polymer 'SKV09 Fab Heavy Chain'
3 polymer 'SKV09 Fab Light Chain'
4 non-polymer 2-acetamido-2-deoxy-beta-D-glucopyranose
#
loop_
_entity_poly.entity_id
_entity_poly.type
_entity_poly.pdbx_seq_one_letter_code
_entity_poly.pdbx_strand_id
1 'polypeptide(L)'
;YEHATTMPSQAGISYNTIVNRAGYAPLPISITPTKIKLIPTVNLEYVTCHYKTGMDSPAIKCCGSQECTPTYRPDEQCKV
FTGVYPFMWGGAYCFCDTENTQVSKAYVMKSDDCLADHAEAYKAHTASVQAFLNITVGEHSIVTTVYVNGETPVNFNGVK
ITAGPLSTAWTPFDRKIVQYAGEIYNYDFPEYGAGQPGAFGDIQSRTVSSSDLYANTNLVLQRPKAGAIHVPYTQAPSGF
EQWKKDKAPSLKFTAPFGCEIYTNPIRAENCAVGSIPLAFDIPDALFTRVSETPTLSAAECTLNECVYSSDFGGIATVKY
SASKSGKCAVHVPSGTATLKEAAVELTEQGSATIHFSTANIHPEFRLQICTSYVTCKGDCHPPKDHIVTHPQYHAQTFTA
AV
;
A,B,C,D,E,F
2 'polypeptide(L)'
;QVQLQESGPGLVKPSETLSLTCTVSGGSISGYYWNWIRQSPGKGLEWIGNMYDSTGDTNYNPSLKSRVTLSIDTSKNQFS
MKLNSVTAADTAVYFCASGSGDWFGYFYRWGQGVLVTVSS
;
H
3 'polypeptide(L)'
;DIQMTQSPSSLSASVGDTVTITCRASQSISSWLAWYQQKPGKAPNLLIYKASSLQTGVPSRFSGSGSETHFTLTISSLQS
EDFATYYCQQYISRPWTFGQGTKVEIK
;
L
#
# COMPACT_ATOMS: atom_id res chain seq x y z
N TYR A 1 -56.34 5.61 15.04
CA TYR A 1 -55.45 5.17 16.17
C TYR A 1 -55.50 6.18 17.30
N GLU A 2 -55.77 5.70 18.51
CA GLU A 2 -55.90 6.57 19.67
C GLU A 2 -54.54 6.66 20.36
N HIS A 3 -54.08 7.90 20.56
CA HIS A 3 -52.85 8.19 21.27
C HIS A 3 -53.13 9.32 22.24
N ALA A 4 -52.41 9.39 23.34
CA ALA A 4 -52.66 10.41 24.34
C ALA A 4 -51.36 10.79 25.03
N THR A 5 -51.18 12.09 25.26
CA THR A 5 -49.96 12.56 25.88
C THR A 5 -50.21 13.90 26.55
N THR A 6 -49.78 14.02 27.80
CA THR A 6 -49.95 15.27 28.53
C THR A 6 -49.05 16.34 27.93
N MET A 7 -49.57 17.56 27.80
CA MET A 7 -48.84 18.70 27.26
C MET A 7 -48.74 19.77 28.33
N PRO A 8 -47.54 20.20 28.75
CA PRO A 8 -47.47 21.24 29.78
C PRO A 8 -48.14 22.53 29.33
N SER A 9 -48.95 23.11 30.20
CA SER A 9 -49.78 24.26 29.87
C SER A 9 -49.01 25.58 29.93
N GLN A 10 -47.89 25.68 29.22
CA GLN A 10 -47.10 26.90 29.20
C GLN A 10 -47.30 27.61 27.87
N ALA A 11 -47.46 28.92 27.93
CA ALA A 11 -47.72 29.72 26.74
C ALA A 11 -46.40 30.13 26.09
N GLY A 12 -46.27 29.83 24.81
CA GLY A 12 -45.10 30.20 24.04
C GLY A 12 -44.12 29.06 23.83
N ILE A 13 -44.13 28.08 24.74
CA ILE A 13 -43.21 26.96 24.66
C ILE A 13 -43.87 25.85 23.83
N SER A 14 -43.07 25.20 22.99
CA SER A 14 -43.58 24.16 22.11
C SER A 14 -43.50 22.79 22.79
N TYR A 15 -44.07 21.79 22.12
CA TYR A 15 -44.03 20.42 22.58
C TYR A 15 -44.08 19.51 21.36
N ASN A 16 -43.27 18.44 21.39
CA ASN A 16 -43.13 17.52 20.26
C ASN A 16 -43.26 16.08 20.76
N THR A 17 -43.67 15.19 19.85
CA THR A 17 -43.77 13.77 20.13
C THR A 17 -43.70 13.03 18.80
N ILE A 18 -43.41 11.74 18.87
CA ILE A 18 -43.38 10.87 17.71
C ILE A 18 -44.33 9.72 18.00
N VAL A 19 -45.24 9.43 17.07
CA VAL A 19 -46.08 8.24 17.19
C VAL A 19 -45.60 7.22 16.18
N ASN A 20 -45.38 5.99 16.66
CA ASN A 20 -44.72 4.95 15.90
C ASN A 20 -45.35 3.59 16.19
N ARG A 21 -45.14 2.65 15.27
CA ARG A 21 -45.59 1.29 15.46
C ARG A 21 -44.64 0.36 14.71
N ALA A 22 -44.77 -0.94 15.00
CA ALA A 22 -43.76 -1.92 14.60
C ALA A 22 -43.52 -1.94 13.10
N GLY A 23 -44.52 -1.54 12.31
CA GLY A 23 -44.41 -1.59 10.86
C GLY A 23 -44.75 -0.29 10.17
N TYR A 24 -44.83 0.81 10.91
CA TYR A 24 -45.17 2.11 10.36
C TYR A 24 -44.13 3.15 10.80
N ALA A 25 -43.76 4.01 9.85
CA ALA A 25 -42.68 4.96 10.06
C ALA A 25 -43.08 6.01 11.11
N PRO A 26 -42.11 6.65 11.75
CA PRO A 26 -42.45 7.64 12.76
C PRO A 26 -43.22 8.82 12.18
N LEU A 27 -44.37 9.11 12.77
CA LEU A 27 -45.21 10.25 12.40
C LEU A 27 -45.01 11.31 13.46
N PRO A 28 -44.37 12.44 13.15
CA PRO A 28 -44.19 13.49 14.17
C PRO A 28 -45.49 14.22 14.45
N ILE A 29 -45.59 14.72 15.68
CA ILE A 29 -46.72 15.52 16.13
C ILE A 29 -46.16 16.67 16.95
N SER A 30 -46.58 17.89 16.66
CA SER A 30 -46.11 19.07 17.36
C SER A 30 -47.28 19.94 17.77
N ILE A 31 -47.18 20.50 18.97
CA ILE A 31 -48.19 21.38 19.53
C ILE A 31 -47.50 22.63 20.02
N THR A 32 -48.19 23.77 19.93
CA THR A 32 -47.69 25.04 20.43
C THR A 32 -48.87 25.89 20.87
N PRO A 33 -49.13 25.99 22.19
CA PRO A 33 -50.20 26.90 22.64
C PRO A 33 -49.73 28.33 22.74
N THR A 34 -50.21 29.18 21.83
CA THR A 34 -49.74 30.56 21.81
C THR A 34 -50.45 31.43 22.84
N LYS A 35 -51.65 31.02 23.28
CA LYS A 35 -52.37 31.78 24.29
C LYS A 35 -53.43 30.90 24.91
N ILE A 36 -53.27 30.58 26.19
CA ILE A 36 -54.23 29.79 26.96
C ILE A 36 -55.08 30.75 27.76
N LYS A 37 -56.39 30.66 27.57
CA LYS A 37 -57.36 31.61 28.09
C LYS A 37 -58.17 30.94 29.19
N LEU A 38 -58.49 31.69 30.24
CA LEU A 38 -59.24 31.19 31.39
C LEU A 38 -60.42 32.12 31.61
N ILE A 39 -61.53 31.85 30.92
CA ILE A 39 -62.74 32.65 30.99
C ILE A 39 -63.64 32.06 32.09
N PRO A 40 -64.06 32.82 33.09
CA PRO A 40 -65.00 32.29 34.07
C PRO A 40 -66.44 32.60 33.69
N THR A 41 -67.35 31.72 34.12
CA THR A 41 -68.77 31.97 33.96
C THR A 41 -69.20 33.04 34.94
N VAL A 42 -69.70 34.16 34.43
CA VAL A 42 -69.88 35.37 35.23
C VAL A 42 -71.24 35.98 34.93
N ASN A 43 -71.85 36.56 35.96
CA ASN A 43 -73.09 37.32 35.83
C ASN A 43 -72.97 38.59 36.67
N LEU A 44 -73.68 39.63 36.24
CA LEU A 44 -73.58 40.94 36.87
C LEU A 44 -74.57 41.04 38.02
N GLU A 45 -74.06 41.38 39.20
CA GLU A 45 -74.93 41.65 40.34
C GLU A 45 -75.35 43.10 40.39
N TYR A 46 -74.42 44.05 40.25
CA TYR A 46 -74.88 45.43 40.11
C TYR A 46 -73.76 46.30 39.58
N VAL A 47 -74.05 47.59 39.48
CA VAL A 47 -73.06 48.61 39.11
C VAL A 47 -73.19 49.76 40.08
N THR A 48 -72.05 50.28 40.51
CA THR A 48 -72.02 51.36 41.49
C THR A 48 -71.13 52.47 40.98
N CYS A 49 -71.35 53.67 41.49
CA CYS A 49 -70.62 54.85 41.03
C CYS A 49 -70.77 55.94 42.07
N HIS A 50 -70.14 57.08 41.81
CA HIS A 50 -70.31 58.23 42.68
C HIS A 50 -71.77 58.64 42.73
N TYR A 51 -72.23 59.02 43.91
CA TYR A 51 -73.57 59.55 44.04
C TYR A 51 -73.57 61.06 43.80
N LYS A 52 -74.76 61.61 43.72
CA LYS A 52 -74.96 63.05 43.87
C LYS A 52 -76.25 63.26 44.63
N THR A 53 -76.21 64.22 45.56
CA THR A 53 -77.31 64.44 46.50
C THR A 53 -78.22 65.50 45.89
N GLY A 54 -79.24 65.03 45.18
CA GLY A 54 -80.27 65.95 44.71
C GLY A 54 -81.11 66.44 45.87
N MET A 55 -81.80 67.55 45.65
CA MET A 55 -82.56 68.14 46.74
C MET A 55 -83.56 69.12 46.18
N ASP A 56 -84.81 68.96 46.58
CA ASP A 56 -85.86 69.84 46.10
C ASP A 56 -85.65 71.23 46.66
N SER A 57 -86.06 72.23 45.89
CA SER A 57 -85.95 73.59 46.36
C SER A 57 -86.78 73.74 47.64
N PRO A 58 -86.29 74.48 48.65
CA PRO A 58 -87.09 74.63 49.87
C PRO A 58 -88.45 75.25 49.55
N ALA A 59 -89.50 74.70 50.15
CA ALA A 59 -90.84 75.26 50.03
C ALA A 59 -91.10 76.04 51.31
N ILE A 60 -91.21 77.36 51.19
CA ILE A 60 -91.31 78.27 52.32
C ILE A 60 -92.73 78.82 52.35
N LYS A 61 -93.39 78.66 53.49
CA LYS A 61 -94.71 79.22 53.72
C LYS A 61 -94.59 80.25 54.83
N CYS A 62 -95.07 81.47 54.56
CA CYS A 62 -94.91 82.57 55.50
C CYS A 62 -96.03 82.56 56.53
N CYS A 63 -95.64 82.29 57.78
CA CYS A 63 -96.57 82.03 58.89
C CYS A 63 -97.76 81.18 58.44
N GLY A 64 -97.41 79.98 58.00
CA GLY A 64 -98.39 78.93 57.78
C GLY A 64 -97.71 77.59 57.93
N SER A 65 -98.49 76.61 58.37
CA SER A 65 -97.97 75.27 58.62
C SER A 65 -97.85 74.49 57.32
N GLN A 66 -96.91 73.55 57.30
CA GLN A 66 -96.71 72.64 56.18
C GLN A 66 -96.65 71.22 56.68
N GLU A 67 -96.59 70.28 55.74
CA GLU A 67 -96.56 68.86 56.04
C GLU A 67 -95.43 68.20 55.26
N CYS A 68 -94.89 67.12 55.83
CA CYS A 68 -93.83 66.36 55.16
C CYS A 68 -94.42 65.52 54.05
N THR A 69 -94.71 66.12 52.91
CA THR A 69 -95.35 65.40 51.81
C THR A 69 -94.39 64.33 51.30
N PRO A 70 -94.77 63.04 51.34
CA PRO A 70 -93.81 62.00 50.97
C PRO A 70 -93.80 61.71 49.48
N THR A 71 -92.59 61.61 48.93
CA THR A 71 -92.36 60.93 47.66
C THR A 71 -91.45 59.74 47.94
N TYR A 72 -91.07 59.02 46.89
CA TYR A 72 -90.48 57.70 47.05
C TYR A 72 -89.15 57.59 46.31
N ARG A 73 -88.28 58.57 46.49
CA ARG A 73 -86.98 58.55 45.82
C ARG A 73 -85.94 57.92 46.74
N PRO A 74 -84.80 57.49 46.17
CA PRO A 74 -83.81 56.76 46.97
C PRO A 74 -83.29 57.57 48.15
N ASP A 75 -83.21 56.91 49.31
CA ASP A 75 -82.62 57.46 50.52
C ASP A 75 -83.16 58.86 50.82
N GLU A 76 -84.47 59.02 50.70
CA GLU A 76 -85.07 60.33 50.88
C GLU A 76 -85.07 60.73 52.35
N GLN A 77 -84.81 62.01 52.60
CA GLN A 77 -85.05 62.63 53.89
C GLN A 77 -85.89 63.88 53.66
N CYS A 78 -86.97 64.02 54.43
CA CYS A 78 -87.86 65.17 54.33
C CYS A 78 -88.10 65.71 55.74
N LYS A 79 -88.05 67.02 55.89
CA LYS A 79 -88.25 67.61 57.20
C LYS A 79 -88.81 69.02 57.07
N VAL A 80 -89.64 69.39 58.05
CA VAL A 80 -90.36 70.64 58.07
C VAL A 80 -89.79 71.48 59.21
N PHE A 81 -88.86 72.38 58.89
CA PHE A 81 -88.23 73.23 59.89
C PHE A 81 -89.09 74.45 60.13
N THR A 82 -89.48 74.67 61.38
CA THR A 82 -90.30 75.81 61.77
C THR A 82 -89.43 76.91 62.34
N GLY A 83 -90.04 78.07 62.56
CA GLY A 83 -89.33 79.19 63.12
C GLY A 83 -88.19 79.69 62.28
N VAL A 84 -88.38 79.81 60.97
CA VAL A 84 -87.37 80.27 60.04
C VAL A 84 -87.73 81.68 59.60
N TYR A 85 -86.74 82.41 59.10
CA TYR A 85 -86.94 83.76 58.56
C TYR A 85 -85.94 83.97 57.43
N PRO A 86 -86.21 83.43 56.25
CA PRO A 86 -85.21 83.45 55.19
C PRO A 86 -85.05 84.82 54.56
N PHE A 87 -83.88 85.02 53.97
CA PHE A 87 -83.52 86.24 53.27
C PHE A 87 -83.12 85.90 51.85
N MET A 88 -83.52 86.74 50.90
CA MET A 88 -83.12 86.65 49.52
C MET A 88 -82.37 87.94 49.15
N TRP A 89 -82.01 88.05 47.87
CA TRP A 89 -81.31 89.24 47.41
C TRP A 89 -82.15 90.50 47.57
N GLY A 90 -83.47 90.36 47.59
CA GLY A 90 -84.37 91.48 47.72
C GLY A 90 -84.85 91.78 49.13
N GLY A 91 -84.34 91.09 50.13
CA GLY A 91 -84.72 91.30 51.51
C GLY A 91 -85.46 90.10 52.08
N ALA A 92 -86.12 90.33 53.21
CA ALA A 92 -86.80 89.26 53.92
C ALA A 92 -87.92 88.68 53.06
N TYR A 93 -87.99 87.34 53.03
CA TYR A 93 -89.02 86.69 52.24
C TYR A 93 -90.39 86.83 52.87
N CYS A 94 -90.48 86.73 54.19
CA CYS A 94 -91.74 86.84 54.91
C CYS A 94 -91.75 88.01 55.87
N PHE A 95 -92.97 88.36 56.29
CA PHE A 95 -93.21 89.46 57.21
C PHE A 95 -93.48 88.99 58.63
N CYS A 96 -94.10 87.82 58.78
CA CYS A 96 -94.26 87.23 60.10
C CYS A 96 -92.91 86.82 60.65
N ASP A 97 -92.60 87.27 61.86
CA ASP A 97 -91.29 86.97 62.44
C ASP A 97 -91.18 85.50 62.83
N THR A 98 -92.23 84.96 63.45
CA THR A 98 -92.29 83.56 63.81
C THR A 98 -93.32 82.82 62.96
N GLU A 99 -93.46 81.53 63.23
CA GLU A 99 -94.46 80.65 62.60
C GLU A 99 -94.20 80.37 61.12
N ASN A 100 -93.18 80.98 60.51
CA ASN A 100 -92.86 80.66 59.13
C ASN A 100 -92.24 79.28 59.06
N THR A 101 -92.50 78.59 57.97
CA THR A 101 -92.16 77.18 57.83
C THR A 101 -91.38 76.96 56.55
N GLN A 102 -90.41 76.06 56.60
CA GLN A 102 -89.62 75.67 55.44
C GLN A 102 -89.55 74.16 55.39
N VAL A 103 -90.17 73.56 54.38
CA VAL A 103 -90.09 72.12 54.16
C VAL A 103 -88.99 71.87 53.14
N SER A 104 -88.04 71.01 53.50
CA SER A 104 -86.89 70.70 52.68
C SER A 104 -86.70 69.20 52.61
N LYS A 105 -86.33 68.72 51.42
CA LYS A 105 -86.10 67.29 51.26
C LYS A 105 -84.96 67.05 50.29
N ALA A 106 -84.19 65.99 50.57
CA ALA A 106 -83.01 65.63 49.81
C ALA A 106 -83.02 64.13 49.55
N TYR A 107 -82.31 63.73 48.50
CA TYR A 107 -82.30 62.35 48.04
C TYR A 107 -80.99 62.07 47.31
N VAL A 108 -80.73 60.79 47.09
CA VAL A 108 -79.52 60.32 46.41
C VAL A 108 -79.89 59.93 44.99
N MET A 109 -79.01 60.20 44.04
CA MET A 109 -79.19 59.72 42.68
C MET A 109 -77.84 59.48 42.04
N LYS A 110 -77.83 58.73 40.95
CA LYS A 110 -76.59 58.37 40.29
C LYS A 110 -75.91 59.60 39.74
N SER A 111 -74.59 59.59 39.77
CA SER A 111 -73.83 60.71 39.23
C SER A 111 -74.05 60.81 37.73
N ASP A 112 -73.93 62.04 37.22
CA ASP A 112 -74.11 62.27 35.80
C ASP A 112 -73.09 61.50 34.97
N ASP A 113 -71.92 61.21 35.55
CA ASP A 113 -70.87 60.49 34.86
C ASP A 113 -70.97 58.98 35.03
N CYS A 114 -71.99 58.47 35.71
CA CYS A 114 -72.10 57.05 35.98
C CYS A 114 -72.21 56.21 34.71
N LEU A 115 -72.66 56.81 33.60
CA LEU A 115 -72.81 56.05 32.37
C LEU A 115 -71.47 55.61 31.81
N ALA A 116 -70.37 56.25 32.24
CA ALA A 116 -69.04 55.95 31.74
C ALA A 116 -67.99 55.77 32.82
N ASP A 117 -68.29 56.11 34.07
CA ASP A 117 -67.36 55.99 35.20
C ASP A 117 -68.07 55.23 36.30
N HIS A 118 -67.97 53.90 36.27
CA HIS A 118 -68.66 53.06 37.22
C HIS A 118 -67.90 51.75 37.39
N ALA A 119 -68.19 51.06 38.48
CA ALA A 119 -67.61 49.76 38.77
C ALA A 119 -68.71 48.70 38.75
N GLU A 120 -68.39 47.58 38.12
CA GLU A 120 -69.34 46.49 37.90
C GLU A 120 -69.04 45.38 38.89
N ALA A 121 -69.97 45.12 39.80
CA ALA A 121 -69.85 44.07 40.80
C ALA A 121 -70.46 42.80 40.25
N TYR A 122 -69.62 41.77 40.05
CA TYR A 122 -69.98 40.51 39.43
C TYR A 122 -69.82 39.36 40.41
N LYS A 123 -70.44 38.23 40.08
CA LYS A 123 -70.14 36.93 40.69
C LYS A 123 -69.61 35.98 39.62
N ALA A 124 -68.49 35.32 39.91
CA ALA A 124 -67.85 34.39 38.98
C ALA A 124 -67.99 32.99 39.53
N HIS A 125 -68.56 32.09 38.73
CA HIS A 125 -68.98 30.77 39.21
C HIS A 125 -67.99 29.66 38.85
N THR A 126 -67.76 29.43 37.55
CA THR A 126 -66.98 28.29 37.09
C THR A 126 -66.10 28.70 35.93
N ALA A 127 -65.10 27.89 35.66
CA ALA A 127 -64.08 28.22 34.67
C ALA A 127 -64.35 27.54 33.34
N SER A 128 -63.96 28.22 32.27
CA SER A 128 -63.90 27.64 30.94
C SER A 128 -62.55 27.98 30.32
N VAL A 129 -61.82 26.94 29.88
CA VAL A 129 -60.45 27.09 29.40
C VAL A 129 -60.46 26.85 27.89
N GLN A 130 -60.03 27.86 27.13
CA GLN A 130 -59.89 27.74 25.69
C GLN A 130 -58.53 28.29 25.30
N ALA A 131 -57.85 27.61 24.38
CA ALA A 131 -56.48 27.92 24.03
C ALA A 131 -56.30 27.97 22.53
N PHE A 132 -55.53 28.95 22.06
CA PHE A 132 -55.15 29.04 20.65
C PHE A 132 -53.92 28.17 20.45
N LEU A 133 -54.06 27.12 19.62
CA LEU A 133 -52.97 26.13 19.50
C LEU A 133 -52.51 25.98 18.04
N ASN A 134 -51.22 25.66 17.84
CA ASN A 134 -50.70 25.37 16.48
C ASN A 134 -50.40 23.87 16.45
N ILE A 135 -51.14 23.09 15.67
CA ILE A 135 -50.96 21.62 15.73
C ILE A 135 -50.50 21.08 14.37
N THR A 136 -49.38 20.35 14.36
CA THR A 136 -48.89 19.75 13.13
C THR A 136 -48.79 18.25 13.33
N VAL A 137 -49.19 17.49 12.31
CA VAL A 137 -49.09 16.04 12.31
C VAL A 137 -48.61 15.64 10.92
N GLY A 138 -47.35 15.22 10.82
CA GLY A 138 -46.82 14.77 9.55
C GLY A 138 -46.92 15.81 8.45
N GLU A 139 -46.60 17.06 8.76
CA GLU A 139 -46.66 18.22 7.88
C GLU A 139 -48.09 18.63 7.54
N HIS A 140 -49.11 18.00 8.13
CA HIS A 140 -50.47 18.55 8.09
C HIS A 140 -50.62 19.49 9.27
N SER A 141 -50.63 20.79 9.00
CA SER A 141 -50.56 21.80 10.04
C SER A 141 -51.86 22.58 10.10
N ILE A 142 -52.22 23.02 11.30
CA ILE A 142 -53.44 23.78 11.55
C ILE A 142 -53.20 24.75 12.70
N VAL A 143 -53.88 25.89 12.65
CA VAL A 143 -53.89 26.88 13.71
C VAL A 143 -55.35 27.12 14.08
N THR A 144 -55.71 26.80 15.32
CA THR A 144 -57.11 26.76 15.71
C THR A 144 -57.27 27.31 17.12
N THR A 145 -58.52 27.37 17.55
CA THR A 145 -58.87 27.68 18.93
C THR A 145 -59.64 26.50 19.50
N VAL A 146 -59.01 25.75 20.40
CA VAL A 146 -59.58 24.54 20.97
C VAL A 146 -60.15 24.88 22.34
N TYR A 147 -61.38 24.46 22.57
CA TYR A 147 -62.03 24.61 23.87
C TYR A 147 -61.57 23.45 24.75
N VAL A 148 -60.84 23.77 25.82
CA VAL A 148 -60.24 22.75 26.65
C VAL A 148 -61.27 22.27 27.67
N ASN A 149 -62.07 21.28 27.26
CA ASN A 149 -63.04 20.65 28.15
C ASN A 149 -63.09 19.14 27.99
N GLY A 150 -62.34 18.56 27.06
CA GLY A 150 -62.41 17.14 26.79
C GLY A 150 -63.54 16.73 25.87
N GLU A 151 -64.46 17.63 25.58
CA GLU A 151 -65.60 17.33 24.70
C GLU A 151 -65.39 17.89 23.31
N THR A 152 -65.22 19.20 23.19
CA THR A 152 -65.25 19.85 21.89
C THR A 152 -64.03 19.44 21.07
N PRO A 153 -64.20 18.77 19.93
CA PRO A 153 -63.04 18.42 19.13
C PRO A 153 -62.76 19.47 18.07
N VAL A 154 -61.52 19.44 17.57
CA VAL A 154 -61.14 20.11 16.34
C VAL A 154 -60.62 19.06 15.38
N ASN A 155 -61.30 18.92 14.23
CA ASN A 155 -61.22 17.72 13.40
C ASN A 155 -60.61 17.97 12.03
N PHE A 156 -59.77 18.98 11.86
CA PHE A 156 -59.23 19.27 10.54
C PHE A 156 -58.32 18.14 10.06
N ASN A 157 -58.50 17.77 8.80
CA ASN A 157 -57.68 16.83 8.04
C ASN A 157 -57.77 15.40 8.56
N GLY A 158 -58.81 15.07 9.33
CA GLY A 158 -59.11 13.71 9.70
C GLY A 158 -58.61 13.28 11.06
N VAL A 159 -57.62 13.97 11.61
CA VAL A 159 -57.11 13.67 12.95
C VAL A 159 -57.93 14.46 13.95
N LYS A 160 -58.46 13.77 14.96
CA LYS A 160 -59.39 14.38 15.91
C LYS A 160 -58.63 14.72 17.19
N ILE A 161 -58.57 16.00 17.53
CA ILE A 161 -57.84 16.50 18.69
C ILE A 161 -58.86 16.78 19.78
N THR A 162 -58.60 16.29 20.99
CA THR A 162 -59.45 16.58 22.15
C THR A 162 -58.52 16.98 23.31
N ALA A 163 -58.65 18.23 23.76
CA ALA A 163 -57.87 18.73 24.88
C ALA A 163 -58.65 18.49 26.16
N GLY A 164 -58.22 17.51 26.94
CA GLY A 164 -58.94 17.11 28.13
C GLY A 164 -59.08 18.23 29.13
N PRO A 165 -59.83 18.01 30.21
CA PRO A 165 -59.98 19.05 31.22
C PRO A 165 -58.64 19.45 31.80
N LEU A 166 -58.50 20.74 32.11
CA LEU A 166 -57.27 21.22 32.72
C LEU A 166 -57.06 20.50 34.04
N SER A 167 -55.88 19.88 34.17
CA SER A 167 -55.68 18.85 35.18
C SER A 167 -55.93 19.35 36.60
N THR A 168 -55.50 20.56 36.93
CA THR A 168 -55.72 21.17 38.24
C THR A 168 -56.66 22.37 38.05
N ALA A 169 -57.96 22.11 38.15
CA ALA A 169 -58.95 23.16 38.01
C ALA A 169 -58.71 24.24 39.06
N TRP A 170 -58.55 25.47 38.59
CA TRP A 170 -58.11 26.56 39.46
C TRP A 170 -58.36 27.87 38.75
N THR A 171 -58.77 28.89 39.52
CA THR A 171 -59.04 30.21 38.98
C THR A 171 -58.45 31.27 39.89
N PRO A 172 -57.95 32.39 39.35
CA PRO A 172 -57.52 33.49 40.22
C PRO A 172 -58.68 34.33 40.73
N PHE A 173 -59.85 34.20 40.13
CA PHE A 173 -61.03 34.93 40.55
C PHE A 173 -61.71 34.19 41.70
N ASP A 174 -61.97 34.88 42.79
CA ASP A 174 -62.83 34.31 43.81
C ASP A 174 -64.27 34.29 43.31
N ARG A 175 -65.18 33.86 44.18
CA ARG A 175 -66.58 33.73 43.76
C ARG A 175 -67.21 35.07 43.39
N LYS A 176 -66.60 36.18 43.80
CA LYS A 176 -67.27 37.47 43.83
C LYS A 176 -66.23 38.56 43.55
N ILE A 177 -66.35 39.21 42.38
CA ILE A 177 -65.30 40.09 41.86
C ILE A 177 -65.88 41.43 41.46
N VAL A 178 -64.99 42.38 41.13
CA VAL A 178 -65.37 43.73 40.74
C VAL A 178 -64.50 44.15 39.56
N GLN A 179 -65.11 44.84 38.61
CA GLN A 179 -64.41 45.44 37.48
C GLN A 179 -64.45 46.95 37.60
N TYR A 180 -63.30 47.59 37.38
CA TYR A 180 -63.24 49.04 37.34
C TYR A 180 -62.05 49.49 36.50
N ALA A 181 -62.32 50.34 35.52
CA ALA A 181 -61.28 50.99 34.72
C ALA A 181 -60.37 49.95 34.08
N GLY A 182 -60.95 48.86 33.61
CA GLY A 182 -60.18 47.81 32.98
C GLY A 182 -59.31 47.02 33.92
N GLU A 183 -59.64 46.98 35.21
CA GLU A 183 -58.91 46.20 36.19
C GLU A 183 -59.89 45.38 37.01
N ILE A 184 -59.51 44.15 37.30
CA ILE A 184 -60.35 43.20 38.02
C ILE A 184 -59.80 43.05 39.44
N TYR A 185 -60.69 43.20 40.42
CA TYR A 185 -60.34 43.13 41.83
C TYR A 185 -61.15 42.03 42.51
N ASN A 186 -60.51 41.37 43.47
CA ASN A 186 -61.21 40.44 44.35
C ASN A 186 -61.72 41.21 45.56
N TYR A 187 -63.03 41.31 45.69
CA TYR A 187 -63.62 42.15 46.74
C TYR A 187 -64.97 41.55 47.11
N ASP A 188 -65.21 41.39 48.41
CA ASP A 188 -66.48 40.86 48.91
C ASP A 188 -67.47 42.01 49.09
N PHE A 189 -67.95 42.51 47.96
CA PHE A 189 -68.87 43.63 48.00
C PHE A 189 -70.20 43.20 48.62
N PRO A 190 -70.94 44.11 49.23
CA PRO A 190 -72.21 43.71 49.85
C PRO A 190 -73.22 43.21 48.83
N GLU A 191 -74.01 42.23 49.26
CA GLU A 191 -75.05 41.69 48.39
C GLU A 191 -76.02 42.80 48.04
N TYR A 192 -76.71 42.65 46.91
CA TYR A 192 -77.69 43.65 46.53
C TYR A 192 -78.73 43.76 47.63
N GLY A 193 -78.82 44.94 48.21
CA GLY A 193 -79.78 45.24 49.25
C GLY A 193 -79.19 45.26 50.63
N ALA A 194 -77.88 45.14 50.76
CA ALA A 194 -77.20 45.25 52.04
C ALA A 194 -76.12 46.32 52.07
N GLY A 195 -76.03 47.15 51.04
CA GLY A 195 -74.95 48.12 50.97
C GLY A 195 -74.98 49.06 52.15
N GLN A 196 -73.84 49.21 52.82
CA GLN A 196 -73.69 50.05 53.99
C GLN A 196 -73.02 51.36 53.62
N PRO A 197 -73.28 52.45 54.36
CA PRO A 197 -72.75 53.75 53.94
C PRO A 197 -71.24 53.83 54.07
N GLY A 198 -70.65 54.74 53.29
CA GLY A 198 -69.24 55.01 53.37
C GLY A 198 -68.35 53.90 52.87
N ALA A 199 -68.90 52.91 52.19
CA ALA A 199 -68.12 51.78 51.69
C ALA A 199 -68.65 51.40 50.31
N PHE A 200 -67.90 50.55 49.62
CA PHE A 200 -68.26 50.14 48.29
C PHE A 200 -69.66 49.54 48.29
N GLY A 201 -70.50 50.02 47.38
CA GLY A 201 -71.88 49.59 47.32
C GLY A 201 -72.85 50.47 48.07
N ASP A 202 -72.46 51.70 48.43
CA ASP A 202 -73.42 52.59 49.09
C ASP A 202 -74.60 52.91 48.18
N ILE A 203 -74.36 53.11 46.89
CA ILE A 203 -75.40 53.18 45.88
C ILE A 203 -75.17 52.05 44.90
N GLN A 204 -76.26 51.43 44.45
CA GLN A 204 -76.18 50.25 43.61
C GLN A 204 -77.30 50.29 42.60
N SER A 205 -77.07 49.71 41.42
CA SER A 205 -78.15 49.49 40.47
C SER A 205 -77.92 48.19 39.72
N ARG A 206 -79.00 47.44 39.51
CA ARG A 206 -78.92 46.17 38.81
C ARG A 206 -78.36 46.32 37.40
N THR A 207 -78.47 47.49 36.80
CA THR A 207 -77.89 47.74 35.50
C THR A 207 -77.62 49.24 35.40
N VAL A 208 -76.75 49.62 34.47
CA VAL A 208 -76.43 51.03 34.30
C VAL A 208 -77.67 51.82 33.94
N SER A 209 -78.57 51.21 33.16
CA SER A 209 -79.82 51.84 32.75
C SER A 209 -81.00 51.46 33.64
N SER A 210 -80.76 50.72 34.72
CA SER A 210 -81.87 50.25 35.54
C SER A 210 -82.59 51.40 36.22
N SER A 211 -83.92 51.29 36.29
CA SER A 211 -84.71 52.35 36.89
C SER A 211 -84.52 52.41 38.40
N ASP A 212 -84.44 51.25 39.06
CA ASP A 212 -84.32 51.21 40.51
C ASP A 212 -82.93 51.66 40.94
N LEU A 213 -82.86 52.21 42.14
CA LEU A 213 -81.61 52.65 42.74
C LEU A 213 -81.75 52.63 44.25
N TYR A 214 -81.20 51.60 44.88
CA TYR A 214 -81.02 51.57 46.31
C TYR A 214 -79.90 52.50 46.71
N ALA A 215 -80.12 53.26 47.78
CA ALA A 215 -79.13 54.18 48.30
C ALA A 215 -79.18 54.12 49.82
N ASN A 216 -78.01 53.96 50.43
CA ASN A 216 -77.87 54.01 51.88
C ASN A 216 -76.62 54.84 52.15
N THR A 217 -76.80 56.15 52.20
CA THR A 217 -75.71 57.10 52.37
C THR A 217 -75.77 57.82 53.71
N ASN A 218 -76.60 57.36 54.63
CA ASN A 218 -76.71 57.97 55.96
C ASN A 218 -77.12 59.44 55.85
N LEU A 219 -78.01 59.71 54.90
CA LEU A 219 -78.47 61.09 54.68
C LEU A 219 -79.31 61.54 55.86
N VAL A 220 -78.93 62.68 56.45
CA VAL A 220 -79.68 63.28 57.55
C VAL A 220 -79.64 64.79 57.39
N LEU A 221 -80.78 65.44 57.59
CA LEU A 221 -80.88 66.87 57.39
C LEU A 221 -80.57 67.63 58.66
N GLN A 222 -80.09 68.86 58.50
CA GLN A 222 -79.87 69.80 59.58
C GLN A 222 -80.60 71.10 59.32
N ARG A 223 -80.93 71.78 60.41
CA ARG A 223 -81.69 73.01 60.32
C ARG A 223 -80.86 74.08 59.60
N PRO A 224 -81.46 74.87 58.70
CA PRO A 224 -80.68 75.88 58.01
C PRO A 224 -80.33 77.05 58.90
N LYS A 225 -79.32 77.82 58.47
CA LYS A 225 -78.97 79.04 59.18
C LYS A 225 -80.11 80.04 59.11
N ALA A 226 -80.26 80.83 60.16
CA ALA A 226 -81.25 81.90 60.15
C ALA A 226 -80.89 82.91 59.06
N GLY A 227 -81.90 83.35 58.32
CA GLY A 227 -81.66 84.33 57.28
C GLY A 227 -80.95 83.79 56.06
N ALA A 228 -81.06 82.49 55.81
CA ALA A 228 -80.44 81.87 54.64
C ALA A 228 -81.36 80.79 54.13
N ILE A 229 -81.40 80.62 52.81
CA ILE A 229 -82.27 79.65 52.16
C ILE A 229 -81.38 78.59 51.51
N HIS A 230 -81.48 77.36 52.02
CA HIS A 230 -80.70 76.23 51.52
C HIS A 230 -81.15 74.98 52.27
N VAL A 231 -80.61 73.84 51.84
CA VAL A 231 -80.99 72.55 52.40
C VAL A 231 -79.75 71.89 52.99
N PRO A 232 -79.45 72.08 54.27
CA PRO A 232 -78.27 71.43 54.85
C PRO A 232 -78.42 69.92 54.86
N TYR A 233 -77.29 69.23 54.72
CA TYR A 233 -77.28 67.78 54.79
C TYR A 233 -75.87 67.31 55.08
N THR A 234 -75.76 66.33 55.97
CA THR A 234 -74.51 65.66 56.28
C THR A 234 -74.64 64.20 55.88
N GLN A 235 -73.67 63.74 55.10
CA GLN A 235 -73.80 62.45 54.44
C GLN A 235 -72.46 61.75 54.52
N ALA A 236 -72.48 60.43 54.58
CA ALA A 236 -71.24 59.68 54.58
C ALA A 236 -70.52 59.92 53.26
N PRO A 237 -69.21 60.14 53.25
CA PRO A 237 -68.52 60.35 51.97
C PRO A 237 -68.70 59.16 51.05
N SER A 238 -68.64 59.43 49.75
CA SER A 238 -68.97 58.41 48.75
C SER A 238 -68.11 57.18 48.92
N GLY A 239 -68.76 56.04 49.12
CA GLY A 239 -68.04 54.81 49.33
C GLY A 239 -67.21 54.40 48.13
N PHE A 240 -67.68 54.73 46.93
CA PHE A 240 -66.91 54.40 45.74
C PHE A 240 -65.59 55.15 45.71
N GLU A 241 -65.61 56.43 46.09
CA GLU A 241 -64.37 57.20 46.18
C GLU A 241 -63.44 56.59 47.21
N GLN A 242 -63.97 56.20 48.36
CA GLN A 242 -63.13 55.60 49.40
C GLN A 242 -62.51 54.30 48.92
N TRP A 243 -63.30 53.50 48.20
CA TRP A 243 -62.76 52.26 47.63
C TRP A 243 -61.65 52.56 46.64
N LYS A 244 -61.83 53.61 45.82
CA LYS A 244 -60.77 53.99 44.89
C LYS A 244 -59.51 54.41 45.65
N LYS A 245 -59.67 55.18 46.72
CA LYS A 245 -58.50 55.61 47.49
C LYS A 245 -57.83 54.42 48.17
N ASP A 246 -58.63 53.50 48.71
CA ASP A 246 -58.13 52.38 49.49
C ASP A 246 -58.50 51.08 48.77
N LYS A 247 -57.59 50.59 47.94
CA LYS A 247 -57.77 49.32 47.26
C LYS A 247 -56.39 48.74 46.96
N ALA A 248 -56.29 47.41 47.10
CA ALA A 248 -55.06 46.74 46.77
C ALA A 248 -54.85 46.73 45.26
N PRO A 249 -53.64 46.46 44.79
CA PRO A 249 -53.43 46.36 43.35
C PRO A 249 -54.29 45.26 42.74
N SER A 250 -54.71 45.48 41.50
CA SER A 250 -55.61 44.57 40.81
C SER A 250 -55.03 43.17 40.69
N LEU A 251 -55.84 42.22 40.23
CA LEU A 251 -55.36 40.86 40.06
C LEU A 251 -54.25 40.79 39.00
N LYS A 252 -54.19 41.77 38.09
CA LYS A 252 -53.15 41.74 37.07
C LYS A 252 -51.77 41.96 37.68
N PHE A 253 -51.68 42.41 38.92
CA PHE A 253 -50.42 42.55 39.63
C PHE A 253 -50.34 41.72 40.90
N THR A 254 -51.32 40.85 41.17
CA THR A 254 -51.31 39.99 42.34
C THR A 254 -51.77 38.56 42.08
N ALA A 255 -52.17 38.22 40.86
CA ALA A 255 -52.73 36.90 40.62
C ALA A 255 -51.64 35.83 40.77
N PRO A 256 -51.99 34.64 41.28
CA PRO A 256 -50.98 33.57 41.33
C PRO A 256 -50.70 33.02 39.94
N PHE A 257 -49.58 32.30 39.86
CA PHE A 257 -49.15 31.61 38.63
C PHE A 257 -48.89 32.57 37.48
N GLY A 258 -48.66 33.84 37.77
CA GLY A 258 -48.25 34.77 36.73
C GLY A 258 -49.31 35.09 35.71
N CYS A 259 -50.58 34.92 36.04
CA CYS A 259 -51.64 35.15 35.07
C CYS A 259 -51.76 36.62 34.70
N GLU A 260 -51.96 36.89 33.42
CA GLU A 260 -52.37 38.21 32.97
C GLU A 260 -53.88 38.30 33.06
N ILE A 261 -54.41 39.50 33.28
CA ILE A 261 -55.83 39.71 33.51
C ILE A 261 -56.36 40.70 32.49
N TYR A 262 -57.50 40.38 31.87
CA TYR A 262 -58.14 41.25 30.90
C TYR A 262 -59.64 41.26 31.16
N THR A 263 -60.31 42.28 30.61
CA THR A 263 -61.62 42.69 31.09
C THR A 263 -62.77 42.55 30.12
N ASN A 264 -62.52 42.18 28.86
CA ASN A 264 -63.59 42.09 27.86
C ASN A 264 -63.26 40.96 26.89
N PRO A 265 -63.69 39.72 27.20
CA PRO A 265 -64.40 39.26 28.39
C PRO A 265 -63.54 39.32 29.64
N ILE A 266 -64.15 39.23 30.82
CA ILE A 266 -63.38 39.04 32.03
C ILE A 266 -62.65 37.72 31.90
N ARG A 267 -61.33 37.73 32.06
CA ARG A 267 -60.57 36.53 31.81
C ARG A 267 -59.16 36.66 32.35
N ALA A 268 -58.51 35.51 32.51
CA ALA A 268 -57.10 35.41 32.79
C ALA A 268 -56.42 34.59 31.70
N GLU A 269 -55.25 35.04 31.28
CA GLU A 269 -54.50 34.39 30.21
C GLU A 269 -53.09 34.05 30.66
N ASN A 270 -52.52 33.06 29.99
CA ASN A 270 -51.13 32.64 30.18
C ASN A 270 -50.85 32.23 31.61
N CYS A 271 -51.78 31.48 32.21
CA CYS A 271 -51.54 30.91 33.53
C CYS A 271 -50.68 29.66 33.40
N ALA A 272 -49.45 29.73 33.89
CA ALA A 272 -48.57 28.57 33.86
C ALA A 272 -48.98 27.58 34.94
N VAL A 273 -50.15 26.97 34.78
CA VAL A 273 -50.75 26.12 35.79
C VAL A 273 -51.07 24.77 35.16
N GLY A 274 -50.67 23.69 35.83
CA GLY A 274 -51.10 22.37 35.45
C GLY A 274 -50.63 21.95 34.07
N SER A 275 -51.42 21.08 33.45
CA SER A 275 -51.13 20.53 32.14
C SER A 275 -52.44 20.17 31.46
N ILE A 276 -52.37 20.04 30.13
CA ILE A 276 -53.53 19.75 29.30
C ILE A 276 -53.42 18.29 28.83
N PRO A 277 -54.35 17.40 29.17
CA PRO A 277 -54.25 16.02 28.67
C PRO A 277 -54.76 15.89 27.24
N LEU A 278 -53.89 16.15 26.28
CA LEU A 278 -54.29 16.03 24.88
C LEU A 278 -54.43 14.57 24.47
N ALA A 279 -55.48 14.29 23.69
CA ALA A 279 -55.72 12.99 23.10
C ALA A 279 -55.95 13.17 21.60
N PHE A 280 -55.20 12.41 20.80
CA PHE A 280 -55.17 12.54 19.35
C PHE A 280 -55.67 11.23 18.76
N ASP A 281 -56.73 11.30 17.98
CA ASP A 281 -57.22 10.15 17.21
C ASP A 281 -56.70 10.32 15.79
N ILE A 282 -55.61 9.64 15.49
CA ILE A 282 -54.93 9.77 14.20
C ILE A 282 -55.54 8.76 13.24
N PRO A 283 -55.96 9.15 12.03
CA PRO A 283 -56.56 8.16 11.13
C PRO A 283 -55.54 7.11 10.71
N ASP A 284 -56.04 5.91 10.41
CA ASP A 284 -55.17 4.85 9.96
C ASP A 284 -54.55 5.14 8.60
N ALA A 285 -55.19 6.01 7.80
CA ALA A 285 -54.70 6.29 6.45
C ALA A 285 -53.50 7.23 6.45
N LEU A 286 -53.29 8.01 7.51
CA LEU A 286 -52.19 8.97 7.53
C LEU A 286 -50.85 8.33 7.88
N PHE A 287 -50.85 7.11 8.41
CA PHE A 287 -49.59 6.44 8.72
C PHE A 287 -48.90 6.00 7.44
N THR A 288 -47.56 5.98 7.48
CA THR A 288 -46.74 5.57 6.36
C THR A 288 -45.81 4.44 6.80
N ARG A 289 -45.56 3.49 5.91
CA ARG A 289 -44.78 2.30 6.26
C ARG A 289 -43.34 2.69 6.54
N VAL A 290 -42.67 1.89 7.37
CA VAL A 290 -41.25 2.10 7.65
C VAL A 290 -40.43 1.98 6.38
N SER A 291 -40.81 1.09 5.47
CA SER A 291 -40.03 0.87 4.26
C SER A 291 -39.93 2.12 3.41
N GLU A 292 -41.01 2.87 3.29
CA GLU A 292 -41.00 4.05 2.43
C GLU A 292 -40.07 5.12 2.96
N THR A 293 -40.17 5.42 4.25
CA THR A 293 -39.46 6.57 4.79
C THR A 293 -37.95 6.30 4.85
N PRO A 294 -37.12 7.36 4.93
CA PRO A 294 -35.68 7.15 5.06
C PRO A 294 -35.32 6.30 6.27
N THR A 295 -34.55 5.25 6.06
CA THR A 295 -34.15 4.32 7.11
C THR A 295 -32.69 4.56 7.47
N LEU A 296 -32.43 4.72 8.76
CA LEU A 296 -31.10 5.03 9.24
C LEU A 296 -30.39 3.77 9.73
N SER A 297 -29.11 3.66 9.39
CA SER A 297 -28.29 2.52 9.79
C SER A 297 -26.92 3.01 10.27
N ALA A 298 -26.46 2.43 11.38
CA ALA A 298 -25.12 2.64 11.90
C ALA A 298 -24.86 4.11 12.21
N ALA A 299 -25.64 4.66 13.14
CA ALA A 299 -25.48 6.05 13.54
C ALA A 299 -24.61 6.16 14.79
N GLU A 300 -23.95 7.31 14.92
CA GLU A 300 -23.14 7.62 16.10
C GLU A 300 -23.48 9.04 16.53
N CYS A 301 -23.42 9.30 17.83
CA CYS A 301 -23.79 10.59 18.40
C CYS A 301 -22.66 11.14 19.25
N THR A 302 -22.52 12.45 19.26
CA THR A 302 -21.54 13.09 20.13
C THR A 302 -21.96 14.52 20.43
N LEU A 303 -21.87 14.89 21.71
CA LEU A 303 -22.20 16.24 22.17
C LEU A 303 -20.99 17.14 21.92
N ASN A 304 -20.98 17.78 20.74
CA ASN A 304 -19.91 18.70 20.42
C ASN A 304 -19.94 19.95 21.28
N GLU A 305 -21.05 20.21 21.97
CA GLU A 305 -21.12 21.33 22.91
C GLU A 305 -22.30 21.10 23.84
N CYS A 306 -22.13 21.47 25.11
CA CYS A 306 -23.24 21.41 26.06
C CYS A 306 -23.11 22.56 27.04
N VAL A 307 -24.15 23.38 27.11
CA VAL A 307 -24.31 24.41 28.13
C VAL A 307 -25.62 24.13 28.85
N TYR A 308 -25.53 23.66 30.08
CA TYR A 308 -26.71 23.42 30.90
C TYR A 308 -27.40 24.76 31.15
N SER A 309 -28.48 25.02 30.42
CA SER A 309 -29.09 26.34 30.42
C SER A 309 -30.57 26.20 30.13
N SER A 310 -31.30 27.28 30.43
CA SER A 310 -32.73 27.28 30.18
C SER A 310 -33.05 27.14 28.69
N ASP A 311 -32.30 27.84 27.84
CA ASP A 311 -32.49 27.77 26.40
C ASP A 311 -31.75 26.56 25.84
N PHE A 312 -31.82 26.37 24.54
CA PHE A 312 -31.18 25.24 23.87
C PHE A 312 -29.68 25.48 23.74
N GLY A 313 -29.00 25.40 24.89
CA GLY A 313 -27.56 25.56 24.92
C GLY A 313 -26.76 24.33 24.56
N GLY A 314 -27.44 23.22 24.27
CA GLY A 314 -26.77 21.97 23.98
C GLY A 314 -26.81 21.65 22.50
N ILE A 315 -25.67 21.23 21.97
CA ILE A 315 -25.50 20.91 20.56
C ILE A 315 -24.99 19.48 20.47
N ALA A 316 -25.52 18.72 19.53
CA ALA A 316 -25.03 17.35 19.33
C ALA A 316 -25.04 17.03 17.85
N THR A 317 -23.96 16.43 17.39
CA THR A 317 -23.86 15.96 16.03
C THR A 317 -24.12 14.46 15.97
N VAL A 318 -24.94 14.07 15.01
CA VAL A 318 -25.20 12.66 14.71
C VAL A 318 -24.59 12.37 13.35
N LYS A 319 -23.61 11.47 13.34
CA LYS A 319 -23.12 10.89 12.11
C LYS A 319 -24.04 9.77 11.70
N TYR A 320 -24.50 9.82 10.45
CA TYR A 320 -25.53 8.92 9.95
C TYR A 320 -25.05 8.26 8.68
N SER A 321 -25.59 7.07 8.41
CA SER A 321 -25.41 6.37 7.15
C SER A 321 -26.79 5.93 6.69
N ALA A 322 -27.47 6.79 5.95
CA ALA A 322 -28.86 6.57 5.60
C ALA A 322 -28.98 5.65 4.39
N SER A 323 -30.13 4.97 4.30
CA SER A 323 -30.43 4.13 3.13
C SER A 323 -30.87 4.94 1.93
N LYS A 324 -31.49 6.11 2.14
CA LYS A 324 -31.80 7.01 1.05
C LYS A 324 -32.02 8.40 1.60
N SER A 325 -31.57 9.40 0.85
CA SER A 325 -31.61 10.78 1.31
C SER A 325 -33.05 11.27 1.40
N GLY A 326 -33.27 12.25 2.25
CA GLY A 326 -34.60 12.81 2.42
C GLY A 326 -34.69 13.58 3.74
N LYS A 327 -35.82 13.41 4.42
CA LYS A 327 -36.12 14.10 5.67
C LYS A 327 -36.80 13.13 6.62
N CYS A 328 -36.54 13.29 7.91
CA CYS A 328 -37.23 12.47 8.90
C CYS A 328 -37.01 13.04 10.30
N ALA A 329 -37.83 12.57 11.23
CA ALA A 329 -37.99 13.22 12.51
C ALA A 329 -36.89 12.83 13.49
N VAL A 330 -36.84 13.55 14.61
CA VAL A 330 -35.89 13.29 15.68
C VAL A 330 -36.54 13.67 17.01
N HIS A 331 -36.26 12.90 18.05
CA HIS A 331 -36.95 13.04 19.33
C HIS A 331 -36.05 12.47 20.43
N VAL A 332 -36.46 12.69 21.67
CA VAL A 332 -35.82 12.08 22.83
C VAL A 332 -36.91 11.45 23.70
N PRO A 333 -37.09 10.13 23.70
CA PRO A 333 -38.10 9.53 24.58
C PRO A 333 -37.72 9.57 26.07
N SER A 334 -37.56 10.77 26.60
CA SER A 334 -37.26 10.95 28.02
C SER A 334 -37.31 12.44 28.33
N GLY A 335 -37.49 12.74 29.61
CA GLY A 335 -37.52 14.13 30.04
C GLY A 335 -36.16 14.76 30.24
N THR A 336 -35.09 14.01 29.96
CA THR A 336 -33.75 14.53 30.19
C THR A 336 -33.41 15.68 29.25
N ALA A 337 -33.81 15.60 27.99
CA ALA A 337 -33.45 16.61 27.00
C ALA A 337 -34.66 16.94 26.14
N THR A 338 -34.83 18.23 25.86
CA THR A 338 -35.90 18.71 24.99
C THR A 338 -35.27 19.38 23.77
N LEU A 339 -35.70 18.94 22.58
CA LEU A 339 -35.07 19.33 21.33
C LEU A 339 -35.73 20.59 20.77
N LYS A 340 -34.92 21.44 20.15
CA LYS A 340 -35.44 22.61 19.47
C LYS A 340 -36.14 22.26 18.17
N GLU A 341 -35.60 21.30 17.42
CA GLU A 341 -36.07 20.99 16.08
C GLU A 341 -36.79 19.65 16.09
N ALA A 342 -37.74 19.50 15.16
CA ALA A 342 -38.54 18.28 15.07
C ALA A 342 -37.98 17.28 14.08
N ALA A 343 -37.48 17.75 12.93
CA ALA A 343 -37.00 16.85 11.89
C ALA A 343 -35.75 17.42 11.25
N VAL A 344 -35.00 16.53 10.62
CA VAL A 344 -33.73 16.87 9.99
C VAL A 344 -33.66 16.23 8.62
N GLU A 345 -32.81 16.81 7.77
CA GLU A 345 -32.60 16.31 6.42
C GLU A 345 -31.30 15.53 6.36
N LEU A 346 -31.31 14.45 5.58
CA LEU A 346 -30.20 13.51 5.52
C LEU A 346 -29.82 13.26 4.07
N THR A 347 -28.52 13.10 3.84
CA THR A 347 -27.94 12.90 2.51
C THR A 347 -26.99 11.70 2.59
N GLU A 348 -27.48 10.54 2.18
CA GLU A 348 -26.70 9.30 2.18
C GLU A 348 -26.02 9.11 3.54
N GLN A 349 -24.69 9.25 3.60
CA GLN A 349 -23.94 9.17 4.86
C GLN A 349 -23.23 10.48 5.09
N GLY A 350 -23.46 11.06 6.27
CA GLY A 350 -22.90 12.36 6.60
C GLY A 350 -23.14 12.72 8.06
N SER A 351 -23.41 13.99 8.34
CA SER A 351 -23.61 14.44 9.71
C SER A 351 -24.75 15.44 9.75
N ALA A 352 -25.46 15.45 10.88
CA ALA A 352 -26.57 16.37 11.12
C ALA A 352 -26.47 16.94 12.52
N THR A 353 -27.06 18.11 12.73
CA THR A 353 -26.95 18.85 13.97
C THR A 353 -28.30 18.91 14.68
N ILE A 354 -28.30 18.61 15.97
CA ILE A 354 -29.50 18.64 16.81
C ILE A 354 -29.24 19.61 17.95
N HIS A 355 -30.17 20.54 18.13
CA HIS A 355 -30.16 21.48 19.26
C HIS A 355 -31.06 20.94 20.35
N PHE A 356 -30.69 21.19 21.60
CA PHE A 356 -31.48 20.71 22.73
C PHE A 356 -31.12 21.49 23.99
N SER A 357 -32.04 21.43 24.95
CA SER A 357 -31.83 21.95 26.30
C SER A 357 -31.93 20.79 27.27
N THR A 358 -31.18 20.87 28.37
CA THR A 358 -30.97 19.73 29.25
C THR A 358 -31.03 20.17 30.70
N ALA A 359 -31.34 19.21 31.57
CA ALA A 359 -31.30 19.39 33.01
C ALA A 359 -30.10 18.69 33.63
N ASN A 360 -29.74 17.51 33.13
CA ASN A 360 -28.66 16.73 33.73
C ASN A 360 -27.32 17.42 33.55
N ILE A 361 -26.53 17.45 34.63
CA ILE A 361 -25.15 17.92 34.53
C ILE A 361 -24.29 16.88 33.82
N HIS A 362 -24.59 15.60 34.00
CA HIS A 362 -23.93 14.49 33.31
C HIS A 362 -24.93 13.87 32.35
N PRO A 363 -25.26 14.55 31.25
CA PRO A 363 -26.36 14.10 30.41
C PRO A 363 -26.11 12.75 29.75
N GLU A 364 -27.19 12.01 29.58
CA GLU A 364 -27.20 10.79 28.79
C GLU A 364 -28.64 10.51 28.38
N PHE A 365 -28.87 10.37 27.07
CA PHE A 365 -30.22 10.20 26.58
C PHE A 365 -30.22 9.45 25.26
N ARG A 366 -31.33 8.74 25.00
CA ARG A 366 -31.53 8.02 23.75
C ARG A 366 -32.18 8.97 22.76
N LEU A 367 -31.41 9.40 21.76
CA LEU A 367 -31.93 10.22 20.67
C LEU A 367 -32.56 9.28 19.66
N GLN A 368 -33.88 9.30 19.58
CA GLN A 368 -34.60 8.51 18.59
C GLN A 368 -34.63 9.28 17.27
N ILE A 369 -34.19 8.63 16.21
CA ILE A 369 -34.07 9.29 14.91
C ILE A 369 -34.31 8.25 13.82
N CYS A 370 -35.33 8.53 12.99
CA CYS A 370 -35.52 7.86 11.69
C CYS A 370 -35.43 6.34 11.80
N THR A 371 -36.36 5.76 12.54
CA THR A 371 -36.45 4.30 12.68
C THR A 371 -35.14 3.75 13.26
N SER A 372 -34.59 4.48 14.22
CA SER A 372 -33.44 4.00 14.97
C SER A 372 -33.30 4.89 16.20
N TYR A 373 -32.28 4.60 17.00
CA TYR A 373 -31.97 5.47 18.13
C TYR A 373 -30.49 5.29 18.50
N VAL A 374 -29.90 6.39 18.97
CA VAL A 374 -28.48 6.45 19.29
C VAL A 374 -28.33 6.98 20.72
N THR A 375 -27.41 6.40 21.47
CA THR A 375 -27.22 6.74 22.87
C THR A 375 -26.24 7.89 22.97
N CYS A 376 -26.77 9.11 23.08
CA CYS A 376 -25.93 10.30 23.24
C CYS A 376 -25.54 10.43 24.71
N LYS A 377 -24.28 10.80 24.95
CA LYS A 377 -23.77 10.89 26.31
C LYS A 377 -22.63 11.90 26.33
N GLY A 378 -22.46 12.56 27.47
CA GLY A 378 -21.38 13.50 27.63
C GLY A 378 -21.44 14.19 28.97
N ASP A 379 -20.53 15.13 29.16
CA ASP A 379 -20.48 15.98 30.34
C ASP A 379 -20.82 17.40 29.92
N CYS A 380 -21.44 18.16 30.82
CA CYS A 380 -22.02 19.45 30.47
C CYS A 380 -21.60 20.50 31.50
N HIS A 381 -21.53 21.75 31.05
CA HIS A 381 -20.96 22.85 31.82
C HIS A 381 -22.05 23.85 32.22
N PRO A 382 -21.85 24.62 33.28
CA PRO A 382 -22.89 25.53 33.74
C PRO A 382 -23.07 26.69 32.78
N PRO A 383 -24.15 27.45 32.92
CA PRO A 383 -24.40 28.58 32.01
C PRO A 383 -23.68 29.84 32.45
N LYS A 384 -23.88 30.89 31.67
CA LYS A 384 -23.18 32.15 31.92
C LYS A 384 -23.91 32.99 32.96
N ASP A 385 -25.15 33.36 32.69
CA ASP A 385 -25.85 34.37 33.48
C ASP A 385 -26.69 33.72 34.57
N HIS A 386 -26.74 34.38 35.73
CA HIS A 386 -27.56 33.89 36.82
C HIS A 386 -29.04 33.96 36.48
N ILE A 387 -29.48 35.05 35.88
CA ILE A 387 -30.89 35.33 35.63
C ILE A 387 -31.09 35.50 34.13
N VAL A 388 -32.15 34.88 33.61
CA VAL A 388 -32.49 34.95 32.20
C VAL A 388 -33.91 35.48 32.07
N THR A 389 -34.24 35.93 30.86
CA THR A 389 -35.49 36.63 30.60
C THR A 389 -36.46 35.79 29.78
N HIS A 390 -36.55 34.49 30.07
CA HIS A 390 -37.49 33.60 29.42
C HIS A 390 -37.64 32.36 30.28
N PRO A 391 -38.72 31.61 30.13
CA PRO A 391 -38.94 30.48 31.02
C PRO A 391 -38.23 29.21 30.55
N GLN A 392 -38.25 28.23 31.44
CA GLN A 392 -37.53 26.98 31.21
C GLN A 392 -38.07 26.26 29.98
N TYR A 393 -37.17 25.63 29.23
CA TYR A 393 -37.54 24.80 28.08
C TYR A 393 -37.32 23.31 28.33
N HIS A 394 -36.54 22.96 29.35
CA HIS A 394 -36.14 21.58 29.61
C HIS A 394 -36.78 21.09 30.88
N ALA A 395 -37.29 19.86 30.84
CA ALA A 395 -38.01 19.29 31.97
C ALA A 395 -37.04 19.03 33.11
N GLN A 396 -37.34 19.59 34.28
CA GLN A 396 -36.48 19.40 35.44
C GLN A 396 -36.49 17.94 35.86
N THR A 397 -35.36 17.48 36.40
CA THR A 397 -35.22 16.09 36.83
C THR A 397 -34.36 16.05 38.08
N PHE A 398 -34.52 15.00 38.88
CA PHE A 398 -33.83 14.91 40.17
C PHE A 398 -32.32 14.80 39.98
N THR A 399 -31.87 14.06 38.97
CA THR A 399 -30.45 13.71 38.87
C THR A 399 -29.63 14.88 38.35
N ALA A 400 -28.75 15.40 39.22
CA ALA A 400 -27.74 16.38 38.81
C ALA A 400 -26.42 16.08 39.52
N ALA A 401 -26.03 14.81 39.55
CA ALA A 401 -24.96 14.34 40.41
C ALA A 401 -23.59 14.43 39.72
N VAL A 402 -22.56 14.07 40.48
CA VAL A 402 -21.18 14.08 39.99
C VAL A 402 -21.02 13.19 38.76
N TYR B 1 -40.79 -34.65 -16.84
CA TYR B 1 -40.61 -34.77 -15.36
C TYR B 1 -41.93 -34.54 -14.64
N GLU B 2 -42.29 -35.48 -13.78
CA GLU B 2 -43.55 -35.41 -13.04
C GLU B 2 -43.33 -34.70 -11.72
N HIS B 3 -44.11 -33.65 -11.47
CA HIS B 3 -44.09 -32.91 -10.22
C HIS B 3 -45.54 -32.69 -9.81
N ALA B 4 -45.78 -32.57 -8.50
CA ALA B 4 -47.14 -32.43 -8.01
C ALA B 4 -47.14 -31.59 -6.76
N THR B 5 -48.12 -30.67 -6.67
CA THR B 5 -48.20 -29.80 -5.51
C THR B 5 -49.62 -29.31 -5.34
N THR B 6 -50.12 -29.40 -4.12
CA THR B 6 -51.47 -28.94 -3.82
C THR B 6 -51.54 -27.43 -3.92
N MET B 7 -52.62 -26.92 -4.52
CA MET B 7 -52.84 -25.49 -4.68
C MET B 7 -54.10 -25.09 -3.93
N PRO B 8 -54.05 -24.18 -2.96
CA PRO B 8 -55.29 -23.81 -2.26
C PRO B 8 -56.33 -23.23 -3.20
N SER B 9 -57.56 -23.70 -3.07
CA SER B 9 -58.64 -23.35 -4.00
C SER B 9 -59.28 -22.00 -3.70
N GLN B 10 -58.48 -20.94 -3.61
CA GLN B 10 -58.98 -19.61 -3.35
C GLN B 10 -58.94 -18.78 -4.62
N ALA B 11 -60.01 -18.04 -4.87
CA ALA B 11 -60.13 -17.24 -6.09
C ALA B 11 -59.50 -15.87 -5.88
N GLY B 12 -58.58 -15.53 -6.79
CA GLY B 12 -57.93 -14.24 -6.75
C GLY B 12 -56.53 -14.28 -6.16
N ILE B 13 -56.26 -15.26 -5.31
CA ILE B 13 -54.96 -15.38 -4.66
C ILE B 13 -54.06 -16.23 -5.54
N SER B 14 -52.79 -15.85 -5.63
CA SER B 14 -51.84 -16.55 -6.48
C SER B 14 -51.13 -17.64 -5.69
N TYR B 15 -50.34 -18.44 -6.41
CA TYR B 15 -49.53 -19.50 -5.80
C TYR B 15 -48.30 -19.70 -6.66
N ASN B 16 -47.15 -19.88 -6.01
CA ASN B 16 -45.86 -20.00 -6.69
C ASN B 16 -45.10 -21.21 -6.16
N THR B 17 -44.20 -21.73 -6.98
CA THR B 17 -43.34 -22.85 -6.60
C THR B 17 -42.12 -22.82 -7.51
N ILE B 18 -41.06 -23.50 -7.09
CA ILE B 18 -39.85 -23.65 -7.87
C ILE B 18 -39.59 -25.14 -8.02
N VAL B 19 -39.35 -25.59 -9.25
CA VAL B 19 -38.93 -26.97 -9.47
C VAL B 19 -37.46 -26.97 -9.84
N ASN B 20 -36.70 -27.81 -9.15
CA ASN B 20 -35.25 -27.79 -9.20
C ASN B 20 -34.70 -29.21 -9.15
N ARG B 21 -33.46 -29.36 -9.61
CA ARG B 21 -32.76 -30.64 -9.52
C ARG B 21 -31.27 -30.36 -9.42
N ALA B 22 -30.52 -31.41 -9.07
CA ALA B 22 -29.13 -31.25 -8.63
C ALA B 22 -28.26 -30.56 -9.68
N GLY B 23 -28.64 -30.67 -10.95
CA GLY B 23 -27.84 -30.11 -12.03
C GLY B 23 -28.62 -29.22 -12.99
N TYR B 24 -29.83 -28.79 -12.60
CA TYR B 24 -30.67 -27.95 -13.44
C TYR B 24 -31.16 -26.76 -12.64
N ALA B 25 -31.15 -25.59 -13.29
CA ALA B 25 -31.44 -24.34 -12.64
C ALA B 25 -32.90 -24.28 -12.19
N PRO B 26 -33.23 -23.45 -11.21
CA PRO B 26 -34.62 -23.38 -10.76
C PRO B 26 -35.56 -22.90 -11.85
N LEU B 27 -36.61 -23.67 -12.11
CA LEU B 27 -37.65 -23.33 -13.06
C LEU B 27 -38.86 -22.88 -12.26
N PRO B 28 -39.23 -21.59 -12.31
CA PRO B 28 -40.41 -21.15 -11.55
C PRO B 28 -41.70 -21.62 -12.19
N ILE B 29 -42.71 -21.81 -11.35
CA ILE B 29 -44.05 -22.17 -11.78
C ILE B 29 -45.04 -21.34 -10.97
N SER B 30 -45.99 -20.70 -11.65
CA SER B 30 -46.97 -19.86 -10.99
C SER B 30 -48.37 -20.21 -11.48
N ILE B 31 -49.31 -20.20 -10.55
CA ILE B 31 -50.72 -20.48 -10.83
C ILE B 31 -51.55 -19.37 -10.22
N THR B 32 -52.66 -19.05 -10.87
CA THR B 32 -53.60 -18.04 -10.36
C THR B 32 -55.00 -18.42 -10.84
N PRO B 33 -55.83 -19.00 -9.97
CA PRO B 33 -57.23 -19.26 -10.37
C PRO B 33 -58.10 -18.02 -10.23
N THR B 34 -58.51 -17.45 -11.37
CA THR B 34 -59.29 -16.23 -11.31
C THR B 34 -60.77 -16.50 -11.05
N LYS B 35 -61.25 -17.70 -11.34
CA LYS B 35 -62.64 -18.04 -11.08
C LYS B 35 -62.79 -19.55 -11.08
N ILE B 36 -63.12 -20.11 -9.92
CA ILE B 36 -63.36 -21.53 -9.76
C ILE B 36 -64.87 -21.75 -9.77
N LYS B 37 -65.32 -22.60 -10.69
CA LYS B 37 -66.73 -22.79 -10.98
C LYS B 37 -67.16 -24.17 -10.49
N LEU B 38 -68.37 -24.26 -9.96
CA LEU B 38 -68.92 -25.49 -9.42
C LEU B 38 -70.28 -25.74 -10.08
N ILE B 39 -70.26 -26.39 -11.24
CA ILE B 39 -71.46 -26.68 -12.02
C ILE B 39 -71.98 -28.05 -11.59
N PRO B 40 -73.23 -28.18 -11.17
CA PRO B 40 -73.76 -29.51 -10.86
C PRO B 40 -74.49 -30.11 -12.06
N THR B 41 -74.48 -31.44 -12.12
CA THR B 41 -75.25 -32.15 -13.12
C THR B 41 -76.73 -32.08 -12.76
N VAL B 42 -77.54 -31.48 -13.63
CA VAL B 42 -78.89 -31.09 -13.28
C VAL B 42 -79.83 -31.46 -14.41
N ASN B 43 -81.05 -31.86 -14.04
CA ASN B 43 -82.13 -32.11 -14.98
C ASN B 43 -83.42 -31.49 -14.45
N LEU B 44 -84.31 -31.12 -15.36
CA LEU B 44 -85.53 -30.41 -15.00
C LEU B 44 -86.63 -31.40 -14.70
N GLU B 45 -87.21 -31.28 -13.49
CA GLU B 45 -88.38 -32.07 -13.14
C GLU B 45 -89.67 -31.40 -13.58
N TYR B 46 -89.86 -30.11 -13.29
CA TYR B 46 -91.02 -29.46 -13.87
C TYR B 46 -90.87 -27.94 -13.75
N VAL B 47 -91.90 -27.23 -14.20
CA VAL B 47 -92.00 -25.79 -14.07
C VAL B 47 -93.38 -25.46 -13.55
N THR B 48 -93.44 -24.52 -12.61
CA THR B 48 -94.68 -24.14 -11.97
C THR B 48 -94.83 -22.63 -12.02
N CYS B 49 -96.07 -22.17 -11.93
CA CYS B 49 -96.36 -20.75 -12.03
C CYS B 49 -97.75 -20.49 -11.46
N HIS B 50 -98.15 -19.23 -11.47
CA HIS B 50 -99.50 -18.88 -11.05
C HIS B 50 -100.52 -19.59 -11.93
N TYR B 51 -101.59 -20.08 -11.32
CA TYR B 51 -102.67 -20.64 -12.09
C TYR B 51 -103.66 -19.56 -12.51
N LYS B 52 -104.60 -19.94 -13.36
CA LYS B 52 -105.81 -19.17 -13.57
C LYS B 52 -106.96 -20.15 -13.76
N THR B 53 -108.09 -19.83 -13.14
CA THR B 53 -109.23 -20.73 -13.08
C THR B 53 -110.14 -20.42 -14.26
N GLY B 54 -109.93 -21.13 -15.35
CA GLY B 54 -110.85 -21.03 -16.47
C GLY B 54 -112.17 -21.67 -16.13
N MET B 55 -113.21 -21.31 -16.86
CA MET B 55 -114.53 -21.81 -16.54
C MET B 55 -115.45 -21.61 -17.73
N ASP B 56 -116.13 -22.69 -18.12
CA ASP B 56 -117.03 -22.62 -19.26
C ASP B 56 -118.22 -21.75 -18.89
N SER B 57 -118.77 -21.09 -19.89
CA SER B 57 -119.95 -20.28 -19.66
C SER B 57 -121.07 -21.18 -19.15
N PRO B 58 -121.88 -20.74 -18.18
CA PRO B 58 -122.96 -21.61 -17.71
C PRO B 58 -123.91 -21.96 -18.85
N ALA B 59 -124.29 -23.24 -18.91
CA ALA B 59 -125.28 -23.69 -19.87
C ALA B 59 -126.60 -23.83 -19.14
N ILE B 60 -127.56 -22.96 -19.51
CA ILE B 60 -128.82 -22.84 -18.80
C ILE B 60 -129.91 -23.42 -19.69
N LYS B 61 -130.67 -24.37 -19.17
CA LYS B 61 -131.82 -24.95 -19.85
C LYS B 61 -133.06 -24.58 -19.04
N CYS B 62 -134.04 -23.99 -19.71
CA CYS B 62 -135.23 -23.50 -19.05
C CYS B 62 -136.26 -24.61 -18.88
N CYS B 63 -136.50 -24.99 -17.62
CA CYS B 63 -137.28 -26.17 -17.25
C CYS B 63 -137.00 -27.35 -18.19
N GLY B 64 -135.74 -27.76 -18.15
CA GLY B 64 -135.33 -29.02 -18.74
C GLY B 64 -134.10 -29.51 -18.02
N SER B 65 -133.97 -30.83 -17.99
CA SER B 65 -132.85 -31.47 -17.29
C SER B 65 -131.59 -31.45 -18.13
N GLN B 66 -130.45 -31.44 -17.45
CA GLN B 66 -129.14 -31.50 -18.09
C GLN B 66 -128.31 -32.60 -17.44
N GLU B 67 -127.14 -32.84 -18.01
CA GLU B 67 -126.23 -33.88 -17.55
C GLU B 67 -124.83 -33.28 -17.39
N CYS B 68 -124.07 -33.85 -16.46
CA CYS B 68 -122.68 -33.42 -16.25
C CYS B 68 -121.80 -33.97 -17.35
N THR B 69 -121.81 -33.34 -18.52
CA THR B 69 -121.06 -33.83 -19.65
C THR B 69 -119.56 -33.74 -19.35
N PRO B 70 -118.82 -34.84 -19.34
CA PRO B 70 -117.42 -34.77 -18.90
C PRO B 70 -116.47 -34.44 -20.04
N THR B 71 -115.56 -33.51 -19.75
CA THR B 71 -114.33 -33.35 -20.53
C THR B 71 -113.17 -33.63 -19.58
N TYR B 72 -111.94 -33.50 -20.08
CA TYR B 72 -110.77 -34.04 -19.40
C TYR B 72 -109.70 -32.97 -19.18
N ARG B 73 -110.11 -31.81 -18.68
CA ARG B 73 -109.15 -30.74 -18.45
C ARG B 73 -108.63 -30.80 -17.01
N PRO B 74 -107.51 -30.14 -16.72
CA PRO B 74 -106.90 -30.26 -15.39
C PRO B 74 -107.82 -29.81 -14.26
N ASP B 75 -107.87 -30.62 -13.20
CA ASP B 75 -108.59 -30.30 -11.97
C ASP B 75 -110.02 -29.84 -12.28
N GLU B 76 -110.70 -30.55 -13.16
CA GLU B 76 -112.03 -30.14 -13.57
C GLU B 76 -113.03 -30.41 -12.46
N GLN B 77 -113.98 -29.48 -12.30
CA GLN B 77 -115.18 -29.69 -11.53
C GLN B 77 -116.37 -29.33 -12.39
N CYS B 78 -117.36 -30.22 -12.43
CA CYS B 78 -118.58 -30.00 -13.20
C CYS B 78 -119.77 -30.32 -12.32
N LYS B 79 -120.79 -29.46 -12.37
CA LYS B 79 -121.96 -29.68 -11.52
C LYS B 79 -123.19 -29.07 -12.17
N VAL B 80 -124.33 -29.71 -11.93
CA VAL B 80 -125.60 -29.35 -12.54
C VAL B 80 -126.50 -28.85 -11.42
N PHE B 81 -126.58 -27.53 -11.26
CA PHE B 81 -127.38 -26.92 -10.21
C PHE B 81 -128.81 -26.75 -10.72
N THR B 82 -129.77 -27.32 -9.99
CA THR B 82 -131.17 -27.23 -10.34
C THR B 82 -131.86 -26.14 -9.53
N GLY B 83 -133.10 -25.85 -9.90
CA GLY B 83 -133.86 -24.84 -9.20
C GLY B 83 -133.27 -23.45 -9.27
N VAL B 84 -132.81 -23.04 -10.44
CA VAL B 84 -132.22 -21.72 -10.65
C VAL B 84 -133.20 -20.87 -11.43
N TYR B 85 -133.02 -19.56 -11.35
CA TYR B 85 -133.85 -18.60 -12.09
C TYR B 85 -132.98 -17.40 -12.43
N PRO B 86 -132.13 -17.51 -13.45
CA PRO B 86 -131.15 -16.45 -13.70
C PRO B 86 -131.77 -15.21 -14.31
N PHE B 87 -131.08 -14.10 -14.11
CA PHE B 87 -131.46 -12.79 -14.63
C PHE B 87 -130.32 -12.24 -15.48
N MET B 88 -130.67 -11.61 -16.60
CA MET B 88 -129.73 -10.89 -17.45
C MET B 88 -130.14 -9.43 -17.49
N TRP B 89 -129.43 -8.65 -18.30
CA TRP B 89 -129.75 -7.23 -18.42
C TRP B 89 -131.15 -7.01 -18.98
N GLY B 90 -131.68 -7.98 -19.73
CA GLY B 90 -132.98 -7.87 -20.32
C GLY B 90 -134.11 -8.49 -19.53
N GLY B 91 -133.86 -8.98 -18.33
CA GLY B 91 -134.87 -9.59 -17.51
C GLY B 91 -134.62 -11.08 -17.31
N ALA B 92 -135.66 -11.76 -16.84
CA ALA B 92 -135.54 -13.17 -16.52
C ALA B 92 -135.22 -13.98 -17.76
N TYR B 93 -134.26 -14.90 -17.64
CA TYR B 93 -133.87 -15.73 -18.77
C TYR B 93 -134.94 -16.75 -19.11
N CYS B 94 -135.55 -17.37 -18.10
CA CYS B 94 -136.58 -18.38 -18.29
C CYS B 94 -137.92 -17.96 -17.70
N PHE B 95 -138.96 -18.66 -18.14
CA PHE B 95 -140.33 -18.43 -17.71
C PHE B 95 -140.80 -19.44 -16.68
N CYS B 96 -140.30 -20.67 -16.75
CA CYS B 96 -140.61 -21.65 -15.71
C CYS B 96 -139.93 -21.24 -14.41
N ASP B 97 -140.71 -21.16 -13.34
CA ASP B 97 -140.16 -20.72 -12.06
C ASP B 97 -139.22 -21.76 -11.48
N THR B 98 -139.62 -23.03 -11.52
CA THR B 98 -138.80 -24.14 -11.06
C THR B 98 -138.32 -24.99 -12.23
N GLU B 99 -137.57 -26.04 -11.91
CA GLU B 99 -137.10 -27.04 -12.87
C GLU B 99 -136.04 -26.53 -13.84
N ASN B 100 -135.71 -25.24 -13.81
CA ASN B 100 -134.64 -24.74 -14.66
C ASN B 100 -133.32 -25.23 -14.15
N THR B 101 -132.38 -25.45 -15.07
CA THR B 101 -131.12 -26.12 -14.77
C THR B 101 -129.97 -25.29 -15.29
N GLN B 102 -128.87 -25.27 -14.54
CA GLN B 102 -127.65 -24.59 -14.94
C GLN B 102 -126.48 -25.53 -14.71
N VAL B 103 -125.84 -25.97 -15.78
CA VAL B 103 -124.64 -26.79 -15.69
C VAL B 103 -123.44 -25.87 -15.83
N SER B 104 -122.54 -25.94 -14.84
CA SER B 104 -121.37 -25.10 -14.77
C SER B 104 -120.14 -25.95 -14.49
N LYS B 105 -119.03 -25.59 -15.14
CA LYS B 105 -117.79 -26.33 -14.92
C LYS B 105 -116.60 -25.39 -14.99
N ALA B 106 -115.61 -25.70 -14.15
CA ALA B 106 -114.42 -24.88 -13.99
C ALA B 106 -113.19 -25.79 -13.98
N TYR B 107 -112.05 -25.21 -14.34
CA TYR B 107 -110.80 -25.96 -14.49
C TYR B 107 -109.63 -25.02 -14.25
N VAL B 108 -108.45 -25.62 -14.08
CA VAL B 108 -107.21 -24.89 -13.84
C VAL B 108 -106.41 -24.89 -15.12
N MET B 109 -105.72 -23.77 -15.40
CA MET B 109 -104.79 -23.73 -16.51
C MET B 109 -103.66 -22.76 -16.18
N LYS B 110 -102.57 -22.87 -16.93
CA LYS B 110 -101.40 -22.06 -16.68
C LYS B 110 -101.71 -20.59 -16.89
N SER B 111 -101.09 -19.74 -16.08
CA SER B 111 -101.28 -18.30 -16.23
C SER B 111 -100.74 -17.84 -17.57
N ASP B 112 -101.33 -16.76 -18.09
CA ASP B 112 -100.89 -16.21 -19.35
C ASP B 112 -99.44 -15.77 -19.29
N ASP B 113 -98.95 -15.39 -18.10
CA ASP B 113 -97.59 -14.93 -17.92
C ASP B 113 -96.61 -16.06 -17.62
N CYS B 114 -97.07 -17.31 -17.61
CA CYS B 114 -96.19 -18.43 -17.24
C CYS B 114 -95.02 -18.59 -18.19
N LEU B 115 -95.13 -18.09 -19.42
CA LEU B 115 -94.04 -18.25 -20.38
C LEU B 115 -92.80 -17.45 -19.96
N ALA B 116 -92.97 -16.47 -19.07
CA ALA B 116 -91.87 -15.61 -18.64
C ALA B 116 -91.78 -15.44 -17.14
N ASP B 117 -92.78 -15.86 -16.37
CA ASP B 117 -92.80 -15.74 -14.91
C ASP B 117 -93.11 -17.11 -14.33
N HIS B 118 -92.08 -17.92 -14.10
CA HIS B 118 -92.26 -19.27 -13.63
C HIS B 118 -91.02 -19.70 -12.86
N ALA B 119 -91.19 -20.74 -12.05
CA ALA B 119 -90.10 -21.33 -11.29
C ALA B 119 -89.83 -22.74 -11.79
N GLU B 120 -88.55 -23.06 -11.94
CA GLU B 120 -88.10 -24.32 -12.51
C GLU B 120 -87.62 -25.22 -11.38
N ALA B 121 -88.33 -26.32 -11.17
CA ALA B 121 -87.98 -27.29 -10.14
C ALA B 121 -87.07 -28.35 -10.76
N TYR B 122 -85.83 -28.41 -10.26
CA TYR B 122 -84.76 -29.26 -10.77
C TYR B 122 -84.32 -30.28 -9.73
N LYS B 123 -83.63 -31.31 -10.19
CA LYS B 123 -82.84 -32.19 -9.34
C LYS B 123 -81.37 -32.09 -9.73
N ALA B 124 -80.50 -31.89 -8.74
CA ALA B 124 -79.06 -31.76 -8.95
C ALA B 124 -78.36 -32.99 -8.40
N HIS B 125 -77.57 -33.66 -9.23
CA HIS B 125 -77.04 -34.98 -8.90
C HIS B 125 -75.59 -34.94 -8.44
N THR B 126 -74.68 -34.48 -9.29
CA THR B 126 -73.24 -34.57 -9.03
C THR B 126 -72.57 -33.28 -9.49
N ALA B 127 -71.35 -33.07 -9.00
CA ALA B 127 -70.64 -31.82 -9.23
C ALA B 127 -69.61 -31.97 -10.35
N SER B 128 -69.40 -30.88 -11.07
CA SER B 128 -68.30 -30.74 -12.00
C SER B 128 -67.61 -29.40 -11.74
N VAL B 129 -66.30 -29.46 -11.50
CA VAL B 129 -65.52 -28.29 -11.11
C VAL B 129 -64.61 -27.92 -12.26
N GLN B 130 -64.77 -26.69 -12.76
CA GLN B 130 -63.92 -26.14 -13.80
C GLN B 130 -63.49 -24.75 -13.39
N ALA B 131 -62.21 -24.43 -13.63
CA ALA B 131 -61.63 -23.20 -13.14
C ALA B 131 -60.84 -22.51 -14.24
N PHE B 132 -60.96 -21.18 -14.29
CA PHE B 132 -60.16 -20.37 -15.20
C PHE B 132 -58.84 -20.06 -14.50
N LEU B 133 -57.74 -20.54 -15.09
CA LEU B 133 -56.43 -20.44 -14.39
C LEU B 133 -55.40 -19.72 -15.25
N ASN B 134 -54.45 -19.01 -14.61
CA ASN B 134 -53.33 -18.37 -15.33
C ASN B 134 -52.08 -19.16 -14.95
N ILE B 135 -51.47 -19.86 -15.89
CA ILE B 135 -50.33 -20.76 -15.52
C ILE B 135 -49.06 -20.32 -16.24
N THR B 136 -47.99 -20.08 -15.49
CA THR B 136 -46.71 -19.70 -16.07
C THR B 136 -45.66 -20.71 -15.64
N VAL B 137 -44.80 -21.10 -16.56
CA VAL B 137 -43.69 -22.00 -16.30
C VAL B 137 -42.49 -21.44 -17.05
N GLY B 138 -41.54 -20.86 -16.32
CA GLY B 138 -40.33 -20.35 -16.95
C GLY B 138 -40.60 -19.33 -18.03
N GLU B 139 -41.53 -18.41 -17.78
CA GLU B 139 -41.97 -17.36 -18.70
C GLU B 139 -42.77 -17.90 -19.88
N HIS B 140 -43.08 -19.20 -19.91
CA HIS B 140 -44.10 -19.70 -20.82
C HIS B 140 -45.45 -19.61 -20.12
N SER B 141 -46.27 -18.65 -20.53
CA SER B 141 -47.50 -18.32 -19.82
C SER B 141 -48.71 -18.68 -20.66
N ILE B 142 -49.79 -19.05 -19.98
CA ILE B 142 -51.04 -19.43 -20.62
C ILE B 142 -52.20 -19.05 -19.71
N VAL B 143 -53.33 -18.72 -20.33
CA VAL B 143 -54.59 -18.46 -19.64
C VAL B 143 -55.63 -19.38 -20.24
N THR B 144 -56.18 -20.28 -19.43
CA THR B 144 -57.00 -21.36 -19.93
C THR B 144 -58.16 -21.61 -18.99
N THR B 145 -59.02 -22.55 -19.40
CA THR B 145 -60.08 -23.08 -18.56
C THR B 145 -59.85 -24.57 -18.38
N VAL B 146 -59.45 -24.97 -17.19
CA VAL B 146 -59.12 -26.36 -16.89
C VAL B 146 -60.29 -27.01 -16.19
N TYR B 147 -60.68 -28.18 -16.67
CA TYR B 147 -61.73 -28.98 -16.04
C TYR B 147 -61.10 -29.75 -14.90
N VAL B 148 -61.52 -29.45 -13.68
CA VAL B 148 -60.89 -30.03 -12.49
C VAL B 148 -61.52 -31.40 -12.23
N ASN B 149 -60.98 -32.43 -12.88
CA ASN B 149 -61.41 -33.80 -12.66
C ASN B 149 -60.25 -34.79 -12.59
N GLY B 150 -59.02 -34.35 -12.79
CA GLY B 150 -57.87 -35.23 -12.83
C GLY B 150 -57.65 -35.91 -14.16
N GLU B 151 -58.61 -35.81 -15.09
CA GLU B 151 -58.48 -36.44 -16.40
C GLU B 151 -58.12 -35.42 -17.47
N THR B 152 -58.94 -34.40 -17.66
CA THR B 152 -58.80 -33.51 -18.81
C THR B 152 -57.52 -32.70 -18.67
N PRO B 153 -56.56 -32.84 -19.57
CA PRO B 153 -55.35 -32.02 -19.47
C PRO B 153 -55.47 -30.76 -20.31
N VAL B 154 -54.62 -29.79 -19.97
CA VAL B 154 -54.34 -28.64 -20.82
C VAL B 154 -52.84 -28.65 -21.12
N ASN B 155 -52.51 -28.78 -22.40
CA ASN B 155 -51.18 -29.22 -22.84
C ASN B 155 -50.40 -28.15 -23.60
N PHE B 156 -50.67 -26.87 -23.39
CA PHE B 156 -49.98 -25.85 -24.16
C PHE B 156 -48.48 -25.83 -23.84
N ASN B 157 -47.67 -25.74 -24.90
CA ASN B 157 -46.23 -25.55 -24.86
C ASN B 157 -45.48 -26.75 -24.28
N GLY B 158 -46.10 -27.92 -24.24
CA GLY B 158 -45.42 -29.16 -23.94
C GLY B 158 -45.55 -29.61 -22.49
N VAL B 159 -45.85 -28.71 -21.57
CA VAL B 159 -46.04 -29.05 -20.16
C VAL B 159 -47.50 -29.42 -19.98
N LYS B 160 -47.75 -30.59 -19.38
CA LYS B 160 -49.10 -31.14 -19.26
C LYS B 160 -49.61 -30.89 -17.85
N ILE B 161 -50.69 -30.13 -17.74
CA ILE B 161 -51.27 -29.74 -16.46
C ILE B 161 -52.50 -30.61 -16.24
N THR B 162 -52.60 -31.21 -15.06
CA THR B 162 -53.79 -31.98 -14.67
C THR B 162 -54.21 -31.54 -13.28
N ALA B 163 -55.41 -30.96 -13.19
CA ALA B 163 -55.95 -30.51 -11.91
C ALA B 163 -56.78 -31.64 -11.32
N GLY B 164 -56.23 -32.31 -10.30
CA GLY B 164 -56.87 -33.47 -9.72
C GLY B 164 -58.25 -33.17 -9.18
N PRO B 165 -58.96 -34.20 -8.72
CA PRO B 165 -60.30 -33.98 -8.17
C PRO B 165 -60.24 -33.05 -6.97
N LEU B 166 -61.27 -32.21 -6.85
CA LEU B 166 -61.35 -31.30 -5.71
C LEU B 166 -61.35 -32.13 -4.43
N SER B 167 -60.41 -31.82 -3.54
CA SER B 167 -60.05 -32.73 -2.45
C SER B 167 -61.23 -33.08 -1.56
N THR B 168 -62.08 -32.11 -1.22
CA THR B 168 -63.28 -32.33 -0.42
C THR B 168 -64.50 -32.08 -1.28
N ALA B 169 -64.97 -33.14 -1.94
CA ALA B 169 -66.15 -33.03 -2.79
C ALA B 169 -67.34 -32.55 -1.98
N TRP B 170 -67.94 -31.44 -2.44
CA TRP B 170 -68.94 -30.75 -1.66
C TRP B 170 -69.69 -29.79 -2.57
N THR B 171 -70.99 -29.66 -2.35
CA THR B 171 -71.83 -28.76 -3.13
C THR B 171 -72.77 -28.01 -2.22
N PRO B 172 -73.10 -26.74 -2.52
CA PRO B 172 -74.12 -26.05 -1.74
C PRO B 172 -75.53 -26.43 -2.15
N PHE B 173 -75.70 -27.07 -3.31
CA PHE B 173 -77.01 -27.51 -3.76
C PHE B 173 -77.33 -28.86 -3.15
N ASP B 174 -78.51 -28.97 -2.54
CA ASP B 174 -79.00 -30.27 -2.15
C ASP B 174 -79.42 -31.05 -3.40
N ARG B 175 -79.95 -32.25 -3.19
CA ARG B 175 -80.31 -33.11 -4.32
C ARG B 175 -81.41 -32.49 -5.18
N LYS B 176 -82.13 -31.50 -4.66
CA LYS B 176 -83.41 -31.09 -5.23
C LYS B 176 -83.59 -29.59 -5.01
N ILE B 177 -83.54 -28.81 -6.09
CA ILE B 177 -83.43 -27.36 -6.02
C ILE B 177 -84.50 -26.70 -6.89
N VAL B 178 -84.61 -25.38 -6.76
CA VAL B 178 -85.59 -24.58 -7.50
C VAL B 178 -84.91 -23.31 -7.98
N GLN B 179 -85.24 -22.90 -9.20
CA GLN B 179 -84.80 -21.64 -9.78
C GLN B 179 -85.98 -20.70 -9.93
N TYR B 180 -85.80 -19.45 -9.51
CA TYR B 180 -86.81 -18.42 -9.73
C TYR B 180 -86.17 -17.05 -9.76
N ALA B 181 -86.45 -16.30 -10.83
CA ALA B 181 -86.03 -14.91 -10.94
C ALA B 181 -84.53 -14.77 -10.76
N GLY B 182 -83.78 -15.70 -11.31
CA GLY B 182 -82.34 -15.66 -11.20
C GLY B 182 -81.80 -15.96 -9.82
N GLU B 183 -82.56 -16.66 -8.99
CA GLU B 183 -82.12 -17.07 -7.66
C GLU B 183 -82.39 -18.55 -7.48
N ILE B 184 -81.44 -19.22 -6.83
CA ILE B 184 -81.51 -20.66 -6.60
C ILE B 184 -81.83 -20.91 -5.14
N TYR B 185 -82.83 -21.75 -4.91
CA TYR B 185 -83.32 -22.08 -3.57
C TYR B 185 -83.22 -23.58 -3.35
N ASN B 186 -82.90 -23.96 -2.12
CA ASN B 186 -82.98 -25.34 -1.70
C ASN B 186 -84.38 -25.60 -1.14
N TYR B 187 -85.15 -26.45 -1.83
CA TYR B 187 -86.54 -26.66 -1.47
C TYR B 187 -86.92 -28.07 -1.88
N ASP B 188 -87.56 -28.81 -0.97
CA ASP B 188 -88.01 -30.18 -1.24
C ASP B 188 -89.41 -30.12 -1.85
N PHE B 189 -89.45 -29.70 -3.11
CA PHE B 189 -90.73 -29.56 -3.80
C PHE B 189 -91.34 -30.95 -4.03
N PRO B 190 -92.66 -31.05 -4.11
CA PRO B 190 -93.27 -32.37 -4.30
C PRO B 190 -92.87 -32.99 -5.63
N GLU B 191 -92.74 -34.32 -5.62
CA GLU B 191 -92.42 -35.05 -6.83
C GLU B 191 -93.52 -34.81 -7.87
N TYR B 192 -93.17 -34.96 -9.14
CA TYR B 192 -94.18 -34.79 -10.17
C TYR B 192 -95.29 -35.80 -9.92
N GLY B 193 -96.49 -35.28 -9.70
CA GLY B 193 -97.66 -36.08 -9.48
C GLY B 193 -98.09 -36.20 -8.04
N ALA B 194 -97.44 -35.46 -7.14
CA ALA B 194 -97.81 -35.41 -5.74
C ALA B 194 -98.11 -34.01 -5.25
N GLY B 195 -98.18 -33.02 -6.14
CA GLY B 195 -98.34 -31.65 -5.70
C GLY B 195 -99.63 -31.46 -4.92
N GLN B 196 -99.51 -30.86 -3.74
CA GLN B 196 -100.64 -30.63 -2.86
C GLN B 196 -101.11 -29.18 -2.94
N PRO B 197 -102.39 -28.90 -2.68
CA PRO B 197 -102.89 -27.54 -2.89
C PRO B 197 -102.29 -26.54 -1.90
N GLY B 198 -102.30 -25.28 -2.32
CA GLY B 198 -101.87 -24.20 -1.46
C GLY B 198 -100.39 -24.16 -1.16
N ALA B 199 -99.59 -24.95 -1.87
CA ALA B 199 -98.16 -25.01 -1.64
C ALA B 199 -97.46 -25.10 -3.00
N PHE B 200 -96.14 -24.93 -2.96
CA PHE B 200 -95.35 -24.95 -4.18
C PHE B 200 -95.57 -26.27 -4.91
N GLY B 201 -95.88 -26.17 -6.21
CA GLY B 201 -96.19 -27.33 -7.00
C GLY B 201 -97.66 -27.66 -7.12
N ASP B 202 -98.55 -26.72 -6.78
CA ASP B 202 -99.97 -26.99 -6.95
C ASP B 202 -100.32 -27.23 -8.41
N ILE B 203 -99.73 -26.46 -9.33
CA ILE B 203 -99.78 -26.74 -10.76
C ILE B 203 -98.36 -26.99 -11.23
N GLN B 204 -98.20 -27.94 -12.14
CA GLN B 204 -96.88 -28.37 -12.57
C GLN B 204 -96.94 -28.71 -14.05
N SER B 205 -95.83 -28.52 -14.76
CA SER B 205 -95.71 -29.02 -16.12
C SER B 205 -94.29 -29.47 -16.37
N ARG B 206 -94.15 -30.60 -17.08
CA ARG B 206 -92.83 -31.14 -17.40
C ARG B 206 -91.98 -30.15 -18.19
N THR B 207 -92.60 -29.24 -18.93
CA THR B 207 -91.88 -28.21 -19.65
C THR B 207 -92.80 -27.01 -19.80
N VAL B 208 -92.21 -25.85 -20.07
CA VAL B 208 -93.00 -24.63 -20.23
C VAL B 208 -94.00 -24.81 -21.37
N SER B 209 -93.59 -25.51 -22.43
CA SER B 209 -94.44 -25.76 -23.58
C SER B 209 -95.15 -27.11 -23.51
N SER B 210 -95.04 -27.84 -22.40
CA SER B 210 -95.61 -29.17 -22.34
C SER B 210 -97.13 -29.12 -22.41
N SER B 211 -97.71 -30.10 -23.11
CA SER B 211 -99.16 -30.13 -23.26
C SER B 211 -99.84 -30.52 -21.96
N ASP B 212 -99.27 -31.46 -21.22
CA ASP B 212 -99.90 -31.94 -19.99
C ASP B 212 -99.80 -30.88 -18.90
N LEU B 213 -100.76 -30.91 -17.98
CA LEU B 213 -100.78 -30.02 -16.83
C LEU B 213 -101.57 -30.66 -15.71
N TYR B 214 -100.86 -31.23 -14.74
CA TYR B 214 -101.46 -31.64 -13.49
C TYR B 214 -101.81 -30.44 -12.65
N ALA B 215 -102.99 -30.46 -12.05
CA ALA B 215 -103.45 -29.40 -11.19
C ALA B 215 -104.17 -30.01 -10.01
N ASN B 216 -103.80 -29.58 -8.81
CA ASN B 216 -104.49 -29.98 -7.58
C ASN B 216 -104.63 -28.71 -6.75
N THR B 217 -105.70 -27.97 -7.01
CA THR B 217 -105.97 -26.69 -6.38
C THR B 217 -107.18 -26.73 -5.46
N ASN B 218 -107.68 -27.92 -5.14
CA ASN B 218 -108.84 -28.06 -4.26
C ASN B 218 -110.05 -27.33 -4.81
N LEU B 219 -110.21 -27.38 -6.12
CA LEU B 219 -111.33 -26.69 -6.77
C LEU B 219 -112.64 -27.36 -6.39
N VAL B 220 -113.58 -26.58 -5.88
CA VAL B 220 -114.91 -27.07 -5.54
C VAL B 220 -115.92 -25.98 -5.87
N LEU B 221 -117.03 -26.38 -6.48
CA LEU B 221 -118.03 -25.41 -6.91
C LEU B 221 -119.07 -25.16 -5.83
N GLN B 222 -119.66 -23.98 -5.87
CA GLN B 222 -120.78 -23.60 -5.01
C GLN B 222 -121.95 -23.12 -5.86
N ARG B 223 -123.13 -23.28 -5.29
CA ARG B 223 -124.34 -22.93 -6.00
C ARG B 223 -124.39 -21.42 -6.23
N PRO B 224 -124.82 -20.97 -7.41
CA PRO B 224 -124.84 -19.52 -7.65
C PRO B 224 -125.98 -18.84 -6.91
N LYS B 225 -125.85 -17.52 -6.78
CA LYS B 225 -126.92 -16.74 -6.18
C LYS B 225 -128.16 -16.79 -7.06
N ALA B 226 -129.33 -16.75 -6.43
CA ALA B 226 -130.57 -16.68 -7.19
C ALA B 226 -130.61 -15.38 -7.99
N GLY B 227 -131.05 -15.48 -9.25
CA GLY B 227 -131.14 -14.30 -10.08
C GLY B 227 -129.82 -13.75 -10.54
N ALA B 228 -128.79 -14.60 -10.62
CA ALA B 228 -127.47 -14.18 -11.07
C ALA B 228 -126.86 -15.31 -11.87
N ILE B 229 -126.12 -14.97 -12.92
CA ILE B 229 -125.49 -15.94 -13.80
C ILE B 229 -123.98 -15.84 -13.62
N HIS B 230 -123.37 -16.89 -13.11
CA HIS B 230 -121.94 -16.96 -12.86
C HIS B 230 -121.60 -18.35 -12.36
N VAL B 231 -120.31 -18.60 -12.20
CA VAL B 231 -119.79 -19.91 -11.79
C VAL B 231 -119.02 -19.76 -10.48
N PRO B 232 -119.65 -19.89 -9.33
CA PRO B 232 -118.90 -19.76 -8.07
C PRO B 232 -117.86 -20.86 -7.92
N TYR B 233 -116.76 -20.53 -7.27
CA TYR B 233 -115.72 -21.52 -6.99
C TYR B 233 -114.85 -21.00 -5.86
N THR B 234 -114.53 -21.90 -4.93
CA THR B 234 -113.59 -21.65 -3.85
C THR B 234 -112.39 -22.54 -4.03
N GLN B 235 -111.21 -21.94 -4.01
CA GLN B 235 -110.00 -22.64 -4.41
C GLN B 235 -108.89 -22.26 -3.44
N ALA B 236 -107.97 -23.17 -3.22
CA ALA B 236 -106.84 -22.85 -2.37
C ALA B 236 -106.02 -21.75 -3.04
N PRO B 237 -105.56 -20.73 -2.30
CA PRO B 237 -104.77 -19.68 -2.94
C PRO B 237 -103.52 -20.26 -3.60
N SER B 238 -103.05 -19.57 -4.63
CA SER B 238 -101.98 -20.11 -5.47
C SER B 238 -100.74 -20.41 -4.64
N GLY B 239 -100.32 -21.67 -4.70
CA GLY B 239 -99.18 -22.09 -3.92
C GLY B 239 -97.90 -21.38 -4.32
N PHE B 240 -97.77 -21.03 -5.60
CA PHE B 240 -96.59 -20.32 -6.04
C PHE B 240 -96.51 -18.94 -5.40
N GLU B 241 -97.64 -18.24 -5.30
CA GLU B 241 -97.65 -16.96 -4.61
C GLU B 241 -97.28 -17.12 -3.14
N GLN B 242 -97.80 -18.16 -2.49
CA GLN B 242 -97.48 -18.37 -1.09
C GLN B 242 -96.00 -18.66 -0.91
N TRP B 243 -95.43 -19.45 -1.82
CA TRP B 243 -93.99 -19.71 -1.77
C TRP B 243 -93.20 -18.42 -1.95
N LYS B 244 -93.64 -17.56 -2.86
CA LYS B 244 -92.98 -16.26 -3.02
C LYS B 244 -93.06 -15.43 -1.75
N LYS B 245 -94.22 -15.41 -1.10
CA LYS B 245 -94.37 -14.65 0.13
C LYS B 245 -93.51 -15.24 1.25
N ASP B 246 -93.48 -16.56 1.35
CA ASP B 246 -92.79 -17.27 2.43
C ASP B 246 -91.68 -18.12 1.83
N LYS B 247 -90.47 -17.54 1.77
CA LYS B 247 -89.29 -18.25 1.33
C LYS B 247 -88.07 -17.64 1.98
N ALA B 248 -87.12 -18.49 2.36
CA ALA B 248 -85.88 -18.02 2.92
C ALA B 248 -85.04 -17.35 1.84
N PRO B 249 -84.04 -16.56 2.24
CA PRO B 249 -83.15 -15.97 1.23
C PRO B 249 -82.46 -17.04 0.40
N SER B 250 -82.21 -16.72 -0.86
CA SER B 250 -81.63 -17.65 -1.81
C SER B 250 -80.28 -18.16 -1.36
N LEU B 251 -79.74 -19.16 -2.06
CA LEU B 251 -78.42 -19.68 -1.70
C LEU B 251 -77.34 -18.63 -1.88
N LYS B 252 -77.59 -17.61 -2.71
CA LYS B 252 -76.58 -16.57 -2.90
C LYS B 252 -76.37 -15.74 -1.63
N PHE B 253 -77.28 -15.83 -0.66
CA PHE B 253 -77.12 -15.17 0.63
C PHE B 253 -77.10 -16.14 1.80
N THR B 254 -77.06 -17.44 1.56
CA THR B 254 -77.00 -18.44 2.63
C THR B 254 -76.05 -19.59 2.37
N ALA B 255 -75.38 -19.63 1.22
CA ALA B 255 -74.56 -20.79 0.89
C ALA B 255 -73.34 -20.85 1.81
N PRO B 256 -72.88 -22.04 2.20
CA PRO B 256 -71.65 -22.12 2.99
C PRO B 256 -70.42 -21.79 2.14
N PHE B 257 -69.33 -21.50 2.83
CA PHE B 257 -68.03 -21.24 2.23
C PHE B 257 -68.03 -20.01 1.32
N GLY B 258 -69.01 -19.12 1.49
CA GLY B 258 -68.98 -17.86 0.77
C GLY B 258 -69.21 -17.97 -0.72
N CYS B 259 -69.86 -19.03 -1.17
CA CYS B 259 -70.04 -19.23 -2.61
C CYS B 259 -71.00 -18.19 -3.18
N GLU B 260 -70.66 -17.69 -4.36
CA GLU B 260 -71.61 -16.91 -5.16
C GLU B 260 -72.42 -17.88 -6.01
N ILE B 261 -73.67 -17.50 -6.32
CA ILE B 261 -74.60 -18.38 -7.00
C ILE B 261 -75.08 -17.69 -8.27
N TYR B 262 -75.08 -18.44 -9.38
CA TYR B 262 -75.54 -17.93 -10.67
C TYR B 262 -76.39 -18.99 -11.35
N THR B 263 -77.18 -18.56 -12.33
CA THR B 263 -78.33 -19.33 -12.78
C THR B 263 -78.30 -19.81 -14.21
N ASN B 264 -77.30 -19.44 -15.01
CA ASN B 264 -77.24 -19.84 -16.41
C ASN B 264 -75.79 -20.02 -16.82
N PRO B 265 -75.23 -21.23 -16.65
CA PRO B 265 -75.81 -22.45 -16.05
C PRO B 265 -76.05 -22.29 -14.56
N ILE B 266 -76.85 -23.18 -13.98
CA ILE B 266 -76.95 -23.23 -12.53
C ILE B 266 -75.57 -23.58 -12.01
N ARG B 267 -75.05 -22.77 -11.10
CA ARG B 267 -73.67 -22.98 -10.66
C ARG B 267 -73.37 -22.16 -9.42
N ALA B 268 -72.30 -22.56 -8.75
CA ALA B 268 -71.70 -21.80 -7.67
C ALA B 268 -70.25 -21.51 -8.02
N GLU B 269 -69.81 -20.29 -7.72
CA GLU B 269 -68.46 -19.84 -8.04
C GLU B 269 -67.77 -19.30 -6.79
N ASN B 270 -66.44 -19.35 -6.84
CA ASN B 270 -65.57 -18.79 -5.81
C ASN B 270 -65.85 -19.40 -4.44
N CYS B 271 -66.02 -20.72 -4.41
CA CYS B 271 -66.14 -21.42 -3.14
C CYS B 271 -64.75 -21.64 -2.55
N ALA B 272 -64.46 -20.97 -1.44
CA ALA B 272 -63.18 -21.14 -0.76
C ALA B 272 -63.18 -22.45 0.00
N VAL B 273 -63.20 -23.57 -0.73
CA VAL B 273 -63.35 -24.90 -0.15
C VAL B 273 -62.21 -25.77 -0.64
N GLY B 274 -61.56 -26.47 0.29
CA GLY B 274 -60.60 -27.49 -0.06
C GLY B 274 -59.40 -26.96 -0.83
N SER B 275 -58.84 -27.84 -1.65
CA SER B 275 -57.65 -27.54 -2.43
C SER B 275 -57.66 -28.38 -3.70
N ILE B 276 -56.89 -27.96 -4.70
CA ILE B 276 -56.82 -28.60 -6.00
C ILE B 276 -55.47 -29.31 -6.08
N PRO B 277 -55.43 -30.66 -6.23
CA PRO B 277 -54.12 -31.32 -6.36
C PRO B 277 -53.56 -31.21 -7.77
N LEU B 278 -52.88 -30.13 -8.07
CA LEU B 278 -52.29 -29.96 -9.39
C LEU B 278 -51.09 -30.88 -9.58
N ALA B 279 -51.00 -31.45 -10.77
CA ALA B 279 -49.86 -32.26 -11.19
C ALA B 279 -49.37 -31.76 -12.54
N PHE B 280 -48.07 -31.48 -12.61
CA PHE B 280 -47.45 -30.85 -13.77
C PHE B 280 -46.42 -31.82 -14.33
N ASP B 281 -46.58 -32.20 -15.60
CA ASP B 281 -45.60 -33.01 -16.32
C ASP B 281 -44.80 -32.04 -17.18
N ILE B 282 -43.63 -31.66 -16.66
CA ILE B 282 -42.78 -30.66 -17.31
C ILE B 282 -41.85 -31.39 -18.27
N PRO B 283 -41.74 -30.97 -19.53
CA PRO B 283 -40.86 -31.68 -20.46
C PRO B 283 -39.40 -31.56 -20.04
N ASP B 284 -38.62 -32.58 -20.39
CA ASP B 284 -37.20 -32.55 -20.07
C ASP B 284 -36.46 -31.46 -20.84
N ALA B 285 -37.00 -31.01 -21.96
CA ALA B 285 -36.32 -30.01 -22.78
C ALA B 285 -36.43 -28.60 -22.22
N LEU B 286 -37.43 -28.33 -21.37
CA LEU B 286 -37.63 -26.98 -20.85
C LEU B 286 -36.70 -26.66 -19.69
N PHE B 287 -36.06 -27.65 -19.09
CA PHE B 287 -35.13 -27.39 -17.99
C PHE B 287 -33.84 -26.77 -18.53
N THR B 288 -33.22 -25.92 -17.71
CA THR B 288 -31.98 -25.25 -18.05
C THR B 288 -30.94 -25.55 -16.98
N ARG B 289 -29.69 -25.70 -17.41
CA ARG B 289 -28.63 -26.09 -16.49
C ARG B 289 -28.36 -24.99 -15.47
N VAL B 290 -27.85 -25.39 -14.30
CA VAL B 290 -27.48 -24.43 -13.27
C VAL B 290 -26.39 -23.50 -13.77
N SER B 291 -25.47 -24.02 -14.59
CA SER B 291 -24.34 -23.21 -15.05
C SER B 291 -24.80 -22.00 -15.85
N GLU B 292 -25.80 -22.18 -16.71
CA GLU B 292 -26.23 -21.08 -17.56
C GLU B 292 -26.85 -19.95 -16.74
N THR B 293 -27.75 -20.28 -15.82
CA THR B 293 -28.52 -19.25 -15.15
C THR B 293 -27.64 -18.46 -14.18
N PRO B 294 -28.07 -17.25 -13.78
CA PRO B 294 -27.29 -16.49 -12.79
C PRO B 294 -27.09 -17.26 -11.49
N THR B 295 -25.84 -17.36 -11.04
CA THR B 295 -25.50 -18.11 -9.84
C THR B 295 -25.16 -17.13 -8.73
N LEU B 296 -25.78 -17.31 -7.57
CA LEU B 296 -25.62 -16.41 -6.45
C LEU B 296 -24.61 -16.96 -5.46
N SER B 297 -23.75 -16.07 -4.95
CA SER B 297 -22.72 -16.43 -3.98
C SER B 297 -22.67 -15.39 -2.87
N ALA B 298 -22.58 -15.88 -1.64
CA ALA B 298 -22.34 -15.03 -0.46
C ALA B 298 -23.46 -14.01 -0.28
N ALA B 299 -24.68 -14.50 -0.09
CA ALA B 299 -25.82 -13.61 0.12
C ALA B 299 -26.11 -13.42 1.61
N GLU B 300 -26.70 -12.27 1.93
CA GLU B 300 -27.13 -11.97 3.29
C GLU B 300 -28.53 -11.40 3.23
N CYS B 301 -29.33 -11.66 4.26
CA CYS B 301 -30.73 -11.25 4.30
C CYS B 301 -31.02 -10.45 5.56
N THR B 302 -31.93 -9.49 5.45
CA THR B 302 -32.35 -8.74 6.63
C THR B 302 -33.74 -8.17 6.40
N LEU B 303 -34.60 -8.34 7.41
CA LEU B 303 -35.96 -7.83 7.37
C LEU B 303 -35.93 -6.34 7.75
N ASN B 304 -35.82 -5.49 6.73
CA ASN B 304 -35.83 -4.06 6.97
C ASN B 304 -37.18 -3.57 7.45
N GLU B 305 -38.24 -4.37 7.31
CA GLU B 305 -39.54 -4.01 7.85
C GLU B 305 -40.40 -5.27 7.91
N CYS B 306 -41.21 -5.38 8.96
CA CYS B 306 -42.15 -6.49 9.08
C CYS B 306 -43.42 -5.99 9.75
N VAL B 307 -44.54 -6.17 9.07
CA VAL B 307 -45.86 -5.95 9.65
C VAL B 307 -46.64 -7.26 9.48
N TYR B 308 -46.85 -7.94 10.58
CA TYR B 308 -47.64 -9.18 10.56
C TYR B 308 -49.07 -8.83 10.15
N SER B 309 -49.42 -9.10 8.90
CA SER B 309 -50.67 -8.63 8.34
C SER B 309 -51.13 -9.58 7.26
N SER B 310 -52.40 -9.46 6.90
CA SER B 310 -52.96 -10.30 5.85
C SER B 310 -52.27 -10.06 4.52
N ASP B 311 -52.02 -8.81 4.17
CA ASP B 311 -51.36 -8.45 2.93
C ASP B 311 -49.84 -8.57 3.11
N PHE B 312 -49.10 -8.26 2.05
CA PHE B 312 -47.64 -8.36 2.08
C PHE B 312 -47.04 -7.17 2.82
N GLY B 313 -47.22 -7.19 4.15
CA GLY B 313 -46.69 -6.15 5.00
C GLY B 313 -45.23 -6.31 5.36
N GLY B 314 -44.59 -7.38 4.90
CA GLY B 314 -43.21 -7.67 5.26
C GLY B 314 -42.27 -7.37 4.10
N ILE B 315 -41.17 -6.72 4.43
CA ILE B 315 -40.17 -6.31 3.45
C ILE B 315 -38.83 -6.88 3.91
N ALA B 316 -38.06 -7.41 2.96
CA ALA B 316 -36.73 -7.92 3.28
C ALA B 316 -35.77 -7.60 2.16
N THR B 317 -34.60 -7.12 2.53
CA THR B 317 -33.54 -6.88 1.56
C THR B 317 -32.54 -8.02 1.60
N VAL B 318 -32.16 -8.46 0.40
CA VAL B 318 -31.11 -9.46 0.22
C VAL B 318 -29.94 -8.76 -0.45
N LYS B 319 -28.82 -8.71 0.26
CA LYS B 319 -27.55 -8.33 -0.35
C LYS B 319 -26.97 -9.54 -1.05
N TYR B 320 -26.61 -9.35 -2.32
CA TYR B 320 -26.19 -10.43 -3.18
C TYR B 320 -24.85 -10.09 -3.81
N SER B 321 -24.11 -11.14 -4.16
CA SER B 321 -22.89 -11.04 -4.95
C SER B 321 -23.01 -12.07 -6.07
N ALA B 322 -23.59 -11.68 -7.19
CA ALA B 322 -23.91 -12.61 -8.26
C ALA B 322 -22.70 -12.85 -9.15
N SER B 323 -22.70 -14.02 -9.79
CA SER B 323 -21.67 -14.36 -10.77
C SER B 323 -21.87 -13.66 -12.11
N LYS B 324 -23.12 -13.37 -12.48
CA LYS B 324 -23.40 -12.59 -13.68
C LYS B 324 -24.80 -12.01 -13.56
N SER B 325 -24.94 -10.78 -14.03
CA SER B 325 -26.20 -10.06 -13.90
C SER B 325 -27.27 -10.72 -14.76
N GLY B 326 -28.51 -10.52 -14.36
CA GLY B 326 -29.64 -11.06 -15.09
C GLY B 326 -30.89 -11.10 -14.21
N LYS B 327 -31.64 -12.20 -14.32
CA LYS B 327 -32.89 -12.38 -13.61
C LYS B 327 -32.97 -13.82 -13.12
N CYS B 328 -33.60 -14.01 -11.95
CA CYS B 328 -33.80 -15.37 -11.45
C CYS B 328 -34.80 -15.35 -10.31
N ALA B 329 -35.30 -16.53 -9.98
CA ALA B 329 -36.49 -16.67 -9.15
C ALA B 329 -36.15 -16.56 -7.67
N VAL B 330 -37.20 -16.46 -6.85
CA VAL B 330 -37.09 -16.39 -5.40
C VAL B 330 -38.33 -17.05 -4.80
N HIS B 331 -38.14 -17.76 -3.69
CA HIS B 331 -39.19 -18.56 -3.10
C HIS B 331 -38.89 -18.77 -1.63
N VAL B 332 -39.86 -19.33 -0.90
CA VAL B 332 -39.66 -19.75 0.48
C VAL B 332 -40.16 -21.19 0.63
N PRO B 333 -39.27 -22.19 0.72
CA PRO B 333 -39.73 -23.57 0.91
C PRO B 333 -40.31 -23.82 2.30
N SER B 334 -41.38 -23.11 2.64
CA SER B 334 -42.06 -23.31 3.92
C SER B 334 -43.34 -22.47 3.91
N GLY B 335 -44.27 -22.85 4.77
CA GLY B 335 -45.51 -22.12 4.89
C GLY B 335 -45.42 -20.88 5.75
N THR B 336 -44.24 -20.57 6.27
CA THR B 336 -44.10 -19.42 7.17
C THR B 336 -44.33 -18.10 6.46
N ALA B 337 -43.82 -17.96 5.23
CA ALA B 337 -43.92 -16.70 4.51
C ALA B 337 -44.31 -16.96 3.06
N THR B 338 -45.19 -16.12 2.54
CA THR B 338 -45.62 -16.17 1.16
C THR B 338 -45.22 -14.89 0.45
N LEU B 339 -44.51 -15.03 -0.67
CA LEU B 339 -43.91 -13.90 -1.35
C LEU B 339 -44.86 -13.29 -2.37
N LYS B 340 -44.79 -11.97 -2.51
CA LYS B 340 -45.56 -11.28 -3.54
C LYS B 340 -45.00 -11.51 -4.92
N GLU B 341 -43.67 -11.52 -5.06
CA GLU B 341 -43.01 -11.55 -6.35
C GLU B 341 -42.38 -12.91 -6.58
N ALA B 342 -42.26 -13.30 -7.85
CA ALA B 342 -41.70 -14.59 -8.20
C ALA B 342 -40.22 -14.54 -8.51
N ALA B 343 -39.76 -13.49 -9.20
CA ALA B 343 -38.37 -13.40 -9.62
C ALA B 343 -37.88 -11.97 -9.47
N VAL B 344 -36.57 -11.83 -9.38
CA VAL B 344 -35.92 -10.55 -9.18
C VAL B 344 -34.73 -10.44 -10.13
N GLU B 345 -34.34 -9.19 -10.39
CA GLU B 345 -33.22 -8.88 -11.26
C GLU B 345 -32.00 -8.52 -10.43
N LEU B 346 -30.84 -8.96 -10.89
CA LEU B 346 -29.59 -8.85 -10.15
C LEU B 346 -28.51 -8.24 -11.03
N THR B 347 -27.68 -7.41 -10.42
CA THR B 347 -26.60 -6.69 -11.10
C THR B 347 -25.32 -6.88 -10.30
N GLU B 348 -24.50 -7.83 -10.73
CA GLU B 348 -23.22 -8.14 -10.09
C GLU B 348 -23.42 -8.31 -8.59
N GLN B 349 -22.93 -7.37 -7.78
CA GLN B 349 -23.13 -7.40 -6.33
C GLN B 349 -23.88 -6.14 -5.91
N GLY B 350 -24.98 -6.33 -5.21
CA GLY B 350 -25.83 -5.23 -4.81
C GLY B 350 -26.92 -5.67 -3.86
N SER B 351 -28.11 -5.10 -3.97
CA SER B 351 -29.21 -5.44 -3.07
C SER B 351 -30.51 -5.53 -3.86
N ALA B 352 -31.41 -6.39 -3.38
CA ALA B 352 -32.71 -6.59 -3.99
C ALA B 352 -33.77 -6.66 -2.89
N THR B 353 -35.01 -6.36 -3.27
CA THR B 353 -36.11 -6.24 -2.32
C THR B 353 -37.14 -7.34 -2.56
N ILE B 354 -37.56 -8.01 -1.49
CA ILE B 354 -38.55 -9.07 -1.54
C ILE B 354 -39.70 -8.67 -0.63
N HIS B 355 -40.91 -8.73 -1.17
CA HIS B 355 -42.13 -8.51 -0.42
C HIS B 355 -42.70 -9.86 0.00
N PHE B 356 -43.33 -9.90 1.18
CA PHE B 356 -43.90 -11.14 1.67
C PHE B 356 -44.92 -10.85 2.76
N SER B 357 -45.78 -11.83 3.00
CA SER B 357 -46.72 -11.84 4.12
C SER B 357 -46.40 -13.03 4.99
N THR B 358 -46.64 -12.87 6.30
CA THR B 358 -46.14 -13.81 7.29
C THR B 358 -47.19 -14.08 8.35
N ALA B 359 -47.06 -15.25 8.99
CA ALA B 359 -47.88 -15.62 10.13
C ALA B 359 -47.11 -15.52 11.44
N ASN B 360 -45.83 -15.89 11.42
CA ASN B 360 -45.05 -15.92 12.65
C ASN B 360 -44.82 -14.52 13.20
N ILE B 361 -44.99 -14.38 14.52
CA ILE B 361 -44.64 -13.13 15.19
C ILE B 361 -43.13 -12.98 15.28
N HIS B 362 -42.42 -14.10 15.44
CA HIS B 362 -40.96 -14.15 15.45
C HIS B 362 -40.51 -14.87 14.19
N PRO B 363 -40.62 -14.23 13.03
CA PRO B 363 -40.40 -14.96 11.77
C PRO B 363 -38.98 -15.45 11.60
N GLU B 364 -38.85 -16.59 10.95
CA GLU B 364 -37.57 -17.12 10.49
C GLU B 364 -37.85 -18.09 9.35
N PHE B 365 -37.22 -17.87 8.20
CA PHE B 365 -37.49 -18.68 7.04
C PHE B 365 -36.29 -18.71 6.11
N ARG B 366 -36.17 -19.80 5.36
CA ARG B 366 -35.12 -19.96 4.36
C ARG B 366 -35.64 -19.40 3.04
N LEU B 367 -35.11 -18.25 2.64
CA LEU B 367 -35.42 -17.64 1.35
C LEU B 367 -34.53 -18.32 0.31
N GLN B 368 -35.12 -19.14 -0.54
CA GLN B 368 -34.41 -19.78 -1.63
C GLN B 368 -34.34 -18.81 -2.80
N ILE B 369 -33.13 -18.57 -3.30
CA ILE B 369 -32.92 -17.59 -4.35
C ILE B 369 -31.75 -18.03 -5.21
N CYS B 370 -32.02 -18.21 -6.50
CA CYS B 370 -30.99 -18.32 -7.55
C CYS B 370 -29.88 -19.30 -7.18
N THR B 371 -30.24 -20.56 -7.05
CA THR B 371 -29.30 -21.64 -6.77
C THR B 371 -28.55 -21.35 -5.46
N SER B 372 -29.30 -20.86 -4.48
CA SER B 372 -28.78 -20.70 -3.13
C SER B 372 -29.96 -20.46 -2.21
N TYR B 373 -29.67 -20.28 -0.93
CA TYR B 373 -30.70 -19.91 0.02
C TYR B 373 -30.07 -19.20 1.20
N VAL B 374 -30.81 -18.25 1.78
CA VAL B 374 -30.35 -17.40 2.85
C VAL B 374 -31.36 -17.46 3.99
N THR B 375 -30.86 -17.52 5.22
CA THR B 375 -31.72 -17.67 6.39
C THR B 375 -32.15 -16.30 6.87
N CYS B 376 -33.35 -15.87 6.47
CA CYS B 376 -33.90 -14.60 6.91
C CYS B 376 -34.53 -14.80 8.28
N LYS B 377 -34.33 -13.82 9.17
CA LYS B 377 -34.81 -13.90 10.53
C LYS B 377 -35.03 -12.49 11.07
N GLY B 378 -35.99 -12.37 11.98
CA GLY B 378 -36.25 -11.09 12.60
C GLY B 378 -37.44 -11.15 13.53
N ASP B 379 -37.79 -9.99 14.07
CA ASP B 379 -38.97 -9.83 14.91
C ASP B 379 -39.97 -8.96 14.17
N CYS B 380 -41.26 -9.19 14.40
CA CYS B 380 -42.31 -8.59 13.59
C CYS B 380 -43.38 -7.99 14.49
N HIS B 381 -44.05 -6.95 13.99
CA HIS B 381 -44.95 -6.12 14.77
C HIS B 381 -46.40 -6.32 14.30
N PRO B 382 -47.38 -6.06 15.15
CA PRO B 382 -48.77 -6.31 14.74
C PRO B 382 -49.24 -5.30 13.71
N PRO B 383 -50.37 -5.56 13.07
CA PRO B 383 -50.87 -4.65 12.04
C PRO B 383 -51.67 -3.50 12.62
N LYS B 384 -52.16 -2.65 11.71
CA LYS B 384 -52.87 -1.45 12.15
C LYS B 384 -54.34 -1.75 12.42
N ASP B 385 -55.06 -2.21 11.42
CA ASP B 385 -56.52 -2.29 11.46
C ASP B 385 -56.97 -3.65 11.95
N HIS B 386 -58.06 -3.67 12.73
CA HIS B 386 -58.61 -4.93 13.19
C HIS B 386 -59.19 -5.73 12.04
N ILE B 387 -59.90 -5.07 11.13
CA ILE B 387 -60.66 -5.73 10.07
C ILE B 387 -60.15 -5.21 8.73
N VAL B 388 -59.93 -6.11 7.78
CA VAL B 388 -59.45 -5.79 6.45
C VAL B 388 -60.45 -6.31 5.43
N THR B 389 -60.34 -5.80 4.21
CA THR B 389 -61.32 -6.06 3.16
C THR B 389 -60.76 -6.96 2.07
N HIS B 390 -59.99 -7.98 2.44
CA HIS B 390 -59.46 -8.95 1.50
C HIS B 390 -59.05 -10.17 2.29
N PRO B 391 -58.93 -11.33 1.64
CA PRO B 391 -58.64 -12.55 2.37
C PRO B 391 -57.15 -12.76 2.62
N GLN B 392 -56.87 -13.73 3.46
CA GLN B 392 -55.50 -14.02 3.89
C GLN B 392 -54.63 -14.40 2.70
N TYR B 393 -53.37 -13.95 2.72
CA TYR B 393 -52.38 -14.32 1.73
C TYR B 393 -51.31 -15.26 2.28
N HIS B 394 -51.18 -15.35 3.60
CA HIS B 394 -50.11 -16.10 4.24
C HIS B 394 -50.68 -17.32 4.95
N ALA B 395 -49.99 -18.45 4.81
CA ALA B 395 -50.47 -19.71 5.36
C ALA B 395 -50.37 -19.66 6.88
N GLN B 396 -51.50 -19.90 7.54
CA GLN B 396 -51.52 -19.88 8.99
C GLN B 396 -50.66 -21.02 9.55
N THR B 397 -50.06 -20.78 10.70
CA THR B 397 -49.19 -21.76 11.34
C THR B 397 -49.36 -21.67 12.85
N PHE B 398 -49.06 -22.78 13.54
CA PHE B 398 -49.29 -22.84 14.98
C PHE B 398 -48.41 -21.86 15.74
N THR B 399 -47.16 -21.69 15.32
CA THR B 399 -46.19 -20.97 16.12
C THR B 399 -46.42 -19.46 16.03
N ALA B 400 -46.79 -18.84 17.15
CA ALA B 400 -46.83 -17.39 17.29
C ALA B 400 -46.35 -16.98 18.67
N ALA B 401 -45.24 -17.57 19.12
CA ALA B 401 -44.81 -17.50 20.50
C ALA B 401 -43.90 -16.30 20.75
N VAL B 402 -43.51 -16.13 22.01
CA VAL B 402 -42.63 -15.04 22.43
C VAL B 402 -41.30 -15.08 21.69
N TYR C 1 12.21 -39.86 -27.41
CA TYR C 1 11.68 -40.35 -26.12
C TYR C 1 10.53 -41.32 -26.35
N GLU C 2 10.63 -42.49 -25.73
CA GLU C 2 9.61 -43.53 -25.90
C GLU C 2 8.58 -43.40 -24.79
N HIS C 3 7.31 -43.29 -25.19
CA HIS C 3 6.18 -43.24 -24.28
C HIS C 3 5.13 -44.19 -24.82
N ALA C 4 4.30 -44.74 -23.94
CA ALA C 4 3.29 -45.71 -24.36
C ALA C 4 2.07 -45.60 -23.48
N THR C 5 0.89 -45.67 -24.10
CA THR C 5 -0.35 -45.54 -23.33
C THR C 5 -1.47 -46.22 -24.11
N THR C 6 -2.23 -47.05 -23.40
CA THR C 6 -3.37 -47.72 -24.01
C THR C 6 -4.46 -46.72 -24.35
N MET C 7 -5.07 -46.87 -25.51
CA MET C 7 -6.14 -46.00 -25.97
C MET C 7 -7.40 -46.83 -26.17
N PRO C 8 -8.51 -46.54 -25.49
CA PRO C 8 -9.72 -47.36 -25.70
C PRO C 8 -10.19 -47.31 -27.14
N SER C 9 -10.51 -48.47 -27.69
CA SER C 9 -10.84 -48.60 -29.11
C SER C 9 -12.28 -48.23 -29.42
N GLN C 10 -12.72 -47.03 -29.04
CA GLN C 10 -14.07 -46.57 -29.30
C GLN C 10 -14.04 -45.53 -30.41
N ALA C 11 -14.98 -45.65 -31.33
CA ALA C 11 -15.04 -44.75 -32.48
C ALA C 11 -15.84 -43.50 -32.13
N GLY C 12 -15.23 -42.35 -32.37
CA GLY C 12 -15.86 -41.06 -32.14
C GLY C 12 -15.43 -40.40 -30.85
N ILE C 13 -15.00 -41.19 -29.87
CA ILE C 13 -14.59 -40.66 -28.57
C ILE C 13 -13.11 -40.32 -28.64
N SER C 14 -12.73 -39.20 -28.03
CA SER C 14 -11.36 -38.74 -28.04
C SER C 14 -10.58 -39.29 -26.85
N TYR C 15 -9.26 -39.06 -26.86
CA TYR C 15 -8.40 -39.45 -25.76
C TYR C 15 -7.25 -38.47 -25.70
N ASN C 16 -6.87 -38.07 -24.48
CA ASN C 16 -5.83 -37.07 -24.24
C ASN C 16 -4.83 -37.58 -23.22
N THR C 17 -3.62 -37.04 -23.28
CA THR C 17 -2.57 -37.36 -22.32
C THR C 17 -1.56 -36.22 -22.34
N ILE C 18 -0.74 -36.13 -21.29
CA ILE C 18 0.32 -35.16 -21.19
C ILE C 18 1.61 -35.93 -20.96
N VAL C 19 2.65 -35.62 -21.74
CA VAL C 19 3.96 -36.20 -21.48
C VAL C 19 4.85 -35.10 -20.92
N ASN C 20 5.50 -35.42 -19.81
CA ASN C 20 6.22 -34.44 -19.00
C ASN C 20 7.49 -35.04 -18.44
N ARG C 21 8.43 -34.17 -18.07
CA ARG C 21 9.66 -34.59 -17.42
C ARG C 21 10.13 -33.47 -16.50
N ALA C 22 11.10 -33.81 -15.64
CA ALA C 22 11.44 -32.97 -14.50
C ALA C 22 11.86 -31.56 -14.94
N GLY C 23 12.36 -31.41 -16.16
CA GLY C 23 12.85 -30.13 -16.64
C GLY C 23 12.28 -29.71 -17.97
N TYR C 24 11.21 -30.35 -18.42
CA TYR C 24 10.58 -30.04 -19.69
C TYR C 24 9.08 -29.84 -19.51
N ALA C 25 8.54 -28.82 -20.18
CA ALA C 25 7.17 -28.42 -20.00
C ALA C 25 6.21 -29.49 -20.50
N PRO C 26 4.96 -29.50 -20.03
CA PRO C 26 4.04 -30.53 -20.49
C PRO C 26 3.75 -30.42 -21.97
N LEU C 27 3.93 -31.53 -22.68
CA LEU C 27 3.63 -31.63 -24.11
C LEU C 27 2.32 -32.41 -24.23
N PRO C 28 1.23 -31.78 -24.66
CA PRO C 28 -0.02 -32.53 -24.79
C PRO C 28 0.00 -33.45 -26.00
N ILE C 29 -0.76 -34.53 -25.90
CA ILE C 29 -0.93 -35.50 -26.98
C ILE C 29 -2.40 -35.88 -27.02
N SER C 30 -3.00 -35.83 -28.20
CA SER C 30 -4.42 -36.14 -28.36
C SER C 30 -4.60 -37.10 -29.52
N ILE C 31 -5.50 -38.05 -29.33
CA ILE C 31 -5.85 -39.06 -30.33
C ILE C 31 -7.35 -39.08 -30.49
N THR C 32 -7.82 -39.35 -31.70
CA THR C 32 -9.25 -39.48 -31.99
C THR C 32 -9.43 -40.47 -33.13
N PRO C 33 -9.82 -41.72 -32.84
CA PRO C 33 -10.11 -42.66 -33.94
C PRO C 33 -11.51 -42.45 -34.51
N THR C 34 -11.59 -41.93 -35.73
CA THR C 34 -12.88 -41.63 -36.32
C THR C 34 -13.53 -42.87 -36.92
N LYS C 35 -12.73 -43.89 -37.27
CA LYS C 35 -13.29 -45.11 -37.83
C LYS C 35 -12.25 -46.22 -37.72
N ILE C 36 -12.55 -47.22 -36.90
CA ILE C 36 -11.70 -48.39 -36.73
C ILE C 36 -12.26 -49.51 -37.59
N LYS C 37 -11.42 -50.05 -38.46
CA LYS C 37 -11.83 -50.98 -39.50
C LYS C 37 -11.26 -52.35 -39.17
N LEU C 38 -12.03 -53.40 -39.44
CA LEU C 38 -11.65 -54.78 -39.16
C LEU C 38 -11.82 -55.58 -40.45
N ILE C 39 -10.78 -55.58 -41.28
CA ILE C 39 -10.77 -56.28 -42.56
C ILE C 39 -10.22 -57.68 -42.33
N PRO C 40 -10.93 -58.74 -42.71
CA PRO C 40 -10.36 -60.09 -42.60
C PRO C 40 -9.70 -60.52 -43.89
N THR C 41 -8.70 -61.37 -43.75
CA THR C 41 -8.07 -61.99 -44.92
C THR C 41 -9.01 -63.04 -45.48
N VAL C 42 -9.43 -62.85 -46.74
CA VAL C 42 -10.54 -63.60 -47.31
C VAL C 42 -10.18 -64.06 -48.71
N ASN C 43 -10.66 -65.25 -49.07
CA ASN C 43 -10.54 -65.78 -50.43
C ASN C 43 -11.87 -66.39 -50.83
N LEU C 44 -12.13 -66.39 -52.13
CA LEU C 44 -13.42 -66.85 -52.65
C LEU C 44 -13.38 -68.34 -52.91
N GLU C 45 -14.32 -69.07 -52.32
CA GLU C 45 -14.47 -70.49 -52.61
C GLU C 45 -15.37 -70.73 -53.80
N TYR C 46 -16.55 -70.09 -53.85
CA TYR C 46 -17.32 -70.20 -55.08
C TYR C 46 -18.41 -69.14 -55.11
N VAL C 47 -19.21 -69.17 -56.17
CA VAL C 47 -20.38 -68.33 -56.32
C VAL C 47 -21.54 -69.20 -56.76
N THR C 48 -22.70 -68.95 -56.16
CA THR C 48 -23.89 -69.73 -56.44
C THR C 48 -25.05 -68.81 -56.76
N CYS C 49 -26.03 -69.35 -57.47
CA CYS C 49 -27.16 -68.55 -57.93
C CYS C 49 -28.29 -69.49 -58.31
N HIS C 50 -29.41 -68.91 -58.73
CA HIS C 50 -30.52 -69.70 -59.23
C HIS C 50 -30.07 -70.52 -60.43
N TYR C 51 -30.52 -71.76 -60.50
CA TYR C 51 -30.27 -72.58 -61.68
C TYR C 51 -31.34 -72.34 -62.73
N LYS C 52 -31.10 -72.89 -63.90
CA LYS C 52 -32.15 -73.10 -64.88
C LYS C 52 -31.90 -74.43 -65.58
N THR C 53 -32.98 -75.17 -65.79
CA THR C 53 -32.90 -76.54 -66.29
C THR C 53 -33.00 -76.50 -67.80
N GLY C 54 -31.86 -76.44 -68.46
CA GLY C 54 -31.85 -76.57 -69.89
C GLY C 54 -32.18 -77.99 -70.30
N MET C 55 -32.60 -78.16 -71.55
CA MET C 55 -33.02 -79.47 -72.00
C MET C 55 -33.05 -79.50 -73.51
N ASP C 56 -32.39 -80.51 -74.07
CA ASP C 56 -32.34 -80.65 -75.53
C ASP C 56 -33.73 -80.98 -76.05
N SER C 57 -34.00 -80.53 -77.26
CA SER C 57 -35.28 -80.85 -77.87
C SER C 57 -35.40 -82.36 -78.01
N PRO C 58 -36.57 -82.95 -77.75
CA PRO C 58 -36.69 -84.40 -77.90
C PRO C 58 -36.34 -84.84 -79.31
N ALA C 59 -35.57 -85.91 -79.41
CA ALA C 59 -35.25 -86.51 -80.69
C ALA C 59 -36.14 -87.73 -80.86
N ILE C 60 -37.06 -87.64 -81.82
CA ILE C 60 -38.10 -88.65 -82.02
C ILE C 60 -37.79 -89.41 -83.29
N LYS C 61 -37.70 -90.73 -83.18
CA LYS C 61 -37.51 -91.62 -84.31
C LYS C 61 -38.76 -92.47 -84.44
N CYS C 62 -39.33 -92.48 -85.64
CA CYS C 62 -40.60 -93.16 -85.87
C CYS C 62 -40.37 -94.64 -86.19
N CYS C 63 -40.80 -95.50 -85.27
CA CYS C 63 -40.49 -96.93 -85.27
C CYS C 63 -39.05 -97.20 -85.69
N GLY C 64 -38.15 -96.67 -84.87
CA GLY C 64 -36.75 -97.02 -84.92
C GLY C 64 -36.13 -96.81 -83.56
N SER C 65 -35.12 -97.61 -83.27
CA SER C 65 -34.46 -97.58 -81.98
C SER C 65 -33.45 -96.42 -81.93
N GLN C 66 -33.22 -95.93 -80.71
CA GLN C 66 -32.25 -94.88 -80.45
C GLN C 66 -31.35 -95.31 -79.29
N GLU C 67 -30.34 -94.51 -79.04
CA GLU C 67 -29.36 -94.76 -77.99
C GLU C 67 -29.18 -93.51 -77.14
N CYS C 68 -28.85 -93.73 -75.86
CA CYS C 68 -28.60 -92.61 -74.95
C CYS C 68 -27.23 -92.00 -75.24
N THR C 69 -27.15 -91.17 -76.27
CA THR C 69 -25.87 -90.59 -76.67
C THR C 69 -25.37 -89.67 -75.56
N PRO C 70 -24.19 -89.93 -74.97
CA PRO C 70 -23.79 -89.13 -73.82
C PRO C 70 -23.03 -87.87 -74.22
N THR C 71 -23.41 -86.76 -73.58
CA THR C 71 -22.57 -85.58 -73.50
C THR C 71 -22.24 -85.36 -72.02
N TYR C 72 -21.51 -84.28 -71.73
CA TYR C 72 -20.87 -84.12 -70.43
C TYR C 72 -21.24 -82.80 -69.78
N ARG C 73 -22.52 -82.46 -69.77
CA ARG C 73 -22.96 -81.22 -69.17
C ARG C 73 -23.35 -81.44 -67.71
N PRO C 74 -23.43 -80.37 -66.91
CA PRO C 74 -23.67 -80.54 -65.47
C PRO C 74 -24.99 -81.25 -65.18
N ASP C 75 -24.94 -82.20 -64.24
CA ASP C 75 -26.11 -82.91 -63.71
C ASP C 75 -26.99 -83.43 -64.85
N GLU C 76 -26.37 -84.02 -65.87
CA GLU C 76 -27.12 -84.46 -67.03
C GLU C 76 -27.95 -85.69 -66.69
N GLN C 77 -29.16 -85.74 -67.24
CA GLN C 77 -29.95 -86.95 -67.29
C GLN C 77 -30.38 -87.18 -68.73
N CYS C 78 -30.20 -88.40 -69.21
CA CYS C 78 -30.57 -88.77 -70.58
C CYS C 78 -31.34 -90.07 -70.52
N LYS C 79 -32.44 -90.16 -71.27
CA LYS C 79 -33.25 -91.36 -71.25
C LYS C 79 -33.98 -91.52 -72.57
N VAL C 80 -34.17 -92.78 -72.96
CA VAL C 80 -34.75 -93.16 -74.24
C VAL C 80 -36.10 -93.82 -73.94
N PHE C 81 -37.17 -93.04 -74.03
CA PHE C 81 -38.52 -93.54 -73.75
C PHE C 81 -39.09 -94.17 -75.01
N THR C 82 -39.49 -95.43 -74.91
CA THR C 82 -40.06 -96.16 -76.02
C THR C 82 -41.58 -96.17 -75.93
N GLY C 83 -42.21 -96.67 -76.99
CA GLY C 83 -43.66 -96.74 -77.00
C GLY C 83 -44.35 -95.41 -76.90
N VAL C 84 -43.88 -94.40 -77.63
CA VAL C 84 -44.46 -93.06 -77.63
C VAL C 84 -45.19 -92.86 -78.94
N TYR C 85 -46.10 -91.89 -78.95
CA TYR C 85 -46.84 -91.52 -80.16
C TYR C 85 -47.15 -90.03 -80.09
N PRO C 86 -46.17 -89.19 -80.39
CA PRO C 86 -46.35 -87.75 -80.17
C PRO C 86 -47.27 -87.10 -81.19
N PHE C 87 -47.84 -85.98 -80.77
CA PHE C 87 -48.73 -85.17 -81.59
C PHE C 87 -48.19 -83.76 -81.68
N MET C 88 -48.28 -83.16 -82.86
CA MET C 88 -47.95 -81.77 -83.09
C MET C 88 -49.20 -81.04 -83.56
N TRP C 89 -49.03 -79.76 -83.91
CA TRP C 89 -50.17 -78.98 -84.38
C TRP C 89 -50.74 -79.55 -85.68
N GLY C 90 -49.93 -80.26 -86.45
CA GLY C 90 -50.36 -80.83 -87.71
C GLY C 90 -50.83 -82.26 -87.66
N GLY C 91 -50.92 -82.86 -86.47
CA GLY C 91 -51.36 -84.23 -86.32
C GLY C 91 -50.25 -85.12 -85.81
N ALA C 92 -50.47 -86.43 -85.96
CA ALA C 92 -49.52 -87.41 -85.43
C ALA C 92 -48.18 -87.28 -86.13
N TYR C 93 -47.11 -87.32 -85.34
CA TYR C 93 -45.77 -87.21 -85.90
C TYR C 93 -45.37 -88.46 -86.67
N CYS C 94 -45.70 -89.63 -86.13
CA CYS C 94 -45.37 -90.91 -86.74
C CYS C 94 -46.61 -91.71 -87.12
N PHE C 95 -46.38 -92.70 -87.97
CA PHE C 95 -47.42 -93.60 -88.47
C PHE C 95 -47.40 -94.95 -87.78
N CYS C 96 -46.23 -95.42 -87.38
CA CYS C 96 -46.15 -96.64 -86.59
C CYS C 96 -46.75 -96.40 -85.21
N ASP C 97 -47.69 -97.25 -84.82
CA ASP C 97 -48.36 -97.06 -83.54
C ASP C 97 -47.42 -97.36 -82.38
N THR C 98 -46.67 -98.45 -82.47
CA THR C 98 -45.68 -98.82 -81.47
C THR C 98 -44.27 -98.65 -82.01
N GLU C 99 -43.28 -98.98 -81.18
CA GLU C 99 -41.86 -98.98 -81.53
C GLU C 99 -41.26 -97.60 -81.76
N ASN C 100 -42.06 -96.54 -81.72
CA ASN C 100 -41.51 -95.20 -81.85
C ASN C 100 -40.75 -94.85 -80.59
N THR C 101 -39.69 -94.06 -80.75
CA THR C 101 -38.74 -93.79 -79.69
C THR C 101 -38.54 -92.29 -79.54
N GLN C 102 -38.38 -91.83 -78.31
CA GLN C 102 -38.11 -90.44 -78.00
C GLN C 102 -36.96 -90.39 -77.01
N VAL C 103 -35.81 -89.88 -77.44
CA VAL C 103 -34.67 -89.68 -76.55
C VAL C 103 -34.69 -88.23 -76.08
N SER C 104 -34.67 -88.05 -74.76
CA SER C 104 -34.76 -86.75 -74.13
C SER C 104 -33.68 -86.62 -73.07
N LYS C 105 -33.09 -85.43 -73.00
CA LYS C 105 -32.06 -85.18 -72.00
C LYS C 105 -32.15 -83.76 -71.48
N ALA C 106 -31.84 -83.61 -70.19
CA ALA C 106 -31.93 -82.36 -69.47
C ALA C 106 -30.68 -82.17 -68.63
N TYR C 107 -30.37 -80.91 -68.32
CA TYR C 107 -29.16 -80.54 -67.62
C TYR C 107 -29.39 -79.23 -66.88
N VAL C 108 -28.46 -78.93 -65.97
CA VAL C 108 -28.51 -77.73 -65.14
C VAL C 108 -27.51 -76.73 -65.70
N MET C 109 -27.87 -75.44 -65.67
CA MET C 109 -26.91 -74.39 -66.03
C MET C 109 -27.23 -73.14 -65.23
N LYS C 110 -26.27 -72.23 -65.18
CA LYS C 110 -26.42 -71.02 -64.40
C LYS C 110 -27.55 -70.17 -64.96
N SER C 111 -28.26 -69.49 -64.06
CA SER C 111 -29.32 -68.61 -64.49
C SER C 111 -28.77 -67.46 -65.31
N ASP C 112 -29.60 -66.94 -66.21
CA ASP C 112 -29.17 -65.82 -67.05
C ASP C 112 -28.83 -64.60 -66.21
N ASP C 113 -29.44 -64.47 -65.03
CA ASP C 113 -29.20 -63.34 -64.14
C ASP C 113 -28.05 -63.57 -63.18
N CYS C 114 -27.35 -64.71 -63.27
CA CYS C 114 -26.29 -65.01 -62.31
C CYS C 114 -25.15 -64.00 -62.36
N LEU C 115 -24.98 -63.30 -63.48
CA LEU C 115 -23.89 -62.35 -63.58
C LEU C 115 -24.07 -61.17 -62.64
N ALA C 116 -25.29 -60.94 -62.15
CA ALA C 116 -25.60 -59.81 -61.30
C ALA C 116 -26.40 -60.17 -60.05
N ASP C 117 -26.95 -61.38 -59.96
CA ASP C 117 -27.74 -61.84 -58.83
C ASP C 117 -27.16 -63.18 -58.37
N HIS C 118 -26.18 -63.12 -57.48
CA HIS C 118 -25.49 -64.31 -57.00
C HIS C 118 -24.95 -64.07 -55.61
N ALA C 119 -24.66 -65.16 -54.92
CA ALA C 119 -24.06 -65.12 -53.60
C ALA C 119 -22.66 -65.71 -53.65
N GLU C 120 -21.73 -65.02 -52.97
CA GLU C 120 -20.32 -65.37 -52.99
C GLU C 120 -19.97 -66.08 -51.69
N ALA C 121 -19.60 -67.34 -51.79
CA ALA C 121 -19.21 -68.13 -50.63
C ALA C 121 -17.70 -68.02 -50.44
N TYR C 122 -17.29 -67.43 -49.31
CA TYR C 122 -15.91 -67.12 -48.99
C TYR C 122 -15.45 -67.89 -47.75
N LYS C 123 -14.14 -67.96 -47.58
CA LYS C 123 -13.52 -68.33 -46.30
C LYS C 123 -12.69 -67.16 -45.78
N ALA C 124 -12.88 -66.83 -44.51
CA ALA C 124 -12.19 -65.72 -43.86
C ALA C 124 -11.22 -66.28 -42.83
N HIS C 125 -9.94 -65.93 -42.95
CA HIS C 125 -8.87 -66.57 -42.20
C HIS C 125 -8.42 -65.77 -40.98
N THR C 126 -7.92 -64.55 -41.20
CA THR C 126 -7.29 -63.77 -40.14
C THR C 126 -7.67 -62.31 -40.29
N ALA C 127 -7.48 -61.57 -39.21
CA ALA C 127 -7.94 -60.18 -39.14
C ALA C 127 -6.80 -59.21 -39.42
N SER C 128 -7.15 -58.08 -40.03
CA SER C 128 -6.27 -56.92 -40.15
C SER C 128 -7.04 -55.68 -39.72
N VAL C 129 -6.48 -54.95 -38.75
CA VAL C 129 -7.14 -53.81 -38.14
C VAL C 129 -6.44 -52.55 -38.59
N GLN C 130 -7.17 -51.65 -39.24
CA GLN C 130 -6.66 -50.35 -39.66
C GLN C 130 -7.67 -49.29 -39.27
N ALA C 131 -7.18 -48.17 -38.76
CA ALA C 131 -8.03 -47.13 -38.18
C ALA C 131 -7.63 -45.77 -38.69
N PHE C 132 -8.64 -44.95 -39.00
CA PHE C 132 -8.41 -43.55 -39.37
C PHE C 132 -8.33 -42.74 -38.08
N LEU C 133 -7.16 -42.13 -37.84
CA LEU C 133 -6.94 -41.46 -36.53
C LEU C 133 -6.56 -39.99 -36.71
N ASN C 134 -6.93 -39.15 -35.74
CA ASN C 134 -6.51 -37.72 -35.75
C ASN C 134 -5.51 -37.57 -34.61
N ILE C 135 -4.23 -37.31 -34.92
CA ILE C 135 -3.21 -37.30 -33.83
C ILE C 135 -2.58 -35.91 -33.71
N THR C 136 -2.59 -35.33 -32.52
CA THR C 136 -1.97 -34.02 -32.30
C THR C 136 -0.94 -34.17 -31.20
N VAL C 137 0.21 -33.53 -31.39
CA VAL C 137 1.29 -33.51 -30.40
C VAL C 137 1.81 -32.09 -30.38
N GLY C 138 1.50 -31.34 -29.32
CA GLY C 138 2.01 -29.98 -29.18
C GLY C 138 1.65 -29.09 -30.35
N GLU C 139 0.41 -29.17 -30.81
CA GLU C 139 -0.14 -28.42 -31.96
C GLU C 139 0.42 -28.88 -33.29
N HIS C 140 1.24 -29.93 -33.32
CA HIS C 140 1.57 -30.61 -34.58
C HIS C 140 0.51 -31.68 -34.82
N SER C 141 -0.40 -31.43 -35.76
CA SER C 141 -1.58 -32.26 -35.94
C SER C 141 -1.50 -32.98 -37.27
N ILE C 142 -2.08 -34.18 -37.32
CA ILE C 142 -2.09 -35.02 -38.51
C ILE C 142 -3.36 -35.86 -38.51
N VAL C 143 -3.86 -36.15 -39.71
CA VAL C 143 -4.99 -37.04 -39.92
C VAL C 143 -4.53 -38.11 -40.88
N THR C 144 -4.53 -39.37 -40.43
CA THR C 144 -3.89 -40.44 -41.18
C THR C 144 -4.72 -41.71 -41.06
N THR C 145 -4.25 -42.74 -41.76
CA THR C 145 -4.77 -44.09 -41.64
C THR C 145 -3.66 -45.00 -41.16
N VAL C 146 -3.74 -45.44 -39.91
CA VAL C 146 -2.71 -46.26 -39.29
C VAL C 146 -3.14 -47.71 -39.33
N TYR C 147 -2.23 -48.57 -39.78
CA TYR C 147 -2.46 -50.00 -39.79
C TYR C 147 -2.13 -50.53 -38.40
N VAL C 148 -3.14 -51.05 -37.70
CA VAL C 148 -2.97 -51.45 -36.31
C VAL C 148 -2.40 -52.86 -36.28
N ASN C 149 -1.07 -52.96 -36.34
CA ASN C 149 -0.38 -54.24 -36.22
C ASN C 149 0.87 -54.17 -35.36
N GLY C 150 1.23 -52.99 -34.86
CA GLY C 150 2.46 -52.82 -34.11
C GLY C 150 3.70 -52.65 -34.95
N GLU C 151 3.61 -52.87 -36.27
CA GLU C 151 4.75 -52.74 -37.16
C GLU C 151 4.70 -51.43 -37.94
N THR C 152 3.64 -51.22 -38.71
CA THR C 152 3.60 -50.13 -39.66
C THR C 152 3.56 -48.80 -38.92
N PRO C 153 4.57 -47.94 -39.06
CA PRO C 153 4.50 -46.64 -38.38
C PRO C 153 3.92 -45.57 -39.30
N VAL C 154 3.46 -44.49 -38.66
CA VAL C 154 3.16 -43.24 -39.33
C VAL C 154 4.03 -42.17 -38.70
N ASN C 155 4.90 -41.56 -39.51
CA ASN C 155 6.08 -40.84 -39.03
C ASN C 155 6.04 -39.34 -39.33
N PHE C 156 4.87 -38.74 -39.49
CA PHE C 156 4.82 -37.32 -39.84
C PHE C 156 5.37 -36.46 -38.71
N ASN C 157 6.20 -35.48 -39.10
CA ASN C 157 6.75 -34.43 -38.25
C ASN C 157 7.71 -34.95 -37.19
N GLY C 158 8.26 -36.15 -37.37
CA GLY C 158 9.34 -36.65 -36.55
C GLY C 158 8.93 -37.55 -35.41
N VAL C 159 7.67 -37.48 -34.97
CA VAL C 159 7.16 -38.34 -33.91
C VAL C 159 6.64 -39.61 -34.56
N LYS C 160 7.09 -40.76 -34.07
CA LYS C 160 6.78 -42.05 -34.68
C LYS C 160 5.67 -42.73 -33.89
N ILE C 161 4.54 -42.96 -34.54
CA ILE C 161 3.36 -43.55 -33.91
C ILE C 161 3.31 -45.01 -34.34
N THR C 162 3.12 -45.90 -33.37
CA THR C 162 2.93 -47.33 -33.64
C THR C 162 1.73 -47.82 -32.84
N ALA C 163 0.68 -48.24 -33.53
CA ALA C 163 -0.52 -48.76 -32.90
C ALA C 163 -0.37 -50.27 -32.74
N GLY C 164 -0.11 -50.73 -31.52
CA GLY C 164 0.16 -52.12 -31.27
C GLY C 164 -0.98 -53.02 -31.68
N PRO C 165 -0.79 -54.34 -31.59
CA PRO C 165 -1.86 -55.26 -31.97
C PRO C 165 -3.09 -55.04 -31.10
N LEU C 166 -4.26 -55.19 -31.72
CA LEU C 166 -5.51 -55.06 -30.98
C LEU C 166 -5.52 -56.07 -29.84
N SER C 167 -5.72 -55.57 -28.62
CA SER C 167 -5.39 -56.35 -27.42
C SER C 167 -6.14 -57.67 -27.34
N THR C 168 -7.42 -57.69 -27.71
CA THR C 168 -8.22 -58.91 -27.72
C THR C 168 -8.58 -59.23 -29.18
N ALA C 169 -7.72 -60.00 -29.82
CA ALA C 169 -7.95 -60.39 -31.21
C ALA C 169 -9.28 -61.13 -31.32
N TRP C 170 -10.15 -60.62 -32.18
CA TRP C 170 -11.52 -61.11 -32.25
C TRP C 170 -12.15 -60.61 -33.54
N THR C 171 -12.99 -61.46 -34.15
CA THR C 171 -13.67 -61.12 -35.38
C THR C 171 -15.12 -61.57 -35.30
N PRO C 172 -16.06 -60.82 -35.91
CA PRO C 172 -17.43 -61.31 -35.98
C PRO C 172 -17.65 -62.34 -37.08
N PHE C 173 -16.71 -62.46 -38.01
CA PHE C 173 -16.80 -63.43 -39.09
C PHE C 173 -16.26 -64.77 -38.60
N ASP C 174 -17.03 -65.82 -38.78
CA ASP C 174 -16.50 -67.15 -38.58
C ASP C 174 -15.53 -67.49 -39.71
N ARG C 175 -15.02 -68.72 -39.70
CA ARG C 175 -14.03 -69.11 -40.69
C ARG C 175 -14.60 -69.11 -42.11
N LYS C 176 -15.92 -69.11 -42.25
CA LYS C 176 -16.56 -69.46 -43.51
C LYS C 176 -17.86 -68.66 -43.64
N ILE C 177 -17.89 -67.72 -44.59
CA ILE C 177 -18.94 -66.69 -44.66
C ILE C 177 -19.52 -66.65 -46.07
N VAL C 178 -20.61 -65.88 -46.22
CA VAL C 178 -21.31 -65.73 -47.48
C VAL C 178 -21.68 -64.26 -47.65
N GLN C 179 -21.56 -63.75 -48.87
CA GLN C 179 -22.00 -62.41 -49.24
C GLN C 179 -23.18 -62.51 -50.18
N TYR C 180 -24.21 -61.70 -49.92
CA TYR C 180 -25.34 -61.61 -50.82
C TYR C 180 -26.03 -60.27 -50.66
N ALA C 181 -26.20 -59.56 -51.78
CA ALA C 181 -26.96 -58.31 -51.82
C ALA C 181 -26.44 -57.31 -50.81
N GLY C 182 -25.11 -57.24 -50.69
CA GLY C 182 -24.50 -56.32 -49.76
C GLY C 182 -24.69 -56.67 -48.30
N GLU C 183 -24.93 -57.93 -47.98
CA GLU C 183 -25.06 -58.39 -46.62
C GLU C 183 -24.19 -59.63 -46.41
N ILE C 184 -23.55 -59.70 -45.26
CA ILE C 184 -22.63 -60.77 -44.91
C ILE C 184 -23.30 -61.68 -43.89
N TYR C 185 -23.30 -62.98 -44.19
CA TYR C 185 -23.91 -63.99 -43.35
C TYR C 185 -22.88 -65.00 -42.92
N ASN C 186 -23.04 -65.50 -41.69
CA ASN C 186 -22.27 -66.63 -41.21
C ASN C 186 -23.02 -67.91 -41.55
N TYR C 187 -22.44 -68.72 -42.43
CA TYR C 187 -23.13 -69.92 -42.93
C TYR C 187 -22.08 -70.95 -43.29
N ASP C 188 -22.29 -72.19 -42.83
CA ASP C 188 -21.38 -73.29 -43.13
C ASP C 188 -21.79 -73.95 -44.45
N PHE C 189 -21.53 -73.25 -45.54
CA PHE C 189 -21.91 -73.74 -46.84
C PHE C 189 -21.08 -74.97 -47.19
N PRO C 190 -21.61 -75.87 -48.03
CA PRO C 190 -20.84 -77.07 -48.35
C PRO C 190 -19.56 -76.75 -49.10
N GLU C 191 -18.54 -77.55 -48.83
CA GLU C 191 -17.26 -77.38 -49.51
C GLU C 191 -17.48 -77.57 -51.01
N TYR C 192 -16.59 -76.98 -51.81
CA TYR C 192 -16.70 -77.16 -53.24
C TYR C 192 -16.62 -78.64 -53.57
N GLY C 193 -17.69 -79.16 -54.15
CA GLY C 193 -17.76 -80.54 -54.55
C GLY C 193 -18.58 -81.41 -53.63
N ALA C 194 -19.24 -80.83 -52.63
CA ALA C 194 -20.12 -81.55 -51.74
C ALA C 194 -21.53 -80.97 -51.71
N GLY C 195 -21.86 -80.04 -52.60
CA GLY C 195 -23.15 -79.39 -52.52
C GLY C 195 -24.29 -80.40 -52.68
N GLN C 196 -25.24 -80.34 -51.75
CA GLN C 196 -26.38 -81.25 -51.74
C GLN C 196 -27.62 -80.55 -52.28
N PRO C 197 -28.57 -81.30 -52.84
CA PRO C 197 -29.72 -80.64 -53.50
C PRO C 197 -30.63 -79.94 -52.50
N GLY C 198 -31.36 -78.95 -53.00
CA GLY C 198 -32.36 -78.27 -52.21
C GLY C 198 -31.81 -77.39 -51.11
N ALA C 199 -30.50 -77.12 -51.11
CA ALA C 199 -29.87 -76.31 -50.08
C ALA C 199 -28.82 -75.44 -50.74
N PHE C 200 -28.32 -74.47 -49.97
CA PHE C 200 -27.34 -73.53 -50.48
C PHE C 200 -26.14 -74.28 -51.01
N GLY C 201 -25.74 -73.95 -52.23
CA GLY C 201 -24.66 -74.64 -52.90
C GLY C 201 -25.08 -75.78 -53.80
N ASP C 202 -26.35 -75.86 -54.19
CA ASP C 202 -26.76 -76.90 -55.12
C ASP C 202 -26.06 -76.75 -56.46
N ILE C 203 -25.89 -75.53 -56.95
CA ILE C 203 -25.03 -75.23 -58.09
C ILE C 203 -23.94 -74.29 -57.60
N GLN C 204 -22.72 -74.49 -58.11
CA GLN C 204 -21.57 -73.77 -57.62
C GLN C 204 -20.64 -73.49 -58.79
N SER C 205 -19.91 -72.40 -58.74
CA SER C 205 -18.83 -72.16 -59.70
C SER C 205 -17.69 -71.42 -59.00
N ARG C 206 -16.46 -71.84 -59.32
CA ARG C 206 -15.28 -71.22 -58.74
C ARG C 206 -15.20 -69.73 -59.01
N THR C 207 -15.83 -69.25 -60.09
CA THR C 207 -15.88 -67.83 -60.39
C THR C 207 -17.13 -67.59 -61.19
N VAL C 208 -17.58 -66.33 -61.24
CA VAL C 208 -18.76 -65.98 -61.99
C VAL C 208 -18.58 -66.33 -63.47
N SER C 209 -17.37 -66.15 -63.97
CA SER C 209 -17.04 -66.45 -65.36
C SER C 209 -16.43 -67.84 -65.54
N SER C 210 -16.37 -68.65 -64.49
CA SER C 210 -15.69 -69.93 -64.58
C SER C 210 -16.43 -70.87 -65.52
N SER C 211 -15.67 -71.64 -66.30
CA SER C 211 -16.27 -72.56 -67.26
C SER C 211 -16.95 -73.74 -66.57
N ASP C 212 -16.33 -74.26 -65.51
CA ASP C 212 -16.87 -75.43 -64.83
C ASP C 212 -18.11 -75.05 -64.04
N LEU C 213 -18.99 -76.03 -63.87
CA LEU C 213 -20.20 -75.86 -63.07
C LEU C 213 -20.65 -77.21 -62.55
N TYR C 214 -20.36 -77.47 -61.29
CA TYR C 214 -20.94 -78.60 -60.59
C TYR C 214 -22.41 -78.33 -60.28
N ALA C 215 -23.24 -79.34 -60.49
CA ALA C 215 -24.66 -79.24 -60.21
C ALA C 215 -25.11 -80.54 -59.61
N ASN C 216 -25.84 -80.44 -58.48
CA ASN C 216 -26.45 -81.61 -57.85
C ASN C 216 -27.85 -81.15 -57.44
N THR C 217 -28.79 -81.26 -58.39
CA THR C 217 -30.17 -80.81 -58.20
C THR C 217 -31.16 -81.96 -58.17
N ASN C 218 -30.68 -83.20 -58.06
CA ASN C 218 -31.55 -84.37 -57.99
C ASN C 218 -32.42 -84.47 -59.24
N LEU C 219 -31.83 -84.13 -60.39
CA LEU C 219 -32.56 -84.16 -61.65
C LEU C 219 -32.88 -85.60 -62.02
N VAL C 220 -34.16 -85.87 -62.27
CA VAL C 220 -34.61 -87.20 -62.70
C VAL C 220 -35.74 -87.00 -63.70
N LEU C 221 -35.70 -87.78 -64.78
CA LEU C 221 -36.67 -87.63 -65.85
C LEU C 221 -37.87 -88.53 -65.62
N GLN C 222 -39.01 -88.11 -66.16
CA GLN C 222 -40.24 -88.90 -66.18
C GLN C 222 -40.76 -89.04 -67.60
N ARG C 223 -41.48 -90.12 -67.82
CA ARG C 223 -41.99 -90.42 -69.14
C ARG C 223 -43.00 -89.35 -69.56
N PRO C 224 -42.98 -88.90 -70.82
CA PRO C 224 -43.94 -87.87 -71.23
C PRO C 224 -45.34 -88.43 -71.38
N LYS C 225 -46.31 -87.52 -71.39
CA LYS C 225 -47.69 -87.91 -71.65
C LYS C 225 -47.82 -88.43 -73.06
N ALA C 226 -48.72 -89.40 -73.25
CA ALA C 226 -49.00 -89.88 -74.59
C ALA C 226 -49.60 -88.75 -75.43
N GLY C 227 -49.14 -88.65 -76.67
CA GLY C 227 -49.65 -87.62 -77.56
C GLY C 227 -49.18 -86.23 -77.22
N ALA C 228 -48.04 -86.09 -76.57
CA ALA C 228 -47.49 -84.78 -76.23
C ALA C 228 -45.98 -84.86 -76.35
N ILE C 229 -45.37 -83.76 -76.80
CA ILE C 229 -43.93 -83.69 -77.01
C ILE C 229 -43.36 -82.70 -76.00
N HIS C 230 -42.54 -83.20 -75.09
CA HIS C 230 -41.92 -82.38 -74.05
C HIS C 230 -40.98 -83.27 -73.25
N VAL C 231 -40.24 -82.66 -72.34
CA VAL C 231 -39.23 -83.35 -71.53
C VAL C 231 -39.60 -83.21 -70.06
N PRO C 232 -40.35 -84.13 -69.47
CA PRO C 232 -40.69 -84.00 -68.06
C PRO C 232 -39.45 -84.12 -67.18
N TYR C 233 -39.47 -83.42 -66.06
CA TYR C 233 -38.38 -83.50 -65.09
C TYR C 233 -38.88 -83.00 -63.75
N THR C 234 -38.50 -83.72 -62.70
CA THR C 234 -38.76 -83.34 -61.32
C THR C 234 -37.43 -83.09 -60.64
N GLN C 235 -37.30 -81.92 -60.01
CA GLN C 235 -36.02 -81.46 -59.54
C GLN C 235 -36.23 -80.83 -58.17
N ALA C 236 -35.21 -80.91 -57.32
CA ALA C 236 -35.31 -80.27 -56.02
C ALA C 236 -35.40 -78.76 -56.24
N PRO C 237 -36.28 -78.06 -55.51
CA PRO C 237 -36.36 -76.60 -55.71
C PRO C 237 -35.02 -75.95 -55.43
N SER C 238 -34.80 -74.81 -56.08
CA SER C 238 -33.50 -74.15 -56.04
C SER C 238 -33.06 -73.85 -54.62
N GLY C 239 -31.91 -74.39 -54.25
CA GLY C 239 -31.42 -74.22 -52.90
C GLY C 239 -31.12 -72.77 -52.57
N PHE C 240 -30.71 -71.99 -53.56
CA PHE C 240 -30.45 -70.58 -53.31
C PHE C 240 -31.73 -69.84 -52.94
N GLU C 241 -32.84 -70.15 -53.63
CA GLU C 241 -34.11 -69.55 -53.25
C GLU C 241 -34.52 -69.95 -51.85
N GLN C 242 -34.32 -71.21 -51.48
CA GLN C 242 -34.68 -71.66 -50.15
C GLN C 242 -33.83 -70.94 -49.10
N TRP C 243 -32.55 -70.77 -49.38
CA TRP C 243 -31.68 -70.02 -48.48
C TRP C 243 -32.16 -68.59 -48.33
N LYS C 244 -32.58 -67.97 -49.43
CA LYS C 244 -33.11 -66.62 -49.35
C LYS C 244 -34.37 -66.57 -48.49
N LYS C 245 -35.27 -67.56 -48.66
CA LYS C 245 -36.48 -67.59 -47.86
C LYS C 245 -36.17 -67.83 -46.39
N ASP C 246 -35.23 -68.72 -46.11
CA ASP C 246 -34.90 -69.14 -44.74
C ASP C 246 -33.45 -68.76 -44.46
N LYS C 247 -33.27 -67.57 -43.87
CA LYS C 247 -31.96 -67.11 -43.45
C LYS C 247 -32.13 -66.14 -42.29
N ALA C 248 -31.22 -66.23 -41.33
CA ALA C 248 -31.25 -65.31 -40.21
C ALA C 248 -30.81 -63.92 -40.67
N PRO C 249 -31.09 -62.89 -39.88
CA PRO C 249 -30.62 -61.55 -40.25
C PRO C 249 -29.10 -61.52 -40.36
N SER C 250 -28.61 -60.68 -41.28
CA SER C 250 -27.19 -60.59 -41.57
C SER C 250 -26.38 -60.20 -40.34
N LEU C 251 -25.06 -60.27 -40.45
CA LEU C 251 -24.21 -59.88 -39.32
C LEU C 251 -24.37 -58.41 -38.98
N LYS C 252 -24.83 -57.60 -39.93
CA LYS C 252 -25.02 -56.18 -39.62
C LYS C 252 -26.12 -55.95 -38.61
N PHE C 253 -26.96 -56.96 -38.35
CA PHE C 253 -27.99 -56.88 -37.32
C PHE C 253 -27.84 -57.93 -36.23
N THR C 254 -26.74 -58.69 -36.23
CA THR C 254 -26.50 -59.70 -35.20
C THR C 254 -25.07 -59.75 -34.70
N ALA C 255 -24.17 -58.93 -35.22
CA ALA C 255 -22.77 -59.04 -34.85
C ALA C 255 -22.57 -58.62 -33.39
N PRO C 256 -21.66 -59.26 -32.65
CA PRO C 256 -21.38 -58.79 -31.29
C PRO C 256 -20.63 -57.48 -31.29
N PHE C 257 -20.63 -56.81 -30.14
CA PHE C 257 -19.90 -55.58 -29.90
C PHE C 257 -20.37 -54.44 -30.81
N GLY C 258 -21.58 -54.53 -31.35
CA GLY C 258 -22.15 -53.41 -32.08
C GLY C 258 -21.47 -53.10 -33.39
N CYS C 259 -20.78 -54.07 -33.99
CA CYS C 259 -20.04 -53.80 -35.22
C CYS C 259 -20.99 -53.52 -36.38
N GLU C 260 -20.64 -52.54 -37.19
CA GLU C 260 -21.28 -52.35 -38.48
C GLU C 260 -20.56 -53.22 -39.51
N ILE C 261 -21.30 -53.66 -40.53
CA ILE C 261 -20.77 -54.61 -41.52
C ILE C 261 -20.90 -54.01 -42.91
N TYR C 262 -19.82 -54.10 -43.69
CA TYR C 262 -19.80 -53.60 -45.05
C TYR C 262 -19.12 -54.61 -45.94
N THR C 263 -19.34 -54.48 -47.26
CA THR C 263 -19.13 -55.58 -48.18
C THR C 263 -18.06 -55.36 -49.24
N ASN C 264 -17.48 -54.17 -49.35
CA ASN C 264 -16.48 -53.89 -50.39
C ASN C 264 -15.45 -52.92 -49.84
N PRO C 265 -14.37 -53.43 -49.21
CA PRO C 265 -14.06 -54.82 -48.90
C PRO C 265 -15.00 -55.43 -47.88
N ILE C 266 -15.01 -56.75 -47.76
CA ILE C 266 -15.71 -57.38 -46.65
C ILE C 266 -15.03 -56.89 -45.38
N ARG C 267 -15.81 -56.35 -44.45
CA ARG C 267 -15.19 -55.75 -43.28
C ARG C 267 -16.24 -55.45 -42.22
N ALA C 268 -15.76 -55.27 -41.00
CA ALA C 268 -16.54 -54.76 -39.88
C ALA C 268 -15.89 -53.49 -39.35
N GLU C 269 -16.71 -52.50 -39.03
CA GLU C 269 -16.24 -51.20 -38.55
C GLU C 269 -16.89 -50.85 -37.23
N ASN C 270 -16.18 -49.99 -36.49
CA ASN C 270 -16.68 -49.43 -35.22
C ASN C 270 -17.01 -50.51 -34.21
N CYS C 271 -16.15 -51.52 -34.11
CA CYS C 271 -16.30 -52.52 -33.06
C CYS C 271 -15.74 -51.98 -31.75
N ALA C 272 -16.63 -51.74 -30.79
CA ALA C 272 -16.21 -51.27 -29.48
C ALA C 272 -15.60 -52.42 -28.68
N VAL C 273 -14.45 -52.91 -29.13
CA VAL C 273 -13.82 -54.10 -28.57
C VAL C 273 -12.40 -53.76 -28.18
N GLY C 274 -12.02 -54.14 -26.96
CA GLY C 274 -10.64 -54.07 -26.55
C GLY C 274 -10.09 -52.66 -26.52
N SER C 275 -8.77 -52.58 -26.74
CA SER C 275 -8.04 -51.33 -26.72
C SER C 275 -6.82 -51.43 -27.62
N ILE C 276 -6.29 -50.29 -28.01
CA ILE C 276 -5.16 -50.19 -28.93
C ILE C 276 -3.94 -49.76 -28.11
N PRO C 277 -2.87 -50.58 -28.03
CA PRO C 277 -1.69 -50.12 -27.27
C PRO C 277 -0.82 -49.18 -28.09
N LEU C 278 -1.14 -47.89 -28.08
CA LEU C 278 -0.35 -46.92 -28.81
C LEU C 278 0.99 -46.68 -28.14
N ALA C 279 2.04 -46.57 -28.96
CA ALA C 279 3.38 -46.21 -28.52
C ALA C 279 3.89 -45.07 -29.38
N PHE C 280 4.35 -44.02 -28.72
CA PHE C 280 4.75 -42.77 -29.37
C PHE C 280 6.22 -42.55 -29.09
N ASP C 281 7.03 -42.45 -30.15
CA ASP C 281 8.43 -42.09 -30.04
C ASP C 281 8.52 -40.60 -30.38
N ILE C 282 8.56 -39.78 -29.35
CA ILE C 282 8.55 -38.32 -29.49
C ILE C 282 10.00 -37.85 -29.62
N PRO C 283 10.34 -37.04 -30.63
CA PRO C 283 11.74 -36.60 -30.76
C PRO C 283 12.15 -35.74 -29.58
N ASP C 284 13.45 -35.77 -29.27
CA ASP C 284 13.96 -34.95 -28.19
C ASP C 284 13.88 -33.46 -28.53
N ALA C 285 13.83 -33.10 -29.81
CA ALA C 285 13.81 -31.70 -30.19
C ALA C 285 12.46 -31.04 -30.00
N LEU C 286 11.37 -31.81 -29.94
CA LEU C 286 10.04 -31.24 -29.83
C LEU C 286 9.70 -30.83 -28.40
N PHE C 287 10.45 -31.30 -27.41
CA PHE C 287 10.19 -30.91 -26.03
C PHE C 287 10.60 -29.46 -25.79
N THR C 288 9.90 -28.79 -24.89
CA THR C 288 10.17 -27.41 -24.52
C THR C 288 10.37 -27.32 -23.01
N ARG C 289 11.30 -26.45 -22.60
CA ARG C 289 11.66 -26.35 -21.19
C ARG C 289 10.49 -25.81 -20.38
N VAL C 290 10.48 -26.18 -19.10
CA VAL C 290 9.46 -25.66 -18.18
C VAL C 290 9.55 -24.15 -18.08
N SER C 291 10.76 -23.60 -18.11
CA SER C 291 10.93 -22.16 -17.94
C SER C 291 10.21 -21.37 -19.01
N GLU C 292 10.27 -21.82 -20.27
CA GLU C 292 9.66 -21.06 -21.34
C GLU C 292 8.15 -21.01 -21.20
N THR C 293 7.50 -22.14 -20.94
CA THR C 293 6.06 -22.21 -21.00
C THR C 293 5.44 -21.46 -19.81
N PRO C 294 4.15 -21.07 -19.91
CA PRO C 294 3.50 -20.42 -18.76
C PRO C 294 3.54 -21.27 -17.51
N THR C 295 4.01 -20.70 -16.41
CA THR C 295 4.15 -21.40 -15.14
C THR C 295 3.06 -20.92 -14.18
N LEU C 296 2.34 -21.87 -13.60
CA LEU C 296 1.22 -21.57 -12.73
C LEU C 296 1.64 -21.64 -11.27
N SER C 297 1.17 -20.67 -10.49
CA SER C 297 1.46 -20.60 -9.07
C SER C 297 0.18 -20.27 -8.28
N ALA C 298 0.00 -20.99 -7.17
CA ALA C 298 -1.07 -20.69 -6.21
C ALA C 298 -2.45 -20.80 -6.86
N ALA C 299 -2.78 -21.99 -7.35
CA ALA C 299 -4.07 -22.22 -7.98
C ALA C 299 -5.05 -22.81 -6.98
N GLU C 300 -6.34 -22.56 -7.22
CA GLU C 300 -7.42 -23.12 -6.42
C GLU C 300 -8.49 -23.64 -7.37
N CYS C 301 -9.18 -24.71 -6.98
CA CYS C 301 -10.17 -25.35 -7.82
C CYS C 301 -11.49 -25.47 -7.08
N THR C 302 -12.59 -25.39 -7.84
CA THR C 302 -13.90 -25.58 -7.24
C THR C 302 -14.89 -26.03 -8.31
N LEU C 303 -15.67 -27.06 -7.98
CA LEU C 303 -16.68 -27.60 -8.88
C LEU C 303 -17.94 -26.74 -8.76
N ASN C 304 -18.02 -25.73 -9.63
CA ASN C 304 -19.19 -24.86 -9.63
C ASN C 304 -20.44 -25.58 -10.12
N GLU C 305 -20.29 -26.76 -10.73
CA GLU C 305 -21.44 -27.57 -11.12
C GLU C 305 -20.96 -28.98 -11.39
N CYS C 306 -21.78 -29.96 -11.01
CA CYS C 306 -21.48 -31.36 -11.32
C CYS C 306 -22.78 -32.10 -11.58
N VAL C 307 -22.88 -32.70 -12.76
CA VAL C 307 -23.94 -33.63 -13.10
C VAL C 307 -23.28 -34.94 -13.51
N TYR C 308 -23.40 -35.95 -12.66
CA TYR C 308 -22.87 -37.26 -12.97
C TYR C 308 -23.62 -37.81 -14.18
N SER C 309 -22.99 -37.77 -15.33
CA SER C 309 -23.68 -38.07 -16.58
C SER C 309 -22.69 -38.61 -17.59
N SER C 310 -23.22 -39.23 -18.63
CA SER C 310 -22.37 -39.78 -19.69
C SER C 310 -21.58 -38.68 -20.38
N ASP C 311 -22.20 -37.56 -20.69
CA ASP C 311 -21.55 -36.44 -21.34
C ASP C 311 -20.82 -35.60 -20.30
N PHE C 312 -20.18 -34.52 -20.75
CA PHE C 312 -19.42 -33.64 -19.86
C PHE C 312 -20.35 -32.73 -19.07
N GLY C 313 -21.06 -33.34 -18.13
CA GLY C 313 -21.96 -32.60 -17.28
C GLY C 313 -21.32 -31.90 -16.11
N GLY C 314 -20.00 -32.03 -15.96
CA GLY C 314 -19.29 -31.46 -14.83
C GLY C 314 -18.51 -30.23 -15.25
N ILE C 315 -18.61 -29.18 -14.43
CA ILE C 315 -17.95 -27.91 -14.68
C ILE C 315 -17.11 -27.58 -13.46
N ALA C 316 -15.90 -27.09 -13.69
CA ALA C 316 -15.04 -26.69 -12.59
C ALA C 316 -14.26 -25.43 -12.97
N THR C 317 -14.23 -24.49 -12.05
CA THR C 317 -13.43 -23.29 -12.24
C THR C 317 -12.13 -23.40 -11.48
N VAL C 318 -11.04 -23.03 -12.15
CA VAL C 318 -9.72 -22.94 -11.55
C VAL C 318 -9.34 -21.47 -11.49
N LYS C 319 -9.17 -20.97 -10.28
CA LYS C 319 -8.56 -19.67 -10.09
C LYS C 319 -7.05 -19.83 -10.14
N TYR C 320 -6.42 -19.02 -10.96
CA TYR C 320 -5.00 -19.15 -11.26
C TYR C 320 -4.30 -17.82 -11.03
N SER C 321 -3.01 -17.91 -10.74
CA SER C 321 -2.11 -16.75 -10.67
C SER C 321 -0.87 -17.12 -11.48
N ALA C 322 -0.92 -16.82 -12.78
CA ALA C 322 0.12 -17.28 -13.69
C ALA C 322 1.31 -16.33 -13.67
N SER C 323 2.49 -16.87 -14.03
CA SER C 323 3.70 -16.06 -14.15
C SER C 323 3.73 -15.26 -15.45
N LYS C 324 3.08 -15.74 -16.50
CA LYS C 324 2.95 -14.97 -17.73
C LYS C 324 1.80 -15.53 -18.53
N SER C 325 1.04 -14.63 -19.17
CA SER C 325 -0.15 -15.03 -19.90
C SER C 325 0.21 -15.85 -21.12
N GLY C 326 -0.72 -16.67 -21.55
CA GLY C 326 -0.51 -17.51 -22.72
C GLY C 326 -1.51 -18.66 -22.75
N LYS C 327 -1.02 -19.84 -23.11
CA LYS C 327 -1.83 -21.03 -23.25
C LYS C 327 -1.05 -22.22 -22.71
N CYS C 328 -1.77 -23.18 -22.12
CA CYS C 328 -1.11 -24.40 -21.66
C CYS C 328 -2.16 -25.45 -21.31
N ALA C 329 -1.69 -26.69 -21.20
CA ALA C 329 -2.56 -27.85 -21.20
C ALA C 329 -3.18 -28.10 -19.83
N VAL C 330 -4.16 -29.01 -19.81
CA VAL C 330 -4.85 -29.42 -18.60
C VAL C 330 -5.25 -30.88 -18.75
N HIS C 331 -5.16 -31.63 -17.65
CA HIS C 331 -5.37 -33.07 -17.69
C HIS C 331 -5.78 -33.54 -16.30
N VAL C 332 -6.18 -34.81 -16.21
CA VAL C 332 -6.45 -35.47 -14.94
C VAL C 332 -5.69 -36.80 -14.91
N PRO C 333 -4.57 -36.91 -14.18
CA PRO C 333 -3.89 -38.21 -14.10
C PRO C 333 -4.64 -39.27 -13.30
N SER C 334 -5.85 -39.61 -13.75
CA SER C 334 -6.63 -40.64 -13.10
C SER C 334 -7.86 -40.91 -13.96
N GLY C 335 -8.45 -42.09 -13.77
CA GLY C 335 -9.65 -42.45 -14.49
C GLY C 335 -10.93 -41.87 -13.93
N THR C 336 -10.83 -41.08 -12.85
CA THR C 336 -12.02 -40.56 -12.21
C THR C 336 -12.76 -39.57 -13.09
N ALA C 337 -12.04 -38.70 -13.80
CA ALA C 337 -12.66 -37.66 -14.61
C ALA C 337 -11.97 -37.57 -15.96
N THR C 338 -12.77 -37.39 -17.00
CA THR C 338 -12.28 -37.21 -18.36
C THR C 338 -12.68 -35.83 -18.86
N LEU C 339 -11.71 -35.06 -19.32
CA LEU C 339 -11.90 -33.67 -19.68
C LEU C 339 -12.32 -33.51 -21.13
N LYS C 340 -13.20 -32.53 -21.38
CA LYS C 340 -13.58 -32.21 -22.75
C LYS C 340 -12.48 -31.49 -23.50
N GLU C 341 -11.77 -30.59 -22.83
CA GLU C 341 -10.80 -29.71 -23.48
C GLU C 341 -9.39 -30.12 -23.09
N ALA C 342 -8.45 -29.84 -23.99
CA ALA C 342 -7.05 -30.21 -23.77
C ALA C 342 -6.23 -29.09 -23.17
N ALA C 343 -6.45 -27.85 -23.59
CA ALA C 343 -5.65 -26.74 -23.11
C ALA C 343 -6.53 -25.52 -22.91
N VAL C 344 -6.03 -24.60 -22.09
CA VAL C 344 -6.76 -23.39 -21.73
C VAL C 344 -5.81 -22.20 -21.82
N GLU C 345 -6.40 -21.02 -21.97
CA GLU C 345 -5.67 -19.77 -22.04
C GLU C 345 -5.75 -19.04 -20.71
N LEU C 346 -4.63 -18.41 -20.34
CA LEU C 346 -4.48 -17.79 -19.04
C LEU C 346 -3.98 -16.35 -19.21
N THR C 347 -4.48 -15.47 -18.33
CA THR C 347 -4.16 -14.06 -18.35
C THR C 347 -3.78 -13.64 -16.93
N GLU C 348 -2.47 -13.57 -16.67
CA GLU C 348 -1.94 -13.18 -15.37
C GLU C 348 -2.63 -13.97 -14.26
N GLN C 349 -3.48 -13.32 -13.45
CA GLN C 349 -4.24 -13.99 -12.40
C GLN C 349 -5.72 -13.78 -12.68
N GLY C 350 -6.45 -14.90 -12.73
CA GLY C 350 -7.86 -14.86 -13.07
C GLY C 350 -8.52 -16.21 -12.87
N SER C 351 -9.46 -16.57 -13.75
CA SER C 351 -10.18 -17.82 -13.62
C SER C 351 -10.36 -18.45 -14.99
N ALA C 352 -10.39 -19.78 -15.02
CA ALA C 352 -10.59 -20.55 -16.24
C ALA C 352 -11.57 -21.68 -15.97
N THR C 353 -12.22 -22.15 -17.04
CA THR C 353 -13.29 -23.13 -16.94
C THR C 353 -12.86 -24.44 -17.59
N ILE C 354 -13.09 -25.55 -16.87
CA ILE C 354 -12.76 -26.89 -17.35
C ILE C 354 -14.04 -27.70 -17.35
N HIS C 355 -14.34 -28.34 -18.48
CA HIS C 355 -15.45 -29.25 -18.63
C HIS C 355 -14.94 -30.68 -18.44
N PHE C 356 -15.77 -31.54 -17.86
CA PHE C 356 -15.37 -32.92 -17.63
C PHE C 356 -16.60 -33.78 -17.39
N SER C 357 -16.41 -35.08 -17.58
CA SER C 357 -17.40 -36.10 -17.23
C SER C 357 -16.78 -37.00 -16.17
N THR C 358 -17.63 -37.54 -15.29
CA THR C 358 -17.17 -38.19 -14.08
C THR C 358 -18.00 -39.45 -13.81
N ALA C 359 -17.39 -40.36 -13.06
CA ALA C 359 -18.06 -41.56 -12.57
C ALA C 359 -18.38 -41.46 -11.09
N ASN C 360 -17.48 -40.87 -10.30
CA ASN C 360 -17.67 -40.82 -8.86
C ASN C 360 -18.85 -39.95 -8.47
N ILE C 361 -19.68 -40.44 -7.55
CA ILE C 361 -20.74 -39.62 -6.98
C ILE C 361 -20.15 -38.58 -6.04
N HIS C 362 -19.07 -38.91 -5.34
CA HIS C 362 -18.33 -38.00 -4.47
C HIS C 362 -16.98 -37.73 -5.12
N PRO C 363 -16.95 -36.96 -6.20
CA PRO C 363 -15.71 -36.83 -6.98
C PRO C 363 -14.58 -36.17 -6.22
N GLU C 364 -13.37 -36.61 -6.52
CA GLU C 364 -12.15 -35.97 -6.06
C GLU C 364 -11.03 -36.39 -7.00
N PHE C 365 -10.33 -35.41 -7.58
CA PHE C 365 -9.31 -35.71 -8.56
C PHE C 365 -8.26 -34.61 -8.59
N ARG C 366 -7.05 -34.99 -8.98
CA ARG C 366 -5.94 -34.05 -9.14
C ARG C 366 -5.97 -33.53 -10.58
N LEU C 367 -6.37 -32.27 -10.75
CA LEU C 367 -6.34 -31.61 -12.04
C LEU C 367 -4.93 -31.10 -12.26
N GLN C 368 -4.20 -31.73 -13.17
CA GLN C 368 -2.86 -31.29 -13.55
C GLN C 368 -2.98 -30.18 -14.57
N ILE C 369 -2.34 -29.05 -14.30
CA ILE C 369 -2.46 -27.87 -15.15
C ILE C 369 -1.15 -27.10 -15.09
N CYS C 370 -0.53 -26.92 -16.26
CA CYS C 370 0.54 -25.95 -16.48
C CYS C 370 1.62 -26.01 -15.40
N THR C 371 2.31 -27.14 -15.35
CA THR C 371 3.43 -27.35 -14.43
C THR C 371 2.95 -27.14 -12.98
N SER C 372 1.75 -27.65 -12.69
CA SER C 372 1.26 -27.70 -11.33
C SER C 372 0.06 -28.64 -11.33
N TYR C 373 -0.54 -28.79 -10.15
CA TYR C 373 -1.77 -29.56 -10.05
C TYR C 373 -2.55 -29.10 -8.82
N VAL C 374 -3.87 -29.16 -8.94
CA VAL C 374 -4.79 -28.68 -7.91
C VAL C 374 -5.78 -29.79 -7.59
N THR C 375 -6.09 -29.96 -6.31
CA THR C 375 -6.94 -31.05 -5.85
C THR C 375 -8.39 -30.58 -5.90
N CYS C 376 -9.09 -30.93 -6.97
CA CYS C 376 -10.50 -30.61 -7.12
C CYS C 376 -11.32 -31.63 -6.37
N LYS C 377 -12.37 -31.17 -5.67
CA LYS C 377 -13.18 -32.04 -4.85
C LYS C 377 -14.58 -31.45 -4.74
N GLY C 378 -15.57 -32.31 -4.59
CA GLY C 378 -16.93 -31.85 -4.43
C GLY C 378 -17.91 -33.01 -4.36
N ASP C 379 -19.18 -32.67 -4.29
CA ASP C 379 -20.28 -33.62 -4.33
C ASP C 379 -21.04 -33.42 -5.63
N CYS C 380 -21.61 -34.50 -6.16
CA CYS C 380 -22.17 -34.49 -7.50
C CYS C 380 -23.56 -35.12 -7.49
N HIS C 381 -24.40 -34.68 -8.43
CA HIS C 381 -25.82 -35.01 -8.45
C HIS C 381 -26.15 -35.90 -9.64
N PRO C 382 -27.22 -36.68 -9.58
CA PRO C 382 -27.52 -37.61 -10.67
C PRO C 382 -27.98 -36.87 -11.91
N PRO C 383 -28.04 -37.55 -13.05
CA PRO C 383 -28.45 -36.89 -14.29
C PRO C 383 -29.97 -36.86 -14.44
N LYS C 384 -30.40 -36.28 -15.57
CA LYS C 384 -31.82 -36.10 -15.80
C LYS C 384 -32.46 -37.35 -16.40
N ASP C 385 -31.98 -37.77 -17.57
CA ASP C 385 -32.65 -38.80 -18.37
C ASP C 385 -32.09 -40.17 -18.06
N HIS C 386 -32.98 -41.17 -18.07
CA HIS C 386 -32.55 -42.54 -17.85
C HIS C 386 -31.69 -43.04 -19.00
N ILE C 387 -32.09 -42.73 -20.23
CA ILE C 387 -31.46 -43.27 -21.44
C ILE C 387 -30.97 -42.10 -22.28
N VAL C 388 -29.73 -42.23 -22.78
CA VAL C 388 -29.11 -41.21 -23.62
C VAL C 388 -28.71 -41.85 -24.95
N THR C 389 -28.46 -40.99 -25.93
CA THR C 389 -28.24 -41.41 -27.31
C THR C 389 -26.78 -41.26 -27.73
N HIS C 390 -25.85 -41.58 -26.84
CA HIS C 390 -24.43 -41.54 -27.16
C HIS C 390 -23.71 -42.37 -26.11
N PRO C 391 -22.49 -42.84 -26.41
CA PRO C 391 -21.81 -43.72 -25.48
C PRO C 391 -21.06 -42.98 -24.39
N GLN C 392 -20.60 -43.74 -23.42
CA GLN C 392 -19.94 -43.20 -22.25
C GLN C 392 -18.66 -42.46 -22.63
N TYR C 393 -18.40 -41.35 -21.94
CA TYR C 393 -17.16 -40.60 -22.10
C TYR C 393 -16.23 -40.72 -20.90
N HIS C 394 -16.73 -41.17 -19.76
CA HIS C 394 -15.96 -41.20 -18.52
C HIS C 394 -15.69 -42.65 -18.12
N ALA C 395 -14.46 -42.89 -17.68
CA ALA C 395 -14.03 -44.24 -17.35
C ALA C 395 -14.74 -44.70 -16.08
N GLN C 396 -15.43 -45.84 -16.17
CA GLN C 396 -16.15 -46.37 -15.03
C GLN C 396 -15.17 -46.76 -13.93
N THR C 397 -15.61 -46.62 -12.68
CA THR C 397 -14.77 -46.94 -11.53
C THR C 397 -15.64 -47.54 -10.44
N PHE C 398 -15.02 -48.33 -9.56
CA PHE C 398 -15.76 -49.05 -8.54
C PHE C 398 -16.43 -48.10 -7.54
N THR C 399 -15.74 -47.02 -7.17
CA THR C 399 -16.19 -46.19 -6.06
C THR C 399 -17.36 -45.30 -6.48
N ALA C 400 -18.52 -45.55 -5.88
CA ALA C 400 -19.68 -44.66 -6.00
C ALA C 400 -20.41 -44.56 -4.65
N ALA C 401 -19.65 -44.40 -3.57
CA ALA C 401 -20.15 -44.56 -2.22
C ALA C 401 -20.71 -43.26 -1.66
N VAL C 402 -21.25 -43.35 -0.44
CA VAL C 402 -21.83 -42.21 0.27
C VAL C 402 -20.79 -41.10 0.45
N TYR D 1 40.44 27.85 23.89
CA TYR D 1 40.41 26.47 24.45
C TYR D 1 41.77 25.81 24.31
N GLU D 2 42.29 25.29 25.43
CA GLU D 2 43.60 24.67 25.45
C GLU D 2 43.46 23.17 25.19
N HIS D 3 44.18 22.68 24.19
CA HIS D 3 44.23 21.26 23.85
C HIS D 3 45.69 20.91 23.64
N ALA D 4 46.04 19.66 23.88
CA ALA D 4 47.44 19.24 23.76
C ALA D 4 47.51 17.79 23.31
N THR D 5 48.41 17.51 22.38
CA THR D 5 48.54 16.15 21.87
C THR D 5 49.94 15.95 21.33
N THR D 6 50.56 14.84 21.72
CA THR D 6 51.90 14.52 21.25
C THR D 6 51.84 14.17 19.76
N MET D 7 52.82 14.66 19.00
CA MET D 7 52.92 14.41 17.58
C MET D 7 54.23 13.66 17.30
N PRO D 8 54.22 12.46 16.71
CA PRO D 8 55.48 11.77 16.45
C PRO D 8 56.37 12.58 15.51
N SER D 9 57.65 12.67 15.88
CA SER D 9 58.60 13.53 15.17
C SER D 9 59.16 12.88 13.92
N GLN D 10 58.30 12.42 13.02
CA GLN D 10 58.74 11.80 11.78
C GLN D 10 58.51 12.77 10.63
N ALA D 11 59.50 12.86 9.73
CA ALA D 11 59.45 13.78 8.61
C ALA D 11 58.73 13.13 7.43
N GLY D 12 57.72 13.82 6.93
CA GLY D 12 56.98 13.36 5.77
C GLY D 12 55.65 12.70 6.13
N ILE D 13 55.54 12.17 7.33
CA ILE D 13 54.32 11.50 7.77
C ILE D 13 53.40 12.52 8.40
N SER D 14 52.10 12.40 8.13
CA SER D 14 51.13 13.35 8.64
C SER D 14 50.57 12.88 9.98
N TYR D 15 49.77 13.75 10.61
CA TYR D 15 49.11 13.43 11.87
C TYR D 15 47.81 14.22 11.93
N ASN D 16 46.75 13.57 12.40
CA ASN D 16 45.41 14.15 12.44
C ASN D 16 44.80 13.96 13.82
N THR D 17 43.86 14.83 14.17
CA THR D 17 43.13 14.75 15.42
C THR D 17 41.83 15.52 15.25
N ILE D 18 40.87 15.25 16.12
CA ILE D 18 39.59 15.94 16.15
C ILE D 18 39.43 16.52 17.54
N VAL D 19 39.10 17.80 17.64
CA VAL D 19 38.77 18.40 18.93
C VAL D 19 37.27 18.63 18.96
N ASN D 20 36.64 18.18 20.05
CA ASN D 20 35.19 18.12 20.15
C ASN D 20 34.75 18.45 21.56
N ARG D 21 33.49 18.85 21.70
CA ARG D 21 32.89 19.11 22.99
C ARG D 21 31.39 18.81 22.92
N ALA D 22 30.77 18.74 24.09
CA ALA D 22 29.42 18.18 24.19
C ALA D 22 28.41 18.91 23.32
N GLY D 23 28.66 20.18 23.01
CA GLY D 23 27.73 20.98 22.23
C GLY D 23 28.35 21.67 21.04
N TYR D 24 29.55 21.27 20.64
CA TYR D 24 30.24 21.86 19.51
C TYR D 24 30.72 20.79 18.55
N ALA D 25 30.56 21.05 17.26
CA ALA D 25 30.84 20.07 16.22
C ALA D 25 32.32 19.75 16.16
N PRO D 26 32.68 18.58 15.62
CA PRO D 26 34.10 18.23 15.56
C PRO D 26 34.89 19.19 14.68
N LEU D 27 35.96 19.74 15.24
CA LEU D 27 36.88 20.64 14.53
C LEU D 27 38.12 19.81 14.22
N PRO D 28 38.40 19.50 12.96
CA PRO D 28 39.61 18.73 12.65
C PRO D 28 40.86 19.58 12.77
N ILE D 29 41.96 18.92 13.10
CA ILE D 29 43.28 19.53 13.19
C ILE D 29 44.27 18.58 12.55
N SER D 30 45.10 19.09 11.65
CA SER D 30 46.09 18.28 10.94
C SER D 30 47.44 18.96 10.99
N ILE D 31 48.48 18.14 11.17
CA ILE D 31 49.86 18.59 11.22
C ILE D 31 50.67 17.73 10.26
N THR D 32 51.68 18.34 9.65
CA THR D 32 52.59 17.63 8.75
C THR D 32 53.97 18.29 8.83
N PRO D 33 54.92 17.70 9.56
CA PRO D 33 56.28 18.26 9.56
C PRO D 33 57.08 17.82 8.35
N THR D 34 57.34 18.75 7.42
CA THR D 34 58.02 18.39 6.19
C THR D 34 59.53 18.32 6.39
N LYS D 35 60.08 19.00 7.40
CA LYS D 35 61.50 18.96 7.66
C LYS D 35 61.76 19.42 9.08
N ILE D 36 62.24 18.51 9.93
CA ILE D 36 62.60 18.81 11.31
C ILE D 36 64.11 19.00 11.36
N LYS D 37 64.52 20.14 11.86
CA LYS D 37 65.91 20.58 11.82
C LYS D 37 66.48 20.56 13.23
N LEU D 38 67.75 20.17 13.34
CA LEU D 38 68.43 20.07 14.63
C LEU D 38 69.73 20.87 14.54
N ILE D 39 69.64 22.17 14.83
CA ILE D 39 70.78 23.08 14.75
C ILE D 39 71.43 23.13 16.13
N PRO D 40 72.73 22.85 16.26
CA PRO D 40 73.38 23.00 17.55
C PRO D 40 74.02 24.37 17.71
N THR D 41 74.11 24.83 18.95
CA THR D 41 74.82 26.05 19.25
C THR D 41 76.32 25.78 19.16
N VAL D 42 77.00 26.49 18.25
CA VAL D 42 78.35 26.14 17.85
C VAL D 42 79.21 27.40 17.78
N ASN D 43 80.48 27.25 18.15
CA ASN D 43 81.47 28.29 18.00
C ASN D 43 82.75 27.70 17.45
N LEU D 44 83.52 28.52 16.74
CA LEU D 44 84.72 28.05 16.05
C LEU D 44 85.92 28.13 16.97
N GLU D 45 86.60 27.00 17.16
CA GLU D 45 87.85 26.99 17.90
C GLU D 45 89.05 27.29 17.02
N TYR D 46 89.16 26.64 15.86
CA TYR D 46 90.21 27.08 14.94
C TYR D 46 89.97 26.51 13.55
N VAL D 47 90.90 26.80 12.66
CA VAL D 47 90.90 26.24 11.31
C VAL D 47 92.30 25.75 11.01
N THR D 48 92.38 24.58 10.40
CA THR D 48 93.66 23.95 10.09
C THR D 48 93.69 23.55 8.63
N CYS D 49 94.90 23.41 8.10
CA CYS D 49 95.08 23.10 6.69
C CYS D 49 96.49 22.59 6.48
N HIS D 50 96.80 22.24 5.23
CA HIS D 50 98.15 21.84 4.89
C HIS D 50 99.13 22.96 5.21
N TYR D 51 100.29 22.61 5.74
CA TYR D 51 101.33 23.59 5.96
C TYR D 51 102.18 23.73 4.71
N LYS D 52 103.07 24.72 4.72
CA LYS D 52 104.19 24.78 3.82
C LYS D 52 105.38 25.34 4.58
N THR D 53 106.54 24.73 4.35
CA THR D 53 107.75 25.03 5.11
C THR D 53 108.51 26.12 4.38
N GLY D 54 108.25 27.36 4.76
CA GLY D 54 109.04 28.45 4.25
C GLY D 54 110.44 28.41 4.83
N MET D 55 111.36 29.08 4.17
CA MET D 55 112.75 29.03 4.61
C MET D 55 113.54 30.16 3.99
N ASP D 56 114.23 30.91 4.82
CA ASP D 56 115.02 32.03 4.34
C ASP D 56 116.18 31.50 3.51
N SER D 57 116.58 32.30 2.52
CA SER D 57 117.72 31.92 1.71
C SER D 57 118.94 31.79 2.61
N PRO D 58 119.81 30.79 2.40
CA PRO D 58 121.00 30.69 3.25
C PRO D 58 121.84 31.94 3.16
N ALA D 59 122.31 32.41 4.32
CA ALA D 59 123.22 33.54 4.38
C ALA D 59 124.62 32.97 4.59
N ILE D 60 125.46 33.13 3.57
CA ILE D 60 126.79 32.52 3.54
C ILE D 60 127.82 33.62 3.71
N LYS D 61 128.69 33.46 4.71
CA LYS D 61 129.81 34.36 4.94
C LYS D 61 131.09 33.57 4.71
N CYS D 62 131.95 34.11 3.86
CA CYS D 62 133.17 33.41 3.47
C CYS D 62 134.28 33.66 4.47
N CYS D 63 134.68 32.60 5.17
CA CYS D 63 135.57 32.66 6.33
C CYS D 63 135.28 33.88 7.21
N GLY D 64 134.07 33.88 7.74
CA GLY D 64 133.69 34.79 8.80
C GLY D 64 132.57 34.15 9.60
N SER D 65 132.54 34.52 10.88
CA SER D 65 131.55 33.95 11.80
C SER D 65 130.21 34.67 11.65
N GLN D 66 129.15 33.94 11.96
CA GLN D 66 127.79 34.46 11.95
C GLN D 66 127.11 34.12 13.27
N GLU D 67 125.90 34.65 13.45
CA GLU D 67 125.12 34.45 14.66
C GLU D 67 123.71 34.03 14.27
N CYS D 68 123.07 33.25 15.15
CA CYS D 68 121.70 32.82 14.94
C CYS D 68 120.75 33.98 15.23
N THR D 69 120.60 34.90 14.28
CA THR D 69 119.78 36.07 14.50
C THR D 69 118.31 35.65 14.65
N PRO D 70 117.66 35.92 15.77
CA PRO D 70 116.30 35.38 15.96
C PRO D 70 115.22 36.28 15.40
N THR D 71 114.28 35.67 14.69
CA THR D 71 112.97 36.26 14.43
C THR D 71 111.94 35.37 15.10
N TYR D 72 110.66 35.72 14.93
CA TYR D 72 109.61 35.15 15.77
C TYR D 72 108.49 34.54 14.92
N ARG D 73 108.85 33.74 13.92
CA ARG D 73 107.86 33.13 13.06
C ARG D 73 107.49 31.75 13.59
N PRO D 74 106.36 31.19 13.15
CA PRO D 74 105.89 29.92 13.73
C PRO D 74 106.88 28.78 13.53
N ASP D 75 107.09 28.02 14.61
CA ASP D 75 107.90 26.80 14.60
C ASP D 75 109.26 27.06 13.94
N GLU D 76 109.90 28.16 14.29
CA GLU D 76 111.14 28.53 13.64
C GLU D 76 112.28 27.62 14.12
N GLN D 77 113.16 27.26 13.19
CA GLN D 77 114.44 26.67 13.52
C GLN D 77 115.51 27.46 12.79
N CYS D 78 116.56 27.84 13.53
CA CYS D 78 117.67 28.60 12.98
C CYS D 78 118.97 27.94 13.43
N LYS D 79 119.92 27.80 12.51
CA LYS D 79 121.17 27.15 12.84
C LYS D 79 122.28 27.67 11.96
N VAL D 80 123.49 27.72 12.52
CA VAL D 80 124.67 28.28 11.88
C VAL D 80 125.63 27.13 11.65
N PHE D 81 125.63 26.59 10.43
CA PHE D 81 126.48 25.47 10.07
C PHE D 81 127.84 26.00 9.62
N THR D 82 128.90 25.55 10.29
CA THR D 82 130.26 25.96 9.97
C THR D 82 130.94 24.92 9.10
N GLY D 83 132.12 25.26 8.60
CA GLY D 83 132.87 24.35 7.77
C GLY D 83 132.18 23.96 6.49
N VAL D 84 131.57 24.91 5.79
CA VAL D 84 130.87 24.66 4.54
C VAL D 84 131.71 25.22 3.40
N TYR D 85 131.45 24.75 2.19
CA TYR D 85 132.12 25.22 0.99
C TYR D 85 131.14 25.12 -0.18
N PRO D 86 130.22 26.05 -0.29
CA PRO D 86 129.14 25.91 -1.27
C PRO D 86 129.60 26.16 -2.69
N PHE D 87 128.86 25.58 -3.63
CA PHE D 87 129.10 25.72 -5.06
C PHE D 87 127.84 26.27 -5.72
N MET D 88 128.04 27.17 -6.68
CA MET D 88 126.98 27.69 -7.51
C MET D 88 127.26 27.33 -8.96
N TRP D 89 126.43 27.82 -9.88
CA TRP D 89 126.63 27.53 -11.29
C TRP D 89 127.95 28.10 -11.80
N GLY D 90 128.47 29.14 -11.15
CA GLY D 90 129.71 29.77 -11.55
C GLY D 90 130.95 29.28 -10.85
N GLY D 91 130.84 28.27 -10.00
CA GLY D 91 131.98 27.73 -9.27
C GLY D 91 131.85 27.98 -7.78
N ALA D 92 132.98 27.82 -7.09
CA ALA D 92 132.99 27.92 -5.63
C ALA D 92 132.60 29.33 -5.20
N TYR D 93 131.73 29.41 -4.20
CA TYR D 93 131.29 30.71 -3.71
C TYR D 93 132.39 31.42 -2.93
N CYS D 94 133.15 30.69 -2.12
CA CYS D 94 134.22 31.24 -1.31
C CYS D 94 135.57 30.65 -1.68
N PHE D 95 136.61 31.36 -1.23
CA PHE D 95 138.00 30.98 -1.46
C PHE D 95 138.64 30.34 -0.25
N CYS D 96 138.23 30.73 0.96
CA CYS D 96 138.70 30.07 2.16
C CYS D 96 138.12 28.66 2.22
N ASP D 97 139.00 27.68 2.39
CA ASP D 97 138.55 26.29 2.40
C ASP D 97 137.75 25.97 3.65
N THR D 98 138.23 26.43 4.81
CA THR D 98 137.54 26.26 6.08
C THR D 98 137.02 27.60 6.59
N GLU D 99 136.36 27.56 7.76
CA GLU D 99 135.88 28.73 8.47
C GLU D 99 134.70 29.43 7.80
N ASN D 100 134.28 28.99 6.62
CA ASN D 100 133.11 29.57 5.98
C ASN D 100 131.87 29.13 6.75
N THR D 101 130.88 30.01 6.77
CA THR D 101 129.70 29.83 7.61
C THR D 101 128.45 29.99 6.78
N GLN D 102 127.42 29.19 7.09
CA GLN D 102 126.12 29.28 6.44
C GLN D 102 125.06 29.26 7.52
N VAL D 103 124.35 30.37 7.69
CA VAL D 103 123.22 30.44 8.61
C VAL D 103 121.95 30.21 7.81
N SER D 104 121.15 29.24 8.27
CA SER D 104 119.94 28.82 7.59
C SER D 104 118.81 28.73 8.60
N LYS D 105 117.63 29.15 8.18
CA LYS D 105 116.47 29.08 9.06
C LYS D 105 115.21 28.78 8.26
N ALA D 106 114.33 28.00 8.89
CA ALA D 106 113.10 27.52 8.29
C ALA D 106 111.95 27.69 9.28
N TYR D 107 110.74 27.78 8.73
CA TYR D 107 109.54 28.05 9.52
C TYR D 107 108.33 27.47 8.81
N VAL D 108 107.22 27.39 9.54
CA VAL D 108 105.97 26.85 9.04
C VAL D 108 105.04 28.02 8.74
N MET D 109 104.26 27.90 7.66
CA MET D 109 103.21 28.87 7.39
C MET D 109 102.06 28.18 6.68
N LYS D 110 100.91 28.85 6.66
CA LYS D 110 99.71 28.28 6.08
C LYS D 110 99.89 28.07 4.58
N SER D 111 99.31 26.99 4.08
CA SER D 111 99.38 26.72 2.65
C SER D 111 98.67 27.82 1.87
N ASP D 112 99.13 28.02 0.64
CA ASP D 112 98.53 29.03 -0.21
C ASP D 112 97.06 28.73 -0.49
N ASP D 113 96.68 27.47 -0.44
CA ASP D 113 95.30 27.04 -0.69
C ASP D 113 94.45 27.03 0.56
N CYS D 114 94.99 27.43 1.72
CA CYS D 114 94.24 27.35 2.97
C CYS D 114 92.99 28.21 2.96
N LEU D 115 92.95 29.24 2.11
CA LEU D 115 91.78 30.12 2.09
C LEU D 115 90.54 29.40 1.58
N ALA D 116 90.71 28.27 0.89
CA ALA D 116 89.62 27.52 0.30
C ALA D 116 89.65 26.03 0.58
N ASP D 117 90.75 25.50 1.11
CA ASP D 117 90.90 24.09 1.42
C ASP D 117 91.38 23.97 2.87
N HIS D 118 90.42 23.92 3.79
CA HIS D 118 90.74 23.88 5.21
C HIS D 118 89.62 23.20 5.96
N ALA D 119 89.94 22.75 7.18
CA ALA D 119 88.98 22.13 8.07
C ALA D 119 88.76 23.00 9.29
N GLU D 120 87.50 23.14 9.67
CA GLU D 120 87.09 24.04 10.75
C GLU D 120 86.78 23.20 11.97
N ALA D 121 87.59 23.38 13.02
CA ALA D 121 87.42 22.68 14.29
C ALA D 121 86.53 23.51 15.19
N TYR D 122 85.33 22.97 15.51
CA TYR D 122 84.29 23.63 16.28
C TYR D 122 84.04 22.91 17.59
N LYS D 123 83.37 23.61 18.51
CA LYS D 123 82.73 23.01 19.67
C LYS D 123 81.22 23.25 19.60
N ALA D 124 80.45 22.19 19.79
CA ALA D 124 78.99 22.24 19.74
C ALA D 124 78.43 22.03 21.14
N HIS D 125 77.62 22.97 21.61
CA HIS D 125 77.22 23.02 23.02
C HIS D 125 75.82 22.46 23.25
N THR D 126 74.79 23.06 22.65
CA THR D 126 73.41 22.74 22.95
C THR D 126 72.60 22.75 21.67
N ALA D 127 71.44 22.12 21.72
CA ALA D 127 70.60 21.91 20.54
C ALA D 127 69.49 22.95 20.46
N SER D 128 69.13 23.29 19.22
CA SER D 128 67.93 24.05 18.92
C SER D 128 67.18 23.37 17.79
N VAL D 129 65.90 23.05 18.04
CA VAL D 129 65.08 22.28 17.12
C VAL D 129 64.04 23.18 16.51
N GLN D 130 64.07 23.30 15.19
CA GLN D 130 63.08 24.08 14.45
C GLN D 130 62.59 23.23 13.28
N ALA D 131 61.29 23.27 13.03
CA ALA D 131 60.66 22.38 12.06
C ALA D 131 59.72 23.17 11.16
N PHE D 132 59.74 22.83 9.87
CA PHE D 132 58.80 23.39 8.91
C PHE D 132 57.54 22.54 8.95
N LEU D 133 56.43 23.17 9.35
CA LEU D 133 55.18 22.38 9.58
C LEU D 133 54.02 22.90 8.73
N ASN D 134 53.10 22.01 8.35
CA ASN D 134 51.87 22.42 7.63
C ASN D 134 50.72 22.21 8.62
N ILE D 135 50.07 23.28 9.08
CA ILE D 135 49.05 23.11 10.15
C ILE D 135 47.68 23.57 9.64
N THR D 136 46.67 22.70 9.74
CA THR D 136 45.32 23.06 9.32
C THR D 136 44.39 22.87 10.50
N VAL D 137 43.48 23.81 10.69
CA VAL D 137 42.46 23.74 11.74
C VAL D 137 41.15 24.20 11.10
N GLY D 138 40.24 23.27 10.86
CA GLY D 138 38.94 23.62 10.31
C GLY D 138 39.04 24.37 9.00
N GLU D 139 39.91 23.92 8.10
CA GLU D 139 40.19 24.50 6.79
C GLU D 139 40.91 25.84 6.88
N HIS D 140 41.30 26.29 8.07
CA HIS D 140 42.26 27.39 8.19
C HIS D 140 43.66 26.78 8.18
N SER D 141 44.37 26.95 7.07
CA SER D 141 45.63 26.25 6.84
C SER D 141 46.78 27.25 6.81
N ILE D 142 47.94 26.79 7.25
CA ILE D 142 49.16 27.61 7.32
C ILE D 142 50.37 26.71 7.11
N VAL D 143 51.40 27.28 6.50
CA VAL D 143 52.70 26.63 6.33
C VAL D 143 53.74 27.56 6.94
N THR D 144 54.43 27.10 7.97
CA THR D 144 55.28 27.96 8.77
C THR D 144 56.54 27.23 9.18
N THR D 145 57.41 27.96 9.86
CA THR D 145 58.59 27.40 10.51
C THR D 145 58.48 27.66 12.00
N VAL D 146 58.23 26.62 12.78
CA VAL D 146 58.03 26.73 14.21
C VAL D 146 59.31 26.34 14.92
N TYR D 147 59.73 27.18 15.86
CA TYR D 147 60.90 26.90 16.69
C TYR D 147 60.43 26.00 17.84
N VAL D 148 60.95 24.77 17.86
CA VAL D 148 60.48 23.78 18.83
C VAL D 148 61.22 23.98 20.14
N ASN D 149 60.70 24.87 20.98
CA ASN D 149 61.25 25.10 22.31
C ASN D 149 60.18 25.25 23.38
N GLY D 150 58.89 25.22 23.02
CA GLY D 150 57.82 25.45 23.96
C GLY D 150 57.52 26.89 24.23
N GLU D 151 58.37 27.82 23.79
CA GLU D 151 58.17 29.24 24.00
C GLU D 151 57.62 29.93 22.77
N THR D 152 58.36 29.86 21.65
CA THR D 152 58.04 30.68 20.48
C THR D 152 56.72 30.20 19.87
N PRO D 153 55.68 31.04 19.84
CA PRO D 153 54.44 30.62 19.21
C PRO D 153 54.38 31.03 17.75
N VAL D 154 53.51 30.36 17.01
CA VAL D 154 53.06 30.80 15.70
C VAL D 154 51.55 30.99 15.77
N ASN D 155 51.10 32.22 15.54
CA ASN D 155 49.78 32.67 15.96
C ASN D 155 48.85 33.02 14.80
N PHE D 156 49.05 32.45 13.62
CA PHE D 156 48.20 32.83 12.49
C PHE D 156 46.75 32.41 12.71
N ASN D 157 45.84 33.33 12.39
CA ASN D 157 44.39 33.14 12.36
C ASN D 157 43.79 32.89 13.74
N GLY D 158 44.50 33.25 14.81
CA GLY D 158 43.95 33.27 16.14
C GLY D 158 44.24 32.05 16.98
N VAL D 159 44.57 30.93 16.36
CA VAL D 159 44.92 29.71 17.08
C VAL D 159 46.42 29.74 17.36
N LYS D 160 46.80 29.56 18.62
CA LYS D 160 48.19 29.69 19.03
C LYS D 160 48.82 28.31 19.16
N ILE D 161 49.85 28.06 18.36
CA ILE D 161 50.53 26.78 18.31
C ILE D 161 51.83 26.92 19.08
N THR D 162 52.09 25.97 20.00
CA THR D 162 53.36 25.92 20.72
C THR D 162 53.89 24.50 20.67
N ALA D 163 55.04 24.31 20.03
CA ALA D 163 55.67 23.01 19.93
C ALA D 163 56.63 22.84 21.10
N GLY D 164 56.24 22.04 22.08
CA GLY D 164 57.00 21.87 23.30
C GLY D 164 58.41 21.37 23.04
N PRO D 165 59.23 21.31 24.08
CA PRO D 165 60.60 20.81 23.90
C PRO D 165 60.60 19.39 23.38
N LEU D 166 61.56 19.09 22.52
CA LEU D 166 61.69 17.75 21.98
C LEU D 166 61.88 16.77 23.13
N SER D 167 61.01 15.76 23.19
CA SER D 167 60.83 14.99 24.41
C SER D 167 62.11 14.32 24.89
N THR D 168 62.91 13.77 23.99
CA THR D 168 64.19 13.14 24.32
C THR D 168 65.31 14.00 23.71
N ALA D 169 65.79 14.97 24.47
CA ALA D 169 66.86 15.84 24.02
C ALA D 169 68.09 15.01 23.67
N TRP D 170 68.55 15.15 22.43
CA TRP D 170 69.59 14.27 21.91
C TRP D 170 70.16 14.91 20.65
N THR D 171 71.48 14.75 20.46
CA THR D 171 72.16 15.28 19.30
C THR D 171 73.14 14.25 18.75
N PRO D 172 73.33 14.18 17.43
CA PRO D 172 74.39 13.31 16.90
C PRO D 172 75.77 13.91 17.01
N PHE D 173 75.86 15.21 17.27
CA PHE D 173 77.15 15.88 17.41
C PHE D 173 77.63 15.72 18.85
N ASP D 174 78.87 15.26 19.01
CA ASP D 174 79.49 15.32 20.33
C ASP D 174 79.84 16.77 20.66
N ARG D 175 80.48 16.97 21.81
CA ARG D 175 80.78 18.32 22.26
C ARG D 175 81.74 19.04 21.31
N LYS D 176 82.44 18.30 20.45
CA LYS D 176 83.63 18.81 19.77
C LYS D 176 83.72 18.17 18.40
N ILE D 177 83.50 18.96 17.33
CA ILE D 177 83.30 18.44 15.98
C ILE D 177 84.23 19.14 15.01
N VAL D 178 84.25 18.63 13.77
CA VAL D 178 85.10 19.17 12.71
C VAL D 178 84.29 19.20 11.42
N GLN D 179 84.47 20.26 10.64
CA GLN D 179 83.88 20.39 9.31
C GLN D 179 84.97 20.33 8.26
N TYR D 180 84.75 19.56 7.21
CA TYR D 180 85.66 19.53 6.07
C TYR D 180 84.92 19.09 4.82
N ALA D 181 85.04 19.91 3.77
CA ALA D 181 84.52 19.57 2.45
C ALA D 181 83.02 19.24 2.51
N GLY D 182 82.29 20.00 3.32
CA GLY D 182 80.87 19.78 3.45
C GLY D 182 80.50 18.52 4.19
N GLU D 183 81.38 17.99 5.04
CA GLU D 183 81.11 16.82 5.84
C GLU D 183 81.49 17.10 7.29
N ILE D 184 80.67 16.62 8.21
CA ILE D 184 80.85 16.85 9.63
C ILE D 184 81.33 15.56 10.27
N TYR D 185 82.42 15.65 11.04
CA TYR D 185 83.05 14.52 11.70
C TYR D 185 83.07 14.75 13.20
N ASN D 186 82.91 13.67 13.95
CA ASN D 186 83.13 13.69 15.39
C ASN D 186 84.59 13.34 15.65
N TYR D 187 85.34 14.31 16.18
CA TYR D 187 86.78 14.13 16.36
C TYR D 187 87.22 14.97 17.55
N ASP D 188 87.99 14.38 18.45
CA ASP D 188 88.52 15.07 19.62
C ASP D 188 89.84 15.74 19.26
N PHE D 189 89.73 16.81 18.48
CA PHE D 189 90.92 17.52 18.03
C PHE D 189 91.60 18.19 19.22
N PRO D 190 92.91 18.40 19.16
CA PRO D 190 93.59 19.02 20.30
C PRO D 190 93.12 20.44 20.55
N GLU D 191 93.08 20.82 21.82
CA GLU D 191 92.68 22.17 22.19
C GLU D 191 93.66 23.16 21.56
N TYR D 192 93.20 24.39 21.36
CA TYR D 192 94.09 25.40 20.80
C TYR D 192 95.29 25.55 21.72
N GLY D 193 96.46 25.27 21.18
CA GLY D 193 97.71 25.39 21.90
C GLY D 193 98.28 24.08 22.38
N ALA D 194 97.67 22.96 22.01
CA ALA D 194 98.19 21.63 22.33
C ALA D 194 98.42 20.77 21.11
N GLY D 195 98.33 21.33 19.91
CA GLY D 195 98.43 20.50 18.72
C GLY D 195 99.78 19.80 18.64
N GLN D 196 99.74 18.48 18.42
CA GLN D 196 100.93 17.66 18.36
C GLN D 196 101.28 17.34 16.91
N PRO D 197 102.55 17.09 16.60
CA PRO D 197 102.93 16.92 15.19
C PRO D 197 102.37 15.65 14.59
N GLY D 198 102.24 15.65 13.26
CA GLY D 198 101.83 14.48 12.53
C GLY D 198 100.38 14.09 12.73
N ALA D 199 99.57 14.94 13.34
CA ALA D 199 98.18 14.64 13.60
C ALA D 199 97.36 15.90 13.36
N PHE D 200 96.04 15.73 13.34
CA PHE D 200 95.14 16.83 13.09
C PHE D 200 95.37 17.94 14.10
N GLY D 201 95.55 19.15 13.60
CA GLY D 201 95.86 20.28 14.44
C GLY D 201 97.34 20.60 14.57
N ASP D 202 98.19 20.06 13.70
CA ASP D 202 99.60 20.42 13.76
C ASP D 202 99.82 21.90 13.52
N ILE D 203 99.09 22.49 12.59
CA ILE D 203 99.02 23.94 12.42
C ILE D 203 97.58 24.36 12.65
N GLN D 204 97.39 25.50 13.32
CA GLN D 204 96.08 25.95 13.73
C GLN D 204 96.02 27.46 13.61
N SER D 205 94.84 28.00 13.33
CA SER D 205 94.62 29.44 13.42
C SER D 205 93.20 29.71 13.91
N ARG D 206 93.09 30.70 14.78
CA ARG D 206 91.79 31.08 15.33
C ARG D 206 90.80 31.48 14.24
N THR D 207 91.28 31.95 13.10
CA THR D 207 90.41 32.27 11.99
C THR D 207 91.23 32.11 10.71
N VAL D 208 90.53 31.98 9.59
CA VAL D 208 91.22 31.83 8.30
C VAL D 208 92.11 33.04 8.04
N SER D 209 91.65 34.22 8.44
CA SER D 209 92.40 35.45 8.25
C SER D 209 93.20 35.85 9.48
N SER D 210 93.25 35.01 10.51
CA SER D 210 93.92 35.38 11.75
C SER D 210 95.42 35.54 11.54
N SER D 211 96.00 36.55 12.20
CA SER D 211 97.42 36.80 12.05
C SER D 211 98.26 35.73 12.72
N ASP D 212 97.83 35.27 13.90
CA ASP D 212 98.60 34.29 14.64
C ASP D 212 98.53 32.93 13.98
N LEU D 213 99.58 32.14 14.18
CA LEU D 213 99.64 30.77 13.67
C LEU D 213 100.58 29.97 14.54
N TYR D 214 100.01 29.15 15.42
CA TYR D 214 100.77 28.14 16.12
C TYR D 214 101.11 27.00 15.18
N ALA D 215 102.35 26.52 15.28
CA ALA D 215 102.81 25.41 14.47
C ALA D 215 103.69 24.52 15.33
N ASN D 216 103.41 23.23 15.30
CA ASN D 216 104.24 22.23 15.99
C ASN D 216 104.36 21.07 14.99
N THR D 217 105.35 21.18 14.11
CA THR D 217 105.58 20.21 13.06
C THR D 217 106.89 19.44 13.25
N ASN D 218 107.51 19.53 14.43
CA ASN D 218 108.75 18.81 14.71
C ASN D 218 109.84 19.20 13.72
N LEU D 219 109.88 20.48 13.37
CA LEU D 219 110.87 20.97 12.42
C LEU D 219 112.25 20.90 13.05
N VAL D 220 113.18 20.25 12.36
CA VAL D 220 114.57 20.17 12.79
C VAL D 220 115.46 20.23 11.56
N LEU D 221 116.53 21.00 11.65
CA LEU D 221 117.42 21.21 10.52
C LEU D 221 118.54 20.18 10.50
N GLN D 222 119.04 19.90 9.30
CA GLN D 222 120.20 19.05 9.09
C GLN D 222 121.24 19.79 8.27
N ARG D 223 122.49 19.39 8.47
CA ARG D 223 123.60 20.04 7.81
C ARG D 223 123.51 19.81 6.30
N PRO D 224 123.79 20.82 5.48
CA PRO D 224 123.69 20.63 4.03
C PRO D 224 124.84 19.80 3.49
N LYS D 225 124.64 19.26 2.29
CA LYS D 225 125.70 18.54 1.62
C LYS D 225 126.85 19.49 1.29
N ALA D 226 128.06 18.96 1.32
CA ALA D 226 129.21 19.75 0.91
C ALA D 226 129.08 20.12 -0.56
N GLY D 227 129.40 21.37 -0.88
CA GLY D 227 129.33 21.82 -2.25
C GLY D 227 127.93 22.00 -2.78
N ALA D 228 126.96 22.25 -1.90
CA ALA D 228 125.58 22.47 -2.31
C ALA D 228 124.98 23.53 -1.40
N ILE D 229 124.11 24.36 -1.95
CA ILE D 229 123.47 25.45 -1.23
C ILE D 229 121.99 25.14 -1.14
N HIS D 230 121.51 24.92 0.08
CA HIS D 230 120.11 24.60 0.35
C HIS D 230 119.93 24.51 1.85
N VAL D 231 118.67 24.34 2.27
CA VAL D 231 118.30 24.31 3.69
C VAL D 231 117.65 22.97 3.99
N PRO D 232 118.40 21.95 4.39
CA PRO D 232 117.76 20.67 4.72
C PRO D 232 116.83 20.78 5.90
N TYR D 233 115.77 19.98 5.90
CA TYR D 233 114.84 19.94 7.01
C TYR D 233 114.05 18.65 6.94
N THR D 234 113.89 18.01 8.10
CA THR D 234 113.04 16.84 8.26
C THR D 234 111.89 17.19 9.19
N GLN D 235 110.68 16.90 8.73
CA GLN D 235 109.50 17.41 9.39
C GLN D 235 108.46 16.30 9.41
N ALA D 236 107.63 16.29 10.44
CA ALA D 236 106.57 15.30 10.50
C ALA D 236 105.61 15.55 9.33
N PRO D 237 105.16 14.51 8.62
CA PRO D 237 104.24 14.74 7.52
C PRO D 237 102.97 15.45 7.99
N SER D 238 102.36 16.21 7.08
CA SER D 238 101.25 17.08 7.45
C SER D 238 100.13 16.29 8.10
N GLY D 239 99.79 16.70 9.33
CA GLY D 239 98.75 16.00 10.06
C GLY D 239 97.40 16.08 9.40
N PHE D 240 97.13 17.17 8.70
CA PHE D 240 95.85 17.29 8.02
C PHE D 240 95.74 16.26 6.90
N GLU D 241 96.82 16.04 6.16
CA GLU D 241 96.82 15.00 5.13
C GLU D 241 96.60 13.64 5.75
N GLN D 242 97.26 13.36 6.87
CA GLN D 242 97.08 12.07 7.52
C GLN D 242 95.65 11.88 7.99
N TRP D 243 95.05 12.93 8.53
CA TRP D 243 93.66 12.87 8.93
C TRP D 243 92.76 12.59 7.74
N LYS D 244 93.05 13.22 6.60
CA LYS D 244 92.28 12.95 5.39
C LYS D 244 92.42 11.49 4.96
N LYS D 245 93.64 10.96 5.02
CA LYS D 245 93.86 9.56 4.65
C LYS D 245 93.16 8.61 5.62
N ASP D 246 93.22 8.92 6.91
CA ASP D 246 92.70 8.05 7.96
C ASP D 246 91.59 8.80 8.70
N LYS D 247 90.36 8.58 8.25
CA LYS D 247 89.19 9.14 8.91
C LYS D 247 87.99 8.25 8.64
N ALA D 248 87.15 8.09 9.65
CA ALA D 248 85.94 7.30 9.49
C ALA D 248 84.96 8.07 8.61
N PRO D 249 83.95 7.40 8.07
CA PRO D 249 82.92 8.11 7.30
C PRO D 249 82.23 9.17 8.15
N SER D 250 81.84 10.25 7.50
CA SER D 250 81.24 11.39 8.17
C SER D 250 79.97 11.02 8.92
N LEU D 251 79.44 11.94 9.72
CA LEU D 251 78.21 11.66 10.44
C LEU D 251 77.03 11.44 9.50
N LYS D 252 77.12 11.94 8.26
CA LYS D 252 76.03 11.73 7.31
C LYS D 252 75.89 10.27 6.92
N PHE D 253 76.90 9.44 7.20
CA PHE D 253 76.82 8.00 6.96
C PHE D 253 76.99 7.17 8.23
N THR D 254 77.01 7.80 9.40
CA THR D 254 77.13 7.07 10.66
C THR D 254 76.24 7.61 11.78
N ALA D 255 75.47 8.66 11.54
CA ALA D 255 74.70 9.26 12.63
C ALA D 255 73.58 8.31 13.07
N PRO D 256 73.25 8.27 14.37
CA PRO D 256 72.11 7.45 14.78
C PRO D 256 70.79 8.07 14.35
N PHE D 257 69.75 7.25 14.38
CA PHE D 257 68.38 7.65 14.08
C PHE D 257 68.21 8.15 12.65
N GLY D 258 69.13 7.78 11.75
CA GLY D 258 68.94 8.09 10.35
C GLY D 258 69.04 9.56 9.99
N CYS D 259 69.71 10.36 10.81
CA CYS D 259 69.77 11.79 10.56
C CYS D 259 70.58 12.09 9.32
N GLU D 260 70.10 13.04 8.52
CA GLU D 260 70.90 13.63 7.45
C GLU D 260 71.70 14.78 8.05
N ILE D 261 72.87 15.05 7.48
CA ILE D 261 73.80 16.05 8.02
C ILE D 261 74.11 17.08 6.95
N TYR D 262 74.04 18.35 7.33
CA TYR D 262 74.35 19.46 6.43
C TYR D 262 75.19 20.49 7.15
N THR D 263 75.85 21.35 6.37
CA THR D 263 77.01 22.08 6.87
C THR D 263 76.87 23.60 6.91
N ASN D 264 75.77 24.16 6.42
CA ASN D 264 75.60 25.63 6.40
C ASN D 264 74.13 25.96 6.59
N PRO D 265 73.68 26.12 7.85
CA PRO D 265 74.40 25.96 9.11
C PRO D 265 74.77 24.51 9.38
N ILE D 266 75.69 24.29 10.31
CA ILE D 266 75.94 22.92 10.79
C ILE D 266 74.64 22.43 11.41
N ARG D 267 74.15 21.29 10.96
CA ARG D 267 72.84 20.85 11.41
C ARG D 267 72.61 19.40 11.02
N ALA D 268 71.64 18.80 11.71
CA ALA D 268 71.09 17.49 11.36
C ALA D 268 69.60 17.63 11.12
N GLU D 269 69.11 16.96 10.09
CA GLU D 269 67.70 17.02 9.71
C GLU D 269 67.10 15.63 9.62
N ASN D 270 65.77 15.60 9.78
CA ASN D 270 64.98 14.38 9.64
C ASN D 270 65.43 13.29 10.59
N CYS D 271 65.70 13.65 11.83
CA CYS D 271 65.99 12.67 12.87
C CYS D 271 64.68 12.07 13.39
N ALA D 272 64.46 10.79 13.10
CA ALA D 272 63.27 10.12 13.59
C ALA D 272 63.44 9.79 15.06
N VAL D 273 63.47 10.82 15.91
CA VAL D 273 63.76 10.67 17.32
C VAL D 273 62.65 11.32 18.12
N GLY D 274 62.14 10.60 19.12
CA GLY D 274 61.23 11.17 20.08
C GLY D 274 59.92 11.65 19.46
N SER D 275 59.35 12.66 20.12
CA SER D 275 58.07 13.23 19.72
C SER D 275 58.03 14.69 20.15
N ILE D 276 57.13 15.45 19.53
CA ILE D 276 56.97 16.88 19.76
C ILE D 276 55.68 17.08 20.55
N PRO D 277 55.72 17.61 21.78
CA PRO D 277 54.45 17.84 22.50
C PRO D 277 53.75 19.12 22.05
N LEU D 278 52.96 19.02 20.99
CA LEU D 278 52.24 20.18 20.50
C LEU D 278 51.09 20.55 21.43
N ALA D 279 50.93 21.86 21.64
CA ALA D 279 49.82 22.41 22.39
C ALA D 279 49.16 23.51 21.57
N PHE D 280 47.85 23.40 21.41
CA PHE D 280 47.06 24.27 20.53
C PHE D 280 46.06 25.02 21.40
N ASP D 281 46.13 26.36 21.36
CA ASP D 281 45.15 27.21 22.01
C ASP D 281 44.19 27.67 20.92
N ILE D 282 43.06 26.98 20.82
CA ILE D 282 42.08 27.23 19.77
C ILE D 282 41.11 28.30 20.26
N PRO D 283 40.85 29.37 19.50
CA PRO D 283 39.94 30.41 20.00
C PRO D 283 38.52 29.86 20.16
N ASP D 284 37.78 30.45 21.09
CA ASP D 284 36.40 30.04 21.30
C ASP D 284 35.52 30.38 20.11
N ALA D 285 35.91 31.36 19.29
CA ALA D 285 35.08 31.78 18.17
C ALA D 285 35.16 30.82 16.98
N LEU D 286 36.21 30.02 16.88
CA LEU D 286 36.36 29.13 15.74
C LEU D 286 35.52 27.86 15.85
N PHE D 287 35.02 27.54 17.04
CA PHE D 287 34.18 26.36 17.21
C PHE D 287 32.81 26.59 16.57
N THR D 288 32.21 25.51 16.07
CA THR D 288 30.89 25.54 15.45
C THR D 288 29.99 24.53 16.15
N ARG D 289 28.72 24.90 16.29
CA ARG D 289 27.78 24.07 17.04
C ARG D 289 27.54 22.75 16.31
N VAL D 290 27.19 21.72 17.09
CA VAL D 290 26.84 20.43 16.51
C VAL D 290 25.65 20.55 15.58
N SER D 291 24.69 21.41 15.93
CA SER D 291 23.46 21.52 15.14
C SER D 291 23.75 21.96 13.71
N GLU D 292 24.68 22.90 13.52
CA GLU D 292 24.94 23.41 12.19
C GLU D 292 25.55 22.33 11.30
N THR D 293 26.56 21.62 11.79
CA THR D 293 27.31 20.72 10.93
C THR D 293 26.48 19.50 10.55
N PRO D 294 26.86 18.79 9.48
CA PRO D 294 26.13 17.55 9.12
C PRO D 294 26.12 16.56 10.25
N THR D 295 24.94 16.07 10.61
CA THR D 295 24.75 15.12 11.70
C THR D 295 24.46 13.74 11.13
N LEU D 296 25.21 12.74 11.58
CA LEU D 296 25.09 11.39 11.07
C LEU D 296 24.22 10.54 11.98
N SER D 297 23.35 9.74 11.36
CA SER D 297 22.46 8.85 12.09
C SER D 297 22.44 7.47 11.42
N ALA D 298 22.51 6.43 12.27
CA ALA D 298 22.33 5.04 11.83
C ALA D 298 23.37 4.64 10.80
N ALA D 299 24.65 4.69 11.19
CA ALA D 299 25.73 4.32 10.31
C ALA D 299 26.15 2.87 10.53
N GLU D 300 26.68 2.25 9.48
CA GLU D 300 27.22 0.90 9.55
C GLU D 300 28.57 0.90 8.85
N CYS D 301 29.48 0.04 9.33
CA CYS D 301 30.85 -0.01 8.81
C CYS D 301 31.19 -1.43 8.40
N THR D 302 32.02 -1.55 7.36
CA THR D 302 32.50 -2.86 6.95
C THR D 302 33.83 -2.72 6.21
N LEU D 303 34.78 -3.57 6.57
CA LEU D 303 36.09 -3.59 5.95
C LEU D 303 36.00 -4.40 4.66
N ASN D 304 35.72 -3.69 3.56
CA ASN D 304 35.66 -4.36 2.26
C ASN D 304 37.02 -4.85 1.80
N GLU D 305 38.11 -4.41 2.42
CA GLU D 305 39.43 -4.92 2.11
C GLU D 305 40.37 -4.55 3.24
N CYS D 306 41.29 -5.46 3.58
CA CYS D 306 42.32 -5.16 4.57
C CYS D 306 43.60 -5.87 4.18
N VAL D 307 44.66 -5.09 4.03
CA VAL D 307 46.02 -5.60 3.87
C VAL D 307 46.86 -4.99 4.98
N TYR D 308 47.24 -5.82 5.95
CA TYR D 308 48.10 -5.37 7.03
C TYR D 308 49.45 -4.99 6.45
N SER D 309 49.69 -3.69 6.30
CA SER D 309 50.85 -3.21 5.56
C SER D 309 51.27 -1.86 6.11
N SER D 310 52.49 -1.46 5.76
CA SER D 310 52.99 -0.18 6.21
C SER D 310 52.17 0.98 5.65
N ASP D 311 51.79 0.91 4.38
CA ASP D 311 50.99 1.93 3.74
C ASP D 311 49.52 1.69 4.05
N PHE D 312 48.64 2.54 3.53
CA PHE D 312 47.20 2.45 3.77
C PHE D 312 46.60 1.33 2.92
N GLY D 313 46.92 0.10 3.30
CA GLY D 313 46.38 -1.06 2.61
C GLY D 313 45.00 -1.46 3.02
N GLY D 314 44.38 -0.75 3.97
CA GLY D 314 43.08 -1.10 4.48
C GLY D 314 42.01 -0.16 3.95
N ILE D 315 40.90 -0.74 3.52
CA ILE D 315 39.78 -0.02 2.94
C ILE D 315 38.54 -0.37 3.76
N ALA D 316 37.71 0.64 4.05
CA ALA D 316 36.47 0.38 4.76
C ALA D 316 35.38 1.29 4.22
N THR D 317 34.22 0.71 3.99
CA THR D 317 33.06 1.48 3.58
C THR D 317 32.14 1.72 4.77
N VAL D 318 31.70 2.96 4.88
CA VAL D 318 30.70 3.36 5.88
C VAL D 318 29.43 3.69 5.13
N LYS D 319 28.38 2.94 5.40
CA LYS D 319 27.03 3.30 4.98
C LYS D 319 26.47 4.29 5.98
N TYR D 320 25.97 5.40 5.46
CA TYR D 320 25.56 6.53 6.28
C TYR D 320 24.14 6.93 5.90
N SER D 321 23.44 7.52 6.87
CA SER D 321 22.15 8.16 6.66
C SER D 321 22.22 9.53 7.30
N ALA D 322 22.67 10.53 6.54
CA ALA D 322 22.94 11.84 7.09
C ALA D 322 21.67 12.68 7.18
N SER D 323 21.69 13.65 8.10
CA SER D 323 20.60 14.59 8.23
C SER D 323 20.63 15.68 7.17
N LYS D 324 21.80 16.02 6.65
CA LYS D 324 21.90 16.95 5.53
C LYS D 324 23.26 16.77 4.88
N SER D 325 23.27 16.86 3.55
CA SER D 325 24.48 16.61 2.78
C SER D 325 25.52 17.70 3.05
N GLY D 326 26.77 17.35 2.85
CA GLY D 326 27.86 18.30 3.06
C GLY D 326 29.19 17.56 3.21
N LYS D 327 29.99 18.05 4.17
CA LYS D 327 31.31 17.51 4.43
C LYS D 327 31.55 17.49 5.93
N CYS D 328 32.30 16.48 6.39
CA CYS D 328 32.66 16.43 7.81
C CYS D 328 33.75 15.40 8.03
N ALA D 329 34.37 15.48 9.21
CA ALA D 329 35.64 14.82 9.47
C ALA D 329 35.44 13.36 9.83
N VAL D 330 36.55 12.62 9.87
CA VAL D 330 36.59 11.22 10.24
C VAL D 330 37.91 10.93 10.92
N HIS D 331 37.88 10.08 11.94
CA HIS D 331 39.04 9.84 12.79
C HIS D 331 38.90 8.47 13.43
N VAL D 332 39.97 8.02 14.09
CA VAL D 332 39.95 6.82 14.91
C VAL D 332 40.55 7.14 16.27
N PRO D 333 39.75 7.30 17.34
CA PRO D 333 40.33 7.56 18.65
C PRO D 333 41.06 6.36 19.25
N SER D 334 42.11 5.90 18.57
CA SER D 334 42.92 4.80 19.07
C SER D 334 44.12 4.64 18.15
N GLY D 335 45.16 4.00 18.67
CA GLY D 335 46.35 3.75 17.88
C GLY D 335 46.26 2.56 16.96
N THR D 336 45.11 1.89 16.94
CA THR D 336 44.98 0.67 16.13
C THR D 336 45.05 0.98 14.64
N ALA D 337 44.42 2.06 14.19
CA ALA D 337 44.34 2.37 12.77
C ALA D 337 44.61 3.86 12.56
N THR D 338 45.38 4.16 11.52
CA THR D 338 45.67 5.53 11.12
C THR D 338 45.12 5.79 9.73
N LEU D 339 44.31 6.84 9.61
CA LEU D 339 43.56 7.10 8.39
C LEU D 339 44.37 7.97 7.42
N LYS D 340 44.19 7.69 6.13
CA LYS D 340 44.81 8.52 5.10
C LYS D 340 44.13 9.87 4.97
N GLU D 341 42.80 9.91 5.07
CA GLU D 341 42.02 11.09 4.78
C GLU D 341 41.46 11.67 6.07
N ALA D 342 41.25 12.98 6.08
CA ALA D 342 40.75 13.68 7.26
C ALA D 342 39.24 13.84 7.26
N ALA D 343 38.65 14.14 6.10
CA ALA D 343 37.23 14.41 6.04
C ALA D 343 36.65 13.81 4.77
N VAL D 344 35.34 13.59 4.79
CA VAL D 344 34.63 12.97 3.68
C VAL D 344 33.35 13.75 3.42
N GLU D 345 32.85 13.60 2.19
CA GLU D 345 31.63 14.25 1.76
C GLU D 345 30.48 13.27 1.78
N LEU D 346 29.31 13.76 2.18
CA LEU D 346 28.13 12.92 2.40
C LEU D 346 26.94 13.50 1.67
N THR D 347 26.10 12.60 1.14
CA THR D 347 24.92 12.96 0.35
C THR D 347 23.74 12.17 0.91
N GLU D 348 22.94 12.81 1.76
CA GLU D 348 21.77 12.20 2.37
C GLU D 348 22.12 10.84 2.95
N GLN D 349 21.64 9.74 2.33
CA GLN D 349 21.98 8.39 2.76
C GLN D 349 22.68 7.67 1.62
N GLY D 350 23.86 7.12 1.90
CA GLY D 350 24.66 6.49 0.89
C GLY D 350 25.87 5.78 1.48
N SER D 351 27.01 5.81 0.78
CA SER D 351 28.20 5.14 1.27
C SER D 351 29.42 6.02 1.01
N ALA D 352 30.42 5.87 1.87
CA ALA D 352 31.67 6.61 1.76
C ALA D 352 32.84 5.67 2.05
N THR D 353 34.01 6.02 1.53
CA THR D 353 35.19 5.17 1.58
C THR D 353 36.26 5.81 2.46
N ILE D 354 36.82 5.01 3.37
CA ILE D 354 37.88 5.45 4.27
C ILE D 354 39.09 4.55 4.05
N HIS D 355 40.24 5.16 3.82
CA HIS D 355 41.51 4.47 3.71
C HIS D 355 42.21 4.52 5.06
N PHE D 356 42.95 3.46 5.39
CA PHE D 356 43.66 3.40 6.67
C PHE D 356 44.75 2.36 6.61
N SER D 357 45.70 2.49 7.52
CA SER D 357 46.75 1.49 7.76
C SER D 357 46.59 0.99 9.18
N THR D 358 46.95 -0.27 9.40
CA THR D 358 46.61 -0.97 10.64
C THR D 358 47.78 -1.82 11.10
N ALA D 359 47.80 -2.09 12.40
CA ALA D 359 48.75 -3.00 13.01
C ALA D 359 48.10 -4.33 13.38
N ASN D 360 46.86 -4.31 13.85
CA ASN D 360 46.21 -5.52 14.31
C ASN D 360 45.93 -6.49 13.16
N ILE D 361 46.23 -7.77 13.40
CA ILE D 361 45.86 -8.80 12.44
C ILE D 361 44.36 -9.04 12.48
N HIS D 362 43.74 -8.91 13.66
CA HIS D 362 42.30 -9.01 13.84
C HIS D 362 41.78 -7.62 14.21
N PRO D 363 41.73 -6.70 13.25
CA PRO D 363 41.44 -5.31 13.59
C PRO D 363 40.04 -5.11 14.14
N GLU D 364 39.94 -4.14 15.06
CA GLU D 364 38.66 -3.65 15.55
C GLU D 364 38.90 -2.26 16.11
N PHE D 365 38.14 -1.27 15.62
CA PHE D 365 38.35 0.10 16.03
C PHE D 365 37.07 0.90 15.90
N ARG D 366 36.96 1.93 16.73
CA ARG D 366 35.83 2.86 16.69
C ARG D 366 36.17 3.99 15.72
N LEU D 367 35.53 3.98 14.55
CA LEU D 367 35.67 5.05 13.58
C LEU D 367 34.73 6.18 13.99
N GLN D 368 35.30 7.28 14.47
CA GLN D 368 34.52 8.45 14.83
C GLN D 368 34.27 9.27 13.57
N ILE D 369 33.00 9.58 13.32
CA ILE D 369 32.63 10.27 12.08
C ILE D 369 31.41 11.14 12.38
N CYS D 370 31.56 12.44 12.14
CA CYS D 370 30.45 13.39 12.04
C CYS D 370 29.44 13.26 13.18
N THR D 371 29.92 13.54 14.40
CA THR D 371 29.08 13.54 15.59
C THR D 371 28.46 12.15 15.78
N SER D 372 29.25 11.13 15.51
CA SER D 372 28.85 9.75 15.82
C SER D 372 30.10 8.89 15.75
N TYR D 373 29.93 7.59 15.97
CA TYR D 373 31.02 6.65 15.79
C TYR D 373 30.45 5.27 15.52
N VAL D 374 31.18 4.50 14.72
CA VAL D 374 30.77 3.18 14.28
C VAL D 374 31.88 2.20 14.57
N THR D 375 31.52 1.00 15.03
CA THR D 375 32.49 0.00 15.44
C THR D 375 32.86 -0.84 14.23
N CYS D 376 33.98 -0.50 13.60
CA CYS D 376 34.49 -1.26 12.46
C CYS D 376 35.26 -2.47 12.98
N LYS D 377 35.07 -3.61 12.33
CA LYS D 377 35.70 -4.86 12.76
C LYS D 377 35.87 -5.77 11.57
N GLY D 378 36.90 -6.60 11.62
CA GLY D 378 37.12 -7.56 10.55
C GLY D 378 38.40 -8.33 10.78
N ASP D 379 38.73 -9.18 9.80
CA ASP D 379 39.96 -9.94 9.77
C ASP D 379 40.82 -9.41 8.63
N CYS D 380 42.14 -9.48 8.79
CA CYS D 380 43.06 -8.82 7.88
C CYS D 380 44.16 -9.77 7.48
N HIS D 381 44.70 -9.56 6.27
CA HIS D 381 45.63 -10.48 5.63
C HIS D 381 47.02 -9.87 5.53
N PRO D 382 48.07 -10.68 5.43
CA PRO D 382 49.43 -10.13 5.42
C PRO D 382 49.72 -9.41 4.12
N PRO D 383 50.80 -8.65 4.06
CA PRO D 383 51.13 -7.90 2.85
C PRO D 383 51.90 -8.74 1.85
N LYS D 384 52.23 -8.11 0.72
CA LYS D 384 52.89 -8.83 -0.36
C LYS D 384 54.40 -8.90 -0.14
N ASP D 385 55.06 -7.74 -0.06
CA ASP D 385 56.51 -7.66 -0.11
C ASP D 385 57.11 -7.68 1.29
N HIS D 386 58.25 -8.34 1.43
CA HIS D 386 58.95 -8.36 2.71
C HIS D 386 59.47 -6.97 3.07
N ILE D 387 60.04 -6.27 2.11
CA ILE D 387 60.72 -5.00 2.34
C ILE D 387 60.05 -3.93 1.51
N VAL D 388 59.81 -2.77 2.11
CA VAL D 388 59.18 -1.63 1.46
C VAL D 388 60.11 -0.43 1.56
N THR D 389 59.84 0.57 0.73
CA THR D 389 60.72 1.72 0.56
C THR D 389 60.13 2.98 1.16
N HIS D 390 59.48 2.88 2.31
CA HIS D 390 58.93 4.03 3.01
C HIS D 390 58.68 3.61 4.45
N PRO D 391 58.60 4.58 5.37
CA PRO D 391 58.46 4.22 6.78
C PRO D 391 57.02 3.95 7.18
N GLN D 392 56.89 3.42 8.40
CA GLN D 392 55.60 2.99 8.92
C GLN D 392 54.65 4.18 9.02
N TYR D 393 53.37 3.93 8.72
CA TYR D 393 52.31 4.93 8.89
C TYR D 393 51.37 4.59 10.04
N HIS D 394 51.37 3.36 10.52
CA HIS D 394 50.42 2.90 11.53
C HIS D 394 51.14 2.63 12.84
N ALA D 395 50.53 3.05 13.94
CA ALA D 395 51.14 2.95 15.25
C ALA D 395 51.19 1.48 15.66
N GLN D 396 52.40 1.01 15.98
CA GLN D 396 52.56 -0.38 16.38
C GLN D 396 51.84 -0.63 17.71
N THR D 397 51.33 -1.84 17.88
CA THR D 397 50.61 -2.22 19.08
C THR D 397 50.91 -3.67 19.42
N PHE D 398 50.77 -4.02 20.70
CA PHE D 398 51.14 -5.35 21.16
C PHE D 398 50.27 -6.44 20.54
N THR D 399 48.98 -6.18 20.38
CA THR D 399 48.04 -7.23 20.01
C THR D 399 48.15 -7.57 18.53
N ALA D 400 48.59 -8.80 18.25
CA ALA D 400 48.55 -9.36 16.89
C ALA D 400 48.16 -10.83 16.96
N ALA D 401 47.16 -11.16 17.76
CA ALA D 401 46.85 -12.53 18.14
C ALA D 401 45.88 -13.19 17.16
N VAL D 402 45.62 -14.48 17.41
CA VAL D 402 44.70 -15.26 16.58
C VAL D 402 43.31 -14.64 16.53
N TYR E 1 56.03 -12.85 -6.92
CA TYR E 1 55.31 -13.84 -6.08
C TYR E 1 55.39 -15.22 -6.71
N GLU E 2 55.82 -16.20 -5.92
CA GLU E 2 55.99 -17.57 -6.39
C GLU E 2 54.71 -18.35 -6.15
N HIS E 3 54.17 -18.95 -7.21
CA HIS E 3 53.00 -19.81 -7.14
C HIS E 3 53.31 -21.04 -7.96
N ALA E 4 52.68 -22.17 -7.62
CA ALA E 4 52.97 -23.42 -8.31
C ALA E 4 51.73 -24.28 -8.33
N THR E 5 51.46 -24.91 -9.48
CA THR E 5 50.27 -25.74 -9.62
C THR E 5 50.50 -26.76 -10.72
N THR E 6 50.19 -28.01 -10.41
CA THR E 6 50.33 -29.08 -11.39
C THR E 6 49.30 -28.90 -12.50
N MET E 7 49.72 -29.12 -13.75
CA MET E 7 48.85 -29.01 -14.91
C MET E 7 48.78 -30.37 -15.60
N PRO E 8 47.60 -30.98 -15.76
CA PRO E 8 47.55 -32.28 -16.44
C PRO E 8 48.08 -32.20 -17.86
N SER E 9 48.93 -33.14 -18.23
CA SER E 9 49.62 -33.13 -19.50
C SER E 9 48.78 -33.65 -20.66
N GLN E 10 47.58 -33.09 -20.85
CA GLN E 10 46.71 -33.50 -21.94
C GLN E 10 46.71 -32.44 -23.02
N ALA E 11 46.79 -32.88 -24.27
CA ALA E 11 46.85 -31.99 -25.41
C ALA E 11 45.45 -31.59 -25.86
N GLY E 12 45.22 -30.29 -25.95
CA GLY E 12 43.95 -29.76 -26.40
C GLY E 12 43.04 -29.30 -25.28
N ILE E 13 43.22 -29.84 -24.09
CA ILE E 13 42.39 -29.49 -22.95
C ILE E 13 43.03 -28.33 -22.22
N SER E 14 42.21 -27.38 -21.77
CA SER E 14 42.70 -26.19 -21.10
C SER E 14 42.79 -26.41 -19.60
N TYR E 15 43.36 -25.43 -18.91
CA TYR E 15 43.47 -25.45 -17.46
C TYR E 15 43.46 -24.02 -16.96
N ASN E 16 42.75 -23.77 -15.86
CA ASN E 16 42.57 -22.44 -15.31
C ASN E 16 42.85 -22.45 -13.81
N THR E 17 43.22 -21.28 -13.28
CA THR E 17 43.46 -21.10 -11.86
C THR E 17 43.33 -19.62 -11.54
N ILE E 18 43.14 -19.31 -10.27
CA ILE E 18 43.06 -17.94 -9.79
C ILE E 18 44.12 -17.80 -8.71
N VAL E 19 44.95 -16.75 -8.80
CA VAL E 19 45.88 -16.45 -7.73
C VAL E 19 45.38 -15.20 -7.00
N ASN E 20 45.30 -15.30 -5.68
CA ASN E 20 44.64 -14.31 -4.86
C ASN E 20 45.40 -14.11 -3.55
N ARG E 21 45.17 -12.98 -2.91
CA ARG E 21 45.74 -12.69 -1.60
C ARG E 21 44.80 -11.77 -0.85
N ALA E 22 45.05 -11.64 0.45
CA ALA E 22 44.07 -11.04 1.37
C ALA E 22 43.69 -9.62 0.96
N GLY E 23 44.56 -8.92 0.24
CA GLY E 23 44.32 -7.54 -0.14
C GLY E 23 44.50 -7.25 -1.61
N TYR E 24 44.56 -8.29 -2.44
CA TYR E 24 44.74 -8.14 -3.88
C TYR E 24 43.68 -8.95 -4.62
N ALA E 25 43.15 -8.35 -5.68
CA ALA E 25 42.03 -8.92 -6.42
C ALA E 25 42.45 -10.20 -7.13
N PRO E 26 41.50 -11.08 -7.46
CA PRO E 26 41.87 -12.32 -8.13
C PRO E 26 42.50 -12.08 -9.49
N LEU E 27 43.68 -12.64 -9.71
CA LEU E 27 44.38 -12.57 -10.98
C LEU E 27 44.21 -13.93 -11.66
N PRO E 28 43.46 -14.02 -12.76
CA PRO E 28 43.30 -15.31 -13.42
C PRO E 28 44.57 -15.73 -14.16
N ILE E 29 44.76 -17.04 -14.28
CA ILE E 29 45.86 -17.63 -15.02
C ILE E 29 45.30 -18.81 -15.80
N SER E 30 45.60 -18.86 -17.09
CA SER E 30 45.11 -19.93 -17.96
C SER E 30 46.25 -20.49 -18.77
N ILE E 31 46.23 -21.82 -18.94
CA ILE E 31 47.23 -22.55 -19.70
C ILE E 31 46.50 -23.46 -20.68
N THR E 32 47.09 -23.66 -21.86
CA THR E 32 46.54 -24.57 -22.86
C THR E 32 47.70 -25.16 -23.65
N PRO E 33 48.08 -26.42 -23.38
CA PRO E 33 49.12 -27.06 -24.21
C PRO E 33 48.54 -27.61 -25.49
N THR E 34 48.86 -26.98 -26.62
CA THR E 34 48.30 -27.42 -27.90
C THR E 34 49.05 -28.61 -28.48
N LYS E 35 50.30 -28.82 -28.08
CA LYS E 35 51.07 -29.96 -28.57
C LYS E 35 52.26 -30.19 -27.65
N ILE E 36 52.24 -31.33 -26.95
CA ILE E 36 53.33 -31.75 -26.07
C ILE E 36 54.19 -32.73 -26.83
N LYS E 37 55.47 -32.43 -26.93
CA LYS E 37 56.42 -33.15 -27.78
C LYS E 37 57.38 -33.93 -26.90
N LEU E 38 57.74 -35.13 -27.33
CA LEU E 38 58.65 -36.01 -26.59
C LEU E 38 59.78 -36.41 -27.52
N ILE E 39 60.82 -35.60 -27.58
CA ILE E 39 61.97 -35.83 -28.45
C ILE E 39 63.02 -36.62 -27.65
N PRO E 40 63.47 -37.76 -28.12
CA PRO E 40 64.55 -38.47 -27.42
C PRO E 40 65.92 -38.09 -27.97
N THR E 41 66.93 -38.17 -27.10
CA THR E 41 68.30 -37.99 -27.52
C THR E 41 68.74 -39.23 -28.29
N VAL E 42 69.11 -39.05 -29.56
CA VAL E 42 69.28 -40.15 -30.48
C VAL E 42 70.55 -39.97 -31.30
N ASN E 43 71.22 -41.08 -31.59
CA ASN E 43 72.37 -41.10 -32.48
C ASN E 43 72.25 -42.29 -33.42
N LEU E 44 72.83 -42.15 -34.61
CA LEU E 44 72.69 -43.15 -35.64
C LEU E 44 73.79 -44.20 -35.52
N GLU E 45 73.37 -45.47 -35.42
CA GLU E 45 74.33 -46.57 -35.42
C GLU E 45 74.65 -47.04 -36.83
N TYR E 46 73.64 -47.25 -37.68
CA TYR E 46 73.98 -47.52 -39.07
C TYR E 46 72.74 -47.37 -39.95
N VAL E 47 72.93 -47.64 -41.22
CA VAL E 47 71.84 -47.67 -42.21
C VAL E 47 71.98 -48.94 -43.03
N THR E 48 70.85 -49.60 -43.26
CA THR E 48 70.83 -50.86 -43.99
C THR E 48 69.81 -50.78 -45.11
N CYS E 49 69.99 -51.61 -46.12
CA CYS E 49 69.14 -51.60 -47.30
C CYS E 49 69.32 -52.92 -48.03
N HIS E 50 68.57 -53.06 -49.13
CA HIS E 50 68.74 -54.23 -49.98
C HIS E 50 70.16 -54.29 -50.50
N TYR E 51 70.71 -55.50 -50.56
CA TYR E 51 72.01 -55.69 -51.16
C TYR E 51 71.88 -55.92 -52.65
N LYS E 52 73.01 -55.93 -53.34
CA LYS E 52 73.12 -56.50 -54.67
C LYS E 52 74.46 -57.19 -54.78
N THR E 53 74.44 -58.37 -55.40
CA THR E 53 75.60 -59.25 -55.44
C THR E 53 76.37 -58.93 -56.72
N GLY E 54 77.35 -58.03 -56.60
CA GLY E 54 78.25 -57.79 -57.70
C GLY E 54 79.16 -58.99 -57.91
N MET E 55 79.74 -59.07 -59.10
CA MET E 55 80.57 -60.23 -59.41
C MET E 55 81.43 -59.93 -60.62
N ASP E 56 82.72 -60.16 -60.47
CA ASP E 56 83.66 -59.90 -61.55
C ASP E 56 83.39 -60.88 -62.69
N SER E 57 83.65 -60.43 -63.90
CA SER E 57 83.49 -61.30 -65.05
C SER E 57 84.42 -62.50 -64.88
N PRO E 58 83.99 -63.71 -65.23
CA PRO E 58 84.89 -64.86 -65.10
C PRO E 58 86.16 -64.66 -65.91
N ALA E 59 87.30 -64.98 -65.32
CA ALA E 59 88.57 -64.95 -66.02
C ALA E 59 88.91 -66.38 -66.41
N ILE E 60 88.90 -66.65 -67.70
CA ILE E 60 89.05 -67.99 -68.24
C ILE E 60 90.41 -68.09 -68.90
N LYS E 61 91.21 -69.07 -68.47
CA LYS E 61 92.51 -69.37 -69.07
C LYS E 61 92.41 -70.75 -69.71
N CYS E 62 92.77 -70.84 -70.98
CA CYS E 62 92.62 -72.07 -71.73
C CYS E 62 93.83 -72.97 -71.53
N CYS E 63 93.60 -74.11 -70.87
CA CYS E 63 94.66 -75.00 -70.37
C CYS E 63 95.85 -74.23 -69.82
N GLY E 64 95.55 -73.47 -68.78
CA GLY E 64 96.57 -72.88 -67.95
C GLY E 64 96.02 -72.65 -66.56
N SER E 65 96.90 -72.71 -65.58
CA SER E 65 96.51 -72.57 -64.19
C SER E 65 96.33 -71.10 -63.83
N GLN E 66 95.46 -70.87 -62.84
CA GLN E 66 95.22 -69.53 -62.31
C GLN E 66 95.32 -69.58 -60.79
N GLU E 67 95.24 -68.40 -60.18
CA GLU E 67 95.34 -68.25 -58.73
C GLU E 67 94.20 -67.39 -58.23
N CYS E 68 93.79 -67.64 -56.98
CA CYS E 68 92.73 -66.86 -56.35
C CYS E 68 93.27 -65.49 -55.95
N THR E 69 93.39 -64.57 -56.89
CA THR E 69 93.96 -63.27 -56.60
C THR E 69 93.06 -62.52 -55.64
N PRO E 70 93.52 -62.13 -54.45
CA PRO E 70 92.60 -61.54 -53.47
C PRO E 70 92.48 -60.03 -53.63
N THR E 71 91.22 -59.56 -53.58
CA THR E 71 90.92 -58.17 -53.30
C THR E 71 90.13 -58.14 -52.00
N TYR E 72 89.71 -56.94 -51.58
CA TYR E 72 89.24 -56.74 -50.22
C TYR E 72 87.85 -56.10 -50.20
N ARG E 73 86.93 -56.64 -51.00
CA ARG E 73 85.59 -56.09 -51.04
C ARG E 73 84.67 -56.84 -50.06
N PRO E 74 83.52 -56.25 -49.71
CA PRO E 74 82.68 -56.87 -48.67
C PRO E 74 82.21 -58.26 -49.03
N ASP E 75 82.31 -59.17 -48.05
CA ASP E 75 81.80 -60.54 -48.15
C ASP E 75 82.27 -61.20 -49.44
N GLU E 76 83.55 -61.05 -49.76
CA GLU E 76 84.06 -61.58 -51.02
C GLU E 76 84.17 -63.09 -50.96
N GLN E 77 83.84 -63.73 -52.07
CA GLN E 77 84.17 -65.13 -52.30
C GLN E 77 84.88 -65.23 -53.63
N CYS E 78 86.02 -65.94 -53.65
CA CYS E 78 86.81 -66.14 -54.85
C CYS E 78 87.15 -67.60 -54.97
N LYS E 79 87.02 -68.17 -56.17
CA LYS E 79 87.31 -69.58 -56.36
C LYS E 79 87.75 -69.84 -57.78
N VAL E 80 88.62 -70.83 -57.93
CA VAL E 80 89.26 -71.18 -59.20
C VAL E 80 88.74 -72.56 -59.58
N PHE E 81 87.73 -72.61 -60.43
CA PHE E 81 87.13 -73.86 -60.87
C PHE E 81 87.92 -74.41 -62.05
N THR E 82 88.42 -75.63 -61.92
CA THR E 82 89.19 -76.28 -62.97
C THR E 82 88.30 -77.23 -63.76
N GLY E 83 88.84 -77.75 -64.85
CA GLY E 83 88.11 -78.68 -65.68
C GLY E 83 86.84 -78.11 -66.29
N VAL E 84 86.91 -76.90 -66.81
CA VAL E 84 85.76 -76.23 -67.42
C VAL E 84 85.98 -76.21 -68.93
N TYR E 85 84.89 -76.03 -69.66
CA TYR E 85 84.93 -75.93 -71.12
C TYR E 85 83.81 -75.00 -71.57
N PRO E 86 84.01 -73.69 -71.44
CA PRO E 86 82.90 -72.77 -71.68
C PRO E 86 82.57 -72.60 -73.14
N PHE E 87 81.33 -72.19 -73.39
CA PHE E 87 80.82 -71.93 -74.73
C PHE E 87 80.30 -70.51 -74.78
N MET E 88 80.55 -69.84 -75.90
CA MET E 88 80.01 -68.52 -76.20
C MET E 88 79.14 -68.61 -77.45
N TRP E 89 78.64 -67.47 -77.91
CA TRP E 89 77.81 -67.46 -79.11
C TRP E 89 78.57 -67.94 -80.33
N GLY E 90 79.89 -67.81 -80.33
CA GLY E 90 80.72 -68.21 -81.44
C GLY E 90 81.30 -69.60 -81.36
N GLY E 91 80.95 -70.38 -80.34
CA GLY E 91 81.46 -71.72 -80.17
C GLY E 91 82.34 -71.84 -78.94
N ALA E 92 83.10 -72.94 -78.89
CA ALA E 92 83.91 -73.23 -77.73
C ALA E 92 84.98 -72.16 -77.54
N TYR E 93 85.15 -71.71 -76.29
CA TYR E 93 86.14 -70.68 -76.01
C TYR E 93 87.55 -71.22 -76.11
N CYS E 94 87.79 -72.44 -75.62
CA CYS E 94 89.10 -73.06 -75.64
C CYS E 94 89.12 -74.33 -76.46
N PHE E 95 90.34 -74.75 -76.80
CA PHE E 95 90.59 -75.95 -77.58
C PHE E 95 91.04 -77.13 -76.74
N CYS E 96 91.75 -76.86 -75.65
CA CYS E 96 92.10 -77.92 -74.71
C CYS E 96 90.84 -78.41 -74.02
N ASP E 97 90.62 -79.73 -74.06
CA ASP E 97 89.40 -80.28 -73.46
C ASP E 97 89.45 -80.20 -71.94
N THR E 98 90.58 -80.55 -71.35
CA THR E 98 90.79 -80.47 -69.91
C THR E 98 91.78 -79.35 -69.57
N GLU E 99 92.04 -79.19 -68.28
CA GLU E 99 93.03 -78.26 -67.74
C GLU E 99 92.65 -76.79 -67.89
N ASN E 100 91.53 -76.47 -68.54
CA ASN E 100 91.10 -75.08 -68.63
C ASN E 100 90.58 -74.65 -67.27
N THR E 101 90.78 -73.36 -66.97
CA THR E 101 90.53 -72.83 -65.64
C THR E 101 89.64 -71.61 -65.74
N GLN E 102 88.75 -71.45 -64.76
CA GLN E 102 87.88 -70.28 -64.67
C GLN E 102 87.92 -69.78 -63.23
N VAL E 103 88.48 -68.59 -63.03
CA VAL E 103 88.48 -67.95 -61.73
C VAL E 103 87.32 -66.97 -61.69
N SER E 104 86.47 -67.13 -60.67
CA SER E 104 85.27 -66.33 -60.50
C SER E 104 85.19 -65.82 -59.08
N LYS E 105 84.74 -64.58 -58.93
CA LYS E 105 84.59 -63.99 -57.62
C LYS E 105 83.38 -63.08 -57.57
N ALA E 106 82.74 -63.08 -56.40
CA ALA E 106 81.51 -62.34 -56.15
C ALA E 106 81.61 -61.63 -54.81
N TYR E 107 80.82 -60.56 -54.67
CA TYR E 107 80.87 -59.71 -53.50
C TYR E 107 79.52 -59.02 -53.32
N VAL E 108 79.34 -58.43 -52.15
CA VAL E 108 78.11 -57.74 -51.78
C VAL E 108 78.36 -56.25 -51.87
N MET E 109 77.36 -55.49 -52.33
CA MET E 109 77.45 -54.04 -52.30
C MET E 109 76.05 -53.47 -52.12
N LYS E 110 76.00 -52.19 -51.73
CA LYS E 110 74.73 -51.54 -51.46
C LYS E 110 73.91 -51.45 -52.74
N SER E 111 72.59 -51.58 -52.58
CA SER E 111 71.70 -51.46 -53.72
C SER E 111 71.76 -50.06 -54.29
N ASP E 112 71.50 -49.96 -55.60
CA ASP E 112 71.52 -48.67 -56.26
C ASP E 112 70.49 -47.72 -55.67
N ASP E 113 69.40 -48.25 -55.11
CA ASP E 113 68.34 -47.46 -54.52
C ASP E 113 68.57 -47.15 -53.05
N CYS E 114 69.70 -47.57 -52.47
CA CYS E 114 69.93 -47.38 -51.04
C CYS E 114 69.97 -45.91 -50.65
N LEU E 115 70.27 -45.02 -51.59
CA LEU E 115 70.35 -43.60 -51.26
C LEU E 115 68.99 -43.03 -50.87
N ALA E 116 67.91 -43.71 -51.23
CA ALA E 116 66.55 -43.24 -50.98
C ALA E 116 65.63 -44.28 -50.37
N ASP E 117 66.03 -45.56 -50.35
CA ASP E 117 65.23 -46.65 -49.80
C ASP E 117 66.10 -47.42 -48.81
N HIS E 118 66.10 -46.98 -47.56
CA HIS E 118 66.95 -47.58 -46.54
C HIS E 118 66.31 -47.38 -45.18
N ALA E 119 66.75 -48.20 -44.22
CA ALA E 119 66.31 -48.11 -42.85
C ALA E 119 67.46 -47.69 -41.95
N GLU E 120 67.18 -46.76 -41.04
CA GLU E 120 68.18 -46.16 -40.17
C GLU E 120 68.06 -46.77 -38.80
N ALA E 121 69.10 -47.49 -38.38
CA ALA E 121 69.14 -48.12 -37.07
C ALA E 121 69.81 -47.16 -36.09
N TYR E 122 69.03 -46.72 -35.09
CA TYR E 122 69.42 -45.72 -34.11
C TYR E 122 69.44 -46.31 -32.70
N LYS E 123 70.11 -45.60 -31.80
CA LYS E 123 69.96 -45.80 -30.36
C LYS E 123 69.41 -44.53 -29.72
N ALA E 124 68.38 -44.68 -28.90
CA ALA E 124 67.71 -43.57 -28.23
C ALA E 124 68.01 -43.65 -26.74
N HIS E 125 68.56 -42.56 -26.18
CA HIS E 125 69.13 -42.59 -24.84
C HIS E 125 68.20 -41.97 -23.79
N THR E 126 67.86 -40.69 -23.94
CA THR E 126 67.12 -39.96 -22.91
C THR E 126 66.10 -39.06 -23.57
N ALA E 127 65.13 -38.61 -22.77
CA ALA E 127 64.00 -37.85 -23.27
C ALA E 127 64.19 -36.36 -23.06
N SER E 128 63.63 -35.58 -23.99
CA SER E 128 63.49 -34.14 -23.83
C SER E 128 62.06 -33.75 -24.19
N VAL E 129 61.37 -33.09 -23.27
CA VAL E 129 59.96 -32.76 -23.42
C VAL E 129 59.83 -31.26 -23.64
N GLN E 130 59.25 -30.88 -24.78
CA GLN E 130 58.98 -29.50 -25.09
C GLN E 130 57.55 -29.40 -25.59
N ALA E 131 56.84 -28.36 -25.15
CA ALA E 131 55.40 -28.23 -25.40
C ALA E 131 55.08 -26.82 -25.88
N PHE E 132 54.19 -26.74 -26.87
CA PHE E 132 53.68 -25.46 -27.35
C PHE E 132 52.49 -25.09 -26.46
N LEU E 133 52.63 -23.97 -25.74
CA LEU E 133 51.61 -23.62 -24.70
C LEU E 133 51.01 -22.24 -24.95
N ASN E 134 49.74 -22.05 -24.58
CA ASN E 134 49.11 -20.70 -24.66
C ASN E 134 48.92 -20.24 -23.22
N ILE E 135 49.63 -19.20 -22.79
CA ILE E 135 49.58 -18.81 -21.35
C ILE E 135 49.02 -17.40 -21.20
N THR E 136 47.96 -17.23 -20.39
CA THR E 136 47.39 -15.92 -20.15
C THR E 136 47.43 -15.66 -18.66
N VAL E 137 47.78 -14.43 -18.29
CA VAL E 137 47.79 -13.99 -16.90
C VAL E 137 47.21 -12.59 -16.89
N GLY E 138 45.97 -12.46 -16.39
CA GLY E 138 45.35 -11.14 -16.29
C GLY E 138 45.26 -10.42 -17.61
N GLU E 139 44.89 -11.13 -18.67
CA GLU E 139 44.77 -10.64 -20.05
C GLU E 139 46.13 -10.33 -20.68
N HIS E 140 47.24 -10.63 -20.01
CA HIS E 140 48.54 -10.65 -20.67
C HIS E 140 48.75 -12.06 -21.24
N SER E 141 48.63 -12.20 -22.55
CA SER E 141 48.59 -13.50 -23.19
C SER E 141 49.83 -13.70 -24.05
N ILE E 142 50.27 -14.96 -24.15
CA ILE E 142 51.45 -15.33 -24.91
C ILE E 142 51.26 -16.74 -25.46
N VAL E 143 51.84 -16.99 -26.63
CA VAL E 143 51.88 -18.31 -27.24
C VAL E 143 53.34 -18.62 -27.51
N THR E 144 53.85 -19.67 -26.88
CA THR E 144 55.28 -19.93 -26.88
C THR E 144 55.54 -21.42 -26.99
N THR E 145 56.82 -21.77 -27.04
CA THR E 145 57.30 -23.14 -26.95
C THR E 145 58.20 -23.26 -25.74
N VAL E 146 57.71 -23.93 -24.70
CA VAL E 146 58.44 -24.06 -23.44
C VAL E 146 59.11 -25.41 -23.40
N TYR E 147 60.39 -25.42 -23.05
CA TYR E 147 61.15 -26.65 -22.87
C TYR E 147 60.87 -27.16 -21.47
N VAL E 148 60.23 -28.32 -21.39
CA VAL E 148 59.79 -28.85 -20.10
C VAL E 148 60.95 -29.59 -19.44
N ASN E 149 61.78 -28.84 -18.72
CA ASN E 149 62.88 -29.41 -17.95
C ASN E 149 63.03 -28.80 -16.57
N GLY E 150 62.23 -27.79 -16.22
CA GLY E 150 62.37 -27.10 -14.96
C GLY E 150 63.43 -26.02 -14.96
N GLU E 151 64.26 -25.94 -16.00
CA GLU E 151 65.31 -24.93 -16.08
C GLU E 151 64.92 -23.80 -17.01
N THR E 152 64.65 -24.11 -18.28
CA THR E 152 64.50 -23.07 -19.29
C THR E 152 63.24 -22.26 -19.02
N PRO E 153 63.34 -20.96 -18.75
CA PRO E 153 62.13 -20.17 -18.53
C PRO E 153 61.67 -19.51 -19.81
N VAL E 154 60.40 -19.12 -19.81
CA VAL E 154 59.85 -18.19 -20.78
C VAL E 154 59.32 -16.99 -20.01
N ASN E 155 59.88 -15.81 -20.30
CA ASN E 155 59.80 -14.66 -19.41
C ASN E 155 59.04 -13.48 -19.99
N PHE E 156 58.11 -13.69 -20.92
CA PHE E 156 57.43 -12.57 -21.52
C PHE E 156 56.57 -11.82 -20.50
N ASN E 157 56.64 -10.49 -20.55
CA ASN E 157 55.82 -9.56 -19.80
C ASN E 157 56.07 -9.61 -18.30
N GLY E 158 57.20 -10.16 -17.87
CA GLY E 158 57.65 -10.06 -16.49
C GLY E 158 57.31 -11.26 -15.63
N VAL E 159 56.33 -12.07 -16.01
CA VAL E 159 55.99 -13.27 -15.27
C VAL E 159 56.84 -14.41 -15.81
N LYS E 160 57.52 -15.12 -14.91
CA LYS E 160 58.49 -16.14 -15.30
C LYS E 160 57.84 -17.52 -15.16
N ILE E 161 57.73 -18.24 -16.26
CA ILE E 161 57.08 -19.54 -16.31
C ILE E 161 58.18 -20.59 -16.36
N THR E 162 58.09 -21.61 -15.50
CA THR E 162 59.01 -22.74 -15.52
C THR E 162 58.19 -24.02 -15.46
N ALA E 163 58.26 -24.82 -16.51
CA ALA E 163 57.57 -26.10 -16.58
C ALA E 163 58.48 -27.19 -16.04
N GLY E 164 58.22 -27.65 -14.84
CA GLY E 164 59.07 -28.60 -14.17
C GLY E 164 59.23 -29.89 -14.96
N PRO E 165 60.09 -30.79 -14.49
CA PRO E 165 60.28 -32.06 -15.19
C PRO E 165 58.97 -32.84 -15.26
N LEU E 166 58.77 -33.53 -16.38
CA LEU E 166 57.58 -34.36 -16.53
C LEU E 166 57.54 -35.39 -15.43
N SER E 167 56.45 -35.41 -14.68
CA SER E 167 56.42 -36.08 -13.38
C SER E 167 56.77 -37.55 -13.45
N THR E 168 56.29 -38.27 -14.46
CA THR E 168 56.59 -39.68 -14.67
C THR E 168 57.42 -39.80 -15.95
N ALA E 169 58.74 -39.72 -15.82
CA ALA E 169 59.63 -39.85 -16.96
C ALA E 169 59.42 -41.18 -17.65
N TRP E 170 59.10 -41.13 -18.93
CA TRP E 170 58.69 -42.32 -19.66
C TRP E 170 58.77 -42.03 -21.14
N THR E 171 59.17 -43.04 -21.91
CA THR E 171 59.28 -42.92 -23.36
C THR E 171 58.71 -44.16 -24.03
N PRO E 172 58.07 -44.02 -25.20
CA PRO E 172 57.67 -45.22 -25.95
C PRO E 172 58.80 -45.87 -26.70
N PHE E 173 59.91 -45.17 -26.88
CA PHE E 173 61.07 -45.73 -27.58
C PHE E 173 61.91 -46.53 -26.59
N ASP E 174 62.23 -47.77 -26.95
CA ASP E 174 63.23 -48.50 -26.19
C ASP E 174 64.60 -47.90 -26.47
N ARG E 175 65.64 -48.52 -25.89
CA ARG E 175 66.98 -47.99 -26.04
C ARG E 175 67.47 -48.01 -27.48
N LYS E 176 66.82 -48.79 -28.34
CA LYS E 176 67.39 -49.15 -29.63
C LYS E 176 66.26 -49.30 -30.65
N ILE E 177 66.21 -48.38 -31.62
CA ILE E 177 65.04 -48.23 -32.50
C ILE E 177 65.48 -48.23 -33.96
N VAL E 178 64.50 -48.27 -34.86
CA VAL E 178 64.73 -48.29 -36.30
C VAL E 178 63.72 -47.37 -36.97
N GLN E 179 64.17 -46.63 -37.97
CA GLN E 179 63.32 -45.79 -38.80
C GLN E 179 63.26 -46.36 -40.21
N TYR E 180 62.05 -46.44 -40.76
CA TYR E 180 61.87 -46.86 -42.14
C TYR E 180 60.58 -46.29 -42.70
N ALA E 181 60.69 -45.60 -43.84
CA ALA E 181 59.53 -45.10 -44.57
C ALA E 181 58.63 -44.26 -43.69
N GLY E 182 59.25 -43.43 -42.86
CA GLY E 182 58.49 -42.56 -41.98
C GLY E 182 57.79 -43.28 -40.85
N GLU E 183 58.25 -44.46 -40.46
CA GLU E 183 57.68 -45.20 -39.36
C GLU E 183 58.80 -45.66 -38.42
N ILE E 184 58.54 -45.58 -37.12
CA ILE E 184 59.52 -45.92 -36.09
C ILE E 184 59.13 -47.25 -35.48
N TYR E 185 60.09 -48.16 -35.42
CA TYR E 185 59.90 -49.51 -34.89
C TYR E 185 60.85 -49.75 -33.74
N ASN E 186 60.37 -50.50 -32.75
CA ASN E 186 61.21 -51.00 -31.68
C ASN E 186 61.77 -52.35 -32.10
N TYR E 187 63.09 -52.41 -32.29
CA TYR E 187 63.72 -53.62 -32.82
C TYR E 187 65.14 -53.69 -32.28
N ASP E 188 65.53 -54.86 -31.76
CA ASP E 188 66.87 -55.08 -31.24
C ASP E 188 67.78 -55.53 -32.38
N PHE E 189 68.12 -54.58 -33.24
CA PHE E 189 68.95 -54.89 -34.40
C PHE E 189 70.35 -55.24 -33.93
N PRO E 190 71.09 -56.05 -34.69
CA PRO E 190 72.44 -56.43 -34.25
C PRO E 190 73.36 -55.23 -34.18
N GLU E 191 74.27 -55.28 -33.21
CA GLU E 191 75.26 -54.22 -33.06
C GLU E 191 76.10 -54.15 -34.33
N TYR E 192 76.68 -52.98 -34.58
CA TYR E 192 77.54 -52.85 -35.75
C TYR E 192 78.67 -53.85 -35.62
N GLY E 193 78.74 -54.76 -36.59
CA GLY E 193 79.76 -55.77 -36.65
C GLY E 193 79.33 -57.13 -36.20
N ALA E 194 78.04 -57.32 -35.92
CA ALA E 194 77.49 -58.61 -35.56
C ALA E 194 76.35 -59.04 -36.46
N GLY E 195 76.10 -58.33 -37.56
CA GLY E 195 74.94 -58.64 -38.37
C GLY E 195 75.02 -60.06 -38.92
N GLN E 196 73.93 -60.81 -38.75
CA GLN E 196 73.85 -62.19 -39.18
C GLN E 196 73.05 -62.30 -40.47
N PRO E 197 73.30 -63.31 -41.30
CA PRO E 197 72.64 -63.36 -42.61
C PRO E 197 71.14 -63.61 -42.49
N GLY E 198 70.41 -63.20 -43.52
CA GLY E 198 69.00 -63.46 -43.62
C GLY E 198 68.15 -62.71 -42.62
N ALA E 199 68.70 -61.72 -41.94
CA ALA E 199 67.97 -60.95 -40.94
C ALA E 199 68.38 -59.49 -41.05
N PHE E 200 67.62 -58.63 -40.37
CA PHE E 200 67.88 -57.21 -40.41
C PHE E 200 69.31 -56.92 -39.99
N GLY E 201 70.02 -56.15 -40.80
CA GLY E 201 71.41 -55.86 -40.55
C GLY E 201 72.39 -56.76 -41.27
N ASP E 202 71.95 -57.52 -42.28
CA ASP E 202 72.89 -58.35 -43.03
C ASP E 202 73.96 -57.50 -43.71
N ILE E 203 73.57 -56.35 -44.28
CA ILE E 203 74.50 -55.34 -44.75
C ILE E 203 74.26 -54.08 -43.94
N GLN E 204 75.33 -53.38 -43.61
CA GLN E 204 75.25 -52.23 -42.73
C GLN E 204 76.27 -51.19 -43.19
N SER E 205 75.96 -49.92 -42.96
CA SER E 205 76.95 -48.87 -43.15
C SER E 205 76.74 -47.78 -42.11
N ARG E 206 77.86 -47.28 -41.58
CA ARG E 206 77.80 -46.22 -40.58
C ARG E 206 77.08 -44.98 -41.08
N THR E 207 77.05 -44.75 -42.39
CA THR E 207 76.33 -43.63 -42.96
C THR E 207 75.94 -44.02 -44.38
N VAL E 208 74.95 -43.32 -44.93
CA VAL E 208 74.50 -43.62 -46.29
C VAL E 208 75.65 -43.43 -47.26
N SER E 209 76.50 -42.43 -47.02
CA SER E 209 77.65 -42.15 -47.86
C SER E 209 78.94 -42.79 -47.35
N SER E 210 78.87 -43.61 -46.31
CA SER E 210 80.09 -44.15 -45.71
C SER E 210 80.79 -45.09 -46.69
N SER E 211 82.12 -45.04 -46.70
CA SER E 211 82.90 -45.87 -47.61
C SER E 211 82.85 -47.34 -47.19
N ASP E 212 82.91 -47.61 -45.89
CA ASP E 212 82.95 -48.97 -45.40
C ASP E 212 81.58 -49.64 -45.56
N LEU E 213 81.59 -50.95 -45.71
CA LEU E 213 80.38 -51.74 -45.81
C LEU E 213 80.67 -53.15 -45.36
N TYR E 214 80.27 -53.48 -44.14
CA TYR E 214 80.23 -54.84 -43.67
C TYR E 214 79.09 -55.60 -44.32
N ALA E 215 79.37 -56.82 -44.73
CA ALA E 215 78.36 -57.68 -45.35
C ALA E 215 78.57 -59.09 -44.85
N ASN E 216 77.49 -59.70 -44.39
CA ASN E 216 77.49 -61.11 -43.99
C ASN E 216 76.20 -61.71 -44.56
N THR E 217 76.30 -62.15 -45.82
CA THR E 217 75.16 -62.68 -46.55
C THR E 217 75.30 -64.16 -46.84
N ASN E 218 76.25 -64.84 -46.22
CA ASN E 218 76.45 -66.28 -46.41
C ASN E 218 76.74 -66.59 -47.87
N LEU E 219 77.51 -65.71 -48.51
CA LEU E 219 77.83 -65.90 -49.92
C LEU E 219 78.75 -67.10 -50.08
N VAL E 220 78.35 -68.02 -50.95
CA VAL E 220 79.16 -69.20 -51.27
C VAL E 220 78.99 -69.51 -52.74
N LEU E 221 80.09 -69.82 -53.41
CA LEU E 221 80.07 -70.07 -54.84
C LEU E 221 79.83 -71.54 -55.15
N GLN E 222 79.25 -71.79 -56.32
CA GLN E 222 79.07 -73.13 -56.86
C GLN E 222 79.67 -73.22 -58.24
N ARG E 223 80.06 -74.44 -58.60
CA ARG E 223 80.71 -74.67 -59.87
C ARG E 223 79.73 -74.38 -61.02
N PRO E 224 80.18 -73.73 -62.10
CA PRO E 224 79.26 -73.44 -63.19
C PRO E 224 78.91 -74.67 -64.00
N LYS E 225 77.81 -74.58 -64.75
CA LYS E 225 77.44 -75.66 -65.66
C LYS E 225 78.49 -75.81 -66.74
N ALA E 226 78.68 -77.04 -67.19
CA ALA E 226 79.58 -77.28 -68.31
C ALA E 226 79.04 -76.59 -69.55
N GLY E 227 79.94 -75.94 -70.30
CA GLY E 227 79.53 -75.27 -71.51
C GLY E 227 78.74 -74.00 -71.30
N ALA E 228 78.92 -73.35 -70.15
CA ALA E 228 78.23 -72.11 -69.85
C ALA E 228 79.18 -71.22 -69.07
N ILE E 229 79.09 -69.91 -69.32
CA ILE E 229 79.96 -68.93 -68.68
C ILE E 229 79.10 -68.06 -67.77
N HIS E 230 79.34 -68.15 -66.47
CA HIS E 230 78.59 -67.39 -65.47
C HIS E 230 79.22 -67.68 -64.11
N VAL E 231 78.73 -66.98 -63.09
CA VAL E 231 79.25 -67.07 -61.73
C VAL E 231 78.13 -67.52 -60.80
N PRO E 232 77.95 -68.82 -60.58
CA PRO E 232 76.88 -69.26 -59.66
C PRO E 232 77.14 -68.79 -58.25
N TYR E 233 76.06 -68.51 -57.52
CA TYR E 233 76.17 -68.14 -56.12
C TYR E 233 74.82 -68.38 -55.44
N THR E 234 74.88 -68.94 -54.24
CA THR E 234 73.73 -69.11 -53.38
C THR E 234 73.92 -68.27 -52.13
N GLN E 235 72.92 -67.46 -51.82
CA GLN E 235 73.07 -66.42 -50.81
C GLN E 235 71.80 -66.39 -49.99
N ALA E 236 71.93 -66.03 -48.72
CA ALA E 236 70.75 -65.90 -47.89
C ALA E 236 69.90 -64.77 -48.43
N PRO E 237 68.58 -64.93 -48.52
CA PRO E 237 67.74 -63.82 -49.03
C PRO E 237 67.92 -62.57 -48.19
N SER E 238 67.71 -61.42 -48.82
CA SER E 238 68.02 -60.14 -48.20
C SER E 238 67.27 -59.98 -46.89
N GLY E 239 68.02 -59.77 -45.81
CA GLY E 239 67.42 -59.65 -44.51
C GLY E 239 66.51 -58.45 -44.39
N PHE E 240 66.82 -57.38 -45.12
CA PHE E 240 65.96 -56.20 -45.08
C PHE E 240 64.60 -56.50 -45.68
N GLU E 241 64.56 -57.26 -46.78
CA GLU E 241 63.28 -57.67 -47.35
C GLU E 241 62.51 -58.53 -46.36
N GLN E 242 63.18 -59.47 -45.70
CA GLN E 242 62.49 -60.32 -44.75
C GLN E 242 61.94 -59.50 -43.59
N TRP E 243 62.69 -58.52 -43.11
CA TRP E 243 62.20 -57.64 -42.07
C TRP E 243 60.97 -56.87 -42.53
N LYS E 244 60.99 -56.41 -43.79
CA LYS E 244 59.82 -55.72 -44.32
C LYS E 244 58.61 -56.65 -44.37
N LYS E 245 58.82 -57.90 -44.79
CA LYS E 245 57.71 -58.86 -44.85
C LYS E 245 57.20 -59.18 -43.46
N ASP E 246 58.11 -59.36 -42.50
CA ASP E 246 57.78 -59.78 -41.14
C ASP E 246 58.18 -58.67 -40.17
N LYS E 247 57.23 -57.80 -39.86
CA LYS E 247 57.42 -56.75 -38.88
C LYS E 247 56.09 -56.39 -38.27
N ALA E 248 56.09 -56.12 -36.97
CA ALA E 248 54.89 -55.70 -36.30
C ALA E 248 54.54 -54.27 -36.72
N PRO E 249 53.29 -53.83 -36.48
CA PRO E 249 52.95 -52.44 -36.80
C PRO E 249 53.83 -51.47 -36.02
N SER E 250 54.10 -50.33 -36.65
CA SER E 250 55.00 -49.32 -36.09
C SER E 250 54.51 -48.82 -34.74
N LEU E 251 55.34 -48.04 -34.05
CA LEU E 251 54.94 -47.49 -32.76
C LEU E 251 53.76 -46.55 -32.90
N LYS E 252 53.52 -45.99 -34.10
CA LYS E 252 52.39 -45.09 -34.27
C LYS E 252 51.06 -45.83 -34.14
N PHE E 253 51.07 -47.16 -34.20
CA PHE E 253 49.87 -47.97 -33.99
C PHE E 253 49.99 -48.92 -32.81
N THR E 254 51.06 -48.84 -32.01
CA THR E 254 51.23 -49.69 -30.85
C THR E 254 51.77 -48.96 -29.62
N ALA E 255 52.06 -47.67 -29.70
CA ALA E 255 52.69 -46.99 -28.57
C ALA E 255 51.71 -46.89 -27.40
N PRO E 256 52.19 -46.99 -26.16
CA PRO E 256 51.28 -46.78 -25.03
C PRO E 256 50.90 -45.31 -24.88
N PHE E 257 49.83 -45.09 -24.12
CA PHE E 257 49.34 -43.76 -23.79
C PHE E 257 48.90 -42.96 -25.02
N GLY E 258 48.59 -43.65 -26.12
CA GLY E 258 48.02 -42.98 -27.27
C GLY E 258 48.93 -42.03 -27.98
N CYS E 259 50.25 -42.21 -27.86
CA CYS E 259 51.19 -41.28 -28.47
C CYS E 259 51.14 -41.37 -29.98
N GLU E 260 51.20 -40.22 -30.64
CA GLU E 260 51.46 -40.18 -32.07
C GLU E 260 52.97 -40.17 -32.28
N ILE E 261 53.42 -40.71 -33.41
CA ILE E 261 54.85 -40.89 -33.68
C ILE E 261 55.19 -40.19 -34.99
N TYR E 262 56.28 -39.43 -34.99
CA TYR E 262 56.76 -38.72 -36.17
C TYR E 262 58.27 -38.86 -36.25
N THR E 263 58.81 -38.60 -37.44
CA THR E 263 60.12 -39.10 -37.82
C THR E 263 61.18 -38.03 -38.10
N ASN E 264 60.83 -36.76 -38.11
CA ASN E 264 61.80 -35.69 -38.42
C ASN E 264 61.46 -34.45 -37.61
N PRO E 265 62.00 -34.33 -36.39
CA PRO E 265 62.86 -35.27 -35.67
C PRO E 265 62.13 -36.53 -35.25
N ILE E 266 62.87 -37.57 -34.88
CA ILE E 266 62.24 -38.73 -34.26
C ILE E 266 61.60 -38.25 -32.97
N ARG E 267 60.30 -38.51 -32.81
CA ARG E 267 59.61 -37.95 -31.65
C ARG E 267 58.26 -38.61 -31.49
N ALA E 268 57.72 -38.45 -30.27
CA ALA E 268 56.34 -38.80 -29.95
C ALA E 268 55.63 -37.56 -29.43
N GLU E 269 54.39 -37.39 -29.86
CA GLU E 269 53.58 -36.23 -29.50
C GLU E 269 52.25 -36.65 -28.90
N ASN E 270 51.70 -35.74 -28.09
CA ASN E 270 50.38 -35.90 -27.49
C ASN E 270 50.28 -37.15 -26.65
N CYS E 271 51.31 -37.43 -25.85
CA CYS E 271 51.24 -38.52 -24.90
C CYS E 271 50.48 -38.07 -23.66
N ALA E 272 49.30 -38.65 -23.45
CA ALA E 272 48.51 -38.33 -22.28
C ALA E 272 49.09 -39.02 -21.06
N VAL E 273 50.28 -38.60 -20.64
CA VAL E 273 51.05 -39.24 -19.59
C VAL E 273 51.40 -38.21 -18.53
N GLY E 274 51.15 -38.54 -17.27
CA GLY E 274 51.63 -37.74 -16.17
C GLY E 274 51.06 -36.33 -16.14
N SER E 275 51.86 -35.43 -15.58
CA SER E 275 51.48 -34.04 -15.42
C SER E 275 52.73 -33.18 -15.42
N ILE E 276 52.55 -31.89 -15.68
CA ILE E 276 53.63 -30.92 -15.77
C ILE E 276 53.58 -30.04 -14.52
N PRO E 277 54.61 -30.02 -13.67
CA PRO E 277 54.56 -29.13 -12.50
C PRO E 277 54.94 -27.70 -12.86
N LEU E 278 53.96 -26.92 -13.31
CA LEU E 278 54.21 -25.53 -13.65
C LEU E 278 54.42 -24.69 -12.40
N ALA E 279 55.40 -23.78 -12.49
CA ALA E 279 55.68 -22.80 -11.45
C ALA E 279 55.75 -21.42 -12.09
N PHE E 280 54.98 -20.48 -11.53
CA PHE E 280 54.80 -19.15 -12.09
C PHE E 280 55.32 -18.15 -11.08
N ASP E 281 56.30 -17.34 -11.48
CA ASP E 281 56.79 -16.23 -10.66
C ASP E 281 56.12 -14.97 -11.21
N ILE E 282 55.05 -14.56 -10.55
CA ILE E 282 54.25 -13.43 -10.98
C ILE E 282 54.82 -12.16 -10.37
N PRO E 283 55.10 -11.10 -11.14
CA PRO E 283 55.66 -9.90 -10.55
C PRO E 283 54.70 -9.25 -9.57
N ASP E 284 55.25 -8.57 -8.57
CA ASP E 284 54.42 -7.86 -7.60
C ASP E 284 53.65 -6.71 -8.24
N ALA E 285 54.13 -6.18 -9.36
CA ALA E 285 53.48 -5.03 -9.98
C ALA E 285 52.23 -5.40 -10.75
N LEU E 286 52.06 -6.66 -11.15
CA LEU E 286 50.91 -7.06 -11.94
C LEU E 286 49.67 -7.29 -11.09
N PHE E 287 49.80 -7.41 -9.78
CA PHE E 287 48.64 -7.59 -8.93
C PHE E 287 47.85 -6.29 -8.81
N THR E 288 46.54 -6.43 -8.65
CA THR E 288 45.64 -5.30 -8.50
C THR E 288 44.84 -5.44 -7.21
N ARG E 289 44.59 -4.32 -6.55
CA ARG E 289 43.93 -4.35 -5.25
C ARG E 289 42.50 -4.83 -5.38
N VAL E 290 41.98 -5.42 -4.30
CA VAL E 290 40.59 -5.85 -4.27
C VAL E 290 39.64 -4.68 -4.46
N SER E 291 40.00 -3.50 -3.92
CA SER E 291 39.11 -2.36 -3.99
C SER E 291 38.84 -1.94 -5.42
N GLU E 292 39.86 -1.96 -6.29
CA GLU E 292 39.67 -1.51 -7.66
C GLU E 292 38.72 -2.43 -8.42
N THR E 293 38.91 -3.73 -8.33
CA THR E 293 38.18 -4.64 -9.18
C THR E 293 36.72 -4.73 -8.76
N PRO E 294 35.82 -5.20 -9.66
CA PRO E 294 34.42 -5.36 -9.27
C PRO E 294 34.25 -6.28 -8.07
N THR E 295 33.54 -5.80 -7.05
CA THR E 295 33.32 -6.54 -5.81
C THR E 295 31.89 -7.06 -5.78
N LEU E 296 31.75 -8.35 -5.52
CA LEU E 296 30.45 -9.00 -5.54
C LEU E 296 29.89 -9.14 -4.13
N SER E 297 28.60 -8.87 -3.99
CA SER E 297 27.90 -8.97 -2.71
C SER E 297 26.57 -9.67 -2.89
N ALA E 298 26.27 -10.58 -1.96
CA ALA E 298 24.96 -11.23 -1.87
C ALA E 298 24.63 -12.00 -3.15
N ALA E 299 25.45 -12.99 -3.47
CA ALA E 299 25.24 -13.80 -4.65
C ALA E 299 24.49 -15.09 -4.29
N GLU E 300 23.76 -15.63 -5.27
CA GLU E 300 23.06 -16.90 -5.13
C GLU E 300 23.34 -17.72 -6.39
N CYS E 301 23.38 -19.04 -6.23
CA CYS E 301 23.71 -19.94 -7.32
C CYS E 301 22.63 -21.01 -7.47
N THR E 302 22.40 -21.43 -8.71
CA THR E 302 21.46 -22.52 -8.94
C THR E 302 21.79 -23.21 -10.26
N LEU E 303 21.81 -24.54 -10.21
CA LEU E 303 22.08 -25.37 -11.39
C LEU E 303 20.80 -25.50 -12.19
N ASN E 304 20.62 -24.58 -13.15
CA ASN E 304 19.45 -24.64 -14.01
C ASN E 304 19.48 -25.84 -14.94
N GLU E 305 20.63 -26.50 -15.10
CA GLU E 305 20.71 -27.72 -15.88
C GLU E 305 21.99 -28.45 -15.51
N CYS E 306 21.93 -29.77 -15.46
CA CYS E 306 23.12 -30.58 -15.23
C CYS E 306 23.01 -31.87 -16.02
N VAL E 307 23.99 -32.12 -16.88
CA VAL E 307 24.16 -33.40 -17.56
C VAL E 307 25.56 -33.89 -17.22
N TYR E 308 25.63 -34.93 -16.39
CA TYR E 308 26.91 -35.53 -16.04
C TYR E 308 27.51 -36.13 -17.31
N SER E 309 28.49 -35.44 -17.88
CA SER E 309 29.00 -35.81 -19.20
C SER E 309 30.45 -35.38 -19.31
N SER E 310 31.12 -35.94 -20.31
CA SER E 310 32.52 -35.60 -20.54
C SER E 310 32.69 -34.12 -20.87
N ASP E 311 31.82 -33.58 -21.73
CA ASP E 311 31.86 -32.18 -22.11
C ASP E 311 31.17 -31.35 -21.05
N PHE E 312 31.11 -30.03 -21.28
CA PHE E 312 30.50 -29.10 -20.33
C PHE E 312 28.97 -29.16 -20.44
N GLY E 313 28.42 -30.27 -19.96
CA GLY E 313 26.98 -30.46 -19.96
C GLY E 313 26.25 -29.80 -18.82
N GLY E 314 26.97 -29.13 -17.92
CA GLY E 314 26.38 -28.52 -16.75
C GLY E 314 26.29 -27.02 -16.89
N ILE E 315 25.13 -26.47 -16.54
CA ILE E 315 24.86 -25.05 -16.64
C ILE E 315 24.43 -24.56 -15.26
N ALA E 316 24.93 -23.39 -14.87
CA ALA E 316 24.53 -22.82 -13.59
C ALA E 316 24.41 -21.31 -13.72
N THR E 317 23.33 -20.77 -13.18
CA THR E 317 23.13 -19.34 -13.13
C THR E 317 23.49 -18.80 -11.76
N VAL E 318 24.24 -17.72 -11.76
CA VAL E 318 24.58 -16.98 -10.55
C VAL E 318 23.86 -15.64 -10.61
N LYS E 319 22.96 -15.43 -9.65
CA LYS E 319 22.38 -14.12 -9.44
C LYS E 319 23.35 -13.32 -8.58
N TYR E 320 23.67 -12.11 -9.05
CA TYR E 320 24.71 -11.28 -8.45
C TYR E 320 24.14 -9.91 -8.15
N SER E 321 24.74 -9.26 -7.17
CA SER E 321 24.49 -7.86 -6.85
C SER E 321 25.86 -7.19 -6.71
N ALA E 322 26.39 -6.69 -7.83
CA ALA E 322 27.76 -6.19 -7.86
C ALA E 322 27.83 -4.75 -7.37
N SER E 323 29.00 -4.37 -6.87
CA SER E 323 29.24 -2.99 -6.45
C SER E 323 29.50 -2.07 -7.63
N LYS E 324 30.04 -2.58 -8.74
CA LYS E 324 30.18 -1.79 -9.95
C LYS E 324 30.35 -2.74 -11.12
N SER E 325 29.74 -2.36 -12.24
CA SER E 325 29.74 -3.22 -13.42
C SER E 325 31.14 -3.35 -14.00
N GLY E 326 31.36 -4.44 -14.71
CA GLY E 326 32.65 -4.68 -15.32
C GLY E 326 32.82 -6.16 -15.67
N LYS E 327 34.03 -6.66 -15.41
CA LYS E 327 34.40 -8.04 -15.73
C LYS E 327 35.24 -8.60 -14.59
N CYS E 328 35.10 -9.89 -14.32
CA CYS E 328 35.95 -10.53 -13.32
C CYS E 328 35.82 -12.05 -13.42
N ALA E 329 36.76 -12.73 -12.78
CA ALA E 329 37.00 -14.14 -13.04
C ALA E 329 36.03 -15.02 -12.25
N VAL E 330 36.05 -16.31 -12.59
CA VAL E 330 35.24 -17.31 -11.93
C VAL E 330 35.98 -18.64 -11.96
N HIS E 331 35.88 -19.41 -10.89
CA HIS E 331 36.66 -20.62 -10.71
C HIS E 331 35.94 -21.54 -9.75
N VAL E 332 36.45 -22.77 -9.63
CA VAL E 332 35.98 -23.72 -8.63
C VAL E 332 37.19 -24.28 -7.89
N PRO E 333 37.48 -23.86 -6.65
CA PRO E 333 38.61 -24.44 -5.92
C PRO E 333 38.38 -25.88 -5.49
N SER E 334 38.18 -26.77 -6.45
CA SER E 334 38.01 -28.19 -6.16
C SER E 334 37.99 -28.94 -7.49
N GLY E 335 38.27 -30.24 -7.41
CA GLY E 335 38.24 -31.07 -8.59
C GLY E 335 36.86 -31.55 -8.99
N THR E 336 35.83 -31.14 -8.26
CA THR E 336 34.48 -31.61 -8.54
C THR E 336 33.97 -31.11 -9.88
N ALA E 337 34.24 -29.84 -10.22
CA ALA E 337 33.71 -29.24 -11.43
C ALA E 337 34.80 -28.44 -12.14
N THR E 338 34.84 -28.56 -13.46
CA THR E 338 35.77 -27.80 -14.29
C THR E 338 34.99 -26.89 -15.22
N LEU E 339 35.32 -25.61 -15.20
CA LEU E 339 34.54 -24.59 -15.89
C LEU E 339 35.05 -24.39 -17.32
N LYS E 340 34.11 -24.13 -18.23
CA LYS E 340 34.47 -23.80 -19.60
C LYS E 340 35.06 -22.41 -19.72
N GLU E 341 34.53 -21.44 -18.98
CA GLU E 341 34.88 -20.04 -19.13
C GLU E 341 35.69 -19.58 -17.94
N ALA E 342 36.56 -18.59 -18.16
CA ALA E 342 37.42 -18.07 -17.12
C ALA E 342 36.85 -16.86 -16.41
N ALA E 343 36.21 -15.96 -17.14
CA ALA E 343 35.70 -14.72 -16.56
C ALA E 343 34.35 -14.39 -17.16
N VAL E 344 33.60 -13.57 -16.43
CA VAL E 344 32.25 -13.18 -16.81
C VAL E 344 32.09 -11.69 -16.60
N GLU E 345 31.13 -11.12 -17.32
CA GLU E 345 30.82 -9.69 -17.24
C GLU E 345 29.57 -9.49 -16.39
N LEU E 346 29.59 -8.42 -15.59
CA LEU E 346 28.55 -8.15 -14.61
C LEU E 346 28.04 -6.73 -14.77
N THR E 347 26.74 -6.56 -14.54
CA THR E 347 26.05 -5.28 -14.69
C THR E 347 25.21 -5.05 -13.45
N GLU E 348 25.74 -4.28 -12.51
CA GLU E 348 25.06 -3.95 -11.26
C GLU E 348 24.53 -5.22 -10.61
N GLN E 349 23.21 -5.43 -10.58
CA GLN E 349 22.61 -6.65 -10.05
C GLN E 349 21.82 -7.34 -11.16
N GLY E 350 22.12 -8.60 -11.37
CA GLY E 350 21.51 -9.36 -12.45
C GLY E 350 21.87 -10.83 -12.38
N SER E 351 22.06 -11.48 -13.53
CA SER E 351 22.37 -12.90 -13.56
C SER E 351 23.43 -13.16 -14.62
N ALA E 352 24.24 -14.19 -14.36
CA ALA E 352 25.29 -14.61 -15.28
C ALA E 352 25.30 -16.13 -15.37
N THR E 353 25.83 -16.63 -16.49
CA THR E 353 25.78 -18.06 -16.81
C THR E 353 27.18 -18.64 -16.79
N ILE E 354 27.34 -19.78 -16.12
CA ILE E 354 28.60 -20.50 -16.02
C ILE E 354 28.40 -21.90 -16.57
N HIS E 355 29.27 -22.29 -17.50
CA HIS E 355 29.29 -23.64 -18.04
C HIS E 355 30.35 -24.45 -17.30
N PHE E 356 30.09 -25.74 -17.12
CA PHE E 356 31.02 -26.60 -16.41
C PHE E 356 30.74 -28.06 -16.73
N SER E 357 31.74 -28.90 -16.49
CA SER E 357 31.63 -30.34 -16.55
C SER E 357 31.92 -30.90 -15.17
N THR E 358 31.27 -32.02 -14.84
CA THR E 358 31.25 -32.52 -13.47
C THR E 358 31.41 -34.03 -13.46
N ALA E 359 31.88 -34.53 -12.32
CA ALA E 359 31.97 -35.96 -12.05
C ALA E 359 30.90 -36.42 -11.09
N ASN E 360 30.58 -35.61 -10.09
CA ASN E 360 29.63 -36.02 -9.05
C ASN E 360 28.22 -36.16 -9.62
N ILE E 361 27.55 -37.25 -9.25
CA ILE E 361 26.14 -37.40 -9.57
C ILE E 361 25.29 -36.46 -8.73
N HIS E 362 25.70 -36.22 -7.48
CA HIS E 362 25.05 -35.28 -6.58
C HIS E 362 26.01 -34.11 -6.37
N PRO E 363 26.16 -33.25 -7.38
CA PRO E 363 27.20 -32.22 -7.32
C PRO E 363 26.99 -31.21 -6.21
N GLU E 364 28.11 -30.73 -5.66
CA GLU E 364 28.12 -29.61 -4.74
C GLU E 364 29.53 -29.04 -4.76
N PHE E 365 29.64 -27.74 -5.03
CA PHE E 365 30.95 -27.12 -5.17
C PHE E 365 30.87 -25.63 -4.83
N ARG E 366 31.98 -25.09 -4.36
CA ARG E 366 32.12 -23.67 -4.07
C ARG E 366 32.59 -22.96 -5.33
N LEU E 367 31.69 -22.21 -5.97
CA LEU E 367 32.05 -21.40 -7.13
C LEU E 367 32.63 -20.10 -6.59
N GLN E 368 33.94 -19.92 -6.77
CA GLN E 368 34.61 -18.69 -6.39
C GLN E 368 34.44 -17.68 -7.52
N ILE E 369 33.96 -16.50 -7.19
CA ILE E 369 33.65 -15.48 -8.18
C ILE E 369 33.87 -14.11 -7.55
N CYS E 370 34.76 -13.33 -8.17
CA CYS E 370 34.88 -11.88 -7.95
C CYS E 370 34.90 -11.51 -6.46
N THR E 371 35.95 -11.98 -5.77
CA THR E 371 36.16 -11.66 -4.36
C THR E 371 34.96 -12.13 -3.54
N SER E 372 34.46 -13.31 -3.88
CA SER E 372 33.43 -13.97 -3.08
C SER E 372 33.35 -15.41 -3.54
N TYR E 373 32.44 -16.16 -2.93
CA TYR E 373 32.17 -17.52 -3.38
C TYR E 373 30.77 -17.91 -2.95
N VAL E 374 30.14 -18.74 -3.79
CA VAL E 374 28.76 -19.17 -3.60
C VAL E 374 28.72 -20.69 -3.67
N THR E 375 27.92 -21.30 -2.79
CA THR E 375 27.86 -22.76 -2.68
C THR E 375 26.80 -23.27 -3.64
N CYS E 376 27.25 -23.72 -4.82
CA CYS E 376 26.34 -24.29 -5.82
C CYS E 376 26.10 -25.75 -5.46
N LYS E 377 24.85 -26.18 -5.61
CA LYS E 377 24.45 -27.54 -5.23
C LYS E 377 23.26 -27.96 -6.07
N GLY E 378 23.16 -29.26 -6.33
CA GLY E 378 22.03 -29.77 -7.08
C GLY E 378 22.17 -31.25 -7.33
N ASP E 379 21.21 -31.79 -8.08
CA ASP E 379 21.22 -33.17 -8.53
C ASP E 379 21.42 -33.19 -10.03
N CYS E 380 22.06 -34.23 -10.54
CA CYS E 380 22.51 -34.25 -11.92
C CYS E 380 22.12 -35.58 -12.57
N HIS E 381 21.91 -35.54 -13.89
CA HIS E 381 21.34 -36.65 -14.64
C HIS E 381 22.38 -37.26 -15.58
N PRO E 382 22.22 -38.52 -15.97
CA PRO E 382 23.25 -39.16 -16.81
C PRO E 382 23.24 -38.58 -18.22
N PRO E 383 24.27 -38.88 -19.01
CA PRO E 383 24.34 -38.35 -20.36
C PRO E 383 23.58 -39.21 -21.35
N LYS E 384 23.62 -38.77 -22.62
CA LYS E 384 22.86 -39.45 -23.66
C LYS E 384 23.62 -40.64 -24.21
N ASP E 385 24.80 -40.41 -24.78
CA ASP E 385 25.50 -41.40 -25.57
C ASP E 385 26.48 -42.19 -24.72
N HIS E 386 26.60 -43.48 -24.99
CA HIS E 386 27.56 -44.31 -24.28
C HIS E 386 29.00 -43.89 -24.60
N ILE E 387 29.28 -43.63 -25.87
CA ILE E 387 30.63 -43.39 -26.35
C ILE E 387 30.68 -42.00 -26.98
N VAL E 388 31.71 -41.24 -26.66
CA VAL E 388 31.91 -39.89 -27.18
C VAL E 388 33.27 -39.83 -27.86
N THR E 389 33.44 -38.79 -28.69
CA THR E 389 34.60 -38.67 -29.56
C THR E 389 35.55 -37.56 -29.10
N HIS E 390 35.76 -37.45 -27.80
CA HIS E 390 36.69 -36.47 -27.25
C HIS E 390 37.02 -36.91 -25.83
N PRO E 391 38.13 -36.45 -25.27
CA PRO E 391 38.53 -36.93 -23.95
C PRO E 391 37.87 -36.15 -22.82
N GLN E 392 38.05 -36.68 -21.62
CA GLN E 392 37.41 -36.13 -20.43
C GLN E 392 37.87 -34.70 -20.17
N TYR E 393 36.95 -33.86 -19.71
CA TYR E 393 37.26 -32.50 -19.31
C TYR E 393 37.18 -32.30 -17.80
N HIS E 394 36.54 -33.21 -17.08
CA HIS E 394 36.27 -33.05 -15.65
C HIS E 394 37.08 -34.07 -14.86
N ALA E 395 37.66 -33.61 -13.76
CA ALA E 395 38.53 -34.45 -12.95
C ALA E 395 37.70 -35.53 -12.27
N GLN E 396 38.08 -36.78 -12.48
CA GLN E 396 37.35 -37.89 -11.86
C GLN E 396 37.52 -37.84 -10.36
N THR E 397 36.49 -38.28 -9.64
CA THR E 397 36.50 -38.29 -8.18
C THR E 397 35.76 -39.52 -7.69
N PHE E 398 36.09 -39.94 -6.46
CA PHE E 398 35.54 -41.18 -5.92
C PHE E 398 34.03 -41.10 -5.72
N THR E 399 33.53 -39.94 -5.27
CA THR E 399 32.15 -39.83 -4.83
C THR E 399 31.19 -39.77 -6.01
N ALA E 400 30.36 -40.81 -6.15
CA ALA E 400 29.26 -40.81 -7.10
C ALA E 400 28.03 -41.49 -6.47
N ALA E 401 27.74 -41.15 -5.22
CA ALA E 401 26.80 -41.89 -4.40
C ALA E 401 25.37 -41.37 -4.56
N VAL E 402 24.44 -42.05 -3.88
CA VAL E 402 23.03 -41.69 -3.90
C VAL E 402 22.82 -40.26 -3.41
N TYR F 1 -13.16 36.41 30.23
CA TYR F 1 -12.49 35.35 31.03
C TYR F 1 -11.30 35.93 31.77
N GLU F 2 -11.26 35.69 33.08
CA GLU F 2 -10.19 36.21 33.93
C GLU F 2 -9.07 35.20 34.02
N HIS F 3 -7.86 35.62 33.68
CA HIS F 3 -6.65 34.81 33.79
C HIS F 3 -5.58 35.68 34.44
N ALA F 4 -4.64 35.06 35.13
CA ALA F 4 -3.62 35.81 35.84
C ALA F 4 -2.33 35.02 35.88
N THR F 5 -1.21 35.70 35.65
CA THR F 5 0.08 35.02 35.63
C THR F 5 1.17 36.02 35.95
N THR F 6 2.05 35.65 36.87
CA THR F 6 3.17 36.51 37.23
C THR F 6 4.16 36.59 36.08
N MET F 7 4.67 37.79 35.83
CA MET F 7 5.63 38.05 34.76
C MET F 7 6.93 38.55 35.38
N PRO F 8 8.07 37.90 35.20
CA PRO F 8 9.31 38.41 35.80
C PRO F 8 9.64 39.81 35.28
N SER F 9 10.00 40.70 36.21
CA SER F 9 10.21 42.10 35.89
C SER F 9 11.58 42.38 35.31
N GLN F 10 11.96 41.69 34.24
CA GLN F 10 13.24 41.89 33.60
C GLN F 10 13.05 42.64 32.29
N ALA F 11 13.91 43.62 32.04
CA ALA F 11 13.81 44.46 30.85
C ALA F 11 14.54 43.81 29.68
N GLY F 12 13.82 43.65 28.58
CA GLY F 12 14.38 43.10 27.36
C GLY F 12 14.02 41.63 27.14
N ILE F 13 13.74 40.92 28.22
CA ILE F 13 13.41 39.50 28.12
C ILE F 13 11.91 39.36 27.93
N SER F 14 11.51 38.42 27.07
CA SER F 14 10.11 38.22 26.76
C SER F 14 9.49 37.19 27.69
N TYR F 15 8.16 37.05 27.59
CA TYR F 15 7.43 36.06 28.36
C TYR F 15 6.21 35.63 27.55
N ASN F 16 5.92 34.33 27.57
CA ASN F 16 4.84 33.75 26.78
C ASN F 16 3.98 32.85 27.66
N THR F 17 2.72 32.67 27.24
CA THR F 17 1.79 31.78 27.91
C THR F 17 0.71 31.40 26.91
N ILE F 18 -0.01 30.33 27.23
CA ILE F 18 -1.13 29.86 26.42
C ILE F 18 -2.34 29.79 27.34
N VAL F 19 -3.46 30.38 26.93
CA VAL F 19 -4.70 30.22 27.67
C VAL F 19 -5.61 29.29 26.88
N ASN F 20 -6.14 28.28 27.56
CA ASN F 20 -6.84 27.19 26.92
C ASN F 20 -8.02 26.74 27.78
N ARG F 21 -8.97 26.07 27.16
CA ARG F 21 -10.11 25.50 27.85
C ARG F 21 -10.58 24.26 27.10
N ALA F 22 -11.43 23.48 27.77
CA ALA F 22 -11.73 22.12 27.31
C ALA F 22 -12.29 22.09 25.89
N GLY F 23 -12.91 23.18 25.45
CA GLY F 23 -13.53 23.22 24.14
C GLY F 23 -13.11 24.40 23.28
N TYR F 24 -12.04 25.09 23.67
CA TYR F 24 -11.56 26.26 22.94
C TYR F 24 -10.06 26.12 22.66
N ALA F 25 -9.66 26.50 21.46
CA ALA F 25 -8.30 26.30 20.99
C ALA F 25 -7.33 27.15 21.77
N PRO F 26 -6.05 26.78 21.80
CA PRO F 26 -5.09 27.59 22.56
C PRO F 26 -4.94 28.99 22.01
N LEU F 27 -5.11 29.98 22.87
CA LEU F 27 -4.94 31.40 22.53
C LEU F 27 -3.59 31.82 23.12
N PRO F 28 -2.59 32.11 22.29
CA PRO F 28 -1.30 32.55 22.84
C PRO F 28 -1.37 33.97 23.37
N ILE F 29 -0.53 34.25 24.37
CA ILE F 29 -0.38 35.57 24.96
C ILE F 29 1.10 35.82 25.17
N SER F 30 1.59 36.96 24.72
CA SER F 30 3.00 37.30 24.85
C SER F 30 3.15 38.70 25.41
N ILE F 31 4.14 38.86 26.28
CA ILE F 31 4.45 40.13 26.91
C ILE F 31 5.94 40.39 26.75
N THR F 32 6.31 41.66 26.61
CA THR F 32 7.71 42.06 26.52
C THR F 32 7.86 43.45 27.12
N PRO F 33 8.37 43.57 28.36
CA PRO F 33 8.62 44.91 28.90
C PRO F 33 9.94 45.48 28.41
N THR F 34 9.86 46.50 27.55
CA THR F 34 11.09 47.06 26.98
C THR F 34 11.76 48.05 27.92
N LYS F 35 11.01 48.62 28.86
CA LYS F 35 11.60 49.55 29.82
C LYS F 35 10.66 49.71 31.00
N ILE F 36 11.11 49.24 32.17
CA ILE F 36 10.36 49.36 33.42
C ILE F 36 10.92 50.55 34.17
N LYS F 37 10.04 51.49 34.51
CA LYS F 37 10.42 52.77 35.07
C LYS F 37 9.99 52.83 36.53
N LEU F 38 10.81 53.45 37.37
CA LEU F 38 10.56 53.56 38.80
C LEU F 38 10.65 55.03 39.18
N ILE F 39 9.55 55.76 39.05
CA ILE F 39 9.47 57.18 39.34
C ILE F 39 9.04 57.34 40.79
N PRO F 40 9.81 58.07 41.63
CA PRO F 40 9.34 58.33 42.99
C PRO F 40 8.60 59.64 43.09
N THR F 41 7.67 59.69 44.05
CA THR F 41 6.99 60.94 44.35
C THR F 41 7.94 61.86 45.10
N VAL F 42 8.23 63.02 44.52
CA VAL F 42 9.33 63.87 44.96
C VAL F 42 8.89 65.31 45.02
N ASN F 43 9.41 66.04 46.01
CA ASN F 43 9.22 67.47 46.13
C ASN F 43 10.55 68.13 46.49
N LEU F 44 10.69 69.38 46.08
CA LEU F 44 11.95 70.09 46.24
C LEU F 44 12.00 70.79 47.60
N GLU F 45 13.04 70.49 48.37
CA GLU F 45 13.26 71.20 49.62
C GLU F 45 14.08 72.47 49.43
N TYR F 46 15.19 72.40 48.70
CA TYR F 46 15.85 73.66 48.37
C TYR F 46 16.85 73.44 47.25
N VAL F 47 17.56 74.51 46.91
CA VAL F 47 18.65 74.48 45.94
C VAL F 47 19.82 75.23 46.53
N THR F 48 21.01 74.67 46.36
CA THR F 48 22.23 75.24 46.92
C THR F 48 23.28 75.35 45.83
N CYS F 49 24.22 76.26 46.04
CA CYS F 49 25.25 76.52 45.04
C CYS F 49 26.41 77.25 45.72
N HIS F 50 27.44 77.53 44.94
CA HIS F 50 28.55 78.32 45.45
C HIS F 50 28.06 79.67 45.92
N TYR F 51 28.60 80.14 47.04
CA TYR F 51 28.28 81.49 47.51
C TYR F 51 29.23 82.48 46.87
N LYS F 52 28.94 83.76 47.09
CA LYS F 52 29.91 84.82 46.90
C LYS F 52 29.69 85.85 47.99
N THR F 53 30.80 86.35 48.54
CA THR F 53 30.77 87.23 49.71
C THR F 53 30.74 88.66 49.22
N GLY F 54 29.53 89.20 49.09
CA GLY F 54 29.40 90.60 48.79
C GLY F 54 29.80 91.44 50.00
N MET F 55 30.11 92.70 49.75
CA MET F 55 30.59 93.54 50.84
C MET F 55 30.48 95.00 50.43
N ASP F 56 29.84 95.79 51.29
CA ASP F 56 29.67 97.20 51.01
C ASP F 56 31.02 97.89 51.04
N SER F 57 31.16 98.93 50.24
CA SER F 57 32.39 99.69 50.24
C SER F 57 32.61 100.27 51.64
N PRO F 58 33.85 100.28 52.15
CA PRO F 58 34.05 100.85 53.49
C PRO F 58 33.62 102.31 53.53
N ALA F 59 32.91 102.67 54.60
CA ALA F 59 32.52 104.05 54.84
C ALA F 59 33.48 104.63 55.86
N ILE F 60 34.30 105.57 55.42
CA ILE F 60 35.39 106.13 56.21
C ILE F 60 35.01 107.54 56.60
N LYS F 61 35.04 107.83 57.90
CA LYS F 61 34.81 109.16 58.45
C LYS F 61 36.10 109.61 59.10
N CYS F 62 36.57 110.79 58.71
CA CYS F 62 37.85 111.29 59.17
C CYS F 62 37.69 112.02 60.51
N CYS F 63 38.27 111.43 61.55
CA CYS F 63 38.06 111.83 62.95
C CYS F 63 36.61 112.21 63.21
N GLY F 64 35.76 111.21 63.02
CA GLY F 64 34.39 111.28 63.49
C GLY F 64 33.88 109.88 63.74
N SER F 65 32.95 109.77 64.68
CA SER F 65 32.41 108.49 65.07
C SER F 65 31.34 108.03 64.10
N GLN F 66 31.19 106.72 63.99
CA GLN F 66 30.16 106.10 63.16
C GLN F 66 29.41 105.06 63.99
N GLU F 67 28.35 104.50 63.38
CA GLU F 67 27.50 103.52 64.03
C GLU F 67 27.32 102.32 63.10
N CYS F 68 27.12 101.15 63.70
CA CYS F 68 26.87 99.95 62.93
C CYS F 68 25.44 99.95 62.40
N THR F 69 25.21 100.68 61.32
CA THR F 69 23.86 100.81 60.77
C THR F 69 23.39 99.45 60.26
N PRO F 70 22.30 98.88 60.78
CA PRO F 70 21.94 97.52 60.39
C PRO F 70 21.06 97.48 59.15
N THR F 71 21.41 96.56 58.24
CA THR F 71 20.50 96.09 57.21
C THR F 71 20.30 94.59 57.46
N TYR F 72 19.52 93.96 56.59
CA TYR F 72 19.00 92.63 56.88
C TYR F 72 19.32 91.64 55.77
N ARG F 73 20.57 91.61 55.32
CA ARG F 73 20.98 90.71 54.27
C ARG F 73 21.50 89.39 54.87
N PRO F 74 21.58 88.33 54.07
CA PRO F 74 21.97 87.02 54.63
C PRO F 74 23.36 87.03 55.25
N ASP F 75 23.45 86.42 56.44
CA ASP F 75 24.71 86.21 57.15
C ASP F 75 25.52 87.50 57.24
N GLU F 76 24.86 88.60 57.57
CA GLU F 76 25.54 89.89 57.58
C GLU F 76 26.47 89.99 58.78
N GLN F 77 27.63 90.60 58.56
CA GLN F 77 28.50 91.06 59.61
C GLN F 77 28.81 92.53 59.37
N CYS F 78 28.68 93.33 60.41
CA CYS F 78 28.94 94.77 60.34
C CYS F 78 29.81 95.15 61.53
N LYS F 79 30.84 95.96 61.28
CA LYS F 79 31.73 96.35 62.36
C LYS F 79 32.35 97.70 62.07
N VAL F 80 32.60 98.45 63.13
CA VAL F 80 33.10 99.82 63.07
C VAL F 80 34.49 99.81 63.66
N PHE F 81 35.50 99.75 62.79
CA PHE F 81 36.90 99.71 63.21
C PHE F 81 37.40 101.14 63.40
N THR F 82 37.89 101.44 64.60
CA THR F 82 38.42 102.76 64.92
C THR F 82 39.93 102.77 64.82
N GLY F 83 40.50 103.96 64.92
CA GLY F 83 41.94 104.10 64.85
C GLY F 83 42.55 103.65 63.53
N VAL F 84 41.94 104.02 62.42
CA VAL F 84 42.41 103.65 61.08
C VAL F 84 43.01 104.90 60.43
N TYR F 85 43.84 104.68 59.43
CA TYR F 85 44.45 105.77 58.66
C TYR F 85 44.64 105.28 57.23
N PRO F 86 43.59 105.26 56.43
CA PRO F 86 43.69 104.63 55.12
C PRO F 86 44.46 105.47 54.12
N PHE F 87 44.99 104.79 53.12
CA PHE F 87 45.73 105.40 52.02
C PHE F 87 45.09 105.02 50.69
N MET F 88 45.03 105.97 49.78
CA MET F 88 44.58 105.76 48.42
C MET F 88 45.74 106.08 47.47
N TRP F 89 45.45 106.02 46.17
CA TRP F 89 46.48 106.32 45.17
C TRP F 89 46.97 107.76 45.29
N GLY F 90 46.14 108.65 45.82
CA GLY F 90 46.50 110.05 45.95
C GLY F 90 47.07 110.45 47.30
N GLY F 91 47.30 109.51 48.19
CA GLY F 91 47.86 109.79 49.50
C GLY F 91 46.86 109.49 50.61
N ALA F 92 47.16 110.03 51.79
CA ALA F 92 46.34 109.76 52.96
C ALA F 92 44.93 110.30 52.78
N TYR F 93 43.94 109.49 53.14
CA TYR F 93 42.56 109.91 52.99
C TYR F 93 42.18 110.98 54.01
N CYS F 94 42.65 110.84 55.25
CA CYS F 94 42.34 111.78 56.32
C CYS F 94 43.60 112.45 56.86
N PHE F 95 43.37 113.54 57.57
CA PHE F 95 44.42 114.34 58.19
C PHE F 95 44.56 114.09 59.67
N CYS F 96 43.47 113.76 60.36
CA CYS F 96 43.54 113.37 61.76
C CYS F 96 44.24 112.03 61.86
N ASP F 97 45.28 111.96 62.70
CA ASP F 97 46.05 110.72 62.82
C ASP F 97 45.24 109.64 63.52
N THR F 98 44.55 110.01 64.60
CA THR F 98 43.70 109.10 65.35
C THR F 98 42.23 109.48 65.17
N GLU F 99 41.35 108.71 65.81
CA GLU F 99 39.91 108.95 65.85
C GLU F 99 39.20 108.73 64.52
N ASN F 100 39.92 108.43 63.45
CA ASN F 100 39.26 108.13 62.18
C ASN F 100 38.59 106.76 62.28
N THR F 101 37.47 106.62 61.58
CA THR F 101 36.60 105.46 61.73
C THR F 101 36.31 104.87 60.36
N GLN F 102 36.23 103.55 60.30
CA GLN F 102 35.88 102.83 59.09
C GLN F 102 34.82 101.79 59.43
N VAL F 103 33.61 101.98 58.92
CA VAL F 103 32.54 100.99 59.10
C VAL F 103 32.51 100.12 57.85
N SER F 104 32.60 98.81 58.06
CA SER F 104 32.65 97.83 56.99
C SER F 104 31.66 96.71 57.28
N LYS F 105 30.99 96.25 56.23
CA LYS F 105 30.04 95.16 56.37
C LYS F 105 30.07 94.25 55.15
N ALA F 106 29.87 92.96 55.43
CA ALA F 106 29.94 91.91 54.42
C ALA F 106 28.76 90.97 54.60
N TYR F 107 28.39 90.29 53.52
CA TYR F 107 27.23 89.42 53.49
C TYR F 107 27.42 88.35 52.44
N VAL F 108 26.56 87.34 52.50
CA VAL F 108 26.60 86.19 51.58
C VAL F 108 25.48 86.37 50.56
N MET F 109 25.75 85.99 49.31
CA MET F 109 24.70 85.95 48.30
C MET F 109 24.99 84.84 47.31
N LYS F 110 23.97 84.47 46.55
CA LYS F 110 24.11 83.37 45.60
C LYS F 110 25.12 83.73 44.52
N SER F 111 25.85 82.73 44.07
CA SER F 111 26.82 82.94 43.01
C SER F 111 26.10 83.34 41.72
N ASP F 112 26.81 84.10 40.89
CA ASP F 112 26.24 84.54 39.62
C ASP F 112 25.89 83.37 38.73
N ASP F 113 26.58 82.24 38.89
CA ASP F 113 26.35 81.05 38.10
C ASP F 113 25.30 80.11 38.69
N CYS F 114 24.69 80.49 39.82
CA CYS F 114 23.74 79.61 40.49
C CYS F 114 22.53 79.28 39.63
N LEU F 115 22.21 80.13 38.64
CA LEU F 115 21.04 79.87 37.81
C LEU F 115 21.23 78.63 36.95
N ALA F 116 22.46 78.19 36.75
CA ALA F 116 22.77 77.04 35.89
C ALA F 116 23.70 76.03 36.52
N ASP F 117 24.34 76.34 37.64
CA ASP F 117 25.26 75.44 38.34
C ASP F 117 24.83 75.36 39.80
N HIS F 118 23.93 74.43 40.09
CA HIS F 118 23.38 74.29 41.43
C HIS F 118 22.95 72.85 41.66
N ALA F 119 22.79 72.50 42.92
CA ALA F 119 22.31 71.19 43.32
C ALA F 119 20.96 71.31 44.01
N GLU F 120 20.06 70.40 43.63
CA GLU F 120 18.67 70.44 44.09
C GLU F 120 18.49 69.38 45.17
N ALA F 121 18.21 69.82 46.39
CA ALA F 121 17.99 68.92 47.51
C ALA F 121 16.49 68.62 47.60
N TYR F 122 16.15 67.34 47.40
CA TYR F 122 14.77 66.85 47.32
C TYR F 122 14.49 65.87 48.46
N LYS F 123 13.20 65.63 48.70
CA LYS F 123 12.73 64.50 49.48
C LYS F 123 11.87 63.60 48.60
N ALA F 124 12.16 62.29 48.62
CA ALA F 124 11.45 61.30 47.82
C ALA F 124 10.62 60.42 48.75
N HIS F 125 9.31 60.35 48.49
CA HIS F 125 8.37 59.75 49.43
C HIS F 125 7.96 58.33 49.06
N THR F 126 7.35 58.15 47.89
CA THR F 126 6.77 56.86 47.50
C THR F 126 7.04 56.60 46.03
N ALA F 127 6.89 55.34 45.64
CA ALA F 127 7.24 54.90 44.30
C ALA F 127 6.02 54.80 43.40
N SER F 128 6.24 55.07 42.12
CA SER F 128 5.27 54.78 41.08
C SER F 128 5.98 54.06 39.94
N VAL F 129 5.46 52.89 39.58
CA VAL F 129 6.09 52.01 38.60
C VAL F 129 5.26 52.01 37.33
N GLN F 130 5.87 52.44 36.22
CA GLN F 130 5.23 52.41 34.92
C GLN F 130 6.20 51.79 33.93
N ALA F 131 5.67 50.94 33.04
CA ALA F 131 6.49 50.14 32.15
C ALA F 131 5.95 50.21 30.73
N PHE F 132 6.87 50.31 29.77
CA PHE F 132 6.51 50.24 28.35
C PHE F 132 6.48 48.77 27.96
N LEU F 133 5.31 48.28 27.56
CA LEU F 133 5.15 46.82 27.32
C LEU F 133 4.66 46.54 25.91
N ASN F 134 5.04 45.38 25.34
CA ASN F 134 4.53 44.95 24.01
C ASN F 134 3.62 43.75 24.29
N ILE F 135 2.32 43.88 24.08
CA ILE F 135 1.40 42.78 24.49
C ILE F 135 0.67 42.22 23.26
N THR F 136 0.76 40.91 23.04
CA THR F 136 0.07 40.28 21.92
C THR F 136 -0.85 39.20 22.48
N VAL F 137 -2.06 39.12 21.92
CA VAL F 137 -3.03 38.10 22.29
C VAL F 137 -3.67 37.63 20.98
N GLY F 138 -3.31 36.41 20.55
CA GLY F 138 -3.89 35.86 19.35
C GLY F 138 -3.71 36.72 18.12
N GLU F 139 -2.51 37.27 17.95
CA GLU F 139 -2.13 38.17 16.86
C GLU F 139 -2.77 39.55 16.97
N HIS F 140 -3.52 39.83 18.03
CA HIS F 140 -3.90 41.20 18.34
C HIS F 140 -2.79 41.81 19.20
N SER F 141 -2.00 42.70 18.60
CA SER F 141 -0.78 43.20 19.23
C SER F 141 -0.93 44.68 19.54
N ILE F 142 -0.27 45.11 20.62
CA ILE F 142 -0.30 46.49 21.08
C ILE F 142 1.02 46.82 21.74
N VAL F 143 1.43 48.08 21.63
CA VAL F 143 2.60 48.61 22.31
C VAL F 143 2.13 49.83 23.10
N THR F 144 2.25 49.77 24.42
CA THR F 144 1.64 50.75 25.30
C THR F 144 2.56 51.07 26.46
N THR F 145 2.10 52.00 27.29
CA THR F 145 2.73 52.33 28.56
C THR F 145 1.73 52.06 29.67
N VAL F 146 1.96 51.01 30.44
CA VAL F 146 1.04 50.59 31.49
C VAL F 146 1.57 51.08 32.82
N TYR F 147 0.69 51.71 33.60
CA TYR F 147 1.03 52.16 34.95
C TYR F 147 0.86 50.96 35.88
N VAL F 148 1.95 50.52 36.47
CA VAL F 148 1.94 49.30 37.28
C VAL F 148 1.48 49.65 38.68
N ASN F 149 0.16 49.65 38.89
CA ASN F 149 -0.42 49.87 40.21
C ASN F 149 -1.59 48.94 40.50
N GLY F 150 -2.00 48.10 39.56
CA GLY F 150 -3.15 47.25 39.73
C GLY F 150 -4.48 47.92 39.44
N GLU F 151 -4.49 49.25 39.27
CA GLU F 151 -5.71 49.98 38.99
C GLU F 151 -5.83 50.34 37.52
N THR F 152 -4.86 51.10 36.99
CA THR F 152 -4.98 51.68 35.67
C THR F 152 -4.97 50.58 34.61
N PRO F 153 -6.04 50.39 33.85
CA PRO F 153 -6.01 49.37 32.80
C PRO F 153 -5.59 49.96 31.47
N VAL F 154 -5.15 49.06 30.58
CA VAL F 154 -5.00 49.36 29.17
C VAL F 154 -5.90 48.38 28.40
N ASN F 155 -6.87 48.93 27.68
CA ASN F 155 -8.04 48.17 27.23
C ASN F 155 -8.14 48.01 25.72
N PHE F 156 -7.03 48.07 24.99
CA PHE F 156 -7.13 47.99 23.53
C PHE F 156 -7.64 46.63 23.09
N ASN F 157 -8.56 46.66 22.12
CA ASN F 157 -9.10 45.50 21.41
C ASN F 157 -9.94 44.58 22.31
N GLY F 158 -10.40 45.06 23.46
CA GLY F 158 -11.36 44.36 24.27
C GLY F 158 -10.78 43.56 25.42
N VAL F 159 -9.51 43.21 25.36
CA VAL F 159 -8.84 42.48 26.44
C VAL F 159 -8.28 43.52 27.41
N LYS F 160 -8.62 43.36 28.69
CA LYS F 160 -8.26 44.34 29.71
C LYS F 160 -7.05 43.85 30.48
N ILE F 161 -5.96 44.62 30.41
CA ILE F 161 -4.70 44.27 31.04
C ILE F 161 -4.57 45.11 32.30
N THR F 162 -4.24 44.46 33.42
CA THR F 162 -3.98 45.16 34.67
C THR F 162 -2.68 44.61 35.26
N ALA F 163 -1.67 45.46 35.37
CA ALA F 163 -0.38 45.09 35.93
C ALA F 163 -0.41 45.38 37.43
N GLY F 164 -0.53 44.34 38.23
CA GLY F 164 -0.67 44.48 39.66
C GLY F 164 0.49 45.22 40.30
N PRO F 165 0.40 45.51 41.59
CA PRO F 165 1.50 46.21 42.26
C PRO F 165 2.79 45.40 42.18
N LEU F 166 3.91 46.10 42.04
CA LEU F 166 5.20 45.44 42.01
C LEU F 166 5.39 44.66 43.30
N SER F 167 5.66 43.36 43.16
CA SER F 167 5.49 42.42 44.27
C SER F 167 6.34 42.79 45.49
N THR F 168 7.58 43.23 45.28
CA THR F 168 8.47 43.65 46.36
C THR F 168 8.71 45.15 46.21
N ALA F 169 7.85 45.95 46.84
CA ALA F 169 7.99 47.40 46.79
C ALA F 169 9.35 47.81 47.34
N TRP F 170 10.11 48.53 46.52
CA TRP F 170 11.50 48.83 46.84
C TRP F 170 11.96 49.96 45.93
N THR F 171 12.80 50.84 46.49
CA THR F 171 13.34 51.96 45.74
C THR F 171 14.83 52.11 46.06
N PRO F 172 15.65 52.52 45.08
CA PRO F 172 17.05 52.83 45.40
C PRO F 172 17.23 54.19 46.04
N PHE F 173 16.22 55.06 45.97
CA PHE F 173 16.28 56.38 46.59
C PHE F 173 15.89 56.27 48.05
N ASP F 174 16.73 56.81 48.93
CA ASP F 174 16.30 56.97 50.30
C ASP F 174 15.27 58.10 50.39
N ARG F 175 14.85 58.40 51.61
CA ARG F 175 13.80 59.41 51.80
C ARG F 175 14.23 60.78 51.33
N LYS F 176 15.54 61.01 51.16
CA LYS F 176 16.08 62.36 51.08
C LYS F 176 17.31 62.33 50.15
N ILE F 177 17.18 62.95 48.97
CA ILE F 177 18.14 62.80 47.89
C ILE F 177 18.60 64.16 47.37
N VAL F 178 19.60 64.14 46.50
CA VAL F 178 20.18 65.35 45.92
C VAL F 178 20.43 65.10 44.44
N GLN F 179 20.16 66.11 43.62
CA GLN F 179 20.47 66.10 42.19
C GLN F 179 21.57 67.10 41.90
N TYR F 180 22.56 66.68 41.12
CA TYR F 180 23.59 67.59 40.65
C TYR F 180 24.19 67.08 39.35
N ALA F 181 24.21 67.95 38.34
CA ALA F 181 24.88 67.67 37.07
C ALA F 181 24.37 66.38 36.45
N GLY F 182 23.06 66.15 36.55
CA GLY F 182 22.47 64.96 35.99
C GLY F 182 22.81 63.69 36.73
N GLU F 183 23.17 63.77 38.00
CA GLU F 183 23.45 62.60 38.83
C GLU F 183 22.70 62.72 40.14
N ILE F 184 22.16 61.60 40.60
CA ILE F 184 21.36 61.54 41.81
C ILE F 184 22.19 60.87 42.91
N TYR F 185 22.24 61.53 44.07
CA TYR F 185 23.01 61.07 45.21
C TYR F 185 22.10 60.89 46.40
N ASN F 186 22.40 59.88 47.21
CA ASN F 186 21.75 59.70 48.50
C ASN F 186 22.56 60.45 49.56
N TYR F 187 21.96 61.50 50.13
CA TYR F 187 22.69 62.37 51.05
C TYR F 187 21.70 62.94 52.04
N ASP F 188 22.03 62.89 53.32
CA ASP F 188 21.18 63.44 54.38
C ASP F 188 21.53 64.92 54.58
N PHE F 189 21.11 65.73 53.62
CA PHE F 189 21.41 67.14 53.68
C PHE F 189 20.64 67.78 54.83
N PRO F 190 21.15 68.87 55.40
CA PRO F 190 20.45 69.49 56.53
C PRO F 190 19.08 70.03 56.12
N GLU F 191 18.15 69.95 57.06
CA GLU F 191 16.81 70.47 56.83
C GLU F 191 16.90 71.96 56.56
N TYR F 192 15.91 72.49 55.85
CA TYR F 192 15.90 73.91 55.59
C TYR F 192 15.89 74.65 56.91
N GLY F 193 16.93 75.44 57.14
CA GLY F 193 17.08 76.23 58.33
C GLY F 193 18.04 75.67 59.35
N ALA F 194 18.73 74.59 59.02
CA ALA F 194 19.75 73.99 59.88
C ALA F 194 21.11 73.89 59.21
N GLY F 195 21.29 74.49 58.03
CA GLY F 195 22.53 74.31 57.31
C GLY F 195 23.71 74.82 58.11
N GLN F 196 24.75 73.99 58.24
CA GLN F 196 25.94 74.31 59.00
C GLN F 196 27.08 74.71 58.07
N PRO F 197 28.02 75.53 58.53
CA PRO F 197 29.05 76.02 57.60
C PRO F 197 30.00 74.93 57.13
N GLY F 198 30.61 75.17 55.98
CA GLY F 198 31.62 74.28 55.46
C GLY F 198 31.11 72.94 54.99
N ALA F 199 29.80 72.77 54.87
CA ALA F 199 29.20 71.51 54.45
C ALA F 199 28.04 71.81 53.51
N PHE F 200 27.55 70.75 52.87
CA PHE F 200 26.46 70.90 51.92
C PHE F 200 25.26 71.56 52.60
N GLY F 201 24.73 72.60 51.97
CA GLY F 201 23.65 73.36 52.54
C GLY F 201 24.07 74.59 53.32
N ASP F 202 25.31 75.06 53.17
CA ASP F 202 25.71 76.29 53.85
C ASP F 202 24.87 77.48 53.39
N ILE F 203 24.57 77.57 52.10
CA ILE F 203 23.60 78.51 51.56
C ILE F 203 22.49 77.69 50.91
N GLN F 204 21.26 78.16 51.08
CA GLN F 204 20.10 77.41 50.63
C GLN F 204 19.06 78.39 50.12
N SER F 205 18.25 77.96 49.16
CA SER F 205 17.08 78.72 48.76
C SER F 205 15.95 77.78 48.37
N ARG F 206 14.73 78.13 48.79
CA ARG F 206 13.57 77.32 48.48
C ARG F 206 13.36 77.13 46.99
N THR F 207 13.85 78.05 46.17
CA THR F 207 13.77 77.92 44.73
C THR F 207 14.93 78.71 44.14
N VAL F 208 15.27 78.39 42.88
CA VAL F 208 16.37 79.09 42.23
C VAL F 208 16.07 80.59 42.15
N SER F 209 14.81 80.94 41.94
CA SER F 209 14.38 82.33 41.87
C SER F 209 13.85 82.87 43.18
N SER F 210 13.94 82.10 44.27
CA SER F 210 13.37 82.53 45.54
C SER F 210 14.08 83.75 46.08
N SER F 211 13.30 84.67 46.66
CA SER F 211 13.87 85.90 47.20
C SER F 211 14.70 85.63 48.46
N ASP F 212 14.22 84.74 49.33
CA ASP F 212 14.90 84.47 50.58
C ASP F 212 16.18 83.68 50.33
N LEU F 213 17.14 83.86 51.23
CA LEU F 213 18.40 83.14 51.19
C LEU F 213 18.99 83.06 52.58
N TYR F 214 18.83 81.91 53.22
CA TYR F 214 19.55 81.62 54.45
C TYR F 214 21.02 81.33 54.13
N ALA F 215 21.90 81.89 54.95
CA ALA F 215 23.32 81.69 54.81
C ALA F 215 23.93 81.53 56.19
N ASN F 216 24.74 80.48 56.35
CA ASN F 216 25.49 80.25 57.58
C ASN F 216 26.89 79.82 57.12
N THR F 217 27.74 80.81 56.87
CA THR F 217 29.08 80.60 56.37
C THR F 217 30.16 80.98 57.37
N ASN F 218 29.78 81.19 58.63
CA ASN F 218 30.74 81.53 59.68
C ASN F 218 31.49 82.81 59.32
N LEU F 219 30.79 83.77 58.74
CA LEU F 219 31.40 85.03 58.33
C LEU F 219 31.79 85.82 59.58
N VAL F 220 33.05 86.23 59.64
CA VAL F 220 33.55 87.06 60.73
C VAL F 220 34.57 88.03 60.16
N LEU F 221 34.49 89.29 60.57
CA LEU F 221 35.35 90.32 60.04
C LEU F 221 36.63 90.46 60.86
N GLN F 222 37.69 90.92 60.19
CA GLN F 222 38.96 91.24 60.82
C GLN F 222 39.35 92.67 60.50
N ARG F 223 40.13 93.25 61.39
CA ARG F 223 40.54 94.63 61.26
C ARG F 223 41.44 94.78 60.02
N PRO F 224 41.26 95.85 59.22
CA PRO F 224 42.11 96.00 58.04
C PRO F 224 43.52 96.40 58.38
N LYS F 225 44.42 96.20 57.43
CA LYS F 225 45.79 96.65 57.60
C LYS F 225 45.84 98.16 57.67
N ALA F 226 46.79 98.68 58.45
CA ALA F 226 46.98 100.12 58.49
C ALA F 226 47.40 100.62 57.12
N GLY F 227 46.83 101.75 56.71
CA GLY F 227 47.19 102.32 55.44
C GLY F 227 46.66 101.57 54.24
N ALA F 228 45.57 100.82 54.41
CA ALA F 228 44.96 100.08 53.31
C ALA F 228 43.45 100.12 53.49
N ILE F 229 42.73 100.18 52.37
CA ILE F 229 41.28 100.27 52.38
C ILE F 229 40.74 98.98 51.78
N HIS F 230 40.03 98.20 52.59
CA HIS F 230 39.46 96.93 52.19
C HIS F 230 38.66 96.38 53.35
N VAL F 231 37.96 95.27 53.10
CA VAL F 231 37.07 94.64 54.08
C VAL F 231 37.56 93.23 54.34
N PRO F 232 38.44 92.99 55.32
CA PRO F 232 38.89 91.62 55.57
C PRO F 232 37.74 90.74 56.06
N TYR F 233 37.81 89.45 55.71
CA TYR F 233 36.82 88.49 56.16
C TYR F 233 37.40 87.10 56.03
N THR F 234 37.17 86.28 57.06
CA THR F 234 37.52 84.88 57.06
C THR F 234 36.24 84.06 57.15
N GLN F 235 36.10 83.11 56.23
CA GLN F 235 34.83 82.44 56.04
C GLN F 235 35.11 80.96 55.82
N ALA F 236 34.20 80.12 56.24
CA ALA F 236 34.36 78.69 55.99
C ALA F 236 34.33 78.47 54.48
N PRO F 237 35.20 77.62 53.93
CA PRO F 237 35.17 77.37 52.49
C PRO F 237 33.81 76.83 52.06
N SER F 238 33.45 77.10 50.81
CA SER F 238 32.12 76.79 50.33
C SER F 238 31.79 75.32 50.50
N GLY F 239 30.71 75.04 51.23
CA GLY F 239 30.34 73.67 51.49
C GLY F 239 29.98 72.91 50.23
N PHE F 240 29.42 73.61 49.24
CA PHE F 240 29.08 72.93 47.99
C PHE F 240 30.33 72.45 47.27
N GLU F 241 31.39 73.27 47.27
CA GLU F 241 32.65 72.82 46.69
C GLU F 241 33.20 71.61 47.43
N GLN F 242 33.14 71.64 48.76
CA GLN F 242 33.65 70.51 49.53
C GLN F 242 32.85 69.25 49.24
N TRP F 243 31.53 69.38 49.11
CA TRP F 243 30.70 68.24 48.75
C TRP F 243 31.08 67.70 47.38
N LYS F 244 31.36 68.61 46.43
CA LYS F 244 31.81 68.16 45.11
C LYS F 244 33.13 67.41 45.20
N LYS F 245 34.07 67.92 46.00
CA LYS F 245 35.35 67.25 46.15
C LYS F 245 35.19 65.90 46.83
N ASP F 246 34.34 65.83 47.85
CA ASP F 246 34.16 64.63 48.67
C ASP F 246 32.72 64.16 48.53
N LYS F 247 32.52 63.24 47.59
CA LYS F 247 31.22 62.61 47.39
C LYS F 247 31.42 61.23 46.79
N ALA F 248 30.62 60.28 47.24
CA ALA F 248 30.67 58.94 46.68
C ALA F 248 30.11 58.94 45.27
N PRO F 249 30.38 57.91 44.48
CA PRO F 249 29.78 57.84 43.14
C PRO F 249 28.26 57.83 43.23
N SER F 250 27.63 58.42 42.22
CA SER F 250 26.19 58.58 42.17
C SER F 250 25.46 57.25 42.24
N LEU F 251 24.14 57.28 42.39
CA LEU F 251 23.37 56.04 42.43
C LEU F 251 23.45 55.29 41.11
N LYS F 252 23.78 55.98 40.02
CA LYS F 252 23.88 55.29 38.74
C LYS F 252 25.07 54.32 38.71
N PHE F 253 25.99 54.42 39.65
CA PHE F 253 27.10 53.49 39.78
C PHE F 253 27.12 52.75 41.12
N THR F 254 26.08 52.90 41.95
CA THR F 254 26.00 52.20 43.22
C THR F 254 24.63 51.65 43.56
N ALA F 255 23.62 51.85 42.71
CA ALA F 255 22.28 51.43 43.05
C ALA F 255 22.18 49.91 43.10
N PRO F 256 21.39 49.33 44.00
CA PRO F 256 21.21 47.87 43.97
C PRO F 256 20.36 47.45 42.79
N PHE F 257 20.43 46.15 42.49
CA PHE F 257 19.63 45.51 41.45
C PHE F 257 19.94 46.06 40.06
N GLY F 258 21.10 46.69 39.87
CA GLY F 258 21.51 47.10 38.55
C GLY F 258 20.70 48.21 37.94
N CYS F 259 20.03 49.02 38.75
CA CYS F 259 19.17 50.06 38.21
C CYS F 259 19.99 51.14 37.52
N GLU F 260 19.49 51.61 36.38
CA GLU F 260 20.01 52.83 35.77
C GLU F 260 19.26 54.01 36.37
N ILE F 261 19.92 55.17 36.44
CA ILE F 261 19.39 56.35 37.11
C ILE F 261 19.34 57.50 36.12
N TYR F 262 18.21 58.21 36.08
CA TYR F 262 18.03 59.36 35.21
C TYR F 262 17.34 60.48 35.98
N THR F 263 17.43 61.69 35.45
CA THR F 263 17.22 62.89 36.26
C THR F 263 16.04 63.76 35.84
N ASN F 264 15.38 63.48 34.74
CA ASN F 264 14.27 64.31 34.27
C ASN F 264 13.22 63.45 33.59
N PRO F 265 12.25 62.91 34.36
CA PRO F 265 12.06 63.02 35.82
C PRO F 265 13.13 62.28 36.59
N ILE F 266 13.25 62.56 37.88
CA ILE F 266 14.09 61.73 38.74
C ILE F 266 13.50 60.33 38.71
N ARG F 267 14.31 59.34 38.38
CA ARG F 267 13.77 58.00 38.20
C ARG F 267 14.89 56.98 38.12
N ALA F 268 14.50 55.72 38.35
CA ALA F 268 15.34 54.57 38.10
C ALA F 268 14.64 53.64 37.12
N GLU F 269 15.42 53.09 36.18
CA GLU F 269 14.90 52.23 35.14
C GLU F 269 15.64 50.90 35.12
N ASN F 270 14.95 49.90 34.58
CA ASN F 270 15.50 48.56 34.36
C ASN F 270 16.02 47.93 35.66
N CYS F 271 15.24 48.07 36.73
CA CYS F 271 15.55 47.38 37.97
C CYS F 271 15.08 45.93 37.88
N ALA F 272 16.03 45.01 37.85
CA ALA F 272 15.69 43.59 37.81
C ALA F 272 15.24 43.13 39.20
N VAL F 273 14.10 43.63 39.65
CA VAL F 273 13.62 43.41 41.01
C VAL F 273 12.20 42.84 40.93
N GLY F 274 11.97 41.77 41.67
CA GLY F 274 10.63 41.26 41.86
C GLY F 274 9.97 40.79 40.58
N SER F 275 8.65 40.88 40.56
CA SER F 275 7.84 40.44 39.44
C SER F 275 6.56 41.25 39.40
N ILE F 276 5.91 41.27 38.24
CA ILE F 276 4.69 42.03 38.00
C ILE F 276 3.53 41.05 37.94
N PRO F 277 2.53 41.13 38.84
CA PRO F 277 1.39 40.21 38.73
C PRO F 277 0.38 40.65 37.68
N LEU F 278 0.62 40.27 36.43
CA LEU F 278 -0.30 40.64 35.37
C LEU F 278 -1.60 39.84 35.46
N ALA F 279 -2.71 40.53 35.22
CA ALA F 279 -4.03 39.92 35.14
C ALA F 279 -4.70 40.37 33.85
N PHE F 280 -5.18 39.39 33.07
CA PHE F 280 -5.71 39.62 31.73
C PHE F 280 -7.17 39.19 31.74
N ASP F 281 -8.07 40.12 31.42
CA ASP F 281 -9.49 39.81 31.24
C ASP F 281 -9.71 39.70 29.74
N ILE F 282 -9.72 38.47 29.25
CA ILE F 282 -9.83 38.18 27.82
C ILE F 282 -11.31 38.07 27.47
N PRO F 283 -11.81 38.76 26.44
CA PRO F 283 -13.23 38.67 26.12
C PRO F 283 -13.60 37.27 25.68
N ASP F 284 -14.85 36.89 25.92
CA ASP F 284 -15.33 35.58 25.49
C ASP F 284 -15.38 35.47 23.97
N ALA F 285 -15.48 36.59 23.25
CA ALA F 285 -15.60 36.55 21.81
C ALA F 285 -14.28 36.26 21.10
N LEU F 286 -13.14 36.51 21.75
CA LEU F 286 -11.85 36.31 21.12
C LEU F 286 -11.40 34.84 21.10
N PHE F 287 -12.03 33.99 21.91
CA PHE F 287 -11.67 32.58 21.91
C PHE F 287 -12.17 31.91 20.64
N THR F 288 -11.43 30.89 20.20
CA THR F 288 -11.77 30.11 19.01
C THR F 288 -11.85 28.64 19.38
N ARG F 289 -12.79 27.93 18.76
CA ARG F 289 -13.03 26.53 19.10
C ARG F 289 -11.83 25.67 18.71
N VAL F 290 -11.68 24.56 19.43
CA VAL F 290 -10.62 23.60 19.10
C VAL F 290 -10.80 23.05 17.71
N SER F 291 -12.05 22.85 17.28
CA SER F 291 -12.31 22.24 15.99
C SER F 291 -11.75 23.08 14.85
N GLU F 292 -11.88 24.40 14.93
CA GLU F 292 -11.43 25.24 13.83
C GLU F 292 -9.91 25.19 13.67
N THR F 293 -9.18 25.32 14.77
CA THR F 293 -7.74 25.49 14.67
C THR F 293 -7.08 24.17 14.25
N PRO F 294 -5.83 24.24 13.74
CA PRO F 294 -5.12 23.00 13.38
C PRO F 294 -4.99 22.05 14.56
N THR F 295 -5.39 20.80 14.37
CA THR F 295 -5.37 19.80 15.42
C THR F 295 -4.24 18.81 15.14
N LEU F 296 -3.40 18.58 16.15
CA LEU F 296 -2.24 17.74 16.00
C LEU F 296 -2.51 16.33 16.52
N SER F 297 -2.04 15.33 15.78
CA SER F 297 -2.21 13.94 16.15
C SER F 297 -0.90 13.18 15.94
N ALA F 298 -0.57 12.35 16.92
CA ALA F 298 0.56 11.41 16.82
C ALA F 298 1.88 12.14 16.61
N ALA F 299 2.25 12.99 17.57
CA ALA F 299 3.50 13.73 17.49
C ALA F 299 4.60 13.03 18.24
N GLU F 300 5.85 13.27 17.81
CA GLU F 300 7.03 12.74 18.48
C GLU F 300 8.04 13.87 18.60
N CYS F 301 8.84 13.85 19.65
CA CYS F 301 9.79 14.91 19.94
C CYS F 301 11.19 14.33 20.13
N THR F 302 12.20 15.09 19.74
CA THR F 302 13.57 14.68 19.98
C THR F 302 14.49 15.89 19.99
N LEU F 303 15.36 15.93 21.00
CA LEU F 303 16.33 17.01 21.16
C LEU F 303 17.52 16.72 20.26
N ASN F 304 17.46 17.26 19.03
CA ASN F 304 18.56 17.09 18.09
C ASN F 304 19.80 17.84 18.53
N GLU F 305 19.69 18.76 19.48
CA GLU F 305 20.85 19.44 20.03
C GLU F 305 20.45 20.08 21.35
N CYS F 306 21.37 20.06 22.32
CA CYS F 306 21.14 20.76 23.58
C CYS F 306 22.46 21.31 24.09
N VAL F 307 22.49 22.62 24.31
CA VAL F 307 23.58 23.29 25.00
C VAL F 307 22.99 24.01 26.18
N TYR F 308 23.26 23.51 27.38
CA TYR F 308 22.79 24.16 28.60
C TYR F 308 23.47 25.52 28.70
N SER F 309 22.74 26.57 28.38
CA SER F 309 23.33 27.89 28.25
C SER F 309 22.29 28.95 28.56
N SER F 310 22.78 30.17 28.81
CA SER F 310 21.88 31.27 29.10
C SER F 310 20.94 31.56 27.93
N ASP F 311 21.47 31.56 26.72
CA ASP F 311 20.67 31.81 25.52
C ASP F 311 19.98 30.52 25.10
N PHE F 312 19.23 30.59 24.00
CA PHE F 312 18.49 29.44 23.49
C PHE F 312 19.43 28.48 22.76
N GLY F 313 20.25 27.80 23.55
CA GLY F 313 21.18 26.83 23.01
C GLY F 313 20.58 25.47 22.73
N GLY F 314 19.30 25.28 23.03
CA GLY F 314 18.66 23.99 22.88
C GLY F 314 17.75 23.97 21.66
N ILE F 315 17.85 22.89 20.89
CA ILE F 315 17.10 22.71 19.66
C ILE F 315 16.33 21.40 19.78
N ALA F 316 15.08 21.40 19.35
CA ALA F 316 14.30 20.18 19.37
C ALA F 316 13.40 20.12 18.14
N THR F 317 13.37 18.95 17.51
CA THR F 317 12.48 18.73 16.38
C THR F 317 11.27 17.95 16.84
N VAL F 318 10.11 18.42 16.40
CA VAL F 318 8.84 17.73 16.61
C VAL F 318 8.36 17.21 15.26
N LYS F 319 8.26 15.90 15.14
CA LYS F 319 7.58 15.29 14.01
C LYS F 319 6.09 15.29 14.31
N TYR F 320 5.32 15.79 13.35
CA TYR F 320 3.90 16.03 13.53
C TYR F 320 3.14 15.37 12.39
N SER F 321 1.88 15.03 12.69
CA SER F 321 0.92 14.57 11.69
C SER F 321 -0.36 15.37 11.92
N ALA F 322 -0.45 16.53 11.26
CA ALA F 322 -1.54 17.46 11.52
C ALA F 322 -2.79 17.08 10.74
N SER F 323 -3.94 17.50 11.26
CA SER F 323 -5.21 17.31 10.57
C SER F 323 -5.43 18.30 9.44
N LYS F 324 -4.85 19.49 9.53
CA LYS F 324 -4.87 20.44 8.42
C LYS F 324 -3.76 21.45 8.63
N SER F 325 -3.14 21.84 7.51
CA SER F 325 -1.99 22.73 7.56
C SER F 325 -2.40 24.12 8.04
N GLY F 326 -1.45 24.83 8.61
CA GLY F 326 -1.71 26.17 9.07
C GLY F 326 -0.63 26.61 10.07
N LYS F 327 -1.07 27.27 11.14
CA LYS F 327 -0.20 27.81 12.16
C LYS F 327 -0.83 27.59 13.53
N CYS F 328 0.00 27.36 14.54
CA CYS F 328 -0.52 27.23 15.91
C CYS F 328 0.63 27.29 16.91
N ALA F 329 0.26 27.50 18.17
CA ALA F 329 1.20 27.91 19.19
C ALA F 329 1.96 26.72 19.75
N VAL F 330 3.00 27.03 20.53
CA VAL F 330 3.82 26.04 21.21
C VAL F 330 4.32 26.64 22.52
N HIS F 331 4.38 25.81 23.57
CA HIS F 331 4.68 26.28 24.91
C HIS F 331 5.25 25.12 25.71
N VAL F 332 5.75 25.44 26.91
CA VAL F 332 6.17 24.43 27.87
C VAL F 332 5.52 24.74 29.23
N PRO F 333 4.49 24.01 29.65
CA PRO F 333 3.90 24.29 30.97
C PRO F 333 4.80 23.88 32.13
N SER F 334 5.98 24.48 32.22
CA SER F 334 6.89 24.23 33.32
C SER F 334 8.06 25.20 33.21
N GLY F 335 8.74 25.40 34.33
CA GLY F 335 9.90 26.28 34.35
C GLY F 335 11.18 25.65 33.85
N THR F 336 11.11 24.39 33.41
CA THR F 336 12.32 23.71 32.99
C THR F 336 12.91 24.30 31.72
N ALA F 337 12.07 24.67 30.75
CA ALA F 337 12.54 25.17 29.47
C ALA F 337 11.72 26.39 29.06
N THR F 338 12.40 27.39 28.52
CA THR F 338 11.78 28.59 28.00
C THR F 338 12.04 28.70 26.50
N LEU F 339 10.97 28.84 25.73
CA LEU F 339 11.04 28.78 24.28
C LEU F 339 11.32 30.15 23.67
N LYS F 340 12.09 30.16 22.59
CA LYS F 340 12.33 31.38 21.85
C LYS F 340 11.11 31.82 21.05
N GLU F 341 10.40 30.87 20.45
CA GLU F 341 9.33 31.16 19.52
C GLU F 341 7.99 30.82 20.16
N ALA F 342 6.95 31.53 19.72
CA ALA F 342 5.60 31.35 20.26
C ALA F 342 4.76 30.38 19.45
N ALA F 343 4.86 30.44 18.13
CA ALA F 343 4.02 29.61 17.27
C ALA F 343 4.84 29.11 16.09
N VAL F 344 4.34 28.02 15.50
CA VAL F 344 5.00 27.37 14.39
C VAL F 344 3.98 27.04 13.31
N GLU F 345 4.47 26.87 12.09
CA GLU F 345 3.64 26.53 10.95
C GLU F 345 3.79 25.05 10.63
N LEU F 346 2.67 24.44 10.24
CA LEU F 346 2.58 23.00 10.03
C LEU F 346 1.97 22.71 8.67
N THR F 347 2.48 21.65 8.05
CA THR F 347 2.06 21.23 6.71
C THR F 347 1.78 19.73 6.75
N GLU F 348 0.51 19.37 6.89
CA GLU F 348 0.06 17.99 6.94
C GLU F 348 0.91 17.20 7.95
N GLN F 349 1.77 16.29 7.48
CA GLN F 349 2.67 15.54 8.35
C GLN F 349 4.11 15.85 7.94
N GLY F 350 4.92 16.27 8.91
CA GLY F 350 6.28 16.67 8.64
C GLY F 350 7.04 16.92 9.92
N SER F 351 7.93 17.92 9.92
CA SER F 351 8.74 18.22 11.10
C SER F 351 8.84 19.73 11.28
N ALA F 352 8.96 20.15 12.53
CA ALA F 352 9.10 21.55 12.90
C ALA F 352 10.18 21.69 13.95
N THR F 353 10.77 22.89 14.03
CA THR F 353 11.91 23.15 14.90
C THR F 353 11.52 24.13 16.00
N ILE F 354 11.89 23.80 17.24
CA ILE F 354 11.62 24.62 18.41
C ILE F 354 12.95 24.95 19.06
N HIS F 355 13.18 26.23 19.32
CA HIS F 355 14.34 26.71 20.04
C HIS F 355 13.95 26.92 21.50
N PHE F 356 14.89 26.66 22.41
CA PHE F 356 14.62 26.83 23.83
C PHE F 356 15.91 26.94 24.61
N SER F 357 15.81 27.49 25.81
CA SER F 357 16.89 27.52 26.78
C SER F 357 16.45 26.74 28.01
N THR F 358 17.40 26.11 28.68
CA THR F 358 17.11 25.12 29.71
C THR F 358 18.03 25.29 30.90
N ALA F 359 17.56 24.80 32.05
CA ALA F 359 18.36 24.73 33.26
C ALA F 359 18.81 23.32 33.57
N ASN F 360 17.95 22.33 33.32
CA ASN F 360 18.26 20.96 33.68
C ASN F 360 19.40 20.41 32.84
N ILE F 361 20.34 19.72 33.50
CA ILE F 361 21.39 19.00 32.77
C ILE F 361 20.82 17.77 32.10
N HIS F 362 19.83 17.13 32.73
CA HIS F 362 19.10 15.98 32.18
C HIS F 362 17.68 16.43 31.86
N PRO F 363 17.50 17.23 30.83
CA PRO F 363 16.19 17.86 30.60
C PRO F 363 15.09 16.86 30.30
N GLU F 364 13.89 17.20 30.75
CA GLU F 364 12.67 16.49 30.38
C GLU F 364 11.50 17.43 30.61
N PHE F 365 10.70 17.66 29.58
CA PHE F 365 9.61 18.62 29.68
C PHE F 365 8.49 18.26 28.72
N ARG F 366 7.28 18.65 29.08
CA ARG F 366 6.10 18.46 28.25
C ARG F 366 5.96 19.68 27.33
N LEU F 367 6.25 19.50 26.05
CA LEU F 367 6.05 20.54 25.04
C LEU F 367 4.60 20.49 24.63
N GLN F 368 3.84 21.51 25.04
CA GLN F 368 2.44 21.65 24.64
C GLN F 368 2.39 22.30 23.27
N ILE F 369 1.70 21.67 22.34
CA ILE F 369 1.66 22.14 20.95
C ILE F 369 0.30 21.77 20.36
N CYS F 370 -0.43 22.79 19.91
CA CYS F 370 -1.58 22.65 19.02
C CYS F 370 -2.56 21.57 19.49
N THR F 371 -3.16 21.80 20.66
CA THR F 371 -4.17 20.91 21.22
C THR F 371 -3.58 19.51 21.40
N SER F 372 -2.33 19.46 21.85
CA SER F 372 -1.70 18.21 22.24
C SER F 372 -0.45 18.55 23.03
N TYR F 373 0.26 17.52 23.46
CA TYR F 373 1.55 17.72 24.10
C TYR F 373 2.40 16.48 23.94
N VAL F 374 3.70 16.69 23.84
CA VAL F 374 4.68 15.63 23.60
C VAL F 374 5.76 15.71 24.66
N THR F 375 6.20 14.56 25.15
CA THR F 375 7.17 14.50 26.24
C THR F 375 8.58 14.51 25.63
N CYS F 376 9.20 15.68 25.61
CA CYS F 376 10.55 15.82 25.12
C CYS F 376 11.52 15.45 26.24
N LYS F 377 12.58 14.73 25.90
CA LYS F 377 13.53 14.24 26.88
C LYS F 377 14.88 14.06 26.22
N GLY F 378 15.95 14.24 27.00
CA GLY F 378 17.28 14.03 26.47
C GLY F 378 18.33 14.38 27.50
N ASP F 379 19.59 14.29 27.07
CA ASP F 379 20.74 14.68 27.87
C ASP F 379 21.36 15.91 27.23
N CYS F 380 21.96 16.77 28.05
CA CYS F 380 22.39 18.08 27.61
C CYS F 380 23.82 18.35 28.07
N HIS F 381 24.54 19.17 27.30
CA HIS F 381 25.97 19.37 27.47
C HIS F 381 26.25 20.80 27.95
N PRO F 382 27.38 21.04 28.62
CA PRO F 382 27.65 22.37 29.15
C PRO F 382 27.95 23.36 28.05
N PRO F 383 27.95 24.66 28.36
CA PRO F 383 28.19 25.67 27.33
C PRO F 383 29.68 25.91 27.12
N LYS F 384 29.96 26.84 26.20
CA LYS F 384 31.35 27.10 25.83
C LYS F 384 32.02 28.08 26.79
N ASP F 385 31.47 29.29 26.90
CA ASP F 385 32.13 30.40 27.57
C ASP F 385 31.70 30.47 29.03
N HIS F 386 32.67 30.82 29.90
CA HIS F 386 32.34 31.00 31.31
C HIS F 386 31.43 32.18 31.53
N ILE F 387 31.68 33.30 30.84
CA ILE F 387 31.00 34.56 31.07
C ILE F 387 30.34 34.99 29.76
N VAL F 388 29.09 35.42 29.85
CA VAL F 388 28.32 35.88 28.71
C VAL F 388 27.86 37.31 28.97
N THR F 389 27.45 37.98 27.89
CA THR F 389 27.14 39.40 27.92
C THR F 389 25.64 39.66 27.79
N HIS F 390 24.82 38.85 28.43
CA HIS F 390 23.38 39.04 28.43
C HIS F 390 22.81 38.25 29.60
N PRO F 391 21.61 38.59 30.07
CA PRO F 391 21.08 37.92 31.25
C PRO F 391 20.37 36.62 30.92
N GLN F 392 20.06 35.89 31.98
CA GLN F 392 19.48 34.56 31.86
C GLN F 392 18.12 34.62 31.16
N TYR F 393 17.84 33.62 30.33
CA TYR F 393 16.54 33.47 29.68
C TYR F 393 15.73 32.32 30.23
N HIS F 394 16.36 31.39 30.95
CA HIS F 394 15.72 30.17 31.41
C HIS F 394 15.59 30.18 32.92
N ALA F 395 14.42 29.76 33.40
CA ALA F 395 14.12 29.81 34.82
C ALA F 395 14.97 28.79 35.55
N GLN F 396 15.73 29.26 36.55
CA GLN F 396 16.59 28.37 37.31
C GLN F 396 15.74 27.37 38.10
N THR F 397 16.27 26.17 38.29
CA THR F 397 15.57 25.12 39.01
C THR F 397 16.57 24.31 39.81
N PHE F 398 16.10 23.66 40.87
CA PHE F 398 16.98 22.94 41.78
C PHE F 398 17.66 21.76 41.10
N THR F 399 16.94 21.04 40.24
CA THR F 399 17.42 19.77 39.73
C THR F 399 18.48 19.98 38.65
N ALA F 400 19.72 19.56 38.94
CA ALA F 400 20.78 19.48 37.96
C ALA F 400 21.61 18.23 38.18
N ALA F 401 20.95 17.09 38.41
CA ALA F 401 21.59 15.89 38.91
C ALA F 401 22.10 15.01 37.78
N VAL F 402 22.75 13.91 38.16
CA VAL F 402 23.30 12.94 37.22
C VAL F 402 22.21 12.36 36.32
N GLN G 1 20.02 7.83 -0.32
CA GLN G 1 19.56 7.31 0.96
C GLN G 1 18.62 6.12 0.72
N VAL G 2 17.42 6.39 0.21
CA VAL G 2 16.33 5.44 0.16
C VAL G 2 16.02 5.06 -1.29
N GLN G 3 15.78 3.77 -1.53
CA GLN G 3 15.40 3.28 -2.85
C GLN G 3 14.07 2.55 -2.76
N LEU G 4 13.21 2.77 -3.76
CA LEU G 4 11.89 2.17 -3.81
C LEU G 4 11.70 1.47 -5.14
N GLN G 5 11.02 0.33 -5.11
CA GLN G 5 10.78 -0.44 -6.33
C GLN G 5 9.37 -1.03 -6.30
N GLU G 6 8.56 -0.63 -7.28
CA GLU G 6 7.22 -1.18 -7.44
C GLU G 6 7.27 -2.58 -8.03
N SER G 7 6.27 -3.39 -7.69
CA SER G 7 6.09 -4.69 -8.30
C SER G 7 5.80 -4.54 -9.81
N GLY G 8 5.82 -5.67 -10.50
CA GLY G 8 5.88 -5.68 -11.95
C GLY G 8 4.59 -5.25 -12.65
N PRO G 9 4.72 -4.83 -13.91
CA PRO G 9 3.57 -4.32 -14.66
C PRO G 9 2.69 -5.44 -15.21
N GLY G 10 1.46 -5.10 -15.56
CA GLY G 10 0.60 -6.06 -16.20
C GLY G 10 -0.87 -5.66 -16.16
N LEU G 11 -1.69 -6.64 -16.48
CA LEU G 11 -3.10 -6.46 -16.76
C LEU G 11 -3.92 -6.65 -15.50
N VAL G 12 -4.98 -5.87 -15.38
CA VAL G 12 -6.07 -6.12 -14.43
C VAL G 12 -7.38 -6.04 -15.20
N LYS G 13 -8.30 -6.98 -14.92
CA LYS G 13 -9.59 -6.99 -15.62
C LYS G 13 -10.53 -5.95 -15.04
N PRO G 14 -11.38 -5.36 -15.87
CA PRO G 14 -12.35 -4.39 -15.37
C PRO G 14 -13.15 -5.00 -14.23
N SER G 15 -13.46 -4.17 -13.23
CA SER G 15 -14.22 -4.51 -12.03
C SER G 15 -13.38 -5.30 -11.00
N GLU G 16 -12.19 -5.79 -11.34
CA GLU G 16 -11.38 -6.55 -10.40
C GLU G 16 -10.42 -5.63 -9.65
N THR G 17 -9.57 -6.21 -8.82
CA THR G 17 -8.77 -5.43 -7.88
C THR G 17 -7.33 -5.32 -8.37
N LEU G 18 -6.84 -4.10 -8.49
CA LEU G 18 -5.44 -3.85 -8.77
C LEU G 18 -4.65 -3.93 -7.47
N SER G 19 -3.55 -4.68 -7.48
CA SER G 19 -2.73 -4.85 -6.28
C SER G 19 -1.26 -4.61 -6.61
N LEU G 20 -0.61 -3.70 -5.87
CA LEU G 20 0.80 -3.39 -6.07
C LEU G 20 1.53 -3.39 -4.73
N THR G 21 2.81 -3.75 -4.78
CA THR G 21 3.70 -3.71 -3.63
C THR G 21 4.91 -2.86 -3.94
N CYS G 22 5.39 -2.12 -2.95
CA CYS G 22 6.60 -1.31 -3.05
C CYS G 22 7.63 -1.87 -2.09
N THR G 23 8.78 -2.26 -2.49
CA THR G 23 9.81 -2.79 -1.61
C THR G 23 10.90 -1.74 -1.42
N VAL G 24 11.17 -1.44 -0.17
CA VAL G 24 12.18 -0.47 0.21
C VAL G 24 13.46 -1.24 0.51
N SER G 25 14.56 -0.78 -0.07
CA SER G 25 15.89 -1.34 0.18
C SER G 25 16.87 -0.25 0.56
N GLY G 26 17.86 -0.63 1.37
CA GLY G 26 18.86 0.28 1.91
C GLY G 26 18.36 1.22 2.99
N GLY G 27 17.17 0.94 3.52
CA GLY G 27 16.51 1.81 4.49
C GLY G 27 15.32 1.07 5.07
N SER G 28 14.87 1.49 6.25
CA SER G 28 13.71 0.86 6.91
C SER G 28 12.45 1.66 6.60
N ILE G 29 11.31 1.10 7.01
CA ILE G 29 10.03 1.79 6.92
C ILE G 29 9.50 2.20 8.29
N SER G 30 10.42 2.36 9.24
CA SER G 30 10.09 2.67 10.63
C SER G 30 10.03 4.19 10.91
N GLY G 31 10.15 4.99 9.85
CA GLY G 31 9.84 6.42 9.92
C GLY G 31 9.08 6.85 8.68
N TYR G 32 8.59 8.09 8.71
CA TYR G 32 8.10 8.80 7.52
C TYR G 32 6.76 8.26 7.00
N TYR G 33 6.30 8.88 5.92
CA TYR G 33 5.12 8.44 5.17
C TYR G 33 5.53 7.70 3.91
N TRP G 34 4.62 6.85 3.44
CA TRP G 34 4.87 5.95 2.33
C TRP G 34 3.69 6.04 1.40
N ASN G 35 3.94 6.43 0.16
CA ASN G 35 2.90 7.01 -0.69
C ASN G 35 2.81 6.33 -2.05
N TRP G 36 1.50 6.44 -2.64
CA TRP G 36 1.29 6.01 -4.02
C TRP G 36 0.77 7.20 -4.80
N ILE G 37 1.33 7.38 -5.99
CA ILE G 37 0.96 8.46 -6.91
C ILE G 37 0.84 7.81 -8.28
N ARG G 38 -0.12 8.25 -9.10
CA ARG G 38 -0.21 7.65 -10.43
C ARG G 38 -0.21 8.72 -11.52
N GLN G 39 0.05 8.28 -12.74
CA GLN G 39 0.17 9.18 -13.88
C GLN G 39 -0.42 8.46 -15.08
N SER G 40 -1.50 8.96 -15.60
CA SER G 40 -1.97 8.38 -16.83
C SER G 40 -1.05 8.87 -17.95
N PRO G 41 -0.46 7.98 -18.75
CA PRO G 41 0.51 8.41 -19.76
C PRO G 41 0.02 9.62 -20.53
N GLY G 42 0.95 10.56 -20.74
CA GLY G 42 0.64 11.83 -21.38
C GLY G 42 0.09 12.89 -20.46
N LYS G 43 -0.36 12.54 -19.25
CA LYS G 43 -1.04 13.50 -18.40
C LYS G 43 -0.28 13.75 -17.08
N GLY G 44 -0.98 14.30 -16.08
CA GLY G 44 -0.33 14.77 -14.88
C GLY G 44 -0.27 13.73 -13.78
N LEU G 45 0.18 14.18 -12.62
CA LEU G 45 0.40 13.32 -11.47
C LEU G 45 -0.79 13.46 -10.54
N GLU G 46 -1.29 12.32 -10.04
CA GLU G 46 -2.41 12.31 -9.12
C GLU G 46 -2.00 11.55 -7.87
N TRP G 47 -2.07 12.23 -6.72
CA TRP G 47 -1.76 11.58 -5.45
C TRP G 47 -2.89 10.62 -5.06
N ILE G 48 -2.54 9.40 -4.70
CA ILE G 48 -3.55 8.39 -4.34
C ILE G 48 -3.79 8.37 -2.84
N GLY G 49 -2.72 8.36 -2.06
CA GLY G 49 -2.84 8.35 -0.61
C GLY G 49 -1.53 7.94 0.00
N ASN G 50 -1.54 7.99 1.34
CA ASN G 50 -0.33 7.75 2.08
C ASN G 50 -0.60 6.91 3.32
N MET G 51 0.45 6.25 3.79
CA MET G 51 0.42 5.63 5.09
C MET G 51 1.61 6.16 5.89
N TYR G 52 1.36 6.52 7.15
CA TYR G 52 2.39 7.13 7.97
C TYR G 52 3.13 6.04 8.72
N ASP G 53 4.42 5.94 8.45
CA ASP G 53 5.24 4.85 8.95
C ASP G 53 5.21 4.58 10.45
N SER G 54 5.24 5.63 11.25
CA SER G 54 5.38 5.50 12.70
C SER G 54 4.14 4.97 13.40
N THR G 55 2.96 5.25 12.85
CA THR G 55 1.70 4.92 13.52
C THR G 55 0.70 4.21 12.62
N GLY G 56 0.99 4.18 11.33
CA GLY G 56 0.21 3.37 10.40
C GLY G 56 -1.08 4.01 9.91
N ASP G 57 -1.29 5.28 10.24
CA ASP G 57 -2.49 5.97 9.80
C ASP G 57 -2.50 6.23 8.31
N THR G 58 -3.67 6.15 7.69
CA THR G 58 -3.79 6.38 6.26
C THR G 58 -4.62 7.61 5.95
N ASN G 59 -4.25 8.26 4.85
CA ASN G 59 -5.01 9.33 4.25
C ASN G 59 -5.12 9.08 2.75
N TYR G 60 -6.33 9.33 2.18
CA TYR G 60 -6.60 8.93 0.81
C TYR G 60 -7.06 10.13 0.00
N ASN G 61 -6.82 10.09 -1.31
CA ASN G 61 -7.43 11.07 -2.20
C ASN G 61 -8.95 10.93 -2.12
N PRO G 62 -9.68 12.02 -1.84
CA PRO G 62 -11.15 11.90 -1.69
C PRO G 62 -11.82 11.22 -2.86
N SER G 63 -11.37 11.48 -4.08
CA SER G 63 -11.99 10.88 -5.25
C SER G 63 -11.74 9.38 -5.35
N LEU G 64 -10.80 8.83 -4.59
CA LEU G 64 -10.53 7.40 -4.62
C LEU G 64 -10.80 6.69 -3.31
N LYS G 65 -11.11 7.43 -2.24
CA LYS G 65 -11.13 6.84 -0.90
C LYS G 65 -11.97 5.56 -0.86
N SER G 66 -13.13 5.56 -1.51
CA SER G 66 -14.03 4.41 -1.38
C SER G 66 -13.45 3.12 -1.97
N ARG G 67 -12.43 3.20 -2.80
CA ARG G 67 -11.92 2.03 -3.50
C ARG G 67 -10.49 1.65 -3.11
N VAL G 68 -9.81 2.46 -2.31
CA VAL G 68 -8.38 2.31 -2.07
C VAL G 68 -8.13 1.79 -0.67
N THR G 69 -7.18 0.85 -0.56
CA THR G 69 -6.63 0.38 0.70
C THR G 69 -5.11 0.44 0.60
N LEU G 70 -4.47 1.03 1.60
CA LEU G 70 -3.03 1.00 1.74
C LEU G 70 -2.65 0.20 2.98
N SER G 71 -1.52 -0.50 2.91
CA SER G 71 -1.05 -1.21 4.09
C SER G 71 0.46 -1.31 4.08
N ILE G 72 1.01 -1.59 5.27
CA ILE G 72 2.45 -1.74 5.48
C ILE G 72 2.73 -3.17 5.90
N ASP G 73 3.81 -3.74 5.37
CA ASP G 73 4.23 -5.09 5.74
C ASP G 73 5.64 -5.01 6.35
N THR G 74 5.72 -4.98 7.68
CA THR G 74 7.02 -4.86 8.31
C THR G 74 7.92 -6.05 7.97
N SER G 75 7.35 -7.26 7.87
CA SER G 75 8.18 -8.46 7.70
C SER G 75 8.97 -8.46 6.41
N LYS G 76 8.53 -7.73 5.38
CA LYS G 76 9.29 -7.66 4.13
C LYS G 76 9.77 -6.24 3.86
N ASN G 77 9.56 -5.33 4.80
CA ASN G 77 9.88 -3.92 4.61
C ASN G 77 9.25 -3.41 3.32
N GLN G 78 7.95 -3.62 3.20
CA GLN G 78 7.18 -3.32 2.00
C GLN G 78 5.91 -2.57 2.40
N PHE G 79 5.32 -1.86 1.45
CA PHE G 79 3.97 -1.37 1.65
C PHE G 79 3.21 -1.58 0.33
N SER G 80 1.88 -1.55 0.41
CA SER G 80 1.08 -2.02 -0.71
C SER G 80 -0.11 -1.13 -0.97
N MET G 81 -0.65 -1.28 -2.19
CA MET G 81 -1.82 -0.58 -2.66
C MET G 81 -2.83 -1.61 -3.14
N LYS G 82 -4.09 -1.46 -2.73
CA LYS G 82 -5.20 -2.22 -3.30
C LYS G 82 -6.22 -1.22 -3.82
N LEU G 83 -6.63 -1.39 -5.08
CA LEU G 83 -7.57 -0.47 -5.73
C LEU G 83 -8.66 -1.31 -6.35
N ASN G 84 -9.87 -1.22 -5.80
CA ASN G 84 -10.96 -2.11 -6.14
C ASN G 84 -11.76 -1.56 -7.32
N SER G 85 -12.45 -2.48 -8.01
CA SER G 85 -13.44 -2.11 -9.03
C SER G 85 -12.83 -1.21 -10.10
N VAL G 86 -11.68 -1.63 -10.65
CA VAL G 86 -11.00 -0.77 -11.60
C VAL G 86 -11.78 -0.72 -12.91
N THR G 87 -11.63 0.40 -13.61
CA THR G 87 -12.08 0.56 -14.98
C THR G 87 -10.89 1.06 -15.80
N ALA G 88 -11.12 1.24 -17.10
CA ALA G 88 -10.04 1.71 -17.95
C ALA G 88 -9.50 3.06 -17.50
N ALA G 89 -10.29 3.82 -16.74
CA ALA G 89 -9.80 5.07 -16.18
C ALA G 89 -8.67 4.87 -15.17
N ASP G 90 -8.44 3.65 -14.69
CA ASP G 90 -7.37 3.38 -13.74
C ASP G 90 -6.08 2.91 -14.42
N THR G 91 -6.06 2.78 -15.74
CA THR G 91 -4.80 2.53 -16.45
C THR G 91 -3.84 3.68 -16.21
N ALA G 92 -2.64 3.38 -15.72
CA ALA G 92 -1.72 4.46 -15.40
C ALA G 92 -0.39 3.83 -15.00
N VAL G 93 0.63 4.68 -14.97
CA VAL G 93 1.86 4.32 -14.28
C VAL G 93 1.68 4.66 -12.81
N TYR G 94 1.89 3.67 -11.94
CA TYR G 94 1.77 3.83 -10.51
C TYR G 94 3.17 3.93 -9.90
N PHE G 95 3.50 4.97 -9.22
CA PHE G 95 4.75 5.22 -8.51
C PHE G 95 4.53 5.07 -7.01
N CYS G 96 5.57 4.58 -6.32
CA CYS G 96 5.50 4.47 -4.84
C CYS G 96 6.63 5.31 -4.26
N ALA G 97 6.31 6.38 -3.53
CA ALA G 97 7.36 7.29 -3.01
C ALA G 97 6.99 7.73 -1.58
N SER G 98 7.92 8.40 -0.88
CA SER G 98 7.60 8.93 0.47
C SER G 98 6.84 10.25 0.31
N GLY G 99 5.62 10.21 -0.21
CA GLY G 99 4.86 11.44 -0.48
C GLY G 99 4.25 12.04 0.78
N SER G 100 3.15 12.76 0.64
CA SER G 100 2.52 13.45 1.81
C SER G 100 3.58 14.28 2.52
N GLY G 101 4.15 13.76 3.61
CA GLY G 101 5.23 14.49 4.31
C GLY G 101 6.02 13.58 5.24
N ASP G 102 7.28 13.93 5.52
CA ASP G 102 8.11 13.13 6.46
C ASP G 102 8.71 14.06 7.51
N TRP G 103 9.20 13.51 8.62
CA TRP G 103 9.76 14.35 9.71
C TRP G 103 11.20 14.76 9.38
N PHE G 104 11.73 14.33 8.23
CA PHE G 104 13.08 14.77 7.81
C PHE G 104 13.38 14.24 6.39
N GLY G 105 12.74 14.83 5.38
CA GLY G 105 13.01 14.42 3.98
C GLY G 105 11.97 13.45 3.45
N TYR G 106 11.03 13.93 2.63
CA TYR G 106 10.00 13.05 2.03
C TYR G 106 9.93 13.28 0.52
N PHE G 107 9.44 12.31 -0.23
CA PHE G 107 9.28 12.47 -1.70
C PHE G 107 10.65 12.70 -2.34
N TYR G 108 11.72 12.44 -1.58
CA TYR G 108 13.09 12.57 -2.13
C TYR G 108 13.41 11.29 -2.93
N ARG G 109 12.61 10.25 -2.74
CA ARG G 109 12.82 8.98 -3.49
C ARG G 109 11.51 8.61 -4.20
N TRP G 110 11.54 8.51 -5.53
CA TRP G 110 10.32 8.13 -6.30
C TRP G 110 10.56 6.79 -7.01
N GLY G 111 9.74 5.76 -6.72
CA GLY G 111 9.87 4.48 -7.44
C GLY G 111 9.79 4.72 -8.93
N GLN G 112 10.52 3.95 -9.73
CA GLN G 112 10.54 4.21 -11.17
C GLN G 112 9.16 4.11 -11.81
N GLY G 113 8.16 3.58 -11.10
CA GLY G 113 6.84 3.50 -11.69
C GLY G 113 6.59 2.16 -12.38
N VAL G 114 5.35 1.70 -12.29
CA VAL G 114 4.97 0.47 -12.96
C VAL G 114 3.64 0.67 -13.68
N LEU G 115 3.58 0.22 -14.93
CA LEU G 115 2.39 0.43 -15.75
C LEU G 115 1.36 -0.65 -15.47
N VAL G 116 0.16 -0.24 -15.07
CA VAL G 116 -0.98 -1.14 -14.91
C VAL G 116 -1.97 -0.81 -16.02
N THR G 117 -2.28 -1.79 -16.84
CA THR G 117 -3.25 -1.62 -17.92
C THR G 117 -4.48 -2.38 -17.52
N VAL G 118 -5.62 -1.70 -17.48
CA VAL G 118 -6.91 -2.32 -17.18
C VAL G 118 -7.53 -2.71 -18.51
N SER G 119 -7.75 -4.00 -18.71
CA SER G 119 -8.13 -4.51 -20.02
C SER G 119 -8.90 -5.80 -19.89
N SER G 120 -9.85 -6.00 -20.80
CA SER G 120 -10.56 -7.25 -20.97
C SER G 120 -9.79 -8.27 -21.78
N ASP H 1 -9.73 19.78 -0.91
CA ASP H 1 -8.30 19.73 -1.19
C ASP H 1 -7.72 21.12 -1.51
N ILE H 2 -6.38 21.29 -1.40
CA ILE H 2 -5.71 22.54 -1.80
C ILE H 2 -5.45 22.42 -3.32
N GLN H 3 -6.01 23.34 -4.13
CA GLN H 3 -5.83 23.32 -5.59
C GLN H 3 -4.59 24.09 -5.93
N MET H 4 -3.70 23.47 -6.71
CA MET H 4 -2.44 24.08 -7.15
C MET H 4 -2.61 24.49 -8.60
N THR H 5 -2.41 25.78 -8.91
CA THR H 5 -2.55 26.26 -10.31
C THR H 5 -1.19 26.66 -10.83
N GLN H 6 -0.70 25.93 -11.78
CA GLN H 6 0.59 26.15 -12.38
C GLN H 6 0.41 26.98 -13.64
N SER H 7 1.35 27.86 -13.92
CA SER H 7 1.29 28.75 -15.05
C SER H 7 2.71 29.03 -15.59
N PRO H 8 2.93 28.94 -16.91
CA PRO H 8 1.96 28.52 -17.95
C PRO H 8 1.93 26.99 -18.03
N SER H 9 1.03 26.43 -18.82
CA SER H 9 0.94 24.98 -19.00
C SER H 9 1.99 24.47 -19.98
N SER H 10 2.41 25.36 -20.93
CA SER H 10 3.37 25.07 -22.00
C SER H 10 4.26 26.26 -22.23
N LEU H 11 5.51 26.01 -22.54
CA LEU H 11 6.53 27.03 -22.75
C LEU H 11 7.51 26.50 -23.80
N SER H 12 7.92 27.39 -24.74
CA SER H 12 8.88 27.12 -25.81
C SER H 12 10.09 27.96 -25.51
N ALA H 13 11.27 27.36 -25.44
CA ALA H 13 12.47 28.10 -25.06
C ALA H 13 13.70 27.56 -25.78
N SER H 14 14.82 28.31 -25.72
CA SER H 14 16.09 27.90 -26.32
C SER H 14 17.11 27.73 -25.24
N VAL H 15 18.15 26.92 -25.50
CA VAL H 15 19.27 26.73 -24.57
C VAL H 15 19.83 28.16 -24.24
N GLY H 16 20.05 28.44 -22.96
CA GLY H 16 20.54 29.72 -22.48
C GLY H 16 19.47 30.67 -22.00
N ASP H 17 18.19 30.43 -22.36
CA ASP H 17 17.06 31.27 -21.91
C ASP H 17 16.79 31.17 -20.40
N THR H 18 16.28 32.27 -19.82
CA THR H 18 15.86 32.33 -18.43
C THR H 18 14.38 31.96 -18.48
N VAL H 19 14.02 30.93 -17.70
CA VAL H 19 12.65 30.42 -17.64
C VAL H 19 12.06 30.60 -16.23
N THR H 20 10.82 31.12 -16.15
CA THR H 20 10.07 31.30 -14.90
C THR H 20 8.73 30.55 -14.98
N ILE H 21 8.45 29.71 -13.97
CA ILE H 21 7.20 28.94 -13.86
C ILE H 21 6.57 29.34 -12.52
N THR H 22 5.29 29.69 -12.53
CA THR H 22 4.58 30.11 -11.33
C THR H 22 3.58 29.07 -10.89
N CYS H 23 3.33 29.04 -9.58
CA CYS H 23 2.44 28.12 -8.91
C CYS H 23 1.59 28.90 -7.90
N ARG H 24 0.28 28.76 -7.98
CA ARG H 24 -0.66 29.42 -7.08
C ARG H 24 -1.43 28.38 -6.27
N ALA H 25 -1.48 28.55 -4.94
CA ALA H 25 -2.25 27.66 -4.06
C ALA H 25 -3.59 28.33 -3.73
N SER H 26 -4.68 27.53 -3.66
CA SER H 26 -6.03 27.97 -3.34
C SER H 26 -6.17 28.58 -1.94
N GLN H 27 -5.20 28.32 -1.04
CA GLN H 27 -5.12 28.89 0.31
C GLN H 27 -3.64 28.94 0.66
N SER H 28 -3.28 29.69 1.71
CA SER H 28 -1.89 29.83 2.14
C SER H 28 -1.29 28.50 2.62
N ILE H 29 -0.06 28.22 2.17
CA ILE H 29 0.71 27.01 2.47
C ILE H 29 2.05 27.37 3.06
N SER H 30 2.17 28.60 3.56
CA SER H 30 3.40 29.15 4.14
C SER H 30 4.57 28.93 3.13
N SER H 31 5.61 28.17 3.49
CA SER H 31 6.70 27.89 2.55
C SER H 31 6.75 26.40 2.13
N TRP H 32 5.70 25.62 2.43
CA TRP H 32 5.69 24.17 2.18
C TRP H 32 5.34 23.76 0.75
N LEU H 33 6.21 24.14 -0.20
CA LEU H 33 6.00 23.83 -1.62
C LEU H 33 7.25 23.23 -2.26
N ALA H 34 7.07 22.12 -2.99
CA ALA H 34 8.17 21.45 -3.69
C ALA H 34 7.99 21.57 -5.20
N TRP H 35 9.11 21.50 -5.95
CA TRP H 35 9.16 21.49 -7.42
C TRP H 35 9.81 20.23 -7.90
N TYR H 36 9.20 19.56 -8.89
CA TYR H 36 9.68 18.31 -9.48
C TYR H 36 9.89 18.49 -10.96
N GLN H 37 10.80 17.70 -11.51
CA GLN H 37 11.08 17.63 -12.93
C GLN H 37 10.70 16.20 -13.35
N GLN H 38 10.06 16.05 -14.51
CA GLN H 38 9.78 14.73 -15.07
C GLN H 38 9.97 14.69 -16.57
N LYS H 39 10.72 13.67 -17.03
CA LYS H 39 10.98 13.40 -18.43
C LYS H 39 10.17 12.20 -18.89
N PRO H 40 9.80 12.12 -20.20
CA PRO H 40 9.00 10.98 -20.68
C PRO H 40 9.60 9.62 -20.36
N GLY H 41 8.76 8.71 -19.87
CA GLY H 41 9.17 7.36 -19.49
C GLY H 41 9.96 7.29 -18.20
N LYS H 42 10.07 8.42 -17.47
CA LYS H 42 10.83 8.43 -16.22
C LYS H 42 10.00 8.92 -15.03
N ALA H 43 10.47 8.61 -13.84
CA ALA H 43 9.83 9.02 -12.60
C ALA H 43 10.16 10.51 -12.35
N PRO H 44 9.30 11.25 -11.59
CA PRO H 44 9.66 12.63 -11.22
C PRO H 44 10.94 12.64 -10.40
N ASN H 45 11.56 13.82 -10.34
CA ASN H 45 12.79 14.06 -9.61
C ASN H 45 12.61 15.36 -8.81
N LEU H 46 12.94 15.32 -7.52
CA LEU H 46 12.82 16.50 -6.67
C LEU H 46 13.93 17.49 -7.01
N LEU H 47 13.55 18.78 -7.23
CA LEU H 47 14.49 19.84 -7.52
C LEU H 47 14.60 20.79 -6.34
N ILE H 48 13.45 21.26 -5.84
CA ILE H 48 13.40 22.26 -4.77
C ILE H 48 12.41 21.76 -3.71
N TYR H 49 12.75 21.90 -2.42
CA TYR H 49 11.82 21.56 -1.35
C TYR H 49 11.62 22.80 -0.47
N LYS H 50 10.46 22.90 0.17
CA LYS H 50 10.13 24.03 1.03
C LYS H 50 10.40 25.42 0.41
N ALA H 51 9.85 25.59 -0.82
CA ALA H 51 9.84 26.77 -1.67
C ALA H 51 11.17 27.26 -2.22
N SER H 52 12.26 27.21 -1.43
CA SER H 52 13.57 27.75 -1.85
C SER H 52 14.79 26.90 -1.60
N SER H 53 14.64 25.68 -1.07
CA SER H 53 15.82 24.86 -0.79
C SER H 53 16.13 24.00 -1.99
N LEU H 54 17.33 24.16 -2.51
CA LEU H 54 17.82 23.42 -3.64
C LEU H 54 18.20 22.01 -3.17
N GLN H 55 17.66 20.96 -3.83
CA GLN H 55 17.99 19.60 -3.45
C GLN H 55 19.44 19.28 -3.85
N THR H 56 20.18 18.50 -3.03
CA THR H 56 21.56 18.18 -3.37
C THR H 56 21.60 17.36 -4.67
N GLY H 57 22.59 17.64 -5.50
CA GLY H 57 22.73 17.00 -6.80
C GLY H 57 22.03 17.78 -7.90
N VAL H 58 21.21 18.78 -7.53
CA VAL H 58 20.49 19.61 -8.51
C VAL H 58 21.36 20.87 -8.81
N PRO H 59 21.60 21.20 -10.10
CA PRO H 59 22.42 22.40 -10.41
C PRO H 59 21.82 23.72 -9.91
N SER H 60 22.68 24.64 -9.45
CA SER H 60 22.28 25.95 -8.90
C SER H 60 21.56 26.91 -9.88
N ARG H 61 21.41 26.54 -11.18
CA ARG H 61 20.64 27.33 -12.16
C ARG H 61 19.16 27.25 -11.81
N PHE H 62 18.78 26.25 -10.96
CA PHE H 62 17.42 26.10 -10.48
C PHE H 62 17.30 26.82 -9.17
N SER H 63 16.26 27.64 -9.03
CA SER H 63 16.01 28.33 -7.78
C SER H 63 14.51 28.51 -7.59
N GLY H 64 14.09 28.50 -6.33
CA GLY H 64 12.70 28.66 -5.99
C GLY H 64 12.47 29.84 -5.07
N SER H 65 11.29 30.46 -5.17
CA SER H 65 10.94 31.57 -4.28
C SER H 65 9.43 31.60 -4.08
N GLY H 66 9.02 32.39 -3.10
CA GLY H 66 7.62 32.57 -2.77
C GLY H 66 7.26 32.06 -1.40
N SER H 67 6.09 32.48 -0.92
CA SER H 67 5.51 32.13 0.37
C SER H 67 4.03 32.50 0.33
N GLU H 68 3.23 31.78 1.10
CA GLU H 68 1.80 32.00 1.17
C GLU H 68 1.06 31.25 0.11
N THR H 69 0.57 31.96 -0.91
CA THR H 69 -0.17 31.38 -2.05
C THR H 69 0.57 31.45 -3.40
N HIS H 70 1.64 32.27 -3.54
CA HIS H 70 2.35 32.45 -4.83
C HIS H 70 3.79 32.02 -4.82
N PHE H 71 4.16 31.15 -5.75
CA PHE H 71 5.49 30.55 -5.81
C PHE H 71 6.07 30.61 -7.19
N THR H 72 7.41 30.66 -7.28
CA THR H 72 8.13 30.74 -8.56
C THR H 72 9.31 29.78 -8.65
N LEU H 73 9.37 29.04 -9.76
CA LEU H 73 10.53 28.24 -10.11
C LEU H 73 11.25 28.99 -11.25
N THR H 74 12.52 29.30 -11.05
CA THR H 74 13.31 29.99 -12.07
C THR H 74 14.42 29.08 -12.54
N ILE H 75 14.61 28.98 -13.87
CA ILE H 75 15.77 28.29 -14.43
C ILE H 75 16.58 29.42 -15.12
N SER H 76 17.68 29.87 -14.47
CA SER H 76 18.50 31.04 -14.89
C SER H 76 18.94 31.05 -16.35
N SER H 77 19.41 29.90 -16.84
CA SER H 77 19.80 29.68 -18.24
C SER H 77 19.59 28.21 -18.54
N LEU H 78 18.55 27.94 -19.31
CA LEU H 78 18.10 26.62 -19.68
C LEU H 78 19.17 25.82 -20.39
N GLN H 79 19.37 24.59 -19.96
CA GLN H 79 20.33 23.67 -20.55
C GLN H 79 19.60 22.58 -21.34
N SER H 80 20.26 21.83 -22.26
CA SER H 80 19.54 20.80 -23.03
C SER H 80 18.84 19.75 -22.16
N GLU H 81 19.45 19.38 -21.02
CA GLU H 81 18.91 18.36 -20.12
C GLU H 81 17.72 18.90 -19.30
N ASP H 82 17.42 20.20 -19.44
CA ASP H 82 16.33 20.85 -18.71
C ASP H 82 14.99 20.83 -19.45
N PHE H 83 14.94 20.35 -20.70
CA PHE H 83 13.67 20.24 -21.43
C PHE H 83 12.94 19.02 -20.84
N ALA H 84 11.74 19.27 -20.28
CA ALA H 84 10.96 18.32 -19.50
C ALA H 84 9.67 18.98 -19.04
N THR H 85 8.90 18.26 -18.24
CA THR H 85 7.70 18.74 -17.56
C THR H 85 8.07 19.02 -16.11
N TYR H 86 7.57 20.15 -15.59
CA TYR H 86 7.82 20.57 -14.21
C TYR H 86 6.52 20.62 -13.45
N TYR H 87 6.50 20.14 -12.20
CA TYR H 87 5.30 20.14 -11.35
C TYR H 87 5.60 20.80 -10.02
N CYS H 88 4.64 21.61 -9.51
CA CYS H 88 4.74 22.10 -8.15
C CYS H 88 3.89 21.13 -7.31
N GLN H 89 4.10 21.22 -6.01
CA GLN H 89 3.30 20.39 -5.11
C GLN H 89 3.35 21.01 -3.72
N GLN H 90 2.21 20.97 -3.03
CA GLN H 90 2.13 21.48 -1.64
C GLN H 90 1.80 20.32 -0.70
N TYR H 91 2.54 20.18 0.39
CA TYR H 91 2.19 19.15 1.41
C TYR H 91 1.41 19.88 2.51
N ILE H 92 0.18 20.31 2.22
CA ILE H 92 -0.53 21.18 3.21
C ILE H 92 -2.05 21.01 3.12
N SER H 93 -2.80 21.42 4.16
CA SER H 93 -4.29 21.32 4.23
C SER H 93 -4.84 20.12 3.45
N ARG H 94 -5.29 19.08 4.17
CA ARG H 94 -5.83 17.85 3.54
C ARG H 94 -6.27 18.13 2.09
N PRO H 95 -5.64 17.46 1.09
CA PRO H 95 -4.40 16.74 1.30
C PRO H 95 -3.23 17.38 0.53
N TRP H 96 -2.24 16.57 0.15
CA TRP H 96 -1.07 17.06 -0.61
C TRP H 96 -1.44 17.02 -2.10
N THR H 97 -1.17 18.09 -2.84
CA THR H 97 -1.63 18.13 -4.26
C THR H 97 -0.55 18.67 -5.19
N PHE H 98 -0.63 18.29 -6.48
CA PHE H 98 0.32 18.77 -7.49
C PHE H 98 -0.37 19.76 -8.43
N GLY H 99 0.43 20.63 -9.04
CA GLY H 99 -0.05 21.51 -10.10
C GLY H 99 -0.24 20.65 -11.34
N GLN H 100 -0.88 21.18 -12.38
CA GLN H 100 -1.15 20.41 -13.58
C GLN H 100 0.10 20.14 -14.46
N GLY H 101 1.20 20.81 -14.17
CA GLY H 101 2.43 20.62 -14.94
C GLY H 101 2.68 21.70 -15.97
N THR H 102 3.95 21.96 -16.25
CA THR H 102 4.43 22.91 -17.25
C THR H 102 5.37 22.17 -18.16
N LYS H 103 4.99 22.01 -19.45
CA LYS H 103 5.88 21.33 -20.41
C LYS H 103 6.82 22.35 -21.06
N VAL H 104 8.13 22.15 -20.90
CA VAL H 104 9.14 23.05 -21.46
C VAL H 104 9.75 22.35 -22.68
N GLU H 105 9.37 22.84 -23.87
CA GLU H 105 9.80 22.29 -25.15
C GLU H 105 10.85 23.19 -25.85
N ILE H 106 11.59 22.60 -26.82
CA ILE H 106 12.65 23.30 -27.56
C ILE H 106 12.03 24.14 -28.69
N LYS H 107 12.33 25.45 -28.66
CA LYS H 107 11.93 26.39 -29.70
C LYS H 107 12.82 26.10 -30.94
#